data_8DAN
#
_entry.id   8DAN
#
loop_
_entity.id
_entity.type
_entity.pdbx_description
1 polymer 'E1 envelope glycoprotein'
2 polymer 'E2 envelope glycoprotein'
3 polymer 'Matrix remodeling-associated protein 8'
4 non-polymer 2-acetamido-2-deoxy-beta-D-glucopyranose
#
loop_
_entity_poly.entity_id
_entity_poly.type
_entity_poly.pdbx_seq_one_letter_code
_entity_poly.pdbx_strand_id
1 'polypeptide(L)'
;FEHATTVPNVPGIPYKALVERAGYAPLNLEITVVSSELTPSTNKEYVTCKFHTVVPSPQVKCCGSLECKASSKADYTCRV
FGGVYPFMWGGAQCFCDSENTQLSEAYVEFAPDCTIDHAVALKVHTAALKVGLRIVYGNTTARLDTFVNGVTPGSSRDLK
VIAGPISAAFSPFDHKVVIRKGLVYNYDFPEYGAMNPGAFGDIQASSLDATDIVARTDIRLLKPSVKNIHVPYTQAVSGY
EMWKNNSGRPLQETAPFGCKIEVEPLRATNCAYGHIPISIDIPDAAFVRSSESPTILEVSCTVADCIYSADFGGSLTLQY
KANREGHCPVHSHSTTAVLKEATTHVTATGSITLHFSTSSPQANFIVSLCGKKTTCNAECKPPADHIIGEPHKVDQEFQA
AVSKTSWNWLLALFGGASSLIVVGLIVLVCSSMLINTR
;
A,D,G,J
2 'polypeptide(L)'
;ITDDFTLTSPYLGFCPYCRHSAPCFSPIKIENVWDESDDGSIRIQVSAQFGYNQAGTADVTKFRYMSYDHDHDIKEDSME
KLAISTSGPCRRLGHKGYFLLAQCPPGDSVTVSITSGASENSCTVEKKIRRKFVGREEYLFPPVHGKLVKCHVYDHLKET
SAGYITMHRPGPHAYKSYLEEASGEVYIKPPSGKNVTYECKCGDYSTGIVSTRTKMNGCTKAKQCIAYKRDQTKWVFNSP
DLIRHTDHSVQGKLHIPFRLTPTVCPVPLAHTPTVTKWFKGITLHLTATRPTLLTTRKLGLRADATAEWITGTTSRNFSV
GREGLEYVWGNHEPVRVWAQESAPGDPHGWPHEIIIHYYHRHPVYTVIVLCGVALAILVGTASSAACIAKARRDCLTPYA
LAPNATVPTALAVLC
;
B,E,H,K
3 'polypeptide(L)'
;NSVVVSVLNISATLGSQAVLPCKSYRMVWTQDRLNDRQRVVHWDVYSTYYGDNKMERLCDMYSAGDQRVYSSYNQGRIFM
PQNAFTDGNFSLVIKDVAESDGGIYSCNLHHHYCHLYETVKIQLDVTKKAKAAKEYWDGEKAVIVALEGSTVMLPCVNRN
QIWTERHSEEEQQVVHWDRQPPGVPHDRADRLIDLYASGERRSYGPLFIRQKMNITDTAFALGDFSLRISELESADEGTY
SCHLHHHYCGLHERRIYQVFVTEPV
;
C,F,I,L
#
# COMPACT_ATOMS: atom_id res chain seq x y z
N PHE A 1 11.64 -64.00 -36.67
CA PHE A 1 10.52 -63.57 -37.50
C PHE A 1 10.44 -62.05 -37.54
N GLU A 2 9.85 -61.52 -38.61
CA GLU A 2 9.77 -60.08 -38.85
C GLU A 2 8.31 -59.64 -38.80
N HIS A 3 8.04 -58.56 -38.07
CA HIS A 3 6.70 -58.00 -37.95
C HIS A 3 6.75 -56.49 -38.15
N ALA A 4 5.72 -55.96 -38.79
CA ALA A 4 5.63 -54.54 -39.13
C ALA A 4 4.53 -53.89 -38.30
N THR A 5 4.80 -52.66 -37.83
CA THR A 5 3.82 -51.95 -37.02
C THR A 5 4.11 -50.46 -37.09
N THR A 6 3.05 -49.66 -36.96
CA THR A 6 3.15 -48.20 -36.93
C THR A 6 2.94 -47.71 -35.50
N VAL A 7 3.75 -46.74 -35.09
CA VAL A 7 3.70 -46.22 -33.73
C VAL A 7 3.63 -44.69 -33.76
N PRO A 8 2.90 -44.05 -32.86
CA PRO A 8 2.92 -42.59 -32.80
C PRO A 8 4.27 -42.08 -32.31
N ASN A 9 4.62 -40.86 -32.74
CA ASN A 9 5.82 -40.19 -32.26
C ASN A 9 5.46 -39.50 -30.95
N VAL A 10 5.85 -40.11 -29.84
CA VAL A 10 5.51 -39.59 -28.51
C VAL A 10 6.28 -40.38 -27.46
N PRO A 11 6.76 -39.73 -26.40
CA PRO A 11 7.45 -40.47 -25.34
C PRO A 11 6.50 -40.97 -24.26
N GLY A 12 6.95 -42.02 -23.57
CA GLY A 12 6.17 -42.59 -22.49
C GLY A 12 4.83 -43.13 -22.93
N ILE A 13 4.76 -43.69 -24.13
CA ILE A 13 3.52 -44.26 -24.65
C ILE A 13 3.81 -45.68 -25.14
N PRO A 14 3.90 -46.66 -24.24
CA PRO A 14 4.14 -48.03 -24.70
C PRO A 14 3.05 -48.52 -25.64
N TYR A 15 3.45 -49.24 -26.67
CA TYR A 15 2.53 -49.83 -27.64
C TYR A 15 2.72 -51.34 -27.63
N LYS A 16 1.61 -52.07 -27.58
CA LYS A 16 1.62 -53.52 -27.44
C LYS A 16 1.12 -54.17 -28.72
N ALA A 17 1.74 -55.28 -29.10
CA ALA A 17 1.38 -55.98 -30.31
C ALA A 17 1.63 -57.47 -30.13
N LEU A 18 1.14 -58.25 -31.10
CA LEU A 18 1.28 -59.69 -31.09
C LEU A 18 1.75 -60.17 -32.45
N VAL A 19 2.40 -61.34 -32.46
CA VAL A 19 2.87 -61.98 -33.68
C VAL A 19 2.20 -63.34 -33.78
N GLU A 20 1.57 -63.62 -34.92
CA GLU A 20 0.83 -64.84 -35.13
C GLU A 20 1.66 -65.81 -35.97
N ARG A 21 1.98 -66.96 -35.40
CA ARG A 21 2.70 -68.01 -36.10
C ARG A 21 2.08 -69.36 -35.72
N ALA A 22 1.81 -70.19 -36.73
CA ALA A 22 1.16 -71.46 -36.48
C ALA A 22 2.01 -72.33 -35.56
N GLY A 23 1.39 -72.88 -34.53
CA GLY A 23 2.08 -73.72 -33.58
C GLY A 23 2.90 -72.98 -32.55
N TYR A 24 2.92 -71.65 -32.59
CA TYR A 24 3.65 -70.83 -31.62
C TYR A 24 2.64 -69.96 -30.89
N ALA A 25 2.76 -69.91 -29.57
CA ALA A 25 1.89 -69.06 -28.79
C ALA A 25 2.13 -67.60 -29.17
N PRO A 26 1.07 -66.79 -29.29
CA PRO A 26 1.28 -65.38 -29.66
C PRO A 26 2.17 -64.68 -28.64
N LEU A 27 3.20 -64.01 -29.15
CA LEU A 27 4.24 -63.42 -28.30
C LEU A 27 3.95 -61.94 -28.10
N ASN A 28 3.80 -61.54 -26.84
CA ASN A 28 3.62 -60.13 -26.53
C ASN A 28 4.86 -59.35 -26.92
N LEU A 29 4.65 -58.19 -27.54
CA LEU A 29 5.74 -57.30 -27.94
C LEU A 29 5.40 -55.89 -27.49
N GLU A 30 6.23 -55.34 -26.60
CA GLU A 30 6.05 -53.99 -26.09
C GLU A 30 7.12 -53.10 -26.71
N ILE A 31 6.71 -51.95 -27.25
CA ILE A 31 7.63 -51.02 -27.89
C ILE A 31 7.45 -49.66 -27.23
N THR A 32 8.56 -49.05 -26.82
CA THR A 32 8.54 -47.74 -26.18
C THR A 32 9.55 -46.83 -26.85
N VAL A 33 9.10 -45.64 -27.23
CA VAL A 33 9.97 -44.60 -27.78
C VAL A 33 10.46 -43.78 -26.57
N VAL A 34 11.68 -44.06 -26.12
CA VAL A 34 12.17 -43.43 -24.90
C VAL A 34 12.25 -41.92 -25.07
N SER A 35 12.76 -41.46 -26.21
CA SER A 35 12.91 -40.04 -26.47
C SER A 35 13.17 -39.83 -27.95
N SER A 36 13.15 -38.56 -28.36
CA SER A 36 13.41 -38.16 -29.73
C SER A 36 14.69 -37.32 -29.79
N GLU A 37 15.33 -37.33 -30.96
CA GLU A 37 16.55 -36.55 -31.14
C GLU A 37 16.59 -36.09 -32.60
N LEU A 38 16.12 -34.86 -32.84
CA LEU A 38 16.14 -34.25 -34.16
C LEU A 38 17.42 -33.43 -34.28
N THR A 39 18.37 -33.93 -35.07
CA THR A 39 19.66 -33.26 -35.27
C THR A 39 19.78 -32.82 -36.72
N PRO A 40 19.83 -31.53 -37.01
CA PRO A 40 20.01 -31.07 -38.40
C PRO A 40 21.48 -30.82 -38.74
N SER A 41 21.71 -30.53 -40.01
CA SER A 41 23.03 -30.17 -40.51
C SER A 41 23.11 -28.65 -40.63
N THR A 42 24.15 -28.07 -40.05
CA THR A 42 24.31 -26.63 -40.02
C THR A 42 25.75 -26.26 -40.33
N ASN A 43 25.93 -25.02 -40.79
CA ASN A 43 27.24 -24.49 -41.15
C ASN A 43 27.44 -23.15 -40.47
N LYS A 44 28.65 -22.92 -39.97
CA LYS A 44 28.97 -21.67 -39.30
C LYS A 44 29.19 -20.57 -40.34
N GLU A 45 28.45 -19.48 -40.21
CA GLU A 45 28.53 -18.37 -41.15
C GLU A 45 29.47 -17.26 -40.66
N TYR A 46 29.20 -16.72 -39.48
CA TYR A 46 30.07 -15.69 -38.90
C TYR A 46 29.62 -15.44 -37.46
N VAL A 47 30.30 -14.49 -36.81
CA VAL A 47 30.08 -14.17 -35.42
C VAL A 47 29.93 -12.66 -35.28
N THR A 48 29.22 -12.25 -34.22
CA THR A 48 28.99 -10.84 -33.94
C THR A 48 28.94 -10.64 -32.43
N CYS A 49 29.20 -9.41 -32.02
CA CYS A 49 29.30 -9.07 -30.60
C CYS A 49 29.54 -7.56 -30.49
N LYS A 50 29.34 -7.04 -29.29
CA LYS A 50 29.59 -5.62 -29.05
C LYS A 50 31.04 -5.29 -29.36
N PHE A 51 31.23 -4.17 -30.06
CA PHE A 51 32.54 -3.75 -30.53
C PHE A 51 33.07 -2.61 -29.68
N HIS A 52 34.23 -2.09 -30.08
CA HIS A 52 34.82 -0.91 -29.46
C HIS A 52 35.58 -0.15 -30.53
N THR A 53 35.33 1.16 -30.58
CA THR A 53 36.01 2.01 -31.54
C THR A 53 37.46 2.25 -31.11
N VAL A 54 38.33 2.40 -32.09
CA VAL A 54 39.75 2.68 -31.86
C VAL A 54 39.98 4.17 -32.00
N VAL A 55 40.64 4.76 -31.01
CA VAL A 55 40.92 6.19 -31.01
C VAL A 55 42.42 6.36 -30.85
N PRO A 56 43.20 6.10 -31.88
CA PRO A 56 44.67 6.16 -31.76
C PRO A 56 45.15 7.60 -31.70
N SER A 57 46.41 7.75 -31.32
CA SER A 57 47.00 9.07 -31.23
C SER A 57 47.01 9.72 -32.62
N PRO A 58 46.49 10.94 -32.76
CA PRO A 58 46.47 11.56 -34.09
C PRO A 58 47.87 11.97 -34.53
N GLN A 59 48.02 12.13 -35.84
CA GLN A 59 49.27 12.57 -36.43
C GLN A 59 49.22 14.09 -36.60
N VAL A 60 50.31 14.76 -36.23
CA VAL A 60 50.39 16.21 -36.33
C VAL A 60 51.61 16.56 -37.16
N LYS A 61 51.39 17.24 -38.28
CA LYS A 61 52.47 17.81 -39.06
C LYS A 61 52.43 19.32 -38.87
N CYS A 62 53.54 19.87 -38.38
CA CYS A 62 53.58 21.25 -37.94
C CYS A 62 54.06 22.14 -39.07
N CYS A 63 53.22 23.10 -39.43
CA CYS A 63 53.56 24.19 -40.33
C CYS A 63 53.94 23.66 -41.71
N GLY A 64 53.37 22.49 -42.07
CA GLY A 64 53.66 21.82 -43.32
C GLY A 64 52.44 21.13 -43.87
N SER A 65 52.67 20.06 -44.64
CA SER A 65 51.59 19.35 -45.32
C SER A 65 51.66 17.86 -44.99
N LEU A 66 50.56 17.16 -45.29
CA LEU A 66 50.46 15.71 -45.15
C LEU A 66 49.24 15.23 -45.89
N GLU A 67 49.18 13.92 -46.15
CA GLU A 67 48.12 13.31 -46.93
C GLU A 67 47.57 12.09 -46.20
N CYS A 68 46.27 11.83 -46.38
CA CYS A 68 45.63 10.69 -45.75
C CYS A 68 46.06 9.38 -46.41
N LYS A 69 46.06 8.31 -45.62
CA LYS A 69 46.33 6.97 -46.11
C LYS A 69 45.35 6.01 -45.47
N ALA A 70 44.85 5.07 -46.27
CA ALA A 70 43.90 4.09 -45.77
C ALA A 70 44.63 3.04 -44.92
N SER A 71 43.84 2.15 -44.32
CA SER A 71 44.39 1.09 -43.49
C SER A 71 43.52 -0.15 -43.65
N SER A 72 44.16 -1.32 -43.60
CA SER A 72 43.46 -2.59 -43.81
C SER A 72 42.48 -2.91 -42.68
N LYS A 73 42.53 -2.19 -41.57
CA LYS A 73 41.65 -2.46 -40.46
C LYS A 73 40.19 -2.32 -40.88
N ALA A 74 39.33 -3.17 -40.33
CA ALA A 74 37.93 -3.18 -40.71
C ALA A 74 37.25 -1.87 -40.32
N ASP A 75 36.34 -1.40 -41.17
CA ASP A 75 35.56 -0.20 -40.90
C ASP A 75 36.47 0.99 -40.60
N TYR A 76 37.57 1.09 -41.34
CA TYR A 76 38.55 2.13 -41.10
C TYR A 76 38.08 3.47 -41.67
N THR A 77 38.54 4.55 -41.05
CA THR A 77 38.22 5.90 -41.49
C THR A 77 39.42 6.79 -41.26
N CYS A 78 39.62 7.74 -42.17
CA CYS A 78 40.78 8.62 -42.15
C CYS A 78 40.39 9.98 -42.73
N ARG A 79 41.02 11.04 -42.23
CA ARG A 79 40.72 12.37 -42.74
C ARG A 79 41.72 13.38 -42.20
N VAL A 80 42.08 14.34 -43.04
CA VAL A 80 43.02 15.38 -42.70
C VAL A 80 42.25 16.62 -42.26
N PHE A 81 42.94 17.55 -41.62
CA PHE A 81 42.35 18.84 -41.29
C PHE A 81 43.45 19.88 -41.12
N GLY A 82 43.35 20.97 -41.89
CA GLY A 82 44.29 22.06 -41.76
C GLY A 82 43.82 23.12 -40.80
N GLY A 83 44.70 24.08 -40.53
CA GLY A 83 44.38 25.12 -39.57
C GLY A 83 44.08 24.59 -38.20
N VAL A 84 44.78 23.56 -37.77
CA VAL A 84 44.52 22.97 -36.46
C VAL A 84 44.87 23.97 -35.36
N TYR A 85 44.35 23.71 -34.17
CA TYR A 85 44.55 24.56 -32.99
C TYR A 85 45.05 23.68 -31.85
N PRO A 86 46.30 23.21 -31.93
CA PRO A 86 46.78 22.23 -30.95
C PRO A 86 47.16 22.90 -29.63
N PHE A 87 46.62 22.38 -28.54
CA PHE A 87 46.98 22.81 -27.19
C PHE A 87 46.98 21.59 -26.30
N MET A 88 47.67 21.70 -25.17
CA MET A 88 47.79 20.60 -24.22
C MET A 88 48.26 21.21 -22.91
N TRP A 89 48.24 20.39 -21.85
CA TRP A 89 48.70 20.87 -20.55
C TRP A 89 50.10 21.45 -20.68
N GLY A 90 50.94 20.82 -21.50
CA GLY A 90 52.25 21.35 -21.79
C GLY A 90 52.22 22.56 -22.71
N GLY A 91 51.09 22.79 -23.37
CA GLY A 91 50.86 24.00 -24.14
C GLY A 91 50.77 23.71 -25.62
N ALA A 92 50.93 24.78 -26.40
CA ALA A 92 50.93 24.66 -27.86
C ALA A 92 51.98 23.63 -28.24
N GLN A 93 51.52 22.50 -28.79
CA GLN A 93 52.43 21.39 -29.04
C GLN A 93 53.57 21.81 -29.97
N CYS A 94 53.23 22.48 -31.08
CA CYS A 94 54.23 23.06 -31.95
C CYS A 94 53.74 24.42 -32.41
N PHE A 95 54.62 25.16 -33.10
CA PHE A 95 54.42 26.59 -33.34
C PHE A 95 54.52 26.91 -34.83
N CYS A 96 53.46 27.52 -35.35
CA CYS A 96 53.46 28.21 -36.64
C CYS A 96 52.09 28.88 -36.74
N ASP A 97 52.05 30.02 -37.43
CA ASP A 97 50.89 30.90 -37.37
C ASP A 97 49.71 30.26 -38.10
N SER A 98 49.14 29.23 -37.44
CA SER A 98 47.98 28.47 -37.89
C SER A 98 48.29 27.66 -39.15
N GLU A 99 49.56 27.50 -39.51
CA GLU A 99 49.90 26.77 -40.73
C GLU A 99 49.81 25.27 -40.53
N ASN A 100 49.89 24.80 -39.29
CA ASN A 100 49.99 23.37 -39.03
C ASN A 100 48.69 22.65 -39.32
N THR A 101 48.79 21.34 -39.53
CA THR A 101 47.65 20.50 -39.85
C THR A 101 47.79 19.17 -39.14
N GLN A 102 46.68 18.44 -39.02
CA GLN A 102 46.68 17.15 -38.34
C GLN A 102 45.84 16.15 -39.11
N LEU A 103 46.33 14.91 -39.16
CA LEU A 103 45.61 13.77 -39.71
C LEU A 103 45.04 12.93 -38.58
N SER A 104 43.76 12.60 -38.68
CA SER A 104 43.09 11.74 -37.71
C SER A 104 42.53 10.52 -38.42
N GLU A 105 42.41 9.42 -37.67
CA GLU A 105 41.89 8.18 -38.21
C GLU A 105 41.39 7.31 -37.06
N ALA A 106 40.58 6.33 -37.41
CA ALA A 106 40.01 5.44 -36.41
C ALA A 106 39.53 4.17 -37.08
N TYR A 107 39.35 3.13 -36.27
CA TYR A 107 38.78 1.86 -36.73
C TYR A 107 38.15 1.17 -35.52
N VAL A 108 37.70 -0.07 -35.71
CA VAL A 108 36.92 -0.78 -34.71
C VAL A 108 37.52 -2.15 -34.47
N GLU A 109 37.26 -2.70 -33.28
CA GLU A 109 37.70 -4.05 -32.97
C GLU A 109 36.80 -4.61 -31.88
N PHE A 110 36.65 -5.94 -31.88
CA PHE A 110 35.79 -6.58 -30.89
C PHE A 110 36.41 -6.45 -29.51
N ALA A 111 35.57 -6.12 -28.52
CA ALA A 111 36.03 -5.92 -27.16
C ALA A 111 36.39 -7.26 -26.51
N PRO A 112 37.23 -7.25 -25.47
CA PRO A 112 37.60 -8.52 -24.84
C PRO A 112 36.41 -9.31 -24.32
N ASP A 113 35.39 -8.62 -23.77
CA ASP A 113 34.20 -9.32 -23.30
C ASP A 113 33.58 -10.17 -24.40
N CYS A 114 33.75 -9.75 -25.66
CA CYS A 114 33.19 -10.49 -26.77
C CYS A 114 33.59 -11.96 -26.71
N THR A 115 34.80 -12.22 -26.22
CA THR A 115 35.32 -13.58 -26.12
C THR A 115 34.27 -14.54 -25.58
N ILE A 116 33.43 -14.06 -24.65
CA ILE A 116 32.38 -14.88 -24.07
C ILE A 116 30.98 -14.38 -24.40
N ASP A 117 30.85 -13.17 -24.95
CA ASP A 117 29.56 -12.63 -25.36
C ASP A 117 29.29 -12.85 -26.83
N HIS A 118 30.07 -13.70 -27.49
CA HIS A 118 29.93 -13.90 -28.92
C HIS A 118 28.59 -14.53 -29.27
N ALA A 119 28.02 -14.10 -30.39
CA ALA A 119 26.81 -14.70 -30.94
C ALA A 119 27.07 -15.13 -32.37
N VAL A 120 26.74 -16.38 -32.68
CA VAL A 120 27.11 -17.01 -33.94
C VAL A 120 25.87 -17.14 -34.81
N ALA A 121 25.98 -16.76 -36.08
CA ALA A 121 24.90 -16.89 -37.04
C ALA A 121 25.06 -18.21 -37.79
N LEU A 122 24.02 -19.04 -37.76
CA LEU A 122 24.07 -20.39 -38.29
C LEU A 122 23.06 -20.56 -39.44
N LYS A 123 23.51 -21.29 -40.46
CA LYS A 123 22.67 -21.72 -41.58
C LYS A 123 22.47 -23.22 -41.46
N VAL A 124 21.20 -23.66 -41.47
CA VAL A 124 20.85 -25.03 -41.16
C VAL A 124 20.01 -25.61 -42.29
N HIS A 125 20.03 -26.94 -42.38
CA HIS A 125 19.30 -27.65 -43.43
C HIS A 125 19.23 -29.13 -43.06
N THR A 126 18.39 -29.85 -43.79
CA THR A 126 18.33 -31.32 -43.76
C THR A 126 18.25 -31.83 -42.32
N ALA A 127 17.14 -31.50 -41.68
CA ALA A 127 16.87 -32.02 -40.34
C ALA A 127 16.84 -33.54 -40.35
N ALA A 128 17.54 -34.15 -39.39
CA ALA A 128 17.61 -35.60 -39.28
C ALA A 128 17.18 -35.99 -37.87
N LEU A 129 16.40 -37.07 -37.78
CA LEU A 129 15.76 -37.48 -36.53
C LEU A 129 16.33 -38.81 -36.07
N LYS A 130 16.63 -38.89 -34.77
CA LYS A 130 17.19 -40.08 -34.13
C LYS A 130 16.22 -40.55 -33.06
N VAL A 131 15.88 -41.83 -33.08
CA VAL A 131 14.87 -42.40 -32.19
C VAL A 131 15.48 -43.52 -31.38
N GLY A 132 15.24 -43.50 -30.07
CA GLY A 132 15.63 -44.59 -29.19
C GLY A 132 14.43 -45.44 -28.83
N LEU A 133 14.53 -46.74 -29.13
CA LEU A 133 13.45 -47.69 -28.92
C LEU A 133 13.87 -48.73 -27.91
N ARG A 134 12.95 -49.07 -27.01
CA ARG A 134 13.12 -50.18 -26.09
C ARG A 134 12.00 -51.19 -26.35
N ILE A 135 12.38 -52.45 -26.56
CA ILE A 135 11.46 -53.50 -26.98
C ILE A 135 11.52 -54.64 -25.97
N VAL A 136 10.37 -55.03 -25.45
CA VAL A 136 10.24 -56.14 -24.51
C VAL A 136 9.51 -57.28 -25.22
N TYR A 137 10.13 -58.46 -25.21
CA TYR A 137 9.57 -59.66 -25.79
C TYR A 137 9.94 -60.85 -24.92
N GLY A 138 8.96 -61.67 -24.55
CA GLY A 138 9.21 -62.83 -23.74
C GLY A 138 9.88 -62.47 -22.43
N ASN A 139 9.34 -61.45 -21.76
CA ASN A 139 9.95 -60.87 -20.56
C ASN A 139 11.46 -60.76 -20.70
N THR A 140 11.90 -60.27 -21.86
CA THR A 140 13.30 -59.93 -22.11
C THR A 140 13.34 -58.56 -22.77
N THR A 141 14.16 -57.67 -22.23
CA THR A 141 14.22 -56.28 -22.67
C THR A 141 15.47 -56.06 -23.49
N ALA A 142 15.30 -55.53 -24.71
CA ALA A 142 16.39 -55.15 -25.58
C ALA A 142 16.21 -53.69 -26.01
N ARG A 143 17.29 -53.09 -26.48
CA ARG A 143 17.31 -51.66 -26.78
C ARG A 143 17.94 -51.42 -28.14
N LEU A 144 17.61 -50.28 -28.74
CA LEU A 144 18.34 -49.82 -29.90
C LEU A 144 18.14 -48.31 -30.06
N ASP A 145 19.05 -47.69 -30.80
CA ASP A 145 18.96 -46.28 -31.15
C ASP A 145 19.29 -46.14 -32.63
N THR A 146 18.34 -45.67 -33.42
CA THR A 146 18.48 -45.67 -34.86
C THR A 146 18.08 -44.33 -35.45
N PHE A 147 18.75 -43.96 -36.54
CA PHE A 147 18.29 -42.84 -37.35
C PHE A 147 16.91 -43.13 -37.91
N VAL A 148 16.09 -42.09 -38.01
CA VAL A 148 14.71 -42.28 -38.44
C VAL A 148 14.62 -42.87 -39.83
N ASN A 149 15.68 -42.80 -40.62
CA ASN A 149 15.65 -43.34 -41.97
C ASN A 149 15.29 -44.82 -41.94
N GLY A 150 14.74 -45.31 -43.05
CA GLY A 150 14.30 -46.68 -43.15
C GLY A 150 15.30 -47.56 -43.88
N VAL A 151 16.56 -47.15 -43.93
CA VAL A 151 17.59 -47.86 -44.69
C VAL A 151 18.82 -48.20 -43.86
N THR A 152 18.88 -47.77 -42.61
CA THR A 152 20.05 -48.01 -41.75
C THR A 152 19.60 -48.64 -40.44
N PRO A 153 19.39 -49.96 -40.43
CA PRO A 153 19.11 -50.64 -39.16
C PRO A 153 20.28 -50.50 -38.20
N GLY A 154 19.95 -50.39 -36.91
CA GLY A 154 20.96 -50.23 -35.89
C GLY A 154 21.52 -51.55 -35.43
N SER A 155 22.46 -51.47 -34.48
CA SER A 155 23.15 -52.63 -33.93
C SER A 155 22.81 -52.76 -32.45
N SER A 156 22.24 -53.89 -32.07
CA SER A 156 21.98 -54.19 -30.66
C SER A 156 21.81 -55.70 -30.56
N ARG A 157 22.78 -56.37 -29.92
CA ARG A 157 22.90 -57.83 -29.96
C ARG A 157 23.21 -58.32 -31.37
N ASP A 158 23.69 -57.43 -32.25
CA ASP A 158 23.82 -57.72 -33.67
C ASP A 158 22.45 -57.96 -34.31
N LEU A 159 21.45 -57.22 -33.85
CA LEU A 159 20.09 -57.30 -34.36
C LEU A 159 19.81 -56.07 -35.22
N LYS A 160 19.26 -56.32 -36.41
CA LYS A 160 18.95 -55.24 -37.36
C LYS A 160 17.48 -54.86 -37.20
N VAL A 161 17.24 -53.63 -36.76
CA VAL A 161 15.90 -53.08 -36.59
C VAL A 161 15.83 -51.74 -37.31
N ILE A 162 14.79 -51.57 -38.12
CA ILE A 162 14.64 -50.38 -38.95
C ILE A 162 13.36 -49.66 -38.54
N ALA A 163 13.35 -48.34 -38.77
CA ALA A 163 12.21 -47.51 -38.44
C ALA A 163 12.09 -46.38 -39.46
N GLY A 164 10.89 -45.81 -39.56
CA GLY A 164 10.63 -44.71 -40.45
C GLY A 164 10.53 -45.16 -41.89
N PRO A 165 10.51 -44.20 -42.82
CA PRO A 165 10.61 -42.74 -42.62
C PRO A 165 9.33 -42.16 -42.01
N ILE A 166 9.37 -40.89 -41.60
CA ILE A 166 8.24 -40.28 -40.92
C ILE A 166 7.10 -40.09 -41.90
N SER A 167 5.86 -40.11 -41.38
CA SER A 167 4.71 -39.80 -42.21
C SER A 167 4.77 -38.37 -42.73
N ALA A 168 5.18 -37.44 -41.87
CA ALA A 168 5.34 -36.05 -42.26
C ALA A 168 6.64 -35.52 -41.66
N ALA A 169 7.18 -34.47 -42.29
CA ALA A 169 8.43 -33.86 -41.86
C ALA A 169 8.14 -32.62 -41.04
N PHE A 170 8.71 -32.55 -39.84
CA PHE A 170 8.53 -31.43 -38.94
C PHE A 170 9.90 -30.97 -38.46
N SER A 171 10.11 -29.65 -38.44
CA SER A 171 11.36 -29.08 -37.95
C SER A 171 11.12 -27.66 -37.46
N PRO A 172 11.23 -27.40 -36.16
CA PRO A 172 11.06 -26.01 -35.69
C PRO A 172 12.12 -25.06 -36.24
N PHE A 173 13.31 -25.57 -36.56
CA PHE A 173 14.38 -24.72 -37.04
C PHE A 173 14.05 -24.14 -38.42
N ASP A 174 14.54 -22.92 -38.65
CA ASP A 174 14.41 -22.24 -39.93
C ASP A 174 15.79 -22.15 -40.57
N HIS A 175 15.79 -21.79 -41.87
CA HIS A 175 17.04 -21.73 -42.63
C HIS A 175 18.10 -20.91 -41.90
N LYS A 176 17.71 -19.76 -41.36
CA LYS A 176 18.62 -18.86 -40.67
C LYS A 176 18.33 -18.89 -39.18
N VAL A 177 19.39 -18.94 -38.35
CA VAL A 177 19.23 -18.95 -36.90
C VAL A 177 20.46 -18.27 -36.29
N VAL A 178 20.35 -17.93 -35.01
CA VAL A 178 21.48 -17.38 -34.26
C VAL A 178 21.53 -18.05 -32.90
N ILE A 179 22.75 -18.17 -32.37
CA ILE A 179 22.98 -18.75 -31.04
C ILE A 179 23.78 -17.75 -30.23
N ARG A 180 23.33 -17.50 -28.99
CA ARG A 180 23.98 -16.52 -28.12
C ARG A 180 23.76 -16.92 -26.67
N LYS A 181 24.85 -17.19 -25.96
CA LYS A 181 24.81 -17.50 -24.53
C LYS A 181 23.84 -18.64 -24.24
N GLY A 182 23.86 -19.66 -25.08
CA GLY A 182 23.00 -20.81 -24.89
C GLY A 182 21.56 -20.61 -25.25
N LEU A 183 21.20 -19.50 -25.89
CA LEU A 183 19.85 -19.23 -26.34
C LEU A 183 19.84 -19.18 -27.85
N VAL A 184 18.87 -19.87 -28.46
CA VAL A 184 18.72 -19.93 -29.91
C VAL A 184 17.58 -19.02 -30.32
N TYR A 185 17.82 -18.19 -31.34
CA TYR A 185 16.84 -17.22 -31.81
C TYR A 185 16.65 -17.39 -33.31
N ASN A 186 15.39 -17.44 -33.74
CA ASN A 186 15.04 -17.58 -35.14
C ASN A 186 15.00 -16.19 -35.77
N TYR A 187 15.92 -15.94 -36.70
CA TYR A 187 16.01 -14.63 -37.33
C TYR A 187 16.77 -14.76 -38.64
N ASP A 188 16.42 -13.93 -39.61
CA ASP A 188 17.08 -13.91 -40.93
C ASP A 188 18.27 -12.97 -40.83
N PHE A 189 19.40 -13.50 -40.39
CA PHE A 189 20.58 -12.67 -40.23
C PHE A 189 21.08 -12.18 -41.59
N PRO A 190 21.62 -10.96 -41.66
CA PRO A 190 22.19 -10.50 -42.93
C PRO A 190 23.34 -11.39 -43.38
N GLU A 191 23.44 -11.57 -44.69
CA GLU A 191 24.48 -12.43 -45.26
C GLU A 191 25.86 -11.84 -44.98
N TYR A 192 26.85 -12.74 -44.94
CA TYR A 192 28.23 -12.31 -44.70
C TYR A 192 28.67 -11.33 -45.77
N GLY A 193 29.43 -10.32 -45.36
CA GLY A 193 29.86 -9.27 -46.26
C GLY A 193 28.86 -8.16 -46.46
N ALA A 194 27.70 -8.21 -45.79
CA ALA A 194 26.68 -7.17 -45.88
C ALA A 194 26.67 -6.41 -44.56
N MET A 195 27.09 -5.14 -44.60
CA MET A 195 27.16 -4.29 -43.43
C MET A 195 26.06 -3.24 -43.51
N ASN A 196 25.21 -3.21 -42.48
CA ASN A 196 24.11 -2.25 -42.40
C ASN A 196 24.11 -1.63 -41.00
N PRO A 197 24.52 -0.37 -40.85
CA PRO A 197 24.60 0.21 -39.51
C PRO A 197 23.25 0.19 -38.81
N GLY A 198 23.29 0.02 -37.50
CA GLY A 198 22.08 -0.07 -36.70
C GLY A 198 21.26 -1.30 -36.99
N ALA A 199 21.90 -2.46 -37.08
CA ALA A 199 21.21 -3.71 -37.38
C ALA A 199 21.98 -4.86 -36.76
N PHE A 200 21.32 -6.01 -36.69
CA PHE A 200 21.97 -7.20 -36.16
C PHE A 200 23.14 -7.61 -37.06
N GLY A 201 24.18 -8.14 -36.42
CA GLY A 201 25.34 -8.59 -37.17
C GLY A 201 26.08 -7.48 -37.90
N ASP A 202 26.15 -6.29 -37.27
CA ASP A 202 26.88 -5.19 -37.89
C ASP A 202 28.36 -5.54 -38.03
N ILE A 203 28.93 -6.17 -37.02
CA ILE A 203 30.33 -6.61 -37.05
C ILE A 203 30.34 -8.10 -37.34
N GLN A 204 31.08 -8.50 -38.36
CA GLN A 204 31.11 -9.89 -38.82
C GLN A 204 32.55 -10.36 -38.92
N ALA A 205 32.77 -11.63 -38.60
CA ALA A 205 34.10 -12.22 -38.65
C ALA A 205 33.97 -13.72 -38.90
N SER A 206 34.93 -14.27 -39.65
CA SER A 206 34.92 -15.71 -39.90
C SER A 206 35.09 -16.50 -38.61
N SER A 207 35.97 -16.03 -37.73
CA SER A 207 36.20 -16.68 -36.44
C SER A 207 36.30 -15.60 -35.37
N LEU A 208 36.21 -16.04 -34.11
CA LEU A 208 36.25 -15.10 -32.99
C LEU A 208 37.57 -14.34 -32.94
N ASP A 209 38.67 -15.05 -33.19
CA ASP A 209 40.02 -14.47 -33.09
C ASP A 209 40.64 -14.33 -34.48
N ALA A 210 39.84 -13.90 -35.45
CA ALA A 210 40.34 -13.69 -36.80
C ALA A 210 40.94 -12.29 -36.92
N THR A 211 42.20 -12.23 -37.38
CA THR A 211 42.83 -10.93 -37.59
C THR A 211 42.13 -10.14 -38.68
N ASP A 212 41.67 -10.82 -39.73
CA ASP A 212 40.97 -10.17 -40.82
C ASP A 212 39.49 -10.00 -40.47
N ILE A 213 39.01 -8.76 -40.56
CA ILE A 213 37.63 -8.43 -40.24
C ILE A 213 37.08 -7.50 -41.32
N VAL A 214 35.76 -7.48 -41.44
CA VAL A 214 35.06 -6.56 -42.34
C VAL A 214 33.85 -6.01 -41.60
N ALA A 215 33.66 -4.69 -41.68
CA ALA A 215 32.55 -4.06 -41.01
C ALA A 215 32.37 -2.64 -41.54
N ARG A 216 31.15 -2.12 -41.41
CA ARG A 216 30.83 -0.74 -41.75
C ARG A 216 29.74 -0.27 -40.81
N THR A 217 30.00 0.80 -40.06
CA THR A 217 29.02 1.32 -39.12
C THR A 217 28.94 2.84 -39.15
N ASP A 218 29.27 3.44 -40.30
CA ASP A 218 29.03 4.86 -40.55
C ASP A 218 29.73 5.75 -39.52
N ILE A 219 31.06 5.69 -39.54
CA ILE A 219 31.89 6.56 -38.73
C ILE A 219 32.28 7.78 -39.55
N ARG A 220 32.06 8.96 -38.98
CA ARG A 220 32.41 10.23 -39.61
C ARG A 220 33.27 11.03 -38.65
N LEU A 221 34.40 11.55 -39.14
CA LEU A 221 35.28 12.35 -38.31
C LEU A 221 34.76 13.78 -38.21
N LEU A 222 35.01 14.41 -37.06
CA LEU A 222 34.66 15.80 -36.83
C LEU A 222 35.93 16.65 -36.76
N LYS A 223 35.83 17.85 -37.29
CA LYS A 223 36.98 18.76 -37.30
C LYS A 223 37.34 19.18 -35.87
N PRO A 224 38.62 19.39 -35.59
CA PRO A 224 38.99 19.93 -34.27
C PRO A 224 38.26 21.23 -34.00
N SER A 225 37.75 21.37 -32.77
CA SER A 225 36.87 22.49 -32.44
C SER A 225 37.13 23.09 -31.07
N VAL A 226 38.25 22.76 -30.42
CA VAL A 226 38.52 23.22 -29.07
C VAL A 226 39.99 23.60 -28.95
N LYS A 227 40.36 24.09 -27.77
CA LYS A 227 41.74 24.48 -27.51
C LYS A 227 42.70 23.31 -27.66
N ASN A 228 42.42 22.22 -26.96
CA ASN A 228 43.37 21.12 -26.87
C ASN A 228 43.28 20.21 -28.09
N ILE A 229 44.21 19.25 -28.15
CA ILE A 229 44.18 18.23 -29.19
C ILE A 229 43.11 17.21 -28.82
N HIS A 230 42.17 16.99 -29.73
CA HIS A 230 41.07 16.09 -29.49
C HIS A 230 40.52 15.60 -30.83
N VAL A 231 40.00 14.39 -30.83
CA VAL A 231 39.46 13.75 -32.03
C VAL A 231 38.00 13.42 -31.75
N PRO A 232 37.06 14.30 -32.13
CA PRO A 232 35.64 13.98 -31.95
C PRO A 232 35.16 13.03 -33.02
N TYR A 233 34.60 11.90 -32.58
CA TYR A 233 34.12 10.86 -33.49
C TYR A 233 32.63 10.66 -33.28
N THR A 234 31.88 10.54 -34.37
CA THR A 234 30.44 10.31 -34.34
C THR A 234 30.14 8.99 -35.03
N GLN A 235 29.36 8.14 -34.36
CA GLN A 235 29.04 6.83 -34.89
C GLN A 235 27.67 6.40 -34.38
N ALA A 236 27.02 5.52 -35.14
CA ALA A 236 25.73 4.99 -34.75
C ALA A 236 25.89 3.99 -33.60
N VAL A 237 24.79 3.78 -32.87
CA VAL A 237 24.81 2.87 -31.75
C VAL A 237 25.11 1.45 -32.26
N SER A 238 25.81 0.68 -31.43
CA SER A 238 26.15 -0.70 -31.79
C SER A 238 24.87 -1.51 -32.01
N GLY A 239 24.88 -2.31 -33.08
CA GLY A 239 23.72 -3.13 -33.41
C GLY A 239 23.52 -4.34 -32.53
N TYR A 240 24.59 -4.81 -31.87
CA TYR A 240 24.46 -5.97 -31.00
C TYR A 240 23.53 -5.69 -29.83
N GLU A 241 23.80 -4.61 -29.09
CA GLU A 241 22.90 -4.23 -28.01
C GLU A 241 21.52 -3.90 -28.54
N MET A 242 21.43 -3.37 -29.77
CA MET A 242 20.14 -3.09 -30.36
C MET A 242 19.31 -4.35 -30.51
N TRP A 243 19.88 -5.37 -31.14
CA TRP A 243 19.16 -6.63 -31.28
C TRP A 243 18.89 -7.26 -29.93
N LYS A 244 19.79 -7.04 -28.96
CA LYS A 244 19.58 -7.57 -27.63
C LYS A 244 18.34 -6.97 -26.96
N ASN A 245 18.15 -5.65 -27.11
CA ASN A 245 17.07 -4.98 -26.41
C ASN A 245 15.71 -5.50 -26.83
N ASN A 246 15.51 -5.69 -28.14
CA ASN A 246 14.22 -6.12 -28.69
C ASN A 246 14.41 -7.34 -29.57
N SER A 247 15.15 -8.33 -29.06
CA SER A 247 15.38 -9.57 -29.79
C SER A 247 14.12 -10.41 -29.91
N GLY A 248 13.09 -10.13 -29.13
CA GLY A 248 11.92 -10.98 -29.07
C GLY A 248 12.13 -12.13 -28.11
N ARG A 249 11.08 -12.93 -27.96
CA ARG A 249 11.13 -14.07 -27.07
C ARG A 249 11.98 -15.18 -27.67
N PRO A 250 12.55 -16.05 -26.85
CA PRO A 250 13.38 -17.13 -27.37
C PRO A 250 12.54 -18.25 -27.98
N LEU A 251 13.21 -19.07 -28.79
CA LEU A 251 12.54 -20.19 -29.45
C LEU A 251 11.98 -21.17 -28.43
N GLN A 252 12.59 -21.24 -27.24
CA GLN A 252 12.12 -22.18 -26.23
C GLN A 252 10.65 -21.96 -25.89
N GLU A 253 10.15 -20.74 -26.07
CA GLU A 253 8.77 -20.40 -25.80
C GLU A 253 7.92 -20.35 -27.06
N THR A 254 8.43 -20.85 -28.19
CA THR A 254 7.70 -20.84 -29.45
C THR A 254 7.72 -22.16 -30.20
N ALA A 255 8.53 -23.12 -29.79
CA ALA A 255 8.65 -24.36 -30.54
C ALA A 255 7.35 -25.15 -30.46
N PRO A 256 6.77 -25.56 -31.59
CA PRO A 256 5.59 -26.43 -31.52
C PRO A 256 5.93 -27.80 -30.95
N PHE A 257 4.94 -28.39 -30.29
CA PHE A 257 5.07 -29.71 -29.66
C PHE A 257 6.03 -29.71 -28.49
N GLY A 258 6.42 -28.54 -27.99
CA GLY A 258 7.30 -28.47 -26.83
C GLY A 258 8.65 -29.12 -27.05
N CYS A 259 9.27 -28.88 -28.20
CA CYS A 259 10.61 -29.40 -28.45
C CYS A 259 11.57 -28.88 -27.38
N LYS A 260 12.37 -29.79 -26.83
CA LYS A 260 13.39 -29.43 -25.85
C LYS A 260 14.71 -29.25 -26.60
N ILE A 261 15.14 -28.01 -26.76
CA ILE A 261 16.24 -27.66 -27.64
C ILE A 261 17.52 -27.53 -26.81
N GLU A 262 18.59 -28.19 -27.28
CA GLU A 262 19.90 -28.12 -26.66
C GLU A 262 20.88 -27.51 -27.65
N VAL A 263 21.85 -26.78 -27.11
CA VAL A 263 22.67 -25.87 -27.92
C VAL A 263 23.94 -26.54 -28.43
N GLU A 264 24.65 -27.30 -27.59
CA GLU A 264 25.93 -27.83 -28.02
C GLU A 264 25.82 -28.72 -29.26
N PRO A 265 24.70 -29.43 -29.52
CA PRO A 265 24.53 -30.04 -30.84
C PRO A 265 23.64 -29.19 -31.74
N LEU A 266 23.05 -28.15 -31.16
CA LEU A 266 22.04 -27.33 -31.83
C LEU A 266 20.92 -28.23 -32.38
N ARG A 267 20.35 -29.03 -31.47
CA ARG A 267 19.40 -30.06 -31.85
C ARG A 267 18.25 -30.11 -30.87
N ALA A 268 17.12 -30.61 -31.35
CA ALA A 268 15.93 -30.77 -30.53
C ALA A 268 15.83 -32.20 -30.01
N THR A 269 15.12 -32.36 -28.90
CA THR A 269 14.92 -33.67 -28.29
C THR A 269 13.59 -33.66 -27.54
N ASN A 270 13.09 -34.86 -27.28
CA ASN A 270 11.86 -35.04 -26.51
C ASN A 270 10.69 -34.27 -27.13
N CYS A 271 10.65 -34.23 -28.45
CA CYS A 271 9.59 -33.51 -29.17
C CYS A 271 8.78 -34.52 -29.96
N ALA A 272 7.45 -34.46 -29.81
CA ALA A 272 6.55 -35.50 -30.29
C ALA A 272 5.66 -34.96 -31.39
N TYR A 273 5.71 -35.62 -32.56
CA TYR A 273 4.76 -35.35 -33.63
C TYR A 273 4.97 -36.39 -34.74
N GLY A 274 3.87 -36.85 -35.33
CA GLY A 274 3.93 -37.74 -36.47
C GLY A 274 3.82 -39.21 -36.11
N HIS A 275 3.82 -40.03 -37.15
CA HIS A 275 3.81 -41.49 -37.04
C HIS A 275 5.10 -42.06 -37.60
N ILE A 276 5.42 -43.28 -37.17
CA ILE A 276 6.63 -43.97 -37.61
C ILE A 276 6.29 -45.42 -37.91
N PRO A 277 6.50 -45.90 -39.14
CA PRO A 277 6.41 -47.35 -39.38
C PRO A 277 7.75 -48.03 -39.13
N ILE A 278 7.68 -49.22 -38.53
CA ILE A 278 8.87 -49.94 -38.10
C ILE A 278 8.69 -51.42 -38.39
N SER A 279 9.82 -52.10 -38.61
CA SER A 279 9.86 -53.54 -38.76
C SER A 279 10.82 -54.11 -37.72
N ILE A 280 10.34 -55.07 -36.94
CA ILE A 280 11.10 -55.68 -35.85
C ILE A 280 11.34 -57.13 -36.21
N ASP A 281 12.62 -57.55 -36.14
CA ASP A 281 13.00 -58.93 -36.36
C ASP A 281 13.29 -59.58 -35.02
N ILE A 282 12.71 -60.74 -34.78
CA ILE A 282 12.81 -61.45 -33.52
C ILE A 282 13.37 -62.84 -33.79
N PRO A 283 14.34 -63.33 -33.03
CA PRO A 283 14.86 -64.68 -33.28
C PRO A 283 13.78 -65.73 -33.08
N ASP A 284 13.87 -66.80 -33.87
CA ASP A 284 12.90 -67.89 -33.76
C ASP A 284 12.99 -68.55 -32.39
N ALA A 285 14.21 -68.68 -31.85
CA ALA A 285 14.38 -69.32 -30.55
C ALA A 285 13.56 -68.62 -29.47
N ALA A 286 13.36 -67.31 -29.60
CA ALA A 286 12.59 -66.59 -28.60
C ALA A 286 11.15 -67.08 -28.56
N PHE A 287 10.63 -67.57 -29.68
CA PHE A 287 9.26 -68.08 -29.71
C PHE A 287 9.16 -69.39 -28.95
N VAL A 288 7.95 -69.69 -28.49
CA VAL A 288 7.65 -70.90 -27.73
C VAL A 288 6.52 -71.64 -28.42
N ARG A 289 6.68 -72.95 -28.58
CA ARG A 289 5.67 -73.75 -29.23
C ARG A 289 4.40 -73.79 -28.37
N SER A 290 3.25 -73.89 -29.05
CA SER A 290 1.99 -73.96 -28.34
C SER A 290 1.84 -75.26 -27.55
N SER A 291 2.65 -76.28 -27.85
CA SER A 291 2.55 -77.55 -27.14
C SER A 291 2.80 -77.37 -25.66
N GLU A 292 3.85 -76.62 -25.31
CA GLU A 292 4.17 -76.37 -23.91
C GLU A 292 3.40 -75.20 -23.32
N SER A 293 2.72 -74.40 -24.15
CA SER A 293 1.97 -73.27 -23.64
C SER A 293 0.77 -73.76 -22.82
N PRO A 294 0.37 -73.03 -21.78
CA PRO A 294 -0.81 -73.43 -21.01
C PRO A 294 -2.05 -73.45 -21.89
N THR A 295 -2.94 -74.40 -21.60
CA THR A 295 -4.19 -74.54 -22.34
C THR A 295 -5.34 -74.01 -21.50
N ILE A 296 -6.16 -73.16 -22.10
CA ILE A 296 -7.28 -72.52 -21.41
C ILE A 296 -8.59 -73.00 -22.04
N LEU A 297 -9.67 -72.86 -21.28
CA LEU A 297 -10.96 -73.39 -21.69
C LEU A 297 -12.07 -72.56 -21.07
N GLU A 298 -13.11 -72.30 -21.86
CA GLU A 298 -14.34 -71.67 -21.40
C GLU A 298 -14.06 -70.41 -20.60
N VAL A 299 -13.49 -69.42 -21.29
CA VAL A 299 -13.17 -68.13 -20.69
C VAL A 299 -14.31 -67.16 -20.95
N SER A 300 -14.47 -66.19 -20.05
CA SER A 300 -15.51 -65.19 -20.17
C SER A 300 -15.03 -63.88 -19.55
N CYS A 301 -15.63 -62.78 -20.01
CA CYS A 301 -15.28 -61.43 -19.58
C CYS A 301 -16.37 -60.84 -18.71
N THR A 302 -16.01 -59.76 -18.01
CA THR A 302 -16.97 -59.01 -17.20
C THR A 302 -16.39 -57.65 -16.91
N VAL A 303 -17.11 -56.60 -17.32
CA VAL A 303 -16.71 -55.22 -17.04
C VAL A 303 -17.33 -54.84 -15.69
N ALA A 304 -16.53 -54.93 -14.62
CA ALA A 304 -17.03 -54.57 -13.31
C ALA A 304 -17.46 -53.11 -13.28
N ASP A 305 -16.64 -52.22 -13.83
CA ASP A 305 -16.98 -50.81 -13.95
C ASP A 305 -15.91 -50.13 -14.80
N CYS A 306 -16.34 -49.19 -15.63
CA CYS A 306 -15.43 -48.43 -16.47
C CYS A 306 -15.79 -46.95 -16.41
N ILE A 307 -14.78 -46.12 -16.63
CA ILE A 307 -14.92 -44.67 -16.66
C ILE A 307 -14.24 -44.13 -17.91
N TYR A 308 -14.93 -43.23 -18.60
CA TYR A 308 -14.36 -42.62 -19.80
C TYR A 308 -13.29 -41.60 -19.40
N SER A 309 -12.21 -42.09 -18.79
CA SER A 309 -11.18 -41.23 -18.24
C SER A 309 -10.05 -41.05 -19.26
N ALA A 310 -9.46 -39.85 -19.26
CA ALA A 310 -8.30 -39.60 -20.09
C ALA A 310 -7.12 -40.47 -19.68
N ASP A 311 -6.94 -40.64 -18.37
CA ASP A 311 -5.87 -41.48 -17.85
C ASP A 311 -6.32 -42.94 -17.83
N PHE A 312 -5.40 -43.83 -17.45
CA PHE A 312 -5.70 -45.26 -17.39
C PHE A 312 -6.52 -45.53 -16.13
N GLY A 313 -7.83 -45.64 -16.28
CA GLY A 313 -8.72 -45.87 -15.15
C GLY A 313 -9.76 -46.94 -15.39
N GLY A 314 -9.67 -47.62 -16.53
CA GLY A 314 -10.63 -48.67 -16.83
C GLY A 314 -10.23 -49.99 -16.20
N SER A 315 -11.24 -50.74 -15.75
CA SER A 315 -11.03 -52.02 -15.10
C SER A 315 -11.85 -53.10 -15.79
N LEU A 316 -11.36 -54.33 -15.70
CA LEU A 316 -12.00 -55.46 -16.35
C LEU A 316 -11.70 -56.71 -15.55
N THR A 317 -12.45 -57.78 -15.80
CA THR A 317 -12.19 -59.06 -15.15
C THR A 317 -12.46 -60.18 -16.13
N LEU A 318 -11.75 -61.29 -15.95
CA LEU A 318 -11.93 -62.47 -16.78
C LEU A 318 -11.92 -63.70 -15.90
N GLN A 319 -12.73 -64.69 -16.27
CA GLN A 319 -12.80 -65.97 -15.57
C GLN A 319 -12.54 -67.07 -16.58
N TYR A 320 -11.65 -68.00 -16.23
CA TYR A 320 -11.16 -68.99 -17.18
C TYR A 320 -11.14 -70.38 -16.55
N LYS A 321 -11.22 -71.39 -17.41
CA LYS A 321 -11.01 -72.78 -17.04
C LYS A 321 -9.82 -73.30 -17.83
N ALA A 322 -8.94 -74.04 -17.14
CA ALA A 322 -7.71 -74.50 -17.77
C ALA A 322 -7.31 -75.84 -17.15
N ASN A 323 -6.25 -76.43 -17.73
CA ASN A 323 -5.73 -77.71 -17.28
C ASN A 323 -4.25 -77.69 -16.93
N ARG A 324 -3.51 -76.65 -17.32
CA ARG A 324 -2.07 -76.58 -17.12
C ARG A 324 -1.71 -75.29 -16.40
N GLU A 325 -0.70 -75.37 -15.54
CA GLU A 325 -0.20 -74.22 -14.80
C GLU A 325 0.93 -73.54 -15.59
N GLY A 326 1.02 -72.24 -15.44
CA GLY A 326 2.05 -71.47 -16.11
C GLY A 326 1.59 -70.03 -16.32
N HIS A 327 2.11 -69.43 -17.38
CA HIS A 327 1.82 -68.05 -17.74
C HIS A 327 1.30 -67.97 -19.17
N CYS A 328 0.33 -67.10 -19.39
CA CYS A 328 -0.10 -66.74 -20.74
C CYS A 328 -0.18 -65.23 -20.92
N PRO A 329 -0.02 -64.76 -22.14
CA PRO A 329 -0.20 -63.34 -22.42
C PRO A 329 -1.67 -62.96 -22.54
N VAL A 330 -1.92 -61.66 -22.52
CA VAL A 330 -3.26 -61.11 -22.71
C VAL A 330 -3.13 -59.91 -23.65
N HIS A 331 -4.09 -59.77 -24.57
CA HIS A 331 -4.01 -58.71 -25.56
C HIS A 331 -5.41 -58.23 -25.90
N SER A 332 -5.46 -57.10 -26.61
CA SER A 332 -6.71 -56.53 -27.12
C SER A 332 -6.46 -56.08 -28.55
N HIS A 333 -7.07 -56.78 -29.51
CA HIS A 333 -6.89 -56.44 -30.91
C HIS A 333 -7.66 -55.19 -31.33
N SER A 334 -8.51 -54.65 -30.45
CA SER A 334 -9.22 -53.41 -30.72
C SER A 334 -8.31 -52.24 -30.37
N THR A 335 -8.03 -51.38 -31.35
CA THR A 335 -7.12 -50.27 -31.12
C THR A 335 -7.70 -49.25 -30.14
N THR A 336 -9.03 -49.14 -30.06
CA THR A 336 -9.64 -48.14 -29.20
C THR A 336 -9.29 -48.34 -27.74
N ALA A 337 -8.88 -49.54 -27.34
CA ALA A 337 -8.56 -49.84 -25.96
C ALA A 337 -7.16 -50.45 -25.87
N VAL A 338 -6.47 -50.13 -24.77
CA VAL A 338 -5.12 -50.60 -24.53
C VAL A 338 -5.03 -51.15 -23.11
N LEU A 339 -4.40 -52.31 -22.96
CA LEU A 339 -4.25 -52.96 -21.67
C LEU A 339 -3.05 -52.36 -20.92
N LYS A 340 -2.73 -52.91 -19.76
CA LYS A 340 -1.63 -52.45 -18.93
C LYS A 340 -0.57 -53.52 -18.71
N GLU A 341 -0.96 -54.75 -18.45
CA GLU A 341 -0.03 -55.86 -18.27
C GLU A 341 -0.27 -56.91 -19.36
N ALA A 342 0.81 -57.47 -19.88
CA ALA A 342 0.75 -58.31 -21.07
C ALA A 342 0.53 -59.78 -20.78
N THR A 343 0.99 -60.27 -19.61
CA THR A 343 0.88 -61.68 -19.30
C THR A 343 0.61 -61.87 -17.82
N THR A 344 0.11 -63.06 -17.48
CA THR A 344 -0.24 -63.38 -16.12
C THR A 344 -0.29 -64.88 -15.94
N HIS A 345 -0.26 -65.30 -14.68
CA HIS A 345 -0.37 -66.71 -14.33
C HIS A 345 -1.71 -67.28 -14.80
N VAL A 346 -1.77 -68.61 -14.85
CA VAL A 346 -2.99 -69.32 -15.23
C VAL A 346 -3.17 -70.50 -14.28
N THR A 347 -4.38 -70.66 -13.77
CA THR A 347 -4.75 -71.77 -12.90
C THR A 347 -5.88 -72.57 -13.55
N ALA A 348 -6.25 -73.67 -12.90
CA ALA A 348 -7.25 -74.57 -13.48
C ALA A 348 -8.58 -73.86 -13.69
N THR A 349 -9.03 -73.10 -12.69
CA THR A 349 -10.31 -72.40 -12.78
C THR A 349 -10.23 -71.00 -12.19
N GLY A 350 -9.06 -70.35 -12.32
CA GLY A 350 -8.89 -69.05 -11.73
C GLY A 350 -9.55 -67.94 -12.52
N SER A 351 -9.68 -66.78 -11.87
CA SER A 351 -10.20 -65.57 -12.50
C SER A 351 -9.35 -64.40 -12.03
N ILE A 352 -9.03 -63.52 -12.97
CA ILE A 352 -8.09 -62.41 -12.71
C ILE A 352 -8.65 -61.13 -13.30
N THR A 353 -8.26 -60.00 -12.68
CA THR A 353 -8.66 -58.69 -13.13
C THR A 353 -7.59 -58.07 -14.03
N LEU A 354 -7.94 -56.94 -14.63
CA LEU A 354 -7.06 -56.27 -15.58
C LEU A 354 -7.33 -54.77 -15.54
N HIS A 355 -6.29 -53.99 -15.77
CA HIS A 355 -6.38 -52.54 -15.89
C HIS A 355 -6.11 -52.13 -17.33
N PHE A 356 -6.88 -51.16 -17.81
CA PHE A 356 -6.83 -50.79 -19.22
C PHE A 356 -7.32 -49.35 -19.36
N SER A 357 -7.31 -48.86 -20.60
CA SER A 357 -7.79 -47.53 -20.93
C SER A 357 -8.43 -47.58 -22.31
N THR A 358 -9.28 -46.58 -22.58
CA THR A 358 -10.00 -46.52 -23.85
C THR A 358 -10.17 -45.07 -24.26
N SER A 359 -10.39 -44.87 -25.56
CA SER A 359 -10.60 -43.54 -26.12
C SER A 359 -12.04 -43.30 -26.54
N SER A 360 -12.95 -44.22 -26.21
CA SER A 360 -14.36 -44.09 -26.54
C SER A 360 -15.20 -44.51 -25.34
N PRO A 361 -16.39 -43.94 -25.19
CA PRO A 361 -17.26 -44.36 -24.08
C PRO A 361 -17.95 -45.70 -24.31
N GLN A 362 -18.09 -46.13 -25.57
CA GLN A 362 -18.68 -47.42 -25.90
C GLN A 362 -17.60 -48.48 -25.76
N ALA A 363 -17.48 -49.04 -24.55
CA ALA A 363 -16.44 -50.02 -24.25
C ALA A 363 -16.90 -51.40 -24.72
N ASN A 364 -16.96 -51.56 -26.04
CA ASN A 364 -17.23 -52.84 -26.68
C ASN A 364 -16.04 -53.22 -27.54
N PHE A 365 -15.54 -54.44 -27.35
CA PHE A 365 -14.36 -54.87 -28.07
C PHE A 365 -14.08 -56.36 -27.89
N ILE A 366 -12.97 -56.83 -28.46
CA ILE A 366 -12.55 -58.22 -28.36
C ILE A 366 -11.18 -58.25 -27.71
N VAL A 367 -11.02 -59.11 -26.70
CA VAL A 367 -9.76 -59.27 -26.00
C VAL A 367 -9.43 -60.76 -25.98
N SER A 368 -8.13 -61.06 -26.05
CA SER A 368 -7.66 -62.44 -26.08
C SER A 368 -6.91 -62.74 -24.79
N LEU A 369 -7.34 -63.81 -24.13
CA LEU A 369 -6.61 -64.39 -23.02
C LEU A 369 -5.80 -65.57 -23.54
N CYS A 370 -4.50 -65.56 -23.26
CA CYS A 370 -3.58 -66.58 -23.77
C CYS A 370 -3.79 -66.60 -25.29
N GLY A 371 -4.16 -67.74 -25.89
CA GLY A 371 -4.39 -67.75 -27.33
C GLY A 371 -5.83 -67.43 -27.70
N LYS A 372 -6.77 -67.72 -26.80
CA LYS A 372 -8.18 -67.65 -27.14
C LYS A 372 -8.68 -66.20 -27.13
N LYS A 373 -9.75 -65.95 -27.89
CA LYS A 373 -10.38 -64.64 -27.97
C LYS A 373 -11.69 -64.64 -27.20
N THR A 374 -12.25 -63.44 -27.00
CA THR A 374 -13.54 -63.32 -26.35
C THR A 374 -14.04 -61.88 -26.51
N THR A 375 -15.32 -61.75 -26.81
CA THR A 375 -15.98 -60.45 -26.88
C THR A 375 -16.33 -59.96 -25.48
N CYS A 376 -16.39 -58.64 -25.34
CA CYS A 376 -16.70 -58.05 -24.04
C CYS A 376 -17.15 -56.61 -24.26
N ASN A 377 -18.27 -56.24 -23.63
CA ASN A 377 -18.90 -54.95 -23.88
C ASN A 377 -19.31 -54.28 -22.57
N ALA A 378 -19.40 -52.95 -22.62
CA ALA A 378 -19.84 -52.13 -21.49
C ALA A 378 -19.86 -50.68 -21.95
N GLU A 379 -20.34 -49.81 -21.05
CA GLU A 379 -20.41 -48.38 -21.30
C GLU A 379 -19.66 -47.65 -20.20
N CYS A 380 -19.03 -46.53 -20.55
CA CYS A 380 -18.19 -45.77 -19.64
C CYS A 380 -18.70 -44.35 -19.51
N LYS A 381 -18.39 -43.72 -18.38
CA LYS A 381 -18.89 -42.39 -18.06
C LYS A 381 -17.75 -41.37 -18.04
N PRO A 382 -18.02 -40.10 -18.35
CA PRO A 382 -16.98 -39.09 -18.24
C PRO A 382 -16.57 -38.88 -16.80
N PRO A 383 -15.35 -38.44 -16.55
CA PRO A 383 -14.88 -38.27 -15.17
C PRO A 383 -15.19 -36.89 -14.60
N ALA A 384 -15.12 -36.81 -13.27
CA ALA A 384 -15.31 -35.53 -12.60
C ALA A 384 -14.16 -34.58 -12.90
N ASP A 385 -12.92 -35.06 -12.76
CA ASP A 385 -11.76 -34.27 -13.13
C ASP A 385 -11.55 -34.31 -14.63
N HIS A 386 -11.27 -33.14 -15.21
CA HIS A 386 -11.22 -33.01 -16.67
C HIS A 386 -10.02 -32.21 -17.13
N ILE A 387 -8.97 -32.12 -16.31
CA ILE A 387 -7.70 -31.53 -16.70
C ILE A 387 -6.58 -32.36 -16.09
N ILE A 388 -5.80 -33.03 -16.93
CA ILE A 388 -4.65 -33.82 -16.49
C ILE A 388 -3.61 -33.83 -17.60
N GLY A 389 -2.35 -33.79 -17.22
CA GLY A 389 -1.24 -33.81 -18.16
C GLY A 389 -0.61 -35.18 -18.38
N GLU A 390 -1.04 -36.21 -17.66
CA GLU A 390 -0.49 -37.54 -17.83
C GLU A 390 -0.91 -38.12 -19.18
N PRO A 391 -0.19 -39.16 -19.66
CA PRO A 391 -0.51 -39.74 -20.98
C PRO A 391 -2.00 -39.88 -21.25
N HIS A 392 -2.43 -39.37 -22.39
CA HIS A 392 -3.84 -39.34 -22.76
C HIS A 392 -3.96 -39.67 -24.24
N LYS A 393 -5.08 -40.30 -24.60
CA LYS A 393 -5.35 -40.71 -25.97
C LYS A 393 -4.23 -41.60 -26.50
N VAL A 394 -3.99 -42.71 -25.78
CA VAL A 394 -3.08 -43.72 -26.28
C VAL A 394 -3.49 -44.15 -27.69
N ASP A 395 -4.79 -44.10 -27.97
CA ASP A 395 -5.32 -44.22 -29.31
C ASP A 395 -6.21 -43.01 -29.59
N GLN A 396 -5.98 -42.37 -30.73
CA GLN A 396 -6.76 -41.18 -31.06
C GLN A 396 -8.19 -41.56 -31.39
N GLU A 397 -9.10 -40.61 -31.18
CA GLU A 397 -10.51 -40.87 -31.42
C GLU A 397 -10.75 -41.20 -32.89
N PHE A 398 -11.68 -42.12 -33.13
CA PHE A 398 -12.02 -42.61 -34.45
C PHE A 398 -13.52 -42.44 -34.68
N GLN A 399 -14.02 -41.25 -34.38
CA GLN A 399 -15.45 -40.91 -34.49
C GLN A 399 -16.33 -42.02 -33.90
N ALA A 400 -15.80 -42.70 -32.88
CA ALA A 400 -16.54 -43.75 -32.18
C ALA A 400 -17.19 -43.25 -30.89
N ALA A 401 -17.08 -41.96 -30.57
CA ALA A 401 -17.76 -41.43 -29.40
C ALA A 401 -19.27 -41.62 -29.50
N VAL A 402 -19.80 -41.79 -30.71
CA VAL A 402 -21.23 -42.04 -30.87
C VAL A 402 -21.64 -43.30 -30.12
N SER A 403 -22.75 -43.22 -29.39
CA SER A 403 -23.18 -44.30 -28.51
C SER A 403 -24.07 -45.31 -29.25
N LYS A 404 -24.23 -46.48 -28.64
CA LYS A 404 -25.17 -47.46 -29.16
C LYS A 404 -26.60 -46.94 -29.12
N THR A 405 -26.97 -46.27 -28.02
CA THR A 405 -28.28 -45.64 -27.95
C THR A 405 -28.44 -44.60 -29.05
N SER A 406 -27.38 -43.86 -29.34
CA SER A 406 -27.46 -42.86 -30.41
C SER A 406 -27.70 -43.54 -31.76
N TRP A 407 -27.03 -44.68 -32.00
CA TRP A 407 -27.28 -45.46 -33.22
C TRP A 407 -28.72 -45.96 -33.27
N ASN A 408 -29.25 -46.45 -32.15
CA ASN A 408 -30.63 -46.91 -32.15
C ASN A 408 -31.59 -45.75 -32.44
N TRP A 409 -31.35 -44.58 -31.85
CA TRP A 409 -32.22 -43.43 -32.08
C TRP A 409 -32.12 -42.94 -33.52
N LEU A 410 -30.90 -42.89 -34.08
CA LEU A 410 -30.72 -42.47 -35.45
C LEU A 410 -31.39 -43.45 -36.42
N LEU A 411 -31.27 -44.76 -36.16
CA LEU A 411 -31.94 -45.73 -37.00
C LEU A 411 -33.45 -45.57 -36.93
N ALA A 412 -33.99 -45.34 -35.73
CA ALA A 412 -35.42 -45.13 -35.57
C ALA A 412 -35.88 -43.80 -36.16
N LEU A 413 -34.93 -42.87 -36.38
CA LEU A 413 -35.30 -41.56 -36.93
C LEU A 413 -35.49 -41.64 -38.45
N PHE A 414 -34.49 -42.13 -39.16
CA PHE A 414 -34.59 -42.22 -40.61
C PHE A 414 -35.75 -43.13 -41.00
N GLY A 415 -36.56 -42.66 -41.95
CA GLY A 415 -37.74 -43.39 -42.36
C GLY A 415 -37.58 -43.95 -43.76
N GLY A 416 -38.38 -44.99 -44.04
CA GLY A 416 -38.35 -45.63 -45.33
C GLY A 416 -39.35 -45.05 -46.31
N ALA A 417 -39.18 -43.77 -46.64
CA ALA A 417 -40.08 -43.11 -47.59
C ALA A 417 -39.90 -43.67 -49.01
N SER A 418 -38.73 -44.23 -49.30
CA SER A 418 -38.50 -44.82 -50.62
C SER A 418 -39.48 -45.96 -50.89
N SER A 419 -39.69 -46.83 -49.89
CA SER A 419 -40.66 -47.91 -50.04
C SER A 419 -42.07 -47.34 -50.23
N LEU A 420 -42.40 -46.27 -49.50
CA LEU A 420 -43.72 -45.67 -49.63
C LEU A 420 -43.95 -45.16 -51.05
N ILE A 421 -42.95 -44.45 -51.62
CA ILE A 421 -43.12 -43.92 -52.97
C ILE A 421 -43.18 -45.06 -53.98
N VAL A 422 -42.38 -46.11 -53.77
CA VAL A 422 -42.41 -47.24 -54.71
C VAL A 422 -43.78 -47.90 -54.69
N VAL A 423 -44.34 -48.13 -53.50
CA VAL A 423 -45.66 -48.75 -53.40
C VAL A 423 -46.71 -47.83 -54.01
N GLY A 424 -46.59 -46.53 -53.77
CA GLY A 424 -47.53 -45.59 -54.36
C GLY A 424 -47.50 -45.62 -55.88
N LEU A 425 -46.31 -45.67 -56.46
CA LEU A 425 -46.19 -45.75 -57.91
C LEU A 425 -46.76 -47.05 -58.45
N ILE A 426 -46.51 -48.16 -57.74
CA ILE A 426 -47.03 -49.45 -58.19
C ILE A 426 -48.55 -49.45 -58.19
N VAL A 427 -49.16 -49.00 -57.10
CA VAL A 427 -50.62 -48.95 -57.05
C VAL A 427 -51.15 -47.95 -58.06
N LEU A 428 -50.40 -46.87 -58.30
CA LEU A 428 -50.82 -45.88 -59.30
C LEU A 428 -50.89 -46.50 -60.68
N VAL A 429 -49.87 -47.26 -61.09
CA VAL A 429 -49.88 -47.86 -62.41
C VAL A 429 -50.97 -48.93 -62.49
N CYS A 430 -51.18 -49.67 -61.41
CA CYS A 430 -52.25 -50.66 -61.39
C CYS A 430 -53.61 -50.00 -61.60
N SER A 431 -53.87 -48.90 -60.89
CA SER A 431 -55.12 -48.18 -61.05
C SER A 431 -55.24 -47.59 -62.44
N SER A 432 -54.14 -47.08 -62.99
CA SER A 432 -54.17 -46.53 -64.33
C SER A 432 -54.58 -47.59 -65.35
N MET A 433 -54.04 -48.81 -65.21
CA MET A 433 -54.48 -49.89 -66.08
C MET A 433 -55.95 -50.22 -65.85
N LEU A 434 -56.36 -50.34 -64.58
CA LEU A 434 -57.75 -50.66 -64.27
C LEU A 434 -58.71 -49.66 -64.91
N ILE A 435 -58.29 -48.40 -65.01
CA ILE A 435 -59.17 -47.38 -65.58
C ILE A 435 -59.02 -47.31 -67.11
N ASN A 436 -57.86 -47.69 -67.63
CA ASN A 436 -57.76 -47.90 -69.07
C ASN A 436 -58.69 -49.02 -69.51
N THR A 437 -59.06 -49.91 -68.59
CA THR A 437 -60.12 -50.88 -68.90
C THR A 437 -61.41 -50.16 -69.28
N ARG A 438 -61.83 -49.20 -68.45
CA ARG A 438 -63.06 -48.43 -68.69
C ARG A 438 -64.28 -49.33 -68.78
N ILE B 1 56.73 -10.69 -26.50
CA ILE B 1 55.67 -10.28 -25.59
C ILE B 1 56.07 -10.58 -24.15
N THR B 2 55.54 -9.80 -23.21
CA THR B 2 55.88 -9.95 -21.81
C THR B 2 54.72 -9.41 -20.96
N ASP B 3 54.89 -9.51 -19.64
CA ASP B 3 53.90 -9.01 -18.69
C ASP B 3 54.50 -8.01 -17.69
N ASP B 4 55.74 -7.60 -17.90
CA ASP B 4 56.37 -6.65 -16.99
C ASP B 4 55.68 -5.30 -17.06
N PHE B 5 55.71 -4.57 -15.94
CA PHE B 5 55.05 -3.28 -15.84
C PHE B 5 56.00 -2.12 -15.60
N THR B 6 57.24 -2.38 -15.17
CA THR B 6 58.19 -1.31 -14.89
C THR B 6 58.68 -0.61 -16.15
N LEU B 7 58.37 -1.14 -17.33
CA LEU B 7 58.88 -0.59 -18.58
C LEU B 7 58.02 0.56 -19.11
N THR B 8 56.95 0.93 -18.41
CA THR B 8 56.07 2.01 -18.84
C THR B 8 55.83 2.95 -17.67
N SER B 9 55.46 4.19 -18.00
CA SER B 9 55.23 5.24 -17.03
C SER B 9 53.87 5.89 -17.25
N PRO B 10 53.24 6.40 -16.19
CA PRO B 10 51.93 7.04 -16.37
C PRO B 10 52.04 8.29 -17.22
N TYR B 11 50.93 8.59 -17.91
CA TYR B 11 50.86 9.72 -18.82
C TYR B 11 49.66 10.59 -18.47
N LEU B 12 49.74 11.87 -18.86
CA LEU B 12 48.65 12.80 -18.61
C LEU B 12 47.45 12.48 -19.50
N GLY B 13 46.32 13.08 -19.14
CA GLY B 13 45.12 12.99 -19.95
C GLY B 13 44.25 14.21 -19.73
N PHE B 14 43.19 14.31 -20.52
CA PHE B 14 42.26 15.43 -20.47
C PHE B 14 40.89 14.92 -20.06
N CYS B 15 40.54 15.11 -18.80
CA CYS B 15 39.23 14.70 -18.32
C CYS B 15 38.19 15.78 -18.61
N PRO B 16 37.05 15.43 -19.20
CA PRO B 16 35.98 16.43 -19.36
C PRO B 16 35.48 16.98 -18.04
N TYR B 17 35.72 16.28 -16.94
CA TYR B 17 35.29 16.71 -15.61
C TYR B 17 36.51 16.97 -14.74
N CYS B 18 36.37 17.93 -13.82
CA CYS B 18 37.39 18.22 -12.84
C CYS B 18 36.71 18.68 -11.56
N ARG B 19 37.51 19.00 -10.55
CA ARG B 19 36.95 19.48 -9.29
C ARG B 19 36.21 20.80 -9.47
N HIS B 20 36.46 21.51 -10.57
CA HIS B 20 35.79 22.75 -10.88
C HIS B 20 34.60 22.55 -11.81
N SER B 21 34.20 21.31 -12.07
CA SER B 21 33.07 20.99 -12.95
C SER B 21 33.30 21.45 -14.38
N ALA B 22 34.56 21.61 -14.77
CA ALA B 22 34.93 22.02 -16.12
C ALA B 22 36.01 21.10 -16.66
N PRO B 23 36.07 20.92 -17.97
CA PRO B 23 37.12 20.06 -18.55
C PRO B 23 38.51 20.60 -18.25
N CYS B 24 39.44 19.70 -17.98
CA CYS B 24 40.81 20.10 -17.70
C CYS B 24 41.69 18.85 -17.70
N PHE B 25 42.99 19.07 -17.61
CA PHE B 25 43.96 17.98 -17.63
C PHE B 25 44.16 17.40 -16.24
N SER B 26 44.59 16.14 -16.21
CA SER B 26 44.79 15.41 -14.98
C SER B 26 45.44 14.08 -15.32
N PRO B 27 46.15 13.46 -14.35
CA PRO B 27 46.66 12.10 -14.57
C PRO B 27 45.63 11.01 -14.34
N ILE B 28 44.40 11.37 -13.97
CA ILE B 28 43.37 10.39 -13.65
C ILE B 28 42.41 10.21 -14.82
N LYS B 29 42.84 10.55 -16.04
CA LYS B 29 41.98 10.43 -17.19
C LYS B 29 41.48 9.00 -17.36
N ILE B 30 40.18 8.86 -17.66
CA ILE B 30 39.54 7.57 -17.87
C ILE B 30 38.84 7.61 -19.22
N GLU B 31 38.94 6.51 -19.97
CA GLU B 31 38.43 6.47 -21.33
C GLU B 31 37.47 5.33 -21.58
N ASN B 32 37.65 4.21 -20.86
CA ASN B 32 36.87 3.00 -21.11
C ASN B 32 36.30 2.46 -19.81
N VAL B 33 35.14 1.82 -19.92
CA VAL B 33 34.48 1.18 -18.79
C VAL B 33 33.63 0.03 -19.33
N TRP B 34 33.57 -1.05 -18.55
CA TRP B 34 32.86 -2.26 -18.94
C TRP B 34 31.97 -2.74 -17.80
N ASP B 35 30.76 -3.21 -18.15
CA ASP B 35 29.79 -3.63 -17.15
C ASP B 35 29.04 -4.88 -17.59
N GLU B 36 29.69 -5.78 -18.31
CA GLU B 36 29.03 -6.98 -18.82
C GLU B 36 28.91 -8.07 -17.77
N SER B 37 29.56 -7.94 -16.62
CA SER B 37 29.49 -8.97 -15.60
C SER B 37 28.07 -9.11 -15.06
N ASP B 38 27.65 -10.35 -14.83
CA ASP B 38 26.32 -10.59 -14.26
C ASP B 38 26.21 -10.00 -12.86
N ASP B 39 27.25 -10.18 -12.04
CA ASP B 39 27.25 -9.61 -10.70
C ASP B 39 27.24 -8.08 -10.74
N GLY B 40 27.67 -7.49 -11.85
CA GLY B 40 27.75 -6.05 -11.97
C GLY B 40 29.13 -5.46 -11.76
N SER B 41 30.17 -6.28 -11.66
CA SER B 41 31.51 -5.76 -11.48
C SER B 41 31.88 -4.84 -12.64
N ILE B 42 32.52 -3.73 -12.31
CA ILE B 42 32.83 -2.67 -13.26
C ILE B 42 34.34 -2.56 -13.41
N ARG B 43 34.81 -2.57 -14.65
CA ARG B 43 36.22 -2.42 -14.98
C ARG B 43 36.46 -0.97 -15.40
N ILE B 44 37.39 -0.30 -14.72
CA ILE B 44 37.71 1.09 -14.97
C ILE B 44 39.17 1.18 -15.42
N GLN B 45 39.41 1.89 -16.51
CA GLN B 45 40.73 2.12 -17.05
C GLN B 45 41.12 3.58 -16.83
N VAL B 46 42.32 3.80 -16.30
CA VAL B 46 42.80 5.14 -16.02
C VAL B 46 44.20 5.30 -16.60
N SER B 47 44.54 6.54 -16.94
CA SER B 47 45.87 6.83 -17.49
C SER B 47 46.96 6.53 -16.48
N ALA B 48 46.76 6.91 -15.23
CA ALA B 48 47.76 6.72 -14.19
C ALA B 48 47.97 5.23 -13.92
N GLN B 49 48.90 4.94 -13.01
CA GLN B 49 49.26 3.57 -12.67
C GLN B 49 49.22 3.39 -11.16
N PHE B 50 48.71 2.23 -10.75
CA PHE B 50 48.70 1.82 -9.34
C PHE B 50 48.59 0.31 -9.30
N GLY B 51 48.70 -0.23 -8.08
CA GLY B 51 48.85 -1.66 -7.89
C GLY B 51 50.28 -2.15 -8.04
N TYR B 52 51.17 -1.30 -8.53
CA TYR B 52 52.60 -1.57 -8.60
C TYR B 52 53.36 -0.35 -8.09
N ASN B 53 54.66 -0.51 -7.95
CA ASN B 53 55.50 0.62 -7.55
C ASN B 53 55.60 1.62 -8.69
N GLN B 54 56.01 2.84 -8.33
CA GLN B 54 56.18 3.89 -9.33
C GLN B 54 57.15 3.44 -10.41
N ALA B 55 56.82 3.77 -11.65
CA ALA B 55 57.66 3.39 -12.78
C ALA B 55 59.08 3.94 -12.60
N GLY B 56 60.06 3.09 -12.83
CA GLY B 56 61.45 3.46 -12.68
C GLY B 56 62.00 3.38 -11.27
N THR B 57 61.17 3.00 -10.30
CA THR B 57 61.63 2.87 -8.92
C THR B 57 62.42 1.58 -8.73
N ALA B 58 63.24 1.56 -7.68
CA ALA B 58 64.06 0.38 -7.41
C ALA B 58 63.21 -0.87 -7.31
N ASP B 59 62.15 -0.83 -6.51
CA ASP B 59 61.18 -1.91 -6.45
C ASP B 59 60.04 -1.65 -7.42
N VAL B 60 59.41 -2.73 -7.86
CA VAL B 60 58.41 -2.66 -8.92
C VAL B 60 56.99 -2.90 -8.38
N THR B 61 56.83 -3.76 -7.38
CA THR B 61 55.52 -4.13 -6.87
C THR B 61 55.31 -3.52 -5.49
N LYS B 62 54.24 -2.75 -5.35
CA LYS B 62 53.85 -2.21 -4.05
C LYS B 62 52.39 -1.80 -4.12
N PHE B 63 51.53 -2.52 -3.40
CA PHE B 63 50.10 -2.25 -3.46
C PHE B 63 49.77 -0.86 -2.95
N ARG B 64 50.36 -0.46 -1.83
CA ARG B 64 49.99 0.81 -1.20
C ARG B 64 50.41 2.02 -2.02
N TYR B 65 51.35 1.86 -2.96
CA TYR B 65 51.83 3.00 -3.71
C TYR B 65 50.80 3.46 -4.74
N MET B 66 50.89 4.75 -5.08
CA MET B 66 49.98 5.40 -6.02
C MET B 66 50.80 6.34 -6.91
N SER B 67 51.17 5.85 -8.09
CA SER B 67 52.04 6.57 -9.01
C SER B 67 51.20 7.51 -9.87
N TYR B 68 51.66 8.75 -9.99
CA TYR B 68 51.06 9.71 -10.91
C TYR B 68 52.16 10.66 -11.37
N ASP B 69 51.77 11.62 -12.21
CA ASP B 69 52.74 12.51 -12.84
C ASP B 69 52.20 13.92 -12.92
N HIS B 70 53.09 14.89 -12.68
CA HIS B 70 52.78 16.30 -12.78
C HIS B 70 54.08 17.08 -12.63
N ASP B 71 54.01 18.37 -12.93
CA ASP B 71 55.17 19.26 -12.82
C ASP B 71 56.42 18.60 -13.42
N HIS B 72 56.29 18.12 -14.67
CA HIS B 72 57.34 17.44 -15.42
C HIS B 72 58.08 16.40 -14.57
N ASP B 73 57.35 15.53 -13.86
CA ASP B 73 57.99 14.44 -13.12
C ASP B 73 56.92 13.51 -12.58
N ILE B 74 57.31 12.24 -12.44
CA ILE B 74 56.43 11.23 -11.86
C ILE B 74 56.80 11.02 -10.39
N LYS B 75 55.85 10.51 -9.62
CA LYS B 75 56.07 10.29 -8.19
C LYS B 75 55.03 9.33 -7.65
N GLU B 76 55.28 8.85 -6.43
CA GLU B 76 54.41 7.92 -5.74
C GLU B 76 53.36 8.67 -4.91
N ASP B 77 52.51 7.90 -4.25
CA ASP B 77 51.51 8.40 -3.32
C ASP B 77 50.81 7.20 -2.69
N SER B 78 49.97 7.47 -1.69
CA SER B 78 49.24 6.40 -1.02
C SER B 78 47.94 6.12 -1.76
N MET B 79 47.70 4.83 -2.08
CA MET B 79 46.47 4.45 -2.76
C MET B 79 45.25 4.56 -1.87
N GLU B 80 45.43 4.53 -0.55
CA GLU B 80 44.29 4.56 0.37
C GLU B 80 43.46 5.82 0.22
N LYS B 81 44.03 6.87 -0.37
CA LYS B 81 43.33 8.14 -0.55
C LYS B 81 42.51 8.17 -1.83
N LEU B 82 42.26 7.02 -2.46
CA LEU B 82 41.50 6.93 -3.70
C LEU B 82 40.09 6.43 -3.41
N ALA B 83 39.10 7.10 -4.01
CA ALA B 83 37.70 6.75 -3.80
C ALA B 83 36.98 6.73 -5.15
N ILE B 84 35.92 5.93 -5.21
CA ILE B 84 35.10 5.79 -6.42
C ILE B 84 33.65 5.94 -6.02
N SER B 85 32.87 6.59 -6.89
CA SER B 85 31.45 6.82 -6.60
C SER B 85 30.68 6.96 -7.90
N THR B 86 29.52 6.31 -7.97
CA THR B 86 28.57 6.49 -9.07
C THR B 86 27.27 7.12 -8.57
N SER B 87 26.63 6.50 -7.59
CA SER B 87 25.50 7.09 -6.88
C SER B 87 25.76 7.15 -5.38
N GLY B 88 27.02 6.98 -4.97
CA GLY B 88 27.38 6.90 -3.57
C GLY B 88 28.73 6.23 -3.43
N PRO B 89 29.11 5.89 -2.20
CA PRO B 89 30.39 5.20 -2.00
C PRO B 89 30.44 3.89 -2.78
N CYS B 90 31.61 3.59 -3.33
CA CYS B 90 31.86 2.35 -4.05
C CYS B 90 33.00 1.60 -3.38
N ARG B 91 32.90 0.27 -3.40
CA ARG B 91 33.91 -0.59 -2.79
C ARG B 91 34.92 -1.03 -3.85
N ARG B 92 36.18 -1.11 -3.44
CA ARG B 92 37.25 -1.55 -4.32
C ARG B 92 37.34 -3.06 -4.33
N LEU B 93 37.27 -3.65 -5.52
CA LEU B 93 37.45 -5.09 -5.66
C LEU B 93 38.90 -5.44 -5.96
N GLY B 94 39.59 -4.62 -6.74
CA GLY B 94 41.00 -4.84 -6.99
C GLY B 94 41.54 -3.82 -7.96
N HIS B 95 42.87 -3.81 -8.07
CA HIS B 95 43.57 -2.91 -8.98
C HIS B 95 44.81 -3.60 -9.51
N LYS B 96 45.16 -3.30 -10.76
CA LYS B 96 46.33 -3.91 -11.39
C LYS B 96 46.71 -3.06 -12.60
N GLY B 97 47.96 -2.61 -12.64
CA GLY B 97 48.43 -1.85 -13.79
C GLY B 97 47.55 -0.65 -14.03
N TYR B 98 47.09 -0.50 -15.27
CA TYR B 98 46.25 0.63 -15.65
C TYR B 98 44.81 0.48 -15.18
N PHE B 99 44.37 -0.74 -14.87
CA PHE B 99 42.95 -1.04 -14.72
C PHE B 99 42.61 -1.35 -13.27
N LEU B 100 41.31 -1.30 -12.98
CA LEU B 100 40.79 -1.67 -11.67
C LEU B 100 39.40 -2.27 -11.84
N LEU B 101 38.99 -3.03 -10.84
CA LEU B 101 37.65 -3.58 -10.75
C LEU B 101 36.99 -3.13 -9.46
N ALA B 102 35.73 -2.73 -9.56
CA ALA B 102 34.95 -2.30 -8.41
C ALA B 102 33.54 -2.86 -8.52
N GLN B 103 32.73 -2.60 -7.50
CA GLN B 103 31.34 -3.05 -7.48
C GLN B 103 30.56 -2.13 -6.54
N CYS B 104 29.54 -1.46 -7.08
CA CYS B 104 28.75 -0.53 -6.29
C CYS B 104 27.46 -0.22 -7.05
N PRO B 105 26.46 0.39 -6.43
CA PRO B 105 25.13 0.44 -7.05
C PRO B 105 25.13 1.27 -8.32
N PRO B 106 24.08 1.16 -9.15
CA PRO B 106 24.08 1.84 -10.45
C PRO B 106 23.93 3.35 -10.32
N GLY B 107 23.85 4.02 -11.47
CA GLY B 107 23.69 5.46 -11.52
C GLY B 107 23.67 5.98 -12.94
N ASP B 108 24.34 7.12 -13.17
CA ASP B 108 24.47 7.68 -14.51
C ASP B 108 25.89 8.06 -14.88
N SER B 109 26.81 8.16 -13.91
CA SER B 109 28.20 8.47 -14.21
C SER B 109 29.07 7.83 -13.13
N VAL B 110 30.34 7.67 -13.46
CA VAL B 110 31.31 7.05 -12.56
C VAL B 110 32.44 8.05 -12.33
N THR B 111 32.79 8.29 -11.07
CA THR B 111 33.78 9.27 -10.67
C THR B 111 34.85 8.60 -9.82
N VAL B 112 36.10 8.97 -10.05
CA VAL B 112 37.23 8.54 -9.25
C VAL B 112 37.96 9.77 -8.76
N SER B 113 38.23 9.84 -7.46
CA SER B 113 38.84 11.00 -6.85
C SER B 113 40.00 10.57 -5.95
N ILE B 114 40.98 11.45 -5.83
CA ILE B 114 42.13 11.23 -4.94
C ILE B 114 42.45 12.54 -4.24
N THR B 115 42.67 12.46 -2.93
CA THR B 115 43.04 13.63 -2.13
C THR B 115 44.54 13.59 -1.87
N SER B 116 45.23 14.68 -2.22
CA SER B 116 46.67 14.78 -2.05
C SER B 116 47.05 15.32 -0.68
N GLY B 117 46.18 15.20 0.31
CA GLY B 117 46.43 15.75 1.63
C GLY B 117 46.01 17.20 1.76
N ALA B 118 46.39 18.02 0.78
CA ALA B 118 45.98 19.42 0.74
C ALA B 118 45.12 19.77 -0.46
N SER B 119 45.13 18.96 -1.51
CA SER B 119 44.33 19.20 -2.71
C SER B 119 43.65 17.91 -3.12
N GLU B 120 42.53 18.04 -3.82
CA GLU B 120 41.74 16.90 -4.30
C GLU B 120 41.57 17.01 -5.81
N ASN B 121 41.73 15.88 -6.49
CA ASN B 121 41.55 15.79 -7.94
C ASN B 121 40.56 14.69 -8.25
N SER B 122 39.51 15.02 -8.98
CA SER B 122 38.45 14.07 -9.31
C SER B 122 38.19 14.11 -10.81
N CYS B 123 37.99 12.92 -11.39
CA CYS B 123 37.66 12.79 -12.80
C CYS B 123 36.56 11.75 -12.95
N THR B 124 35.58 12.05 -13.80
CA THR B 124 34.44 11.16 -13.98
C THR B 124 34.03 11.11 -15.44
N VAL B 125 33.28 10.07 -15.78
CA VAL B 125 32.77 9.87 -17.13
C VAL B 125 31.33 9.37 -17.02
N GLU B 126 30.49 9.86 -17.92
CA GLU B 126 29.11 9.42 -17.98
C GLU B 126 29.03 7.98 -18.48
N LYS B 127 28.06 7.24 -17.97
CA LYS B 127 27.84 5.86 -18.40
C LYS B 127 26.50 5.39 -17.87
N LYS B 128 25.76 4.69 -18.72
CA LYS B 128 24.46 4.12 -18.33
C LYS B 128 24.72 2.84 -17.55
N ILE B 129 24.58 2.92 -16.22
CA ILE B 129 24.74 1.77 -15.35
C ILE B 129 23.39 1.47 -14.73
N ARG B 130 22.89 0.26 -14.97
CA ARG B 130 21.61 -0.18 -14.43
C ARG B 130 21.76 -1.60 -13.89
N ARG B 131 21.25 -1.81 -12.68
CA ARG B 131 21.32 -3.12 -12.05
C ARG B 131 20.53 -4.14 -12.85
N LYS B 132 21.11 -5.32 -13.03
CA LYS B 132 20.48 -6.40 -13.78
C LYS B 132 20.74 -7.72 -13.08
N PHE B 133 19.85 -8.68 -13.29
CA PHE B 133 19.95 -10.00 -12.69
C PHE B 133 19.59 -11.06 -13.71
N VAL B 134 20.08 -12.27 -13.46
CA VAL B 134 19.78 -13.41 -14.32
C VAL B 134 18.54 -14.11 -13.79
N GLY B 135 17.87 -14.84 -14.68
CA GLY B 135 16.67 -15.58 -14.33
C GLY B 135 15.43 -14.95 -14.93
N ARG B 136 14.29 -15.55 -14.59
CA ARG B 136 13.00 -15.11 -15.09
C ARG B 136 12.36 -14.03 -14.22
N GLU B 137 12.99 -13.68 -13.10
CA GLU B 137 12.48 -12.63 -12.22
C GLU B 137 13.61 -11.66 -11.90
N GLU B 138 13.36 -10.38 -12.08
CA GLU B 138 14.33 -9.33 -11.75
C GLU B 138 14.10 -8.94 -10.29
N TYR B 139 14.89 -9.54 -9.40
CA TYR B 139 14.73 -9.34 -7.97
C TYR B 139 15.59 -8.16 -7.51
N LEU B 140 15.69 -7.96 -6.21
CA LEU B 140 16.50 -6.90 -5.64
C LEU B 140 17.91 -7.37 -5.32
N PHE B 141 18.02 -8.48 -4.59
CA PHE B 141 19.30 -9.06 -4.20
C PHE B 141 19.18 -10.58 -4.25
N PRO B 142 20.28 -11.28 -4.54
CA PRO B 142 20.23 -12.75 -4.54
C PRO B 142 19.76 -13.27 -3.19
N PRO B 143 18.94 -14.31 -3.17
CA PRO B 143 18.42 -14.83 -1.90
C PRO B 143 19.36 -15.87 -1.29
N VAL B 144 19.01 -16.26 -0.06
CA VAL B 144 19.77 -17.31 0.62
C VAL B 144 19.51 -18.67 -0.03
N HIS B 145 18.27 -18.92 -0.42
CA HIS B 145 17.86 -20.21 -0.97
C HIS B 145 17.27 -20.04 -2.36
N GLY B 146 17.52 -21.01 -3.21
CA GLY B 146 16.99 -20.99 -4.57
C GLY B 146 17.79 -21.91 -5.46
N LYS B 147 17.45 -21.87 -6.75
CA LYS B 147 18.16 -22.69 -7.72
C LYS B 147 19.54 -22.12 -8.01
N LEU B 148 20.40 -22.95 -8.57
CA LEU B 148 21.75 -22.56 -8.98
C LEU B 148 21.85 -22.67 -10.49
N VAL B 149 22.39 -21.62 -11.12
CA VAL B 149 22.48 -21.52 -12.56
C VAL B 149 23.88 -21.05 -12.92
N LYS B 150 24.20 -21.07 -14.21
CA LYS B 150 25.47 -20.53 -14.69
C LYS B 150 25.37 -19.02 -14.85
N CYS B 151 26.49 -18.34 -14.65
CA CYS B 151 26.58 -16.90 -14.82
C CYS B 151 28.01 -16.57 -15.22
N HIS B 152 28.25 -15.29 -15.52
CA HIS B 152 29.56 -14.81 -15.92
C HIS B 152 29.95 -13.65 -15.02
N VAL B 153 31.17 -13.68 -14.48
CA VAL B 153 31.65 -12.66 -13.56
C VAL B 153 33.13 -12.45 -13.77
N TYR B 154 33.61 -11.26 -13.40
CA TYR B 154 35.03 -10.94 -13.45
C TYR B 154 35.69 -11.43 -12.16
N ASP B 155 36.69 -12.29 -12.29
CA ASP B 155 37.34 -12.87 -11.13
C ASP B 155 38.07 -11.80 -10.34
N HIS B 156 38.11 -11.98 -9.02
CA HIS B 156 38.81 -11.08 -8.11
C HIS B 156 40.26 -11.48 -7.91
N LEU B 157 40.82 -12.30 -8.81
CA LEU B 157 42.20 -12.77 -8.73
C LEU B 157 43.03 -12.02 -9.76
N LYS B 158 44.20 -11.53 -9.31
CA LYS B 158 45.07 -10.76 -10.20
C LYS B 158 45.33 -11.51 -11.50
N GLU B 159 45.56 -12.82 -11.41
CA GLU B 159 45.85 -13.62 -12.59
C GLU B 159 44.73 -13.50 -13.61
N THR B 160 45.11 -13.21 -14.86
CA THR B 160 44.13 -13.01 -15.93
C THR B 160 44.61 -13.73 -17.18
N SER B 161 43.65 -14.23 -17.96
CA SER B 161 43.94 -14.98 -19.18
C SER B 161 43.07 -14.50 -20.34
N ALA B 162 42.67 -13.23 -20.32
CA ALA B 162 41.87 -12.66 -21.39
C ALA B 162 42.38 -11.28 -21.74
N GLY B 163 42.10 -10.86 -22.97
CA GLY B 163 42.43 -9.53 -23.42
C GLY B 163 43.85 -9.41 -23.93
N TYR B 164 44.13 -8.27 -24.55
CA TYR B 164 45.44 -7.98 -25.10
C TYR B 164 45.49 -6.48 -25.38
N ILE B 165 46.44 -5.78 -24.75
CA ILE B 165 46.55 -4.34 -24.87
C ILE B 165 47.94 -4.00 -25.40
N THR B 166 47.99 -3.09 -26.37
CA THR B 166 49.26 -2.71 -26.98
C THR B 166 50.08 -1.85 -26.02
N MET B 167 51.35 -1.65 -26.37
CA MET B 167 52.25 -0.86 -25.54
C MET B 167 53.39 -0.39 -26.42
N HIS B 168 53.64 0.92 -26.45
CA HIS B 168 54.65 1.48 -27.32
C HIS B 168 55.30 2.70 -26.68
N ARG B 169 56.44 3.10 -27.22
CA ARG B 169 57.18 4.23 -26.69
C ARG B 169 56.45 5.54 -26.98
N PRO B 170 56.70 6.58 -26.19
CA PRO B 170 55.96 7.83 -26.33
C PRO B 170 56.52 8.72 -27.43
N GLY B 171 55.76 9.78 -27.72
CA GLY B 171 56.17 10.79 -28.66
C GLY B 171 56.81 11.98 -27.97
N PRO B 172 56.93 13.10 -28.70
CA PRO B 172 57.54 14.30 -28.10
C PRO B 172 56.63 14.99 -27.09
N HIS B 173 57.14 16.03 -26.43
CA HIS B 173 56.36 16.77 -25.45
C HIS B 173 56.81 18.22 -25.46
N ALA B 174 55.94 19.11 -24.96
CA ALA B 174 56.17 20.55 -25.07
C ALA B 174 56.08 21.22 -23.70
N TYR B 175 56.76 22.35 -23.58
CA TYR B 175 56.75 23.15 -22.36
C TYR B 175 57.12 24.58 -22.73
N LYS B 176 56.76 25.52 -21.85
CA LYS B 176 57.18 26.90 -22.02
C LYS B 176 58.35 27.26 -21.12
N SER B 177 58.37 26.74 -19.88
CA SER B 177 59.37 27.12 -18.90
C SER B 177 60.78 26.90 -19.43
N TYR B 178 60.93 25.97 -20.37
CA TYR B 178 62.24 25.77 -21.00
C TYR B 178 62.70 27.03 -21.73
N LEU B 179 61.75 27.80 -22.27
CA LEU B 179 62.06 28.99 -23.05
C LEU B 179 61.64 30.23 -22.28
N GLU B 180 62.55 31.20 -22.16
CA GLU B 180 62.28 32.48 -21.53
C GLU B 180 62.54 33.59 -22.54
N GLU B 181 61.64 34.56 -22.60
CA GLU B 181 61.70 35.62 -23.61
C GLU B 181 61.42 36.97 -22.98
N ALA B 182 62.00 37.22 -21.79
CA ALA B 182 61.84 38.53 -21.17
C ALA B 182 62.49 39.62 -22.02
N SER B 183 63.66 39.35 -22.56
CA SER B 183 64.38 40.31 -23.39
C SER B 183 64.04 40.08 -24.87
N GLY B 184 64.49 41.02 -25.71
CA GLY B 184 64.25 40.88 -27.13
C GLY B 184 64.91 39.64 -27.71
N GLU B 185 66.13 39.35 -27.30
CA GLU B 185 66.83 38.17 -27.76
C GLU B 185 66.32 36.93 -27.03
N VAL B 186 66.34 35.81 -27.74
CA VAL B 186 65.79 34.55 -27.22
C VAL B 186 66.59 34.09 -26.02
N TYR B 187 65.95 33.32 -25.15
CA TYR B 187 66.64 32.67 -24.04
C TYR B 187 65.96 31.34 -23.74
N ILE B 188 66.77 30.29 -23.63
CA ILE B 188 66.28 28.95 -23.28
C ILE B 188 67.00 28.51 -22.02
N LYS B 189 66.23 28.07 -21.02
CA LYS B 189 66.76 27.66 -19.73
C LYS B 189 66.22 26.27 -19.39
N PRO B 190 66.81 25.22 -19.97
CA PRO B 190 66.33 23.88 -19.67
C PRO B 190 66.57 23.52 -18.22
N PRO B 191 65.76 22.63 -17.65
CA PRO B 191 65.97 22.23 -16.25
C PRO B 191 67.37 21.66 -16.06
N SER B 192 67.96 21.97 -14.91
CA SER B 192 69.32 21.53 -14.64
C SER B 192 69.40 20.00 -14.59
N GLY B 193 70.51 19.47 -15.10
CA GLY B 193 70.72 18.03 -15.08
C GLY B 193 69.74 17.25 -15.94
N LYS B 194 69.46 17.72 -17.15
CA LYS B 194 68.55 17.03 -18.05
C LYS B 194 68.88 17.41 -19.48
N ASN B 195 69.16 16.41 -20.31
CA ASN B 195 69.33 16.64 -21.73
C ASN B 195 68.04 17.17 -22.33
N VAL B 196 68.16 18.12 -23.27
CA VAL B 196 67.00 18.73 -23.90
C VAL B 196 67.33 19.03 -25.36
N THR B 197 66.30 18.96 -26.20
CA THR B 197 66.40 19.35 -27.60
C THR B 197 65.53 20.59 -27.81
N TYR B 198 65.85 21.36 -28.86
CA TYR B 198 65.02 22.51 -29.20
C TYR B 198 65.05 22.72 -30.71
N GLU B 199 63.96 23.28 -31.23
CA GLU B 199 63.77 23.47 -32.65
C GLU B 199 63.20 24.86 -32.93
N CYS B 200 63.61 25.44 -34.06
CA CYS B 200 63.12 26.71 -34.56
C CYS B 200 63.17 26.66 -36.09
N LYS B 201 62.24 27.36 -36.75
CA LYS B 201 62.13 27.27 -38.21
C LYS B 201 62.55 28.52 -38.98
N CYS B 202 62.72 29.68 -38.34
CA CYS B 202 63.15 30.85 -39.09
C CYS B 202 64.36 30.54 -39.97
N GLY B 203 64.21 30.79 -41.27
CA GLY B 203 65.27 30.51 -42.21
C GLY B 203 65.40 29.05 -42.57
N ASP B 204 65.49 28.19 -41.55
CA ASP B 204 65.64 26.76 -41.76
C ASP B 204 65.20 26.04 -40.50
N TYR B 205 64.95 24.74 -40.65
CA TYR B 205 64.56 23.89 -39.52
C TYR B 205 65.81 23.58 -38.70
N SER B 206 66.22 24.56 -37.90
CA SER B 206 67.43 24.47 -37.09
C SER B 206 67.10 23.97 -35.70
N THR B 207 67.82 22.94 -35.26
CA THR B 207 67.63 22.35 -33.95
C THR B 207 68.96 22.27 -33.23
N GLY B 208 68.89 22.31 -31.91
CA GLY B 208 70.07 22.24 -31.07
C GLY B 208 69.81 21.42 -29.83
N ILE B 209 70.87 20.74 -29.38
CA ILE B 209 70.81 19.86 -28.21
C ILE B 209 71.64 20.49 -27.10
N VAL B 210 71.07 20.54 -25.90
CA VAL B 210 71.73 21.13 -24.73
C VAL B 210 71.75 20.09 -23.62
N SER B 211 72.95 19.81 -23.11
CA SER B 211 73.12 18.94 -21.93
C SER B 211 73.35 19.85 -20.74
N THR B 212 72.25 20.35 -20.18
CA THR B 212 72.29 21.33 -19.10
C THR B 212 72.92 22.63 -19.59
N ARG B 213 72.51 23.08 -20.77
CA ARG B 213 73.09 24.24 -21.42
C ARG B 213 71.98 25.14 -21.97
N THR B 214 72.31 26.42 -22.11
CA THR B 214 71.41 27.42 -22.66
C THR B 214 72.00 27.86 -24.00
N LYS B 215 71.47 27.30 -25.09
CA LYS B 215 71.94 27.59 -26.44
C LYS B 215 70.97 28.56 -27.10
N MET B 216 71.51 29.66 -27.65
CA MET B 216 70.67 30.69 -28.21
C MET B 216 70.30 30.34 -29.66
N ASN B 217 69.31 31.04 -30.19
CA ASN B 217 68.92 30.90 -31.58
C ASN B 217 68.71 32.28 -32.18
N GLY B 218 68.92 32.39 -33.49
CA GLY B 218 68.93 33.69 -34.14
C GLY B 218 67.59 34.39 -34.10
N CYS B 219 66.52 33.66 -34.43
CA CYS B 219 65.21 34.29 -34.57
C CYS B 219 64.64 34.61 -33.20
N THR B 220 63.90 35.72 -33.12
CA THR B 220 63.65 36.36 -31.82
C THR B 220 62.30 35.97 -31.21
N LYS B 221 61.25 35.83 -32.03
CA LYS B 221 59.90 35.71 -31.50
C LYS B 221 59.77 34.51 -30.58
N ALA B 222 58.99 34.69 -29.50
CA ALA B 222 58.84 33.65 -28.49
C ALA B 222 58.21 32.40 -29.07
N LYS B 223 57.20 32.56 -29.92
CA LYS B 223 56.55 31.40 -30.52
C LYS B 223 57.52 30.59 -31.36
N GLN B 224 58.66 31.18 -31.74
CA GLN B 224 59.50 30.63 -32.80
C GLN B 224 60.36 29.45 -32.38
N CYS B 225 60.22 28.94 -31.16
CA CYS B 225 61.05 27.82 -30.74
C CYS B 225 60.29 26.94 -29.75
N ILE B 226 60.56 25.64 -29.81
CA ILE B 226 60.00 24.68 -28.87
C ILE B 226 61.12 23.78 -28.36
N ALA B 227 60.88 23.15 -27.22
CA ALA B 227 61.86 22.28 -26.60
C ALA B 227 61.22 20.95 -26.23
N TYR B 228 62.05 19.91 -26.24
CA TYR B 228 61.65 18.54 -25.90
C TYR B 228 62.56 18.03 -24.79
N LYS B 229 61.96 17.47 -23.74
CA LYS B 229 62.70 16.74 -22.72
C LYS B 229 62.76 15.26 -23.05
N ARG B 230 63.17 14.96 -24.29
CA ARG B 230 63.08 13.60 -24.80
C ARG B 230 63.84 12.63 -23.91
N ASP B 231 63.17 11.54 -23.54
CA ASP B 231 63.78 10.49 -22.73
C ASP B 231 63.59 9.14 -23.41
N GLN B 232 62.45 8.96 -24.06
CA GLN B 232 62.11 7.73 -24.78
C GLN B 232 62.59 6.50 -24.02
N THR B 233 62.21 6.42 -22.75
CA THR B 233 62.57 5.32 -21.87
C THR B 233 61.39 4.47 -21.47
N LYS B 234 60.33 5.08 -20.94
CA LYS B 234 59.16 4.37 -20.46
C LYS B 234 58.08 4.38 -21.54
N TRP B 235 57.54 3.21 -21.84
CA TRP B 235 56.54 3.09 -22.89
C TRP B 235 55.20 3.66 -22.42
N VAL B 236 54.36 4.02 -23.39
CA VAL B 236 53.04 4.60 -23.12
C VAL B 236 52.01 3.90 -23.98
N PHE B 237 50.74 4.09 -23.61
CA PHE B 237 49.62 3.52 -24.33
C PHE B 237 49.08 4.50 -25.37
N ASN B 238 48.45 3.94 -26.40
CA ASN B 238 47.85 4.72 -27.48
C ASN B 238 46.55 5.34 -26.97
N SER B 239 46.61 6.62 -26.62
CA SER B 239 45.45 7.34 -26.14
C SER B 239 45.29 8.64 -26.91
N PRO B 240 44.06 9.15 -27.05
CA PRO B 240 43.87 10.38 -27.82
C PRO B 240 44.61 11.57 -27.25
N ASP B 241 44.75 11.66 -25.93
CA ASP B 241 45.43 12.80 -25.33
C ASP B 241 46.92 12.80 -25.62
N LEU B 242 47.49 11.67 -26.00
CA LEU B 242 48.93 11.58 -26.26
C LEU B 242 49.21 11.86 -27.72
N ILE B 243 50.49 11.94 -28.07
CA ILE B 243 50.94 12.30 -29.41
C ILE B 243 51.84 11.20 -29.94
N ARG B 244 51.55 10.72 -31.14
CA ARG B 244 52.31 9.65 -31.74
C ARG B 244 53.72 10.10 -32.09
N HIS B 245 54.69 9.21 -31.86
CA HIS B 245 56.05 9.44 -32.32
C HIS B 245 56.17 9.13 -33.81
N THR B 246 57.25 9.62 -34.42
CA THR B 246 57.44 9.41 -35.85
C THR B 246 57.57 7.94 -36.20
N ASP B 247 58.17 7.14 -35.32
CA ASP B 247 58.36 5.73 -35.61
C ASP B 247 57.03 5.00 -35.74
N HIS B 248 56.09 5.27 -34.83
CA HIS B 248 54.79 4.62 -34.83
C HIS B 248 54.94 3.10 -34.92
N SER B 249 55.79 2.56 -34.05
CA SER B 249 56.10 1.14 -34.03
C SER B 249 55.67 0.54 -32.69
N VAL B 250 55.05 -0.64 -32.76
CA VAL B 250 54.67 -1.35 -31.54
C VAL B 250 55.90 -1.92 -30.87
N GLN B 251 55.89 -1.95 -29.54
CA GLN B 251 57.04 -2.42 -28.77
C GLN B 251 56.72 -3.53 -27.78
N GLY B 252 55.46 -3.73 -27.40
CA GLY B 252 55.13 -4.77 -26.44
C GLY B 252 53.64 -4.83 -26.19
N LYS B 253 53.27 -5.71 -25.26
CA LYS B 253 51.88 -5.93 -24.93
C LYS B 253 51.72 -6.04 -23.42
N LEU B 254 50.47 -6.01 -22.98
CA LEU B 254 50.12 -6.24 -21.58
C LEU B 254 48.75 -6.90 -21.51
N HIS B 255 48.48 -7.54 -20.38
CA HIS B 255 47.23 -8.23 -20.13
C HIS B 255 46.27 -7.34 -19.37
N ILE B 256 45.00 -7.38 -19.74
CA ILE B 256 43.97 -6.68 -18.98
C ILE B 256 43.60 -7.55 -17.77
N PRO B 257 43.64 -7.00 -16.55
CA PRO B 257 43.43 -7.86 -15.37
C PRO B 257 41.98 -8.25 -15.20
N PHE B 258 41.79 -9.29 -14.37
CA PHE B 258 40.47 -9.68 -13.90
C PHE B 258 39.55 -10.05 -15.08
N ARG B 259 39.93 -11.12 -15.77
CA ARG B 259 39.18 -11.56 -16.93
C ARG B 259 37.82 -12.12 -16.53
N LEU B 260 36.91 -12.15 -17.49
CA LEU B 260 35.61 -12.76 -17.29
C LEU B 260 35.73 -14.27 -17.24
N THR B 261 34.90 -14.90 -16.41
CA THR B 261 34.88 -16.34 -16.26
C THR B 261 33.47 -16.79 -15.92
N PRO B 262 33.04 -17.94 -16.42
CA PRO B 262 31.77 -18.51 -15.96
C PRO B 262 31.90 -19.08 -14.56
N THR B 263 30.77 -19.12 -13.85
CA THR B 263 30.74 -19.58 -12.48
C THR B 263 29.30 -19.79 -12.04
N VAL B 264 29.12 -20.62 -11.02
CA VAL B 264 27.80 -20.85 -10.45
C VAL B 264 27.28 -19.57 -9.81
N CYS B 265 25.97 -19.38 -9.87
CA CYS B 265 25.29 -18.21 -9.32
C CYS B 265 23.95 -18.64 -8.76
N PRO B 266 23.42 -17.93 -7.77
CA PRO B 266 22.10 -18.28 -7.23
C PRO B 266 20.97 -17.48 -7.88
N VAL B 267 19.79 -18.10 -7.87
CA VAL B 267 18.58 -17.44 -8.35
C VAL B 267 17.40 -17.84 -7.47
N PRO B 268 16.42 -16.95 -7.32
CA PRO B 268 15.30 -17.23 -6.43
C PRO B 268 14.35 -18.27 -6.99
N LEU B 269 13.58 -18.87 -6.09
CA LEU B 269 12.48 -19.75 -6.43
C LEU B 269 11.19 -19.07 -6.02
N ALA B 270 10.39 -18.66 -7.00
CA ALA B 270 9.19 -17.87 -6.72
C ALA B 270 8.12 -18.74 -6.07
N HIS B 271 7.20 -18.07 -5.39
CA HIS B 271 6.04 -18.72 -4.78
C HIS B 271 5.26 -19.46 -5.86
N THR B 272 5.22 -20.78 -5.78
CA THR B 272 4.57 -21.56 -6.82
C THR B 272 3.08 -21.24 -6.86
N PRO B 273 2.48 -21.07 -8.04
CA PRO B 273 1.07 -20.67 -8.10
C PRO B 273 0.13 -21.76 -7.63
N THR B 274 -1.17 -21.45 -7.62
CA THR B 274 -2.22 -22.40 -7.26
C THR B 274 -3.02 -22.73 -8.51
N VAL B 275 -3.10 -24.01 -8.84
CA VAL B 275 -3.82 -24.47 -10.03
C VAL B 275 -5.29 -24.62 -9.67
N THR B 276 -6.16 -24.02 -10.47
CA THR B 276 -7.59 -24.03 -10.25
C THR B 276 -8.27 -24.91 -11.31
N LYS B 277 -9.61 -24.89 -11.30
CA LYS B 277 -10.42 -25.76 -12.13
C LYS B 277 -11.24 -24.91 -13.10
N TRP B 278 -11.28 -25.30 -14.36
CA TRP B 278 -12.06 -24.59 -15.37
C TRP B 278 -12.25 -25.51 -16.57
N PHE B 279 -13.49 -25.72 -16.97
CA PHE B 279 -13.77 -26.64 -18.07
C PHE B 279 -13.12 -26.15 -19.36
N LYS B 280 -12.29 -27.00 -19.95
CA LYS B 280 -11.55 -26.66 -21.16
C LYS B 280 -10.66 -25.45 -20.95
N GLY B 281 -10.18 -25.25 -19.72
CA GLY B 281 -9.33 -24.12 -19.43
C GLY B 281 -8.72 -24.26 -18.05
N ILE B 282 -7.99 -23.23 -17.64
CA ILE B 282 -7.36 -23.19 -16.33
C ILE B 282 -7.26 -21.74 -15.88
N THR B 283 -7.59 -21.50 -14.61
CA THR B 283 -7.44 -20.19 -14.00
C THR B 283 -6.35 -20.28 -12.94
N LEU B 284 -5.35 -19.40 -13.04
CA LEU B 284 -4.21 -19.41 -12.15
C LEU B 284 -4.20 -18.15 -11.30
N HIS B 285 -4.14 -18.34 -9.97
CA HIS B 285 -4.04 -17.23 -9.04
C HIS B 285 -2.55 -16.99 -8.77
N LEU B 286 -1.93 -16.21 -9.64
CA LEU B 286 -0.50 -15.97 -9.57
C LEU B 286 -0.18 -15.00 -8.44
N THR B 287 0.82 -15.36 -7.64
CA THR B 287 1.25 -14.53 -6.51
C THR B 287 2.75 -14.28 -6.61
N ALA B 288 3.14 -13.02 -6.48
CA ALA B 288 4.53 -12.62 -6.56
C ALA B 288 4.71 -11.28 -5.87
N THR B 289 5.96 -10.97 -5.53
CA THR B 289 6.31 -9.71 -4.87
C THR B 289 7.14 -8.78 -5.72
N ARG B 290 7.84 -9.29 -6.73
CA ARG B 290 8.70 -8.52 -7.61
C ARG B 290 8.42 -8.91 -9.04
N PRO B 291 8.84 -8.09 -10.00
CA PRO B 291 8.57 -8.39 -11.41
C PRO B 291 9.11 -9.77 -11.78
N THR B 292 8.31 -10.51 -12.56
CA THR B 292 8.65 -11.86 -12.97
C THR B 292 8.14 -12.09 -14.38
N LEU B 293 8.79 -13.01 -15.08
CA LEU B 293 8.47 -13.34 -16.46
C LEU B 293 7.73 -14.67 -16.50
N LEU B 294 6.52 -14.65 -17.05
CA LEU B 294 5.72 -15.85 -17.26
C LEU B 294 5.54 -16.08 -18.75
N THR B 295 5.50 -17.35 -19.14
CA THR B 295 5.24 -17.69 -20.53
C THR B 295 4.67 -19.10 -20.61
N THR B 296 4.07 -19.39 -21.76
CA THR B 296 3.54 -20.71 -22.03
C THR B 296 3.19 -20.79 -23.52
N ARG B 297 2.96 -22.02 -23.98
CA ARG B 297 2.71 -22.26 -25.39
C ARG B 297 1.99 -23.59 -25.55
N LYS B 298 1.09 -23.65 -26.52
CA LYS B 298 0.39 -24.89 -26.82
C LYS B 298 1.35 -25.92 -27.40
N LEU B 299 1.10 -27.19 -27.06
CA LEU B 299 1.95 -28.29 -27.50
C LEU B 299 1.54 -28.84 -28.86
N GLY B 300 0.54 -28.25 -29.51
CA GLY B 300 0.06 -28.71 -30.79
C GLY B 300 0.77 -28.06 -31.96
N LEU B 301 0.15 -28.14 -33.13
CA LEU B 301 0.72 -27.52 -34.31
C LEU B 301 0.86 -26.02 -34.13
N ARG B 302 -0.14 -25.37 -33.56
CA ARG B 302 -0.08 -23.93 -33.33
C ARG B 302 0.79 -23.66 -32.11
N ALA B 303 1.84 -22.86 -32.30
CA ALA B 303 2.74 -22.54 -31.19
C ALA B 303 1.99 -21.81 -30.08
N ASP B 304 1.18 -20.82 -30.44
CA ASP B 304 0.40 -20.06 -29.47
C ASP B 304 1.31 -19.51 -28.37
N ALA B 305 2.47 -18.99 -28.78
CA ALA B 305 3.42 -18.45 -27.82
C ALA B 305 2.80 -17.28 -27.06
N THR B 306 2.93 -17.32 -25.73
CA THR B 306 2.43 -16.27 -24.86
C THR B 306 3.48 -15.94 -23.82
N ALA B 307 3.77 -14.65 -23.65
CA ALA B 307 4.73 -14.18 -22.65
C ALA B 307 4.17 -12.92 -22.01
N GLU B 308 4.53 -12.70 -20.75
CA GLU B 308 4.01 -11.56 -20.01
C GLU B 308 4.91 -11.30 -18.80
N TRP B 309 4.85 -10.06 -18.31
CA TRP B 309 5.52 -9.65 -17.09
C TRP B 309 4.49 -9.38 -16.02
N ILE B 310 4.73 -9.91 -14.81
CA ILE B 310 3.82 -9.77 -13.69
C ILE B 310 4.56 -9.08 -12.55
N THR B 311 4.01 -7.98 -12.06
CA THR B 311 4.64 -7.21 -11.00
C THR B 311 4.24 -7.73 -9.61
N GLY B 312 2.93 -7.72 -9.33
CA GLY B 312 2.43 -8.19 -8.05
C GLY B 312 1.77 -9.55 -8.16
N THR B 313 0.45 -9.58 -7.99
CA THR B 313 -0.32 -10.82 -8.08
C THR B 313 -1.68 -10.53 -8.69
N THR B 314 -2.27 -11.56 -9.28
CA THR B 314 -3.56 -11.42 -9.94
C THR B 314 -4.08 -12.81 -10.27
N SER B 315 -5.17 -12.86 -11.04
CA SER B 315 -5.73 -14.11 -11.54
C SER B 315 -5.80 -14.05 -13.06
N ARG B 316 -5.42 -15.14 -13.71
CA ARG B 316 -5.34 -15.17 -15.17
C ARG B 316 -6.02 -16.42 -15.70
N ASN B 317 -6.83 -16.23 -16.75
CA ASN B 317 -7.47 -17.34 -17.44
C ASN B 317 -6.59 -17.81 -18.60
N PHE B 318 -6.73 -19.09 -18.95
CA PHE B 318 -5.98 -19.66 -20.06
C PHE B 318 -6.80 -20.78 -20.67
N SER B 319 -7.13 -20.65 -21.96
CA SER B 319 -7.87 -21.68 -22.68
C SER B 319 -6.89 -22.77 -23.10
N VAL B 320 -6.81 -23.84 -22.30
CA VAL B 320 -5.87 -24.91 -22.58
C VAL B 320 -6.20 -25.56 -23.91
N GLY B 321 -5.16 -25.84 -24.70
CA GLY B 321 -5.37 -26.59 -25.91
C GLY B 321 -5.82 -28.00 -25.63
N ARG B 322 -6.58 -28.57 -26.58
CA ARG B 322 -7.11 -29.91 -26.40
C ARG B 322 -5.98 -30.91 -26.19
N GLU B 323 -4.98 -30.89 -27.06
CA GLU B 323 -3.88 -31.86 -26.99
C GLU B 323 -3.03 -31.63 -25.74
N GLY B 324 -2.69 -30.38 -25.45
CA GLY B 324 -1.82 -30.08 -24.32
C GLY B 324 -1.41 -28.64 -24.29
N LEU B 325 -0.76 -28.27 -23.18
CA LEU B 325 -0.28 -26.91 -22.97
C LEU B 325 0.96 -26.93 -22.11
N GLU B 326 1.82 -25.92 -22.29
CA GLU B 326 3.02 -25.75 -21.49
C GLU B 326 2.74 -24.82 -20.30
N TYR B 327 3.64 -24.86 -19.33
CA TYR B 327 3.50 -24.04 -18.13
C TYR B 327 4.91 -23.64 -17.67
N VAL B 328 5.34 -22.44 -18.08
CA VAL B 328 6.65 -21.91 -17.72
C VAL B 328 6.43 -20.75 -16.76
N TRP B 329 6.91 -20.93 -15.53
CA TRP B 329 6.86 -19.88 -14.52
C TRP B 329 7.97 -20.13 -13.52
N GLY B 330 8.60 -19.03 -13.07
CA GLY B 330 9.70 -19.15 -12.14
C GLY B 330 10.90 -19.85 -12.76
N ASN B 331 12.05 -19.76 -12.10
CA ASN B 331 13.25 -20.39 -12.63
C ASN B 331 13.22 -21.91 -12.53
N HIS B 332 12.25 -22.47 -11.81
CA HIS B 332 12.14 -23.92 -11.71
C HIS B 332 11.64 -24.51 -13.03
N GLU B 333 11.76 -25.82 -13.14
CA GLU B 333 11.39 -26.49 -14.38
C GLU B 333 9.89 -26.35 -14.63
N PRO B 334 9.47 -26.32 -15.89
CA PRO B 334 8.05 -26.15 -16.20
C PRO B 334 7.30 -27.47 -16.08
N VAL B 335 5.98 -27.39 -16.23
CA VAL B 335 5.10 -28.56 -16.20
C VAL B 335 4.17 -28.49 -17.40
N ARG B 336 3.73 -29.66 -17.84
CA ARG B 336 2.83 -29.79 -18.98
C ARG B 336 1.51 -30.37 -18.51
N VAL B 337 0.41 -29.74 -18.94
CA VAL B 337 -0.93 -30.12 -18.51
C VAL B 337 -1.84 -30.16 -19.74
N TRP B 338 -2.61 -31.23 -19.86
CA TRP B 338 -3.49 -31.46 -21.01
C TRP B 338 -4.95 -31.43 -20.56
N ALA B 339 -5.86 -31.56 -21.53
CA ALA B 339 -7.28 -31.41 -21.28
C ALA B 339 -8.06 -32.58 -21.84
N GLN B 340 -9.24 -32.83 -21.27
CA GLN B 340 -10.13 -33.88 -21.72
C GLN B 340 -11.56 -33.36 -21.63
N GLU B 341 -12.54 -34.27 -21.71
CA GLU B 341 -13.95 -33.92 -21.74
C GLU B 341 -14.66 -34.39 -20.47
N SER B 342 -15.66 -33.62 -20.05
CA SER B 342 -16.44 -33.97 -18.86
C SER B 342 -17.93 -33.71 -19.03
N ALA B 343 -18.41 -33.38 -20.22
CA ALA B 343 -19.81 -33.09 -20.42
C ALA B 343 -20.65 -34.36 -20.32
N PRO B 344 -21.94 -34.24 -20.00
CA PRO B 344 -22.81 -35.43 -19.83
C PRO B 344 -23.26 -36.04 -21.16
N GLY B 345 -22.40 -36.89 -21.71
CA GLY B 345 -22.65 -37.48 -23.01
C GLY B 345 -23.62 -38.64 -23.01
N ASP B 346 -23.30 -39.72 -22.31
CA ASP B 346 -24.11 -40.92 -22.38
C ASP B 346 -25.48 -40.68 -21.76
N PRO B 347 -26.56 -41.27 -22.33
CA PRO B 347 -27.87 -41.15 -21.70
C PRO B 347 -28.01 -42.05 -20.48
N HIS B 348 -29.22 -42.12 -19.91
CA HIS B 348 -29.49 -42.93 -18.73
C HIS B 348 -30.72 -43.80 -18.93
N GLY B 349 -31.00 -44.19 -20.18
CA GLY B 349 -32.15 -45.00 -20.49
C GLY B 349 -33.44 -44.22 -20.71
N TRP B 350 -33.43 -42.91 -20.50
CA TRP B 350 -34.59 -42.06 -20.70
C TRP B 350 -34.26 -40.99 -21.74
N PRO B 351 -35.23 -40.25 -22.24
CA PRO B 351 -34.91 -39.14 -23.15
C PRO B 351 -33.98 -38.14 -22.47
N HIS B 352 -33.03 -37.62 -23.24
CA HIS B 352 -32.02 -36.72 -22.70
C HIS B 352 -31.59 -35.73 -23.78
N GLU B 353 -31.05 -34.61 -23.33
CA GLU B 353 -30.49 -33.59 -24.23
C GLU B 353 -29.02 -33.89 -24.47
N ILE B 354 -28.78 -34.96 -25.22
CA ILE B 354 -27.42 -35.45 -25.42
C ILE B 354 -26.61 -34.44 -26.24
N ILE B 355 -27.26 -33.78 -27.20
CA ILE B 355 -26.54 -32.90 -28.13
C ILE B 355 -25.68 -31.89 -27.38
N ILE B 356 -26.13 -31.44 -26.21
CA ILE B 356 -25.37 -30.42 -25.47
C ILE B 356 -23.95 -30.88 -25.23
N HIS B 357 -23.78 -32.15 -24.85
CA HIS B 357 -22.43 -32.69 -24.67
C HIS B 357 -21.62 -32.53 -25.95
N TYR B 358 -22.17 -33.01 -27.08
CA TYR B 358 -21.49 -32.84 -28.35
C TYR B 358 -21.42 -31.38 -28.78
N TYR B 359 -22.21 -30.50 -28.17
CA TYR B 359 -22.06 -29.08 -28.42
C TYR B 359 -20.86 -28.50 -27.68
N HIS B 360 -20.53 -29.06 -26.51
CA HIS B 360 -19.41 -28.54 -25.74
C HIS B 360 -18.07 -28.92 -26.37
N ARG B 361 -18.01 -30.08 -27.02
CA ARG B 361 -16.82 -30.53 -27.72
C ARG B 361 -17.07 -30.54 -29.21
N HIS B 362 -16.11 -30.05 -29.98
CA HIS B 362 -16.27 -29.96 -31.42
C HIS B 362 -17.54 -29.21 -31.78
N PRO B 363 -17.58 -27.90 -31.59
CA PRO B 363 -18.78 -27.13 -32.01
C PRO B 363 -19.06 -27.29 -33.50
N VAL B 364 -18.05 -27.60 -34.30
CA VAL B 364 -18.27 -28.01 -35.68
C VAL B 364 -18.51 -29.52 -35.69
N TYR B 365 -19.22 -29.98 -36.72
CA TYR B 365 -19.61 -31.37 -36.93
C TYR B 365 -20.77 -31.80 -36.03
N THR B 366 -21.23 -30.93 -35.12
CA THR B 366 -22.30 -31.27 -34.20
C THR B 366 -23.63 -30.61 -34.52
N VAL B 367 -23.62 -29.50 -35.27
CA VAL B 367 -24.83 -28.81 -35.67
C VAL B 367 -25.18 -29.22 -37.10
N ILE B 368 -24.17 -29.61 -37.87
CA ILE B 368 -24.41 -30.03 -39.25
C ILE B 368 -25.27 -31.28 -39.28
N VAL B 369 -25.13 -32.16 -38.28
CA VAL B 369 -25.95 -33.37 -38.23
C VAL B 369 -27.42 -33.00 -38.09
N LEU B 370 -27.73 -32.02 -37.24
CA LEU B 370 -29.12 -31.60 -37.07
C LEU B 370 -29.67 -31.04 -38.37
N CYS B 371 -28.89 -30.19 -39.05
CA CYS B 371 -29.36 -29.61 -40.31
C CYS B 371 -29.58 -30.70 -41.35
N GLY B 372 -28.66 -31.67 -41.45
CA GLY B 372 -28.83 -32.75 -42.40
C GLY B 372 -30.06 -33.59 -42.10
N VAL B 373 -30.29 -33.90 -40.82
CA VAL B 373 -31.46 -34.68 -40.44
C VAL B 373 -32.73 -33.91 -40.78
N ALA B 374 -32.77 -32.62 -40.47
CA ALA B 374 -33.94 -31.81 -40.77
C ALA B 374 -34.20 -31.78 -42.27
N LEU B 375 -33.14 -31.59 -43.07
CA LEU B 375 -33.31 -31.56 -44.53
C LEU B 375 -33.82 -32.91 -45.03
N ALA B 376 -33.26 -34.01 -44.53
CA ALA B 376 -33.67 -35.33 -44.99
C ALA B 376 -35.13 -35.60 -44.65
N ILE B 377 -35.54 -35.30 -43.42
CA ILE B 377 -36.91 -35.56 -43.02
C ILE B 377 -37.88 -34.65 -43.77
N LEU B 378 -37.50 -33.38 -43.97
CA LEU B 378 -38.37 -32.49 -44.73
C LEU B 378 -38.52 -32.95 -46.17
N VAL B 379 -37.42 -33.37 -46.81
CA VAL B 379 -37.50 -33.85 -48.18
C VAL B 379 -38.37 -35.10 -48.25
N GLY B 380 -38.18 -36.03 -47.30
CA GLY B 380 -38.99 -37.23 -47.30
C GLY B 380 -40.47 -36.94 -47.13
N THR B 381 -40.79 -36.05 -46.18
CA THR B 381 -42.19 -35.70 -45.96
C THR B 381 -42.80 -35.01 -47.17
N ALA B 382 -42.06 -34.08 -47.78
CA ALA B 382 -42.58 -33.40 -48.95
C ALA B 382 -42.79 -34.36 -50.11
N SER B 383 -41.84 -35.26 -50.34
CA SER B 383 -41.99 -36.25 -51.40
C SER B 383 -43.18 -37.16 -51.14
N SER B 384 -43.34 -37.60 -49.90
CA SER B 384 -44.47 -38.46 -49.56
C SER B 384 -45.80 -37.73 -49.76
N ALA B 385 -45.87 -36.46 -49.33
CA ALA B 385 -47.10 -35.70 -49.49
C ALA B 385 -47.43 -35.50 -50.97
N ALA B 386 -46.43 -35.12 -51.77
CA ALA B 386 -46.67 -34.93 -53.20
C ALA B 386 -47.10 -36.22 -53.86
N CYS B 387 -46.41 -37.32 -53.54
CA CYS B 387 -46.73 -38.61 -54.16
C CYS B 387 -48.12 -39.07 -53.77
N ILE B 388 -48.50 -38.93 -52.49
CA ILE B 388 -49.82 -39.38 -52.07
C ILE B 388 -50.90 -38.49 -52.68
N ALA B 389 -50.66 -37.18 -52.78
CA ALA B 389 -51.63 -36.31 -53.41
C ALA B 389 -51.83 -36.67 -54.88
N LYS B 390 -50.71 -36.90 -55.60
CA LYS B 390 -50.82 -37.26 -57.01
C LYS B 390 -51.47 -38.62 -57.18
N ALA B 391 -51.17 -39.56 -56.29
CA ALA B 391 -51.75 -40.90 -56.40
C ALA B 391 -53.23 -40.89 -56.01
N ARG B 392 -53.64 -39.94 -55.17
CA ARG B 392 -55.04 -39.78 -54.86
C ARG B 392 -55.80 -39.15 -56.02
N ARG B 393 -55.20 -38.14 -56.65
CA ARG B 393 -55.82 -37.54 -57.83
C ARG B 393 -55.91 -38.55 -58.98
N ASP B 394 -54.87 -39.38 -59.15
CA ASP B 394 -54.90 -40.40 -60.18
C ASP B 394 -55.79 -41.57 -59.79
N CYS B 395 -55.98 -41.79 -58.49
CA CYS B 395 -57.02 -42.70 -58.03
C CYS B 395 -58.38 -42.03 -58.10
N LEU B 396 -58.41 -40.72 -58.40
CA LEU B 396 -59.62 -40.07 -58.86
C LEU B 396 -59.66 -39.98 -60.38
N THR B 397 -58.70 -40.62 -61.06
CA THR B 397 -58.87 -40.87 -62.49
C THR B 397 -60.22 -41.49 -62.78
N PRO B 398 -60.86 -42.25 -61.87
CA PRO B 398 -62.26 -42.63 -62.09
C PRO B 398 -63.17 -41.42 -62.03
N TYR B 399 -62.93 -40.46 -62.93
CA TYR B 399 -63.78 -39.28 -63.00
C TYR B 399 -65.23 -39.72 -63.14
N ALA B 400 -65.49 -40.59 -64.12
CA ALA B 400 -66.51 -41.63 -64.04
C ALA B 400 -67.77 -41.15 -63.31
N LEU B 401 -68.33 -40.02 -63.75
CA LEU B 401 -69.53 -39.50 -63.11
C LEU B 401 -70.77 -40.38 -63.31
N ALA B 402 -70.80 -41.13 -64.41
CA ALA B 402 -71.95 -41.97 -64.71
C ALA B 402 -72.02 -43.12 -63.73
N PRO B 403 -71.03 -44.01 -63.69
CA PRO B 403 -71.07 -45.14 -62.74
C PRO B 403 -70.93 -44.71 -61.29
N ASN B 404 -71.47 -45.50 -60.36
CA ASN B 404 -71.24 -45.22 -58.95
C ASN B 404 -69.78 -45.43 -58.59
N ALA B 405 -69.43 -45.20 -57.33
CA ALA B 405 -68.06 -45.41 -56.89
C ALA B 405 -67.57 -46.78 -57.35
N THR B 406 -66.49 -46.77 -58.14
CA THR B 406 -65.96 -48.00 -58.70
C THR B 406 -65.78 -49.05 -57.60
N VAL B 407 -65.12 -48.67 -56.50
CA VAL B 407 -65.10 -49.47 -55.29
C VAL B 407 -65.06 -48.51 -54.10
N PRO B 408 -66.03 -48.56 -53.18
CA PRO B 408 -65.95 -47.68 -52.01
C PRO B 408 -64.74 -47.95 -51.15
N THR B 409 -64.13 -49.12 -51.29
CA THR B 409 -62.88 -49.40 -50.59
C THR B 409 -61.80 -48.42 -50.99
N ALA B 410 -61.68 -48.15 -52.29
CA ALA B 410 -60.74 -47.12 -52.74
C ALA B 410 -61.16 -45.75 -52.27
N LEU B 411 -62.46 -45.47 -52.25
CA LEU B 411 -62.95 -44.21 -51.71
C LEU B 411 -62.46 -44.02 -50.28
N ALA B 412 -62.41 -45.10 -49.50
CA ALA B 412 -61.84 -45.02 -48.16
C ALA B 412 -60.36 -44.66 -48.24
N VAL B 413 -59.63 -45.24 -49.19
CA VAL B 413 -58.22 -44.88 -49.38
C VAL B 413 -58.10 -43.41 -49.72
N LEU B 414 -58.94 -42.92 -50.64
CA LEU B 414 -58.92 -41.51 -50.99
C LEU B 414 -59.34 -40.65 -49.80
N CYS B 415 -60.36 -41.08 -49.07
CA CYS B 415 -60.85 -40.32 -47.92
C CYS B 415 -61.69 -41.21 -47.01
N ASN C 1 46.39 -25.62 10.78
CA ASN C 1 47.60 -26.22 11.34
C ASN C 1 48.09 -27.37 10.46
N SER C 2 49.36 -27.32 10.07
CA SER C 2 49.92 -28.36 9.21
C SER C 2 50.14 -29.65 10.01
N VAL C 3 50.39 -30.73 9.27
CA VAL C 3 50.66 -32.04 9.84
C VAL C 3 52.05 -32.49 9.38
N VAL C 4 52.82 -33.04 10.31
CA VAL C 4 54.19 -33.44 10.01
C VAL C 4 54.13 -34.62 9.05
N VAL C 5 54.54 -34.37 7.79
CA VAL C 5 54.57 -35.45 6.80
C VAL C 5 55.58 -36.52 7.21
N SER C 6 56.76 -36.09 7.64
CA SER C 6 57.81 -37.00 8.04
C SER C 6 58.93 -36.21 8.71
N VAL C 7 59.66 -36.88 9.59
CA VAL C 7 60.80 -36.30 10.29
C VAL C 7 62.03 -37.11 9.94
N LEU C 8 63.06 -36.44 9.44
CA LEU C 8 64.30 -37.08 9.01
C LEU C 8 65.48 -36.36 9.62
N ASN C 9 66.48 -37.13 10.04
CA ASN C 9 67.72 -36.58 10.59
C ASN C 9 68.72 -36.38 9.46
N ILE C 10 69.20 -35.15 9.30
CA ILE C 10 70.12 -34.80 8.22
C ILE C 10 71.49 -34.58 8.83
N SER C 11 72.46 -35.38 8.40
CA SER C 11 73.84 -35.26 8.85
C SER C 11 74.64 -34.37 7.90
N ALA C 12 74.22 -33.12 7.82
CA ALA C 12 74.86 -32.17 6.92
C ALA C 12 76.33 -32.02 7.28
N THR C 13 77.20 -32.07 6.26
CA THR C 13 78.63 -31.99 6.45
C THR C 13 79.10 -30.56 6.17
N LEU C 14 79.93 -30.03 7.06
CA LEU C 14 80.44 -28.67 6.90
C LEU C 14 81.19 -28.55 5.59
N GLY C 15 80.93 -27.47 4.86
CA GLY C 15 81.58 -27.20 3.58
C GLY C 15 80.91 -27.84 2.39
N SER C 16 80.38 -29.05 2.55
CA SER C 16 79.74 -29.77 1.45
C SER C 16 78.33 -29.21 1.25
N GLN C 17 77.56 -29.88 0.39
CA GLN C 17 76.21 -29.48 0.07
C GLN C 17 75.22 -30.52 0.58
N ALA C 18 74.14 -30.05 1.22
CA ALA C 18 73.08 -30.90 1.73
C ALA C 18 71.78 -30.59 1.00
N VAL C 19 70.92 -31.59 0.90
CA VAL C 19 69.66 -31.48 0.18
C VAL C 19 68.52 -31.92 1.09
N LEU C 20 67.50 -31.08 1.21
CA LEU C 20 66.26 -31.41 1.88
C LEU C 20 65.19 -31.63 0.82
N PRO C 21 64.69 -32.86 0.62
CA PRO C 21 63.87 -33.13 -0.57
C PRO C 21 62.42 -32.72 -0.47
N CYS C 22 62.07 -31.84 0.48
CA CYS C 22 60.68 -31.40 0.62
C CYS C 22 60.12 -30.99 -0.74
N LYS C 23 59.13 -31.73 -1.23
CA LYS C 23 58.52 -31.47 -2.53
C LYS C 23 57.37 -32.46 -2.72
N SER C 24 56.52 -32.17 -3.70
CA SER C 24 55.43 -33.06 -4.05
C SER C 24 54.89 -32.67 -5.41
N TYR C 25 54.90 -33.61 -6.36
CA TYR C 25 54.32 -33.34 -7.67
C TYR C 25 52.81 -33.12 -7.58
N ARG C 26 52.17 -33.60 -6.52
CA ARG C 26 50.78 -33.26 -6.28
C ARG C 26 50.64 -31.75 -6.04
N MET C 27 51.60 -31.16 -5.35
CA MET C 27 51.60 -29.71 -5.10
C MET C 27 51.91 -28.90 -6.35
N VAL C 28 52.28 -29.55 -7.45
CA VAL C 28 52.61 -28.84 -8.67
C VAL C 28 51.53 -27.82 -9.00
N TRP C 29 51.96 -26.64 -9.45
CA TRP C 29 51.07 -25.55 -9.80
C TRP C 29 50.87 -25.50 -11.31
N THR C 30 49.62 -25.29 -11.74
CA THR C 30 49.30 -25.29 -13.16
C THR C 30 50.08 -24.20 -13.88
N GLN C 31 50.65 -24.55 -15.04
CA GLN C 31 51.50 -23.61 -15.77
C GLN C 31 50.69 -22.66 -16.64
N ASP C 32 49.63 -23.16 -17.28
CA ASP C 32 48.88 -22.34 -18.20
C ASP C 32 48.22 -21.18 -17.47
N ARG C 33 48.04 -20.06 -18.19
CA ARG C 33 47.45 -18.88 -17.58
C ARG C 33 46.07 -19.14 -17.03
N LEU C 34 45.37 -20.14 -17.57
CA LEU C 34 44.03 -20.51 -17.10
C LEU C 34 44.17 -21.73 -16.20
N ASN C 35 44.44 -21.49 -14.92
CA ASN C 35 44.43 -22.57 -13.95
C ASN C 35 43.03 -23.18 -13.86
N ASP C 36 42.97 -24.51 -13.85
CA ASP C 36 41.68 -25.19 -13.85
C ASP C 36 40.85 -24.76 -12.65
N ARG C 37 39.60 -24.39 -12.91
CA ARG C 37 38.67 -23.96 -11.86
C ARG C 37 37.43 -24.85 -11.81
N GLN C 38 37.49 -26.05 -12.38
CA GLN C 38 36.34 -26.94 -12.47
C GLN C 38 36.70 -28.32 -11.95
N ARG C 39 35.67 -29.03 -11.49
CA ARG C 39 35.80 -30.37 -10.97
C ARG C 39 34.69 -31.24 -11.58
N VAL C 40 34.94 -32.54 -11.63
CA VAL C 40 34.03 -33.46 -12.31
C VAL C 40 33.73 -34.65 -11.41
N VAL C 41 32.50 -35.16 -11.53
CA VAL C 41 32.12 -36.43 -10.92
C VAL C 41 31.41 -37.24 -11.98
N HIS C 42 31.43 -38.57 -11.82
CA HIS C 42 30.73 -39.41 -12.78
C HIS C 42 30.40 -40.76 -12.16
N TRP C 43 29.47 -41.46 -12.82
CA TRP C 43 29.09 -42.81 -12.46
C TRP C 43 29.40 -43.74 -13.62
N ASP C 44 29.94 -44.92 -13.30
CA ASP C 44 30.31 -45.88 -14.33
C ASP C 44 29.99 -47.29 -13.85
N VAL C 45 29.35 -48.08 -14.71
CA VAL C 45 28.96 -49.44 -14.38
C VAL C 45 29.86 -50.42 -15.11
N TYR C 46 30.32 -51.44 -14.39
CA TYR C 46 31.07 -52.56 -14.94
C TYR C 46 30.24 -53.82 -14.72
N SER C 47 29.33 -54.08 -15.66
CA SER C 47 28.44 -55.24 -15.59
C SER C 47 29.06 -56.37 -16.40
N THR C 48 29.49 -57.43 -15.71
CA THR C 48 30.03 -58.59 -16.39
C THR C 48 28.99 -59.33 -17.21
N TYR C 49 27.70 -59.03 -17.02
CA TYR C 49 26.67 -59.60 -17.87
C TYR C 49 26.97 -59.38 -19.34
N TYR C 50 27.45 -58.19 -19.69
CA TYR C 50 27.87 -57.92 -21.06
C TYR C 50 28.98 -58.87 -21.46
N GLY C 51 28.85 -59.47 -22.64
CA GLY C 51 29.96 -60.24 -23.19
C GLY C 51 31.20 -59.39 -23.39
N ASP C 52 31.01 -58.11 -23.73
CA ASP C 52 32.15 -57.22 -23.88
C ASP C 52 32.83 -56.94 -22.55
N ASN C 53 32.11 -57.12 -21.45
CA ASN C 53 32.59 -56.91 -20.07
C ASN C 53 33.58 -55.74 -20.00
N LYS C 54 33.10 -54.57 -20.44
CA LYS C 54 33.79 -53.30 -20.27
C LYS C 54 33.03 -52.44 -19.26
N MET C 55 33.68 -51.34 -18.87
CA MET C 55 33.07 -50.36 -17.98
C MET C 55 32.54 -49.19 -18.82
N GLU C 56 31.27 -48.86 -18.61
CA GLU C 56 30.60 -47.81 -19.38
C GLU C 56 30.10 -46.72 -18.44
N ARG C 57 30.32 -45.48 -18.83
CA ARG C 57 30.03 -44.32 -18.00
C ARG C 57 28.57 -43.91 -18.19
N LEU C 58 27.77 -44.02 -17.13
CA LEU C 58 26.35 -43.67 -17.23
C LEU C 58 26.18 -42.17 -17.47
N CYS C 59 26.82 -41.35 -16.64
CA CYS C 59 26.65 -39.90 -16.72
C CYS C 59 27.74 -39.25 -15.88
N ASP C 60 27.86 -37.93 -16.03
CA ASP C 60 28.87 -37.15 -15.33
C ASP C 60 28.39 -35.73 -15.13
N MET C 61 28.66 -35.19 -13.94
CA MET C 61 28.35 -33.81 -13.60
C MET C 61 29.64 -32.99 -13.61
N TYR C 62 29.58 -31.83 -14.26
CA TYR C 62 30.67 -30.87 -14.31
C TYR C 62 30.33 -29.68 -13.43
N SER C 63 31.29 -29.24 -12.62
CA SER C 63 31.06 -28.08 -11.77
C SER C 63 30.70 -26.87 -12.61
N ALA C 64 29.63 -26.18 -12.23
CA ALA C 64 29.11 -25.04 -12.97
C ALA C 64 28.73 -25.41 -14.39
N GLY C 65 28.49 -26.70 -14.65
CA GLY C 65 28.14 -27.18 -15.96
C GLY C 65 26.69 -27.61 -16.05
N ASP C 66 26.39 -28.31 -17.15
CA ASP C 66 25.05 -28.81 -17.43
C ASP C 66 25.06 -30.33 -17.43
N GLN C 67 24.01 -30.92 -16.88
CA GLN C 67 23.88 -32.38 -16.87
C GLN C 67 23.84 -32.90 -18.30
N ARG C 68 24.65 -33.92 -18.56
CA ARG C 68 24.76 -34.51 -19.89
C ARG C 68 24.83 -36.01 -19.76
N VAL C 69 23.94 -36.71 -20.48
CA VAL C 69 23.87 -38.16 -20.45
C VAL C 69 24.65 -38.71 -21.64
N TYR C 70 25.53 -39.68 -21.38
CA TYR C 70 26.36 -40.24 -22.45
C TYR C 70 25.51 -40.89 -23.53
N SER C 71 24.48 -41.64 -23.14
CA SER C 71 23.65 -42.36 -24.09
C SER C 71 22.31 -41.62 -24.25
N SER C 72 21.42 -42.22 -25.06
CA SER C 72 20.12 -41.64 -25.35
C SER C 72 19.01 -42.19 -24.45
N TYR C 73 19.30 -43.20 -23.63
CA TYR C 73 18.28 -43.85 -22.82
C TYR C 73 18.35 -43.46 -21.35
N ASN C 74 19.56 -43.26 -20.80
CA ASN C 74 19.69 -43.01 -19.38
C ASN C 74 18.97 -41.74 -18.95
N GLN C 75 18.70 -40.83 -19.88
CA GLN C 75 17.85 -39.68 -19.57
C GLN C 75 16.48 -40.17 -19.12
N GLY C 76 16.02 -39.64 -18.00
CA GLY C 76 14.81 -40.15 -17.37
C GLY C 76 15.09 -41.30 -16.43
N ARG C 77 15.84 -42.31 -16.90
CA ARG C 77 16.24 -43.40 -16.03
C ARG C 77 17.22 -42.91 -14.96
N ILE C 78 18.23 -42.15 -15.37
CA ILE C 78 19.24 -41.64 -14.46
C ILE C 78 18.83 -40.25 -14.00
N PHE C 79 18.76 -40.07 -12.69
CA PHE C 79 18.42 -38.78 -12.08
C PHE C 79 19.55 -38.38 -11.15
N MET C 80 20.17 -37.23 -11.45
CA MET C 80 21.26 -36.67 -10.65
C MET C 80 20.81 -35.28 -10.19
N PRO C 81 20.21 -35.17 -9.00
CA PRO C 81 19.72 -33.85 -8.56
C PRO C 81 20.78 -32.75 -8.68
N GLN C 82 20.44 -31.70 -9.41
CA GLN C 82 21.39 -30.60 -9.61
C GLN C 82 21.75 -29.94 -8.28
N ASN C 83 20.73 -29.67 -7.44
CA ASN C 83 21.00 -29.07 -6.14
C ASN C 83 21.93 -29.94 -5.32
N ALA C 84 21.89 -31.25 -5.51
CA ALA C 84 22.76 -32.14 -4.74
C ALA C 84 24.23 -31.83 -4.97
N PHE C 85 24.56 -31.17 -6.08
CA PHE C 85 25.95 -30.77 -6.30
C PHE C 85 26.46 -29.94 -5.14
N THR C 86 25.61 -29.07 -4.58
CA THR C 86 26.00 -28.34 -3.37
C THR C 86 25.95 -29.26 -2.15
N ASP C 87 24.95 -30.14 -2.08
CA ASP C 87 24.83 -31.03 -0.93
C ASP C 87 25.93 -32.09 -0.94
N GLY C 88 26.47 -32.41 -2.12
CA GLY C 88 27.47 -33.45 -2.22
C GLY C 88 26.91 -34.86 -2.30
N ASN C 89 25.59 -35.02 -2.21
CA ASN C 89 24.95 -36.33 -2.32
C ASN C 89 24.88 -36.68 -3.81
N PHE C 90 25.97 -37.23 -4.32
CA PHE C 90 26.07 -37.59 -5.73
C PHE C 90 25.46 -38.97 -5.99
N SER C 91 24.24 -39.16 -5.52
CA SER C 91 23.58 -40.45 -5.62
C SER C 91 23.00 -40.64 -7.02
N LEU C 92 22.63 -41.89 -7.32
CA LEU C 92 22.09 -42.27 -8.61
C LEU C 92 20.76 -42.97 -8.41
N VAL C 93 19.83 -42.74 -9.34
CA VAL C 93 18.49 -43.33 -9.30
C VAL C 93 18.25 -44.05 -10.61
N ILE C 94 17.75 -45.29 -10.53
CA ILE C 94 17.31 -46.05 -11.68
C ILE C 94 15.80 -46.23 -11.56
N LYS C 95 15.09 -45.93 -12.65
CA LYS C 95 13.64 -46.10 -12.66
C LYS C 95 13.27 -47.58 -12.78
N ASP C 96 13.76 -48.25 -13.81
CA ASP C 96 13.52 -49.66 -14.04
C ASP C 96 14.85 -50.37 -14.20
N VAL C 97 14.96 -51.56 -13.61
CA VAL C 97 16.18 -52.36 -13.62
C VAL C 97 15.92 -53.65 -14.37
N ALA C 98 16.79 -53.98 -15.31
CA ALA C 98 16.67 -55.19 -16.12
C ALA C 98 17.76 -56.18 -15.72
N GLU C 99 17.59 -57.43 -16.17
CA GLU C 99 18.57 -58.46 -15.88
C GLU C 99 19.94 -58.09 -16.43
N SER C 100 19.99 -57.33 -17.54
CA SER C 100 21.24 -56.89 -18.11
C SER C 100 21.79 -55.63 -17.44
N ASP C 101 21.03 -55.00 -16.55
CA ASP C 101 21.47 -53.78 -15.88
C ASP C 101 22.26 -54.06 -14.61
N GLY C 102 21.97 -55.17 -13.92
CA GLY C 102 22.67 -55.46 -12.69
C GLY C 102 24.15 -55.71 -12.95
N GLY C 103 24.97 -55.34 -11.96
CA GLY C 103 26.40 -55.51 -12.08
C GLY C 103 27.19 -54.76 -11.02
N ILE C 104 28.22 -54.04 -11.44
CA ILE C 104 29.11 -53.32 -10.54
C ILE C 104 29.06 -51.84 -10.91
N TYR C 105 28.79 -51.00 -9.92
CA TYR C 105 28.73 -49.56 -10.09
C TYR C 105 29.90 -48.91 -9.38
N SER C 106 30.32 -47.74 -9.87
CA SER C 106 31.43 -47.01 -9.29
C SER C 106 31.17 -45.52 -9.43
N CYS C 107 31.27 -44.80 -8.33
CA CYS C 107 31.12 -43.35 -8.31
C CYS C 107 32.51 -42.74 -8.15
N ASN C 108 32.90 -41.88 -9.08
CA ASN C 108 34.26 -41.38 -9.15
C ASN C 108 34.27 -39.86 -9.19
N LEU C 109 35.25 -39.28 -8.50
CA LEU C 109 35.45 -37.84 -8.42
C LEU C 109 36.85 -37.52 -8.93
N HIS C 110 36.94 -36.50 -9.79
CA HIS C 110 38.22 -36.07 -10.34
C HIS C 110 38.30 -34.55 -10.29
N HIS C 111 39.48 -34.04 -9.94
CA HIS C 111 39.73 -32.60 -9.89
C HIS C 111 41.13 -32.35 -10.43
N HIS C 112 41.22 -31.63 -11.55
CA HIS C 112 42.51 -31.42 -12.19
C HIS C 112 43.38 -30.47 -11.38
N TYR C 113 42.81 -29.35 -10.93
CA TYR C 113 43.62 -28.33 -10.25
C TYR C 113 44.23 -28.88 -8.97
N CYS C 114 43.42 -29.47 -8.09
CA CYS C 114 43.92 -30.04 -6.85
C CYS C 114 44.57 -31.40 -7.08
N HIS C 115 44.36 -32.03 -8.24
CA HIS C 115 44.94 -33.33 -8.55
C HIS C 115 44.54 -34.37 -7.51
N LEU C 116 43.30 -34.29 -7.04
CA LEU C 116 42.76 -35.22 -6.08
C LEU C 116 41.55 -35.93 -6.69
N TYR C 117 41.52 -37.25 -6.59
CA TYR C 117 40.43 -38.04 -7.13
C TYR C 117 40.11 -39.18 -6.17
N GLU C 118 38.87 -39.65 -6.22
CA GLU C 118 38.39 -40.70 -5.34
C GLU C 118 37.44 -41.61 -6.09
N THR C 119 37.29 -42.83 -5.60
CA THR C 119 36.38 -43.80 -6.18
C THR C 119 35.72 -44.62 -5.08
N VAL C 120 34.43 -44.89 -5.25
CA VAL C 120 33.69 -45.76 -4.33
C VAL C 120 32.94 -46.79 -5.15
N LYS C 121 32.91 -48.02 -4.64
CA LYS C 121 32.44 -49.18 -5.37
C LYS C 121 31.15 -49.71 -4.74
N ILE C 122 30.22 -50.15 -5.59
CA ILE C 122 28.93 -50.68 -5.15
C ILE C 122 28.55 -51.83 -6.07
N GLN C 123 27.68 -52.70 -5.57
CA GLN C 123 27.18 -53.85 -6.32
C GLN C 123 25.67 -53.77 -6.44
N LEU C 124 25.14 -54.08 -7.63
CA LEU C 124 23.71 -54.10 -7.89
C LEU C 124 23.31 -55.45 -8.44
N ASP C 125 22.20 -55.99 -7.95
CA ASP C 125 21.67 -57.25 -8.42
C ASP C 125 20.16 -57.13 -8.57
N VAL C 126 19.58 -57.97 -9.42
CA VAL C 126 18.16 -57.98 -9.69
C VAL C 126 17.66 -59.41 -9.65
N THR C 127 16.50 -59.62 -9.03
CA THR C 127 15.89 -60.95 -8.91
C THR C 127 14.42 -60.86 -9.24
N LYS C 128 13.86 -61.99 -9.68
CA LYS C 128 12.45 -62.02 -10.05
C LYS C 128 11.55 -62.01 -8.82
N LYS C 129 12.03 -62.49 -7.69
CA LYS C 129 11.26 -62.56 -6.46
C LYS C 129 11.79 -61.54 -5.46
N ALA C 130 10.88 -60.73 -4.90
CA ALA C 130 11.27 -59.71 -3.94
C ALA C 130 11.68 -60.30 -2.60
N LYS C 131 11.49 -61.60 -2.39
CA LYS C 131 11.84 -62.20 -1.10
C LYS C 131 13.32 -62.04 -0.80
N ALA C 132 14.17 -62.25 -1.81
CA ALA C 132 15.61 -62.10 -1.67
C ALA C 132 16.07 -60.66 -1.89
N ALA C 133 15.16 -59.74 -2.18
CA ALA C 133 15.51 -58.35 -2.45
C ALA C 133 15.82 -57.65 -1.13
N LYS C 134 17.10 -57.63 -0.77
CA LYS C 134 17.53 -56.97 0.45
C LYS C 134 18.98 -56.52 0.29
N GLU C 135 19.24 -55.27 0.64
CA GLU C 135 20.60 -54.73 0.60
C GLU C 135 21.46 -55.35 1.69
N TYR C 136 22.77 -55.37 1.46
CA TYR C 136 23.70 -55.69 2.53
C TYR C 136 25.02 -54.98 2.30
N TRP C 137 25.79 -54.85 3.38
CA TRP C 137 27.03 -54.10 3.40
C TRP C 137 28.18 -55.06 3.64
N ASP C 138 29.16 -55.06 2.72
CA ASP C 138 30.29 -55.98 2.79
C ASP C 138 31.56 -55.30 3.28
N GLY C 139 31.46 -54.07 3.78
CA GLY C 139 32.63 -53.36 4.25
C GLY C 139 33.42 -52.71 3.13
N GLU C 140 33.87 -53.52 2.17
CA GLU C 140 34.56 -53.01 0.99
C GLU C 140 33.60 -52.63 -0.13
N LYS C 141 32.34 -53.02 -0.04
CA LYS C 141 31.35 -52.67 -1.06
C LYS C 141 29.97 -52.95 -0.50
N ALA C 142 28.95 -52.46 -1.22
CA ALA C 142 27.56 -52.65 -0.85
C ALA C 142 26.84 -53.37 -1.99
N VAL C 143 25.99 -54.32 -1.64
CA VAL C 143 25.25 -55.12 -2.60
C VAL C 143 23.77 -54.77 -2.51
N ILE C 144 23.17 -54.45 -3.65
CA ILE C 144 21.76 -54.08 -3.76
C ILE C 144 21.05 -55.20 -4.52
N VAL C 145 19.92 -55.63 -3.98
CA VAL C 145 19.06 -56.60 -4.65
C VAL C 145 17.65 -56.03 -4.69
N ALA C 146 17.04 -55.98 -5.88
CA ALA C 146 15.72 -55.39 -6.03
C ALA C 146 14.99 -56.10 -7.17
N LEU C 147 13.67 -55.96 -7.16
CA LEU C 147 12.84 -56.57 -8.20
C LEU C 147 13.08 -55.91 -9.55
N GLU C 148 12.93 -56.70 -10.60
CA GLU C 148 13.10 -56.19 -11.96
C GLU C 148 12.11 -55.05 -12.23
N GLY C 149 12.62 -53.95 -12.76
CA GLY C 149 11.80 -52.81 -13.08
C GLY C 149 11.47 -51.91 -11.91
N SER C 150 11.95 -52.23 -10.71
CA SER C 150 11.67 -51.42 -9.53
C SER C 150 12.69 -50.29 -9.41
N THR C 151 12.21 -49.13 -8.96
CA THR C 151 13.10 -47.99 -8.78
C THR C 151 14.10 -48.28 -7.67
N VAL C 152 15.38 -47.96 -7.92
CA VAL C 152 16.44 -48.25 -6.97
C VAL C 152 17.35 -47.04 -6.86
N MET C 153 18.02 -46.92 -5.70
CA MET C 153 18.89 -45.80 -5.39
C MET C 153 20.25 -46.32 -4.98
N LEU C 154 21.31 -45.65 -5.45
CA LEU C 154 22.69 -45.97 -5.11
C LEU C 154 23.34 -44.73 -4.50
N PRO C 155 23.75 -44.75 -3.24
CA PRO C 155 24.29 -43.53 -2.62
C PRO C 155 25.77 -43.33 -2.86
N CYS C 156 26.13 -42.07 -3.16
CA CYS C 156 27.53 -41.65 -3.31
C CYS C 156 27.63 -40.25 -2.73
N VAL C 157 27.96 -40.16 -1.44
CA VAL C 157 28.15 -38.90 -0.75
C VAL C 157 29.48 -38.94 -0.03
N ASN C 158 30.29 -37.89 -0.20
CA ASN C 158 31.60 -37.81 0.43
C ASN C 158 31.62 -36.91 1.66
N ARG C 159 30.76 -35.91 1.71
CA ARG C 159 30.70 -34.99 2.86
C ARG C 159 32.08 -34.39 3.13
N ASN C 160 32.62 -33.74 2.10
CA ASN C 160 33.94 -33.13 2.17
C ASN C 160 33.83 -31.65 1.81
N GLN C 161 34.62 -30.82 2.51
CA GLN C 161 34.57 -29.39 2.28
C GLN C 161 35.15 -29.02 0.92
N ILE C 162 36.14 -29.76 0.44
CA ILE C 162 36.75 -29.44 -0.85
C ILE C 162 35.76 -29.72 -1.98
N TRP C 163 35.01 -30.80 -1.89
CA TRP C 163 34.12 -31.21 -2.96
C TRP C 163 32.79 -30.45 -2.95
N THR C 164 32.52 -29.65 -1.94
CA THR C 164 31.34 -28.79 -1.91
C THR C 164 31.73 -27.38 -2.30
N GLU C 165 30.78 -26.67 -2.90
CA GLU C 165 31.07 -25.37 -3.50
C GLU C 165 31.61 -24.40 -2.47
N ARG C 166 32.72 -23.74 -2.81
CA ARG C 166 33.29 -22.69 -1.98
C ARG C 166 34.06 -21.77 -2.92
N HIS C 167 33.44 -20.65 -3.30
CA HIS C 167 34.05 -19.70 -4.24
C HIS C 167 35.00 -18.77 -3.49
N SER C 168 35.97 -19.38 -2.81
CA SER C 168 36.97 -18.63 -2.07
C SER C 168 38.02 -18.07 -3.03
N GLU C 169 38.43 -16.83 -2.77
CA GLU C 169 39.49 -16.24 -3.57
C GLU C 169 40.76 -17.07 -3.45
N GLU C 170 41.42 -17.27 -4.59
CA GLU C 170 42.54 -18.21 -4.69
C GLU C 170 43.77 -17.62 -3.99
N GLU C 171 43.86 -17.89 -2.70
CA GLU C 171 45.03 -17.48 -1.94
C GLU C 171 46.26 -18.20 -2.47
N GLN C 172 47.35 -17.46 -2.64
CA GLN C 172 48.60 -18.06 -3.09
C GLN C 172 49.03 -19.15 -2.12
N GLN C 173 49.41 -20.29 -2.67
CA GLN C 173 49.85 -21.42 -1.86
C GLN C 173 51.14 -21.05 -1.15
N VAL C 174 51.05 -20.80 0.16
CA VAL C 174 52.21 -20.35 0.91
C VAL C 174 53.19 -21.50 1.06
N VAL C 175 54.47 -21.22 0.79
CA VAL C 175 55.55 -22.15 1.10
C VAL C 175 56.59 -21.39 1.92
N HIS C 176 57.02 -21.98 3.02
CA HIS C 176 57.95 -21.34 3.95
C HIS C 176 59.09 -22.29 4.25
N TRP C 177 60.32 -21.85 3.96
CA TRP C 177 61.52 -22.55 4.40
C TRP C 177 62.10 -21.75 5.56
N ASP C 178 61.97 -22.29 6.77
CA ASP C 178 62.41 -21.60 7.98
C ASP C 178 63.37 -22.47 8.76
N ARG C 179 64.51 -21.89 9.15
CA ARG C 179 65.58 -22.61 9.81
C ARG C 179 65.64 -22.22 11.28
N GLN C 180 65.65 -23.21 12.16
CA GLN C 180 65.86 -22.94 13.57
C GLN C 180 67.32 -22.52 13.78
N PRO C 181 67.58 -21.40 14.44
CA PRO C 181 68.97 -20.98 14.67
C PRO C 181 69.72 -22.04 15.45
N PRO C 182 71.06 -21.95 15.51
CA PRO C 182 71.83 -22.98 16.21
C PRO C 182 71.41 -23.11 17.66
N GLY C 183 71.36 -24.35 18.14
CA GLY C 183 70.99 -24.60 19.52
C GLY C 183 69.62 -24.07 19.89
N VAL C 184 68.63 -24.30 19.04
CA VAL C 184 67.27 -23.81 19.26
C VAL C 184 66.29 -24.96 19.04
N PRO C 185 65.29 -25.14 19.89
CA PRO C 185 64.31 -26.21 19.67
C PRO C 185 63.41 -25.90 18.48
N HIS C 186 62.75 -26.96 17.99
CA HIS C 186 61.88 -26.83 16.84
C HIS C 186 60.75 -25.83 17.13
N ASP C 187 60.06 -25.44 16.06
CA ASP C 187 58.94 -24.49 16.09
C ASP C 187 59.36 -23.08 16.49
N ARG C 188 60.66 -22.77 16.47
CA ARG C 188 61.17 -21.45 16.80
C ARG C 188 62.02 -20.90 15.67
N ALA C 189 61.77 -21.34 14.44
CA ALA C 189 62.57 -20.91 13.31
C ALA C 189 62.13 -19.54 12.79
N ASP C 190 63.06 -18.87 12.13
CA ASP C 190 62.80 -17.61 11.44
C ASP C 190 62.84 -17.89 9.94
N ARG C 191 61.82 -17.42 9.22
CA ARG C 191 61.68 -17.75 7.81
C ARG C 191 62.93 -17.39 7.02
N LEU C 192 63.62 -18.41 6.50
CA LEU C 192 64.75 -18.16 5.62
C LEU C 192 64.30 -17.66 4.26
N ILE C 193 63.23 -18.25 3.71
CA ILE C 193 62.70 -17.83 2.42
C ILE C 193 61.22 -18.18 2.36
N ASP C 194 60.47 -17.37 1.61
CA ASP C 194 59.05 -17.56 1.40
C ASP C 194 58.76 -17.61 -0.10
N LEU C 195 57.88 -18.53 -0.50
CA LEU C 195 57.53 -18.73 -1.89
C LEU C 195 56.03 -18.67 -2.06
N TYR C 196 55.59 -17.94 -3.09
CA TYR C 196 54.19 -17.76 -3.42
C TYR C 196 53.87 -18.50 -4.71
N ALA C 197 52.59 -18.85 -4.87
CA ALA C 197 52.15 -19.52 -6.09
C ALA C 197 52.34 -18.62 -7.31
N SER C 198 52.28 -17.30 -7.13
CA SER C 198 52.46 -16.38 -8.24
C SER C 198 53.88 -16.38 -8.79
N GLY C 199 54.83 -16.99 -8.08
CA GLY C 199 56.21 -17.04 -8.50
C GLY C 199 57.12 -16.08 -7.77
N GLU C 200 56.56 -15.07 -7.11
CA GLU C 200 57.38 -14.14 -6.34
C GLU C 200 57.99 -14.85 -5.14
N ARG C 201 59.26 -14.55 -4.86
CA ARG C 201 60.00 -15.14 -3.76
C ARG C 201 60.50 -14.03 -2.84
N ARG C 202 60.26 -14.18 -1.54
CA ARG C 202 60.73 -13.24 -0.54
C ARG C 202 61.94 -13.85 0.16
N SER C 203 63.08 -13.16 0.07
CA SER C 203 64.32 -13.64 0.65
C SER C 203 64.55 -12.99 2.02
N TYR C 204 65.10 -13.76 2.94
CA TYR C 204 65.39 -13.28 4.29
C TYR C 204 66.83 -13.66 4.65
N GLY C 205 67.47 -12.79 5.42
CA GLY C 205 68.85 -12.99 5.81
C GLY C 205 69.81 -12.54 4.72
N PRO C 206 71.05 -13.00 4.81
CA PRO C 206 72.05 -12.60 3.80
C PRO C 206 71.66 -13.07 2.41
N LEU C 207 72.08 -12.31 1.40
CA LEU C 207 71.80 -12.68 0.02
C LEU C 207 72.74 -13.79 -0.46
N PHE C 208 73.97 -13.83 0.03
CA PHE C 208 74.91 -14.85 -0.42
C PHE C 208 74.44 -16.25 -0.02
N ILE C 209 73.91 -16.39 1.20
CA ILE C 209 73.42 -17.70 1.62
C ILE C 209 72.20 -18.10 0.80
N ARG C 210 71.33 -17.13 0.48
CA ARG C 210 70.18 -17.42 -0.36
C ARG C 210 70.63 -17.90 -1.73
N GLN C 211 71.65 -17.25 -2.31
CA GLN C 211 72.18 -17.70 -3.60
C GLN C 211 72.76 -19.10 -3.50
N LYS C 212 73.50 -19.38 -2.43
CA LYS C 212 74.05 -20.72 -2.24
C LYS C 212 72.97 -21.69 -1.78
N MET C 213 71.92 -21.19 -1.13
CA MET C 213 70.76 -22.02 -0.79
C MET C 213 69.94 -22.24 -2.07
N ASN C 214 70.54 -22.99 -2.99
CA ASN C 214 69.98 -23.13 -4.33
C ASN C 214 68.59 -23.74 -4.27
N ILE C 215 67.65 -23.07 -4.94
CA ILE C 215 66.29 -23.58 -5.13
C ILE C 215 65.93 -23.39 -6.60
N THR C 216 65.40 -24.42 -7.23
CA THR C 216 65.05 -24.33 -8.64
C THR C 216 64.09 -23.18 -8.88
N ASP C 217 64.37 -22.37 -9.90
CA ASP C 217 63.54 -21.21 -10.17
C ASP C 217 62.10 -21.58 -10.47
N THR C 218 61.85 -22.82 -10.91
CA THR C 218 60.50 -23.29 -11.20
C THR C 218 59.90 -24.08 -10.05
N ALA C 219 60.39 -23.86 -8.82
CA ALA C 219 59.88 -24.61 -7.68
C ALA C 219 58.40 -24.34 -7.45
N PHE C 220 57.99 -23.07 -7.54
CA PHE C 220 56.58 -22.75 -7.39
C PHE C 220 55.73 -23.47 -8.44
N ALA C 221 56.28 -23.66 -9.64
CA ALA C 221 55.56 -24.36 -10.70
C ALA C 221 55.68 -25.87 -10.53
N LEU C 222 56.90 -26.39 -10.59
CA LEU C 222 57.12 -27.83 -10.46
C LEU C 222 56.78 -28.34 -9.07
N GLY C 223 56.77 -27.47 -8.06
CA GLY C 223 56.60 -27.90 -6.69
C GLY C 223 57.85 -28.44 -6.03
N ASP C 224 59.00 -28.37 -6.71
CA ASP C 224 60.26 -28.87 -6.17
C ASP C 224 60.83 -27.84 -5.20
N PHE C 225 60.20 -27.77 -4.03
CA PHE C 225 60.64 -26.86 -2.97
C PHE C 225 61.82 -27.41 -2.18
N SER C 226 62.46 -28.47 -2.65
CA SER C 226 63.61 -29.01 -1.96
C SER C 226 64.69 -27.95 -1.82
N LEU C 227 65.30 -27.89 -0.64
CA LEU C 227 66.29 -26.87 -0.33
C LEU C 227 67.69 -27.46 -0.44
N ARG C 228 68.50 -26.88 -1.32
CA ARG C 228 69.88 -27.30 -1.52
C ARG C 228 70.79 -26.24 -0.89
N ILE C 229 71.39 -26.58 0.25
CA ILE C 229 72.27 -25.67 0.97
C ILE C 229 73.71 -26.02 0.62
N SER C 230 74.46 -25.02 0.15
CA SER C 230 75.84 -25.19 -0.25
C SER C 230 76.76 -24.42 0.68
N GLU C 231 78.05 -24.75 0.62
CA GLU C 231 79.08 -24.17 1.48
C GLU C 231 78.56 -24.04 2.91
N LEU C 232 78.23 -25.19 3.49
CA LEU C 232 77.63 -25.23 4.81
C LEU C 232 78.52 -24.51 5.83
N GLU C 233 77.88 -23.72 6.69
CA GLU C 233 78.56 -23.02 7.77
C GLU C 233 77.94 -23.39 9.10
N SER C 234 78.66 -23.10 10.18
CA SER C 234 78.14 -23.38 11.52
C SER C 234 76.88 -22.57 11.79
N ALA C 235 76.73 -21.40 11.17
CA ALA C 235 75.52 -20.62 11.35
C ALA C 235 74.30 -21.36 10.82
N ASP C 236 74.44 -22.07 9.70
CA ASP C 236 73.34 -22.83 9.13
C ASP C 236 72.92 -24.00 10.02
N GLU C 237 73.71 -24.35 11.03
CA GLU C 237 73.35 -25.45 11.91
C GLU C 237 72.01 -25.18 12.57
N GLY C 238 71.18 -26.21 12.63
CA GLY C 238 69.86 -26.12 13.25
C GLY C 238 68.83 -26.82 12.41
N THR C 239 67.68 -27.07 13.03
CA THR C 239 66.60 -27.77 12.34
C THR C 239 66.00 -26.88 11.25
N TYR C 240 65.60 -27.52 10.15
CA TYR C 240 64.93 -26.85 9.04
C TYR C 240 63.49 -27.35 8.95
N SER C 241 62.60 -26.45 8.52
CA SER C 241 61.20 -26.79 8.36
C SER C 241 60.70 -26.23 7.02
N CYS C 242 59.98 -27.09 6.30
CA CYS C 242 59.40 -26.76 5.00
C CYS C 242 57.89 -26.87 5.16
N HIS C 243 57.21 -25.73 5.23
CA HIS C 243 55.77 -25.66 5.42
C HIS C 243 55.10 -25.32 4.10
N LEU C 244 53.99 -26.01 3.80
CA LEU C 244 53.21 -25.73 2.61
C LEU C 244 51.74 -25.68 2.99
N HIS C 245 51.02 -24.69 2.46
CA HIS C 245 49.57 -24.60 2.64
C HIS C 245 48.93 -24.11 1.36
N HIS C 246 47.84 -24.78 0.98
CA HIS C 246 47.03 -24.42 -0.19
C HIS C 246 45.61 -24.19 0.31
N HIS C 247 45.19 -22.92 0.33
CA HIS C 247 43.87 -22.59 0.86
C HIS C 247 42.77 -23.13 -0.03
N TYR C 248 42.90 -23.00 -1.35
CA TYR C 248 41.84 -23.45 -2.25
C TYR C 248 41.62 -24.96 -2.11
N CYS C 249 42.69 -25.74 -2.19
CA CYS C 249 42.60 -27.17 -1.95
C CYS C 249 42.60 -27.51 -0.46
N GLY C 250 42.92 -26.55 0.40
CA GLY C 250 42.86 -26.77 1.83
C GLY C 250 43.98 -27.60 2.41
N LEU C 251 45.01 -27.90 1.63
CA LEU C 251 46.10 -28.73 2.11
C LEU C 251 46.99 -27.96 3.08
N HIS C 252 47.56 -28.68 4.03
CA HIS C 252 48.45 -28.07 5.03
C HIS C 252 49.41 -29.15 5.52
N GLU C 253 50.70 -28.99 5.20
CA GLU C 253 51.69 -30.01 5.55
C GLU C 253 53.00 -29.33 5.94
N ARG C 254 53.82 -30.07 6.68
CA ARG C 254 55.12 -29.58 7.10
C ARG C 254 56.11 -30.75 7.14
N ARG C 255 57.34 -30.48 6.70
CA ARG C 255 58.42 -31.44 6.74
C ARG C 255 59.55 -30.89 7.59
N ILE C 256 59.99 -31.67 8.58
CA ILE C 256 61.01 -31.25 9.53
C ILE C 256 62.27 -32.08 9.28
N TYR C 257 63.41 -31.39 9.16
CA TYR C 257 64.70 -32.04 8.94
C TYR C 257 65.67 -31.60 10.02
N GLN C 258 66.24 -32.55 10.74
CA GLN C 258 67.21 -32.25 11.80
C GLN C 258 68.57 -32.05 11.14
N VAL C 259 68.83 -30.81 10.72
CA VAL C 259 70.06 -30.48 10.01
C VAL C 259 71.08 -29.99 11.03
N PHE C 260 72.11 -30.80 11.26
CA PHE C 260 73.23 -30.46 12.14
C PHE C 260 74.51 -30.46 11.33
N VAL C 261 75.32 -29.42 11.49
CA VAL C 261 76.57 -29.29 10.76
C VAL C 261 77.59 -30.24 11.37
N THR C 262 78.17 -31.10 10.55
CA THR C 262 79.18 -32.06 10.97
C THR C 262 80.48 -31.79 10.23
N GLU C 263 81.58 -31.75 10.97
CA GLU C 263 82.87 -31.49 10.36
C GLU C 263 83.27 -32.67 9.47
N PRO C 264 84.03 -32.41 8.39
CA PRO C 264 84.45 -33.51 7.52
C PRO C 264 85.27 -34.54 8.29
N VAL C 265 85.09 -35.80 7.93
CA VAL C 265 85.81 -36.90 8.57
C VAL C 265 86.34 -37.85 7.50
N PHE D 1 16.79 55.10 -69.64
CA PHE D 1 15.50 54.54 -70.02
C PHE D 1 14.87 53.80 -68.85
N GLU D 2 13.54 53.70 -68.86
CA GLU D 2 12.78 53.10 -67.77
C GLU D 2 12.09 51.83 -68.28
N HIS D 3 12.20 50.76 -67.50
CA HIS D 3 11.57 49.48 -67.84
C HIS D 3 10.87 48.91 -66.62
N ALA D 4 9.72 48.28 -66.85
CA ALA D 4 8.89 47.73 -65.79
C ALA D 4 8.92 46.20 -65.85
N THR D 5 8.97 45.57 -64.68
CA THR D 5 9.00 44.12 -64.62
C THR D 5 8.50 43.65 -63.25
N THR D 6 7.90 42.47 -63.24
CA THR D 6 7.44 41.85 -62.00
C THR D 6 8.38 40.71 -61.62
N VAL D 7 8.68 40.60 -60.33
CA VAL D 7 9.62 39.60 -59.83
C VAL D 7 9.00 38.86 -58.66
N PRO D 8 9.24 37.56 -58.50
CA PRO D 8 8.75 36.86 -57.31
C PRO D 8 9.50 37.31 -56.06
N ASN D 9 8.83 37.22 -54.92
CA ASN D 9 9.44 37.48 -53.62
C ASN D 9 10.16 36.21 -53.19
N VAL D 10 11.48 36.19 -53.37
CA VAL D 10 12.27 35.00 -53.04
C VAL D 10 13.75 35.35 -53.13
N PRO D 11 14.60 34.82 -52.25
CA PRO D 11 16.03 35.10 -52.34
C PRO D 11 16.75 34.09 -53.22
N GLY D 12 17.89 34.53 -53.74
CA GLY D 12 18.72 33.67 -54.58
C GLY D 12 18.02 33.21 -55.84
N ILE D 13 17.19 34.06 -56.43
CA ILE D 13 16.48 33.74 -57.66
C ILE D 13 16.70 34.87 -58.66
N PRO D 14 17.86 34.91 -59.33
CA PRO D 14 18.08 35.97 -60.32
C PRO D 14 17.03 35.91 -61.43
N TYR D 15 16.59 37.09 -61.86
CA TYR D 15 15.64 37.23 -62.94
C TYR D 15 16.27 38.06 -64.04
N LYS D 16 16.15 37.59 -65.29
CA LYS D 16 16.81 38.21 -66.42
C LYS D 16 15.77 38.84 -67.34
N ALA D 17 16.11 40.00 -67.90
CA ALA D 17 15.20 40.72 -68.77
C ALA D 17 16.00 41.49 -69.81
N LEU D 18 15.29 42.04 -70.79
CA LEU D 18 15.88 42.81 -71.88
C LEU D 18 15.09 44.09 -72.09
N VAL D 19 15.76 45.09 -72.64
CA VAL D 19 15.16 46.38 -72.97
C VAL D 19 15.32 46.60 -74.47
N GLU D 20 14.21 46.88 -75.14
CA GLU D 20 14.20 47.04 -76.59
C GLU D 20 14.17 48.53 -76.93
N ARG D 21 15.21 49.00 -77.63
CA ARG D 21 15.28 50.37 -78.11
C ARG D 21 15.85 50.35 -79.52
N ALA D 22 15.21 51.09 -80.42
CA ALA D 22 15.64 51.09 -81.81
C ALA D 22 17.06 51.62 -81.92
N GLY D 23 17.90 50.88 -82.65
CA GLY D 23 19.28 51.25 -82.85
C GLY D 23 20.19 50.95 -81.68
N TYR D 24 19.68 50.37 -80.61
CA TYR D 24 20.47 49.98 -79.45
C TYR D 24 20.38 48.47 -79.28
N ALA D 25 21.51 47.83 -79.07
CA ALA D 25 21.51 46.39 -78.84
C ALA D 25 20.75 46.09 -77.56
N PRO D 26 19.93 45.03 -77.54
CA PRO D 26 19.19 44.70 -76.32
C PRO D 26 20.14 44.47 -75.15
N LEU D 27 19.86 45.15 -74.04
CA LEU D 27 20.76 45.16 -72.89
C LEU D 27 20.27 44.15 -71.86
N ASN D 28 21.13 43.19 -71.53
CA ASN D 28 20.80 42.23 -70.48
C ASN D 28 20.66 42.96 -69.15
N LEU D 29 19.63 42.60 -68.39
CA LEU D 29 19.40 43.16 -67.06
C LEU D 29 19.11 42.02 -66.10
N GLU D 30 19.98 41.87 -65.10
CA GLU D 30 19.84 40.84 -64.07
C GLU D 30 19.41 41.51 -62.78
N ILE D 31 18.37 40.97 -62.15
CA ILE D 31 17.84 41.52 -60.90
C ILE D 31 17.84 40.41 -59.86
N THR D 32 18.38 40.69 -58.68
CA THR D 32 18.43 39.72 -57.60
C THR D 32 17.92 40.36 -56.31
N VAL D 33 16.98 39.68 -55.66
CA VAL D 33 16.48 40.10 -54.35
C VAL D 33 17.38 39.43 -53.32
N VAL D 34 18.34 40.18 -52.77
CA VAL D 34 19.33 39.58 -51.90
C VAL D 34 18.65 39.02 -50.64
N SER D 35 17.73 39.77 -50.07
CA SER D 35 17.05 39.34 -48.85
C SER D 35 15.82 40.22 -48.65
N SER D 36 15.00 39.82 -47.67
CA SER D 36 13.79 40.56 -47.31
C SER D 36 13.93 41.09 -45.88
N GLU D 37 13.20 42.16 -45.59
CA GLU D 37 13.23 42.77 -44.27
C GLU D 37 11.84 43.35 -44.00
N LEU D 38 11.00 42.57 -43.30
CA LEU D 38 9.67 43.00 -42.90
C LEU D 38 9.76 43.58 -41.49
N THR D 39 9.64 44.90 -41.40
CA THR D 39 9.73 45.60 -40.12
C THR D 39 8.39 46.26 -39.80
N PRO D 40 7.69 45.84 -38.76
CA PRO D 40 6.43 46.48 -38.40
C PRO D 40 6.62 47.59 -37.36
N SER D 41 5.52 48.29 -37.09
CA SER D 41 5.48 49.32 -36.05
C SER D 41 4.85 48.73 -34.80
N THR D 42 5.54 48.88 -33.66
CA THR D 42 5.09 48.30 -32.41
C THR D 42 5.25 49.32 -31.29
N ASN D 43 4.49 49.10 -30.22
CA ASN D 43 4.49 49.97 -29.05
C ASN D 43 4.64 49.11 -27.81
N LYS D 44 5.44 49.60 -26.86
CA LYS D 44 5.67 48.89 -25.61
C LYS D 44 4.47 49.08 -24.69
N GLU D 45 3.89 47.97 -24.23
CA GLU D 45 2.72 48.01 -23.37
C GLU D 45 3.10 47.90 -21.89
N TYR D 46 3.78 46.82 -21.52
CA TYR D 46 4.23 46.64 -20.14
C TYR D 46 5.18 45.45 -20.10
N VAL D 47 5.64 45.13 -18.88
CA VAL D 47 6.62 44.09 -18.64
C VAL D 47 6.10 43.20 -17.51
N THR D 48 6.58 41.95 -17.51
CA THR D 48 6.20 40.98 -16.50
C THR D 48 7.38 40.05 -16.25
N CYS D 49 7.38 39.43 -15.08
CA CYS D 49 8.49 38.59 -14.64
C CYS D 49 8.11 38.00 -13.28
N LYS D 50 8.86 36.97 -12.88
CA LYS D 50 8.63 36.36 -11.58
C LYS D 50 8.81 37.39 -10.47
N PHE D 51 7.89 37.37 -9.52
CA PHE D 51 7.85 38.36 -8.44
C PHE D 51 8.35 37.74 -7.14
N HIS D 52 8.27 38.53 -6.07
CA HIS D 52 8.58 38.06 -4.73
C HIS D 52 7.69 38.80 -3.75
N THR D 53 7.07 38.04 -2.85
CA THR D 53 6.21 38.63 -1.84
C THR D 53 7.05 39.31 -0.77
N VAL D 54 6.49 40.37 -0.20
CA VAL D 54 7.15 41.13 0.87
C VAL D 54 6.57 40.67 2.20
N VAL D 55 7.44 40.33 3.13
CA VAL D 55 7.03 39.86 4.45
C VAL D 55 7.68 40.75 5.49
N PRO D 56 7.21 41.98 5.66
CA PRO D 56 7.86 42.91 6.58
C PRO D 56 7.56 42.56 8.03
N SER D 57 8.32 43.16 8.92
CA SER D 57 8.13 42.91 10.34
C SER D 57 6.74 43.35 10.76
N PRO D 58 5.96 42.50 11.42
CA PRO D 58 4.61 42.89 11.81
C PRO D 58 4.63 43.92 12.93
N GLN D 59 3.53 44.66 13.03
CA GLN D 59 3.35 45.64 14.09
C GLN D 59 2.62 44.99 15.26
N VAL D 60 3.10 45.24 16.47
CA VAL D 60 2.52 44.67 17.68
C VAL D 60 2.16 45.80 18.61
N LYS D 61 0.88 45.93 18.95
CA LYS D 61 0.42 46.84 19.98
C LYS D 61 0.01 46.01 21.18
N CYS D 62 0.66 46.27 22.32
CA CYS D 62 0.54 45.42 23.49
C CYS D 62 -0.56 45.94 24.40
N CYS D 63 -1.55 45.09 24.64
CA CYS D 63 -2.57 45.30 25.64
C CYS D 63 -3.40 46.55 25.33
N GLY D 64 -3.48 46.87 24.04
CA GLY D 64 -4.18 48.06 23.57
C GLY D 64 -4.87 47.81 22.25
N SER D 65 -5.03 48.88 21.46
CA SER D 65 -5.76 48.82 20.21
C SER D 65 -4.91 49.38 19.07
N LEU D 66 -5.33 49.10 17.84
CA LEU D 66 -4.71 49.64 16.63
C LEU D 66 -5.64 49.39 15.46
N GLU D 67 -5.39 50.10 14.36
CA GLU D 67 -6.24 50.05 13.17
C GLU D 67 -5.39 49.84 11.93
N CYS D 68 -5.95 49.15 10.94
CA CYS D 68 -5.24 48.90 9.69
C CYS D 68 -5.16 50.17 8.85
N LYS D 69 -4.09 50.24 8.06
CA LYS D 69 -3.90 51.33 7.11
C LYS D 69 -3.39 50.75 5.79
N ALA D 70 -3.91 51.26 4.68
CA ALA D 70 -3.49 50.79 3.37
C ALA D 70 -2.11 51.33 3.03
N SER D 71 -1.58 50.87 1.89
CA SER D 71 -0.27 51.32 1.42
C SER D 71 -0.29 51.38 -0.09
N SER D 72 0.44 52.36 -0.65
CA SER D 72 0.45 52.56 -2.09
C SER D 72 1.15 51.43 -2.84
N LYS D 73 1.83 50.53 -2.14
CA LYS D 73 2.53 49.45 -2.81
C LYS D 73 1.55 48.57 -3.58
N ALA D 74 2.01 48.07 -4.73
CA ALA D 74 1.14 47.29 -5.59
C ALA D 74 0.73 45.99 -4.91
N ASP D 75 -0.53 45.58 -5.14
CA ASP D 75 -1.05 44.32 -4.62
C ASP D 75 -0.88 44.25 -3.10
N TYR D 76 -1.11 45.37 -2.44
CA TYR D 76 -0.92 45.45 -1.00
C TYR D 76 -2.07 44.79 -0.25
N THR D 77 -1.77 44.28 0.94
CA THR D 77 -2.77 43.65 1.79
C THR D 77 -2.43 43.97 3.25
N CYS D 78 -3.47 44.15 4.06
CA CYS D 78 -3.33 44.54 5.45
C CYS D 78 -4.46 43.93 6.25
N ARG D 79 -4.20 43.61 7.52
CA ARG D 79 -5.24 43.05 8.37
C ARG D 79 -4.77 43.00 9.82
N VAL D 80 -5.69 43.25 10.73
CA VAL D 80 -5.42 43.24 12.15
C VAL D 80 -5.81 41.89 12.72
N PHE D 81 -5.34 41.60 13.94
CA PHE D 81 -5.77 40.39 14.64
C PHE D 81 -5.59 40.61 16.13
N GLY D 82 -6.66 40.42 16.89
CA GLY D 82 -6.60 40.51 18.33
C GLY D 82 -6.36 39.16 18.98
N GLY D 83 -6.14 39.20 20.30
CA GLY D 83 -5.86 37.98 21.03
C GLY D 83 -4.61 37.27 20.52
N VAL D 84 -3.59 38.03 20.14
CA VAL D 84 -2.37 37.43 19.62
C VAL D 84 -1.68 36.62 20.72
N TYR D 85 -0.78 35.75 20.29
CA TYR D 85 -0.02 34.86 21.18
C TYR D 85 1.46 35.02 20.86
N PRO D 86 2.05 36.16 21.21
CA PRO D 86 3.43 36.44 20.79
C PRO D 86 4.44 35.70 21.65
N PHE D 87 5.34 34.98 21.00
CA PHE D 87 6.46 34.32 21.67
C PHE D 87 7.67 34.41 20.75
N MET D 88 8.84 34.25 21.35
CA MET D 88 10.10 34.36 20.61
C MET D 88 11.16 33.69 21.48
N TRP D 89 12.34 33.50 20.89
CA TRP D 89 13.44 32.91 21.65
C TRP D 89 13.68 33.69 22.93
N GLY D 90 13.54 35.02 22.86
CA GLY D 90 13.60 35.85 24.04
C GLY D 90 12.38 35.76 24.91
N GLY D 91 11.30 35.20 24.38
CA GLY D 91 10.12 34.89 25.15
C GLY D 91 8.92 35.74 24.76
N ALA D 92 7.93 35.76 25.65
CA ALA D 92 6.76 36.59 25.45
C ALA D 92 7.21 38.03 25.21
N GLN D 93 7.00 38.52 23.98
CA GLN D 93 7.54 39.81 23.61
C GLN D 93 7.05 40.90 24.55
N CYS D 94 5.74 40.95 24.80
CA CYS D 94 5.17 41.84 25.79
C CYS D 94 4.09 41.10 26.55
N PHE D 95 3.58 41.75 27.61
CA PHE D 95 2.77 41.06 28.61
C PHE D 95 1.43 41.77 28.82
N CYS D 96 0.36 41.01 28.65
CA CYS D 96 -0.99 41.38 29.09
C CYS D 96 -1.86 40.15 28.82
N ASP D 97 -2.87 39.96 29.66
CA ASP D 97 -3.60 38.68 29.68
C ASP D 97 -4.43 38.54 28.40
N SER D 98 -3.72 38.28 27.30
CA SER D 98 -4.27 38.06 25.96
C SER D 98 -4.91 39.31 25.40
N GLU D 99 -4.67 40.48 26.00
CA GLU D 99 -5.29 41.71 25.52
C GLU D 99 -4.60 42.25 24.27
N ASN D 100 -3.35 41.87 24.04
CA ASN D 100 -2.56 42.47 22.97
C ASN D 100 -3.05 42.04 21.60
N THR D 101 -2.70 42.84 20.59
CA THR D 101 -3.11 42.59 19.22
C THR D 101 -1.96 42.94 18.29
N GLN D 102 -2.02 42.44 17.06
CA GLN D 102 -0.97 42.68 16.08
C GLN D 102 -1.58 42.97 14.71
N LEU D 103 -0.97 43.91 14.01
CA LEU D 103 -1.30 44.23 12.63
C LEU D 103 -0.25 43.62 11.70
N SER D 104 -0.71 42.93 10.67
CA SER D 104 0.16 42.35 9.66
C SER D 104 -0.20 42.91 8.29
N GLU D 105 0.79 42.93 7.41
CA GLU D 105 0.58 43.43 6.05
C GLU D 105 1.68 42.88 5.17
N ALA D 106 1.43 42.95 3.85
CA ALA D 106 2.39 42.43 2.88
C ALA D 106 2.10 43.05 1.52
N TYR D 107 3.10 42.98 0.65
CA TYR D 107 2.96 43.42 -0.74
C TYR D 107 4.00 42.64 -1.56
N VAL D 108 4.12 43.01 -2.84
CA VAL D 108 4.92 42.25 -3.80
C VAL D 108 5.86 43.21 -4.53
N GLU D 109 6.97 42.65 -5.03
CA GLU D 109 7.90 43.43 -5.83
C GLU D 109 8.68 42.48 -6.72
N PHE D 110 9.12 43.00 -7.87
CA PHE D 110 9.85 42.17 -8.82
C PHE D 110 11.22 41.80 -8.25
N ALA D 111 11.59 40.54 -8.39
CA ALA D 111 12.85 40.05 -7.86
C ALA D 111 14.02 40.58 -8.67
N PRO D 112 15.22 40.63 -8.09
CA PRO D 112 16.39 41.14 -8.84
C PRO D 112 16.64 40.39 -10.13
N ASP D 113 16.45 39.06 -10.14
CA ASP D 113 16.65 38.29 -11.36
C ASP D 113 15.80 38.84 -12.49
N CYS D 114 14.64 39.43 -12.16
CA CYS D 114 13.76 39.96 -13.18
C CYS D 114 14.50 40.91 -14.10
N THR D 115 15.48 41.64 -13.56
CA THR D 115 16.28 42.58 -14.34
C THR D 115 16.68 41.99 -15.69
N ILE D 116 16.96 40.69 -15.73
CA ILE D 116 17.35 40.02 -16.96
C ILE D 116 16.32 38.98 -17.40
N ASP D 117 15.37 38.61 -16.56
CA ASP D 117 14.33 37.66 -16.92
C ASP D 117 13.06 38.36 -17.38
N HIS D 118 13.12 39.66 -17.65
CA HIS D 118 11.93 40.41 -18.01
C HIS D 118 11.35 39.95 -19.33
N ALA D 119 10.03 39.94 -19.42
CA ALA D 119 9.30 39.65 -20.65
C ALA D 119 8.37 40.80 -20.95
N VAL D 120 8.44 41.32 -22.18
CA VAL D 120 7.74 42.55 -22.56
C VAL D 120 6.59 42.19 -23.48
N ALA D 121 5.41 42.76 -23.20
CA ALA D 121 4.24 42.57 -24.02
C ALA D 121 4.15 43.70 -25.04
N LEU D 122 4.08 43.34 -26.32
CA LEU D 122 4.15 44.29 -27.43
C LEU D 122 2.85 44.27 -28.23
N LYS D 123 2.43 45.46 -28.64
CA LYS D 123 1.33 45.67 -29.56
C LYS D 123 1.90 46.16 -30.88
N VAL D 124 1.55 45.49 -31.98
CA VAL D 124 2.20 45.72 -33.26
C VAL D 124 1.13 45.98 -34.33
N HIS D 125 1.54 46.68 -35.39
CA HIS D 125 0.63 47.05 -36.47
C HIS D 125 1.46 47.49 -37.67
N THR D 126 0.78 47.64 -38.81
CA THR D 126 1.34 48.27 -40.01
C THR D 126 2.71 47.69 -40.36
N ALA D 127 2.70 46.41 -40.71
CA ALA D 127 3.91 45.75 -41.16
C ALA D 127 4.46 46.45 -42.40
N ALA D 128 5.76 46.72 -42.40
CA ALA D 128 6.43 47.38 -43.52
C ALA D 128 7.59 46.52 -43.98
N LEU D 129 7.76 46.42 -45.29
CA LEU D 129 8.72 45.51 -45.91
C LEU D 129 9.83 46.28 -46.59
N LYS D 130 11.06 45.85 -46.38
CA LYS D 130 12.26 46.45 -46.95
C LYS D 130 12.96 45.42 -47.82
N VAL D 131 13.29 45.79 -49.06
CA VAL D 131 13.84 44.87 -50.04
C VAL D 131 15.19 45.40 -50.52
N GLY D 132 16.19 44.53 -50.55
CA GLY D 132 17.47 44.85 -51.11
C GLY D 132 17.64 44.21 -52.47
N LEU D 133 17.90 45.05 -53.48
CA LEU D 133 18.00 44.62 -54.86
C LEU D 133 19.41 44.86 -55.38
N ARG D 134 19.94 43.89 -56.12
CA ARG D 134 21.20 44.05 -56.85
C ARG D 134 20.91 43.87 -58.33
N ILE D 135 21.34 44.84 -59.13
CA ILE D 135 21.02 44.90 -60.55
C ILE D 135 22.31 44.94 -61.35
N VAL D 136 22.44 44.04 -62.31
CA VAL D 136 23.60 43.97 -63.19
C VAL D 136 23.15 44.37 -64.59
N TYR D 137 23.83 45.35 -65.17
CA TYR D 137 23.57 45.82 -66.52
C TYR D 137 24.89 46.18 -67.18
N GLY D 138 25.10 45.68 -68.39
CA GLY D 138 26.33 45.97 -69.12
C GLY D 138 27.56 45.58 -68.33
N ASN D 139 27.54 44.36 -67.77
CA ASN D 139 28.58 43.88 -66.85
C ASN D 139 29.00 44.98 -65.89
N THR D 140 28.01 45.67 -65.32
CA THR D 140 28.21 46.63 -64.25
C THR D 140 27.17 46.37 -63.17
N THR D 141 27.63 46.24 -61.93
CA THR D 141 26.76 45.86 -60.82
C THR D 141 26.47 47.10 -59.96
N ALA D 142 25.18 47.36 -59.72
CA ALA D 142 24.73 48.42 -58.84
C ALA D 142 23.76 47.82 -57.82
N ARG D 143 23.55 48.56 -56.73
CA ARG D 143 22.79 48.06 -55.60
C ARG D 143 21.80 49.13 -55.14
N LEU D 144 20.74 48.67 -54.47
CA LEU D 144 19.87 49.59 -53.75
C LEU D 144 19.12 48.83 -52.68
N ASP D 145 18.60 49.57 -51.70
CA ASP D 145 17.75 49.03 -50.65
C ASP D 145 16.59 49.98 -50.45
N THR D 146 15.37 49.50 -50.70
CA THR D 146 14.21 50.38 -50.73
C THR D 146 13.06 49.77 -49.94
N PHE D 147 12.26 50.65 -49.34
CA PHE D 147 10.99 50.23 -48.77
C PHE D 147 10.09 49.70 -49.88
N VAL D 148 9.30 48.68 -49.53
CA VAL D 148 8.47 48.02 -50.52
C VAL D 148 7.47 48.97 -51.17
N ASN D 149 7.20 50.11 -50.54
CA ASN D 149 6.26 51.07 -51.10
C ASN D 149 6.69 51.49 -52.50
N GLY D 150 5.70 51.90 -53.30
CA GLY D 150 5.96 52.30 -54.66
C GLY D 150 6.06 53.80 -54.85
N VAL D 151 6.36 54.53 -53.77
CA VAL D 151 6.37 55.99 -53.79
C VAL D 151 7.68 56.58 -53.27
N THR D 152 8.61 55.75 -52.79
CA THR D 152 9.87 56.23 -52.22
C THR D 152 11.04 55.53 -52.89
N PRO D 153 11.45 55.97 -54.08
CA PRO D 153 12.66 55.43 -54.69
C PRO D 153 13.88 55.67 -53.81
N GLY D 154 14.79 54.71 -53.80
CA GLY D 154 15.99 54.81 -53.00
C GLY D 154 17.09 55.58 -53.70
N SER D 155 18.22 55.70 -53.01
CA SER D 155 19.38 56.44 -53.50
C SER D 155 20.55 55.48 -53.67
N SER D 156 21.07 55.40 -54.90
CA SER D 156 22.27 54.61 -55.18
C SER D 156 22.85 55.16 -56.48
N ARG D 157 24.00 55.80 -56.39
CA ARG D 157 24.55 56.59 -57.49
C ARG D 157 23.67 57.78 -57.80
N ASP D 158 22.79 58.17 -56.89
CA ASP D 158 21.75 59.16 -57.16
C ASP D 158 20.76 58.64 -58.20
N LEU D 159 20.49 57.35 -58.17
CA LEU D 159 19.56 56.69 -59.07
C LEU D 159 18.27 56.38 -58.33
N LYS D 160 17.14 56.74 -58.93
CA LYS D 160 15.82 56.52 -58.34
C LYS D 160 15.25 55.22 -58.88
N VAL D 161 15.06 54.24 -58.00
CA VAL D 161 14.48 52.95 -58.35
C VAL D 161 13.36 52.65 -57.38
N ILE D 162 12.19 52.26 -57.91
CA ILE D 162 11.00 52.05 -57.11
C ILE D 162 10.58 50.58 -57.24
N ALA D 163 9.90 50.09 -56.21
CA ALA D 163 9.42 48.71 -56.21
C ALA D 163 8.11 48.64 -55.45
N GLY D 164 7.35 47.58 -55.71
CA GLY D 164 6.09 47.36 -55.05
C GLY D 164 4.99 48.26 -55.58
N PRO D 165 3.84 48.28 -54.89
CA PRO D 165 3.51 47.56 -53.66
C PRO D 165 3.32 46.06 -53.89
N ILE D 166 3.21 45.29 -52.81
CA ILE D 166 3.12 43.84 -52.95
C ILE D 166 1.76 43.46 -53.54
N SER D 167 1.75 42.32 -54.25
CA SER D 167 0.48 41.80 -54.76
C SER D 167 -0.46 41.45 -53.61
N ALA D 168 0.07 40.85 -52.55
CA ALA D 168 -0.70 40.52 -51.37
C ALA D 168 0.11 40.87 -50.13
N ALA D 169 -0.59 41.10 -49.02
CA ALA D 169 0.02 41.46 -47.77
C ALA D 169 0.14 40.23 -46.87
N PHE D 170 1.36 39.97 -46.39
CA PHE D 170 1.63 38.84 -45.51
C PHE D 170 2.40 39.33 -44.30
N SER D 171 2.01 38.86 -43.12
CA SER D 171 2.70 39.21 -41.88
C SER D 171 2.49 38.12 -40.84
N PRO D 172 3.54 37.38 -40.47
CA PRO D 172 3.36 36.37 -39.41
C PRO D 172 2.95 36.95 -38.07
N PHE D 173 3.33 38.21 -37.81
CA PHE D 173 3.03 38.82 -36.53
C PHE D 173 1.54 39.05 -36.36
N ASP D 174 1.08 38.94 -35.12
CA ASP D 174 -0.31 39.21 -34.75
C ASP D 174 -0.36 40.49 -33.90
N HIS D 175 -1.57 41.00 -33.71
CA HIS D 175 -1.75 42.26 -32.99
C HIS D 175 -1.03 42.23 -31.65
N LYS D 176 -1.16 41.13 -30.91
CA LYS D 176 -0.55 40.99 -29.59
C LYS D 176 0.61 40.00 -29.68
N VAL D 177 1.73 40.34 -29.02
CA VAL D 177 2.90 39.47 -29.01
C VAL D 177 3.64 39.68 -27.69
N VAL D 178 4.55 38.77 -27.38
CA VAL D 178 5.43 38.91 -26.21
C VAL D 178 6.84 38.55 -26.62
N ILE D 179 7.80 39.17 -25.95
CA ILE D 179 9.23 38.91 -26.17
C ILE D 179 9.87 38.57 -24.83
N ARG D 180 10.64 37.49 -24.80
CA ARG D 180 11.26 37.01 -23.57
C ARG D 180 12.55 36.27 -23.91
N LYS D 181 13.67 36.80 -23.42
CA LYS D 181 14.97 36.15 -23.58
C LYS D 181 15.27 35.84 -25.05
N GLY D 182 14.93 36.78 -25.91
CA GLY D 182 15.20 36.62 -27.33
C GLY D 182 14.25 35.69 -28.06
N LEU D 183 13.17 35.26 -27.42
CA LEU D 183 12.17 34.41 -28.04
C LEU D 183 10.85 35.19 -28.13
N VAL D 184 10.23 35.15 -29.30
CA VAL D 184 8.97 35.85 -29.54
C VAL D 184 7.84 34.83 -29.52
N TYR D 185 6.77 35.16 -28.80
CA TYR D 185 5.63 34.27 -28.64
C TYR D 185 4.35 35.00 -29.01
N ASN D 186 3.52 34.36 -29.83
CA ASN D 186 2.25 34.93 -30.25
C ASN D 186 1.19 34.58 -29.22
N TYR D 187 0.68 35.61 -28.54
CA TYR D 187 -0.31 35.40 -27.49
C TYR D 187 -1.06 36.70 -27.25
N ASP D 188 -2.33 36.56 -26.86
CA ASP D 188 -3.18 37.71 -26.57
C ASP D 188 -3.00 38.05 -25.10
N PHE D 189 -1.99 38.88 -24.82
CA PHE D 189 -1.70 39.24 -23.44
C PHE D 189 -2.83 40.08 -22.86
N PRO D 190 -3.14 39.93 -21.57
CA PRO D 190 -4.15 40.79 -20.95
C PRO D 190 -3.75 42.26 -21.03
N GLU D 191 -4.75 43.11 -21.21
CA GLU D 191 -4.51 44.54 -21.32
C GLU D 191 -3.96 45.10 -20.03
N TYR D 192 -3.21 46.20 -20.15
CA TYR D 192 -2.63 46.84 -18.98
C TYR D 192 -3.73 47.26 -18.02
N GLY D 193 -3.46 47.10 -16.72
CA GLY D 193 -4.44 47.39 -15.69
C GLY D 193 -5.40 46.27 -15.40
N ALA D 194 -5.27 45.13 -16.07
CA ALA D 194 -6.12 43.97 -15.86
C ALA D 194 -5.30 42.90 -15.15
N MET D 195 -5.65 42.63 -13.90
CA MET D 195 -4.94 41.65 -13.07
C MET D 195 -5.82 40.42 -12.90
N ASN D 196 -5.29 39.27 -13.28
CA ASN D 196 -6.00 38.00 -13.16
C ASN D 196 -5.06 36.97 -12.55
N PRO D 197 -5.23 36.59 -11.29
CA PRO D 197 -4.29 35.65 -10.67
C PRO D 197 -4.22 34.33 -11.43
N GLY D 198 -3.03 33.74 -11.44
CA GLY D 198 -2.80 32.52 -12.16
C GLY D 198 -2.90 32.66 -13.66
N ALA D 199 -2.30 33.72 -14.22
CA ALA D 199 -2.37 33.97 -15.65
C ALA D 199 -1.11 34.72 -16.07
N PHE D 200 -0.88 34.76 -17.38
CA PHE D 200 0.26 35.50 -17.91
C PHE D 200 0.10 36.99 -17.61
N GLY D 201 1.23 37.64 -17.37
CA GLY D 201 1.23 39.07 -17.11
C GLY D 201 0.49 39.44 -15.84
N ASP D 202 0.60 38.61 -14.79
CA ASP D 202 -0.04 38.94 -13.53
C ASP D 202 0.54 40.22 -12.94
N ILE D 203 1.86 40.38 -13.03
CA ILE D 203 2.54 41.59 -12.56
C ILE D 203 2.85 42.45 -13.77
N GLN D 204 2.42 43.70 -13.74
CA GLN D 204 2.56 44.62 -14.86
C GLN D 204 3.21 45.92 -14.39
N ALA D 205 4.04 46.49 -15.26
CA ALA D 205 4.73 47.73 -14.95
C ALA D 205 5.02 48.48 -16.25
N SER D 206 4.96 49.80 -16.19
CA SER D 206 5.28 50.62 -17.36
C SER D 206 6.73 50.41 -17.79
N SER D 207 7.65 50.35 -16.83
CA SER D 207 9.06 50.13 -17.11
C SER D 207 9.60 49.14 -16.10
N LEU D 208 10.79 48.60 -16.42
CA LEU D 208 11.39 47.59 -15.55
C LEU D 208 11.67 48.15 -14.16
N ASP D 209 12.16 49.39 -14.08
CA ASP D 209 12.55 50.02 -12.82
C ASP D 209 11.57 51.12 -12.45
N ALA D 210 10.28 50.88 -12.66
CA ALA D 210 9.25 51.84 -12.29
C ALA D 210 8.88 51.68 -10.83
N THR D 211 8.94 52.77 -10.07
CA THR D 211 8.54 52.73 -8.67
C THR D 211 7.06 52.44 -8.54
N ASP D 212 6.25 53.00 -9.44
CA ASP D 212 4.80 52.77 -9.42
C ASP D 212 4.47 51.46 -10.12
N ILE D 213 3.75 50.59 -9.43
CA ILE D 213 3.36 49.29 -9.97
C ILE D 213 1.90 49.04 -9.61
N VAL D 214 1.27 48.16 -10.39
CA VAL D 214 -0.10 47.72 -10.13
C VAL D 214 -0.15 46.20 -10.35
N ALA D 215 -0.79 45.50 -9.41
CA ALA D 215 -0.89 44.05 -9.51
C ALA D 215 -1.92 43.56 -8.52
N ARG D 216 -2.48 42.38 -8.81
CA ARG D 216 -3.40 41.69 -7.92
C ARG D 216 -3.22 40.20 -8.12
N THR D 217 -2.88 39.48 -7.05
CA THR D 217 -2.64 38.05 -7.13
C THR D 217 -3.28 37.30 -5.97
N ASP D 218 -4.33 37.85 -5.37
CA ASP D 218 -5.17 37.16 -4.40
C ASP D 218 -4.34 36.69 -3.19
N ILE D 219 -3.83 37.67 -2.46
CA ILE D 219 -3.14 37.41 -1.19
C ILE D 219 -4.14 37.55 -0.06
N ARG D 220 -4.19 36.53 0.81
CA ARG D 220 -5.04 36.52 1.99
C ARG D 220 -4.19 36.24 3.21
N LEU D 221 -4.35 37.06 4.25
CA LEU D 221 -3.61 36.87 5.49
C LEU D 221 -4.25 35.77 6.33
N LEU D 222 -3.42 35.05 7.07
CA LEU D 222 -3.88 34.03 8.01
C LEU D 222 -3.62 34.48 9.43
N LYS D 223 -4.57 34.14 10.31
CA LYS D 223 -4.46 34.52 11.71
C LYS D 223 -3.28 33.82 12.37
N PRO D 224 -2.61 34.47 13.33
CA PRO D 224 -1.56 33.79 14.08
C PRO D 224 -2.09 32.51 14.72
N SER D 225 -1.32 31.44 14.62
CA SER D 225 -1.79 30.13 15.03
C SER D 225 -0.75 29.30 15.77
N VAL D 226 0.36 29.89 16.21
CA VAL D 226 1.43 29.15 16.85
C VAL D 226 1.97 29.95 18.03
N LYS D 227 2.93 29.36 18.74
CA LYS D 227 3.53 30.00 19.89
C LYS D 227 4.21 31.31 19.50
N ASN D 228 5.10 31.26 18.51
CA ASN D 228 5.95 32.40 18.20
C ASN D 228 5.23 33.40 17.31
N ILE D 229 5.88 34.54 17.10
CA ILE D 229 5.38 35.55 16.19
C ILE D 229 5.64 35.09 14.76
N HIS D 230 4.59 35.00 13.96
CA HIS D 230 4.71 34.52 12.60
C HIS D 230 3.54 35.07 11.79
N VAL D 231 3.79 35.28 10.49
CA VAL D 231 2.80 35.82 9.57
C VAL D 231 2.59 34.80 8.46
N PRO D 232 1.58 33.92 8.58
CA PRO D 232 1.29 32.97 7.51
C PRO D 232 0.56 33.66 6.37
N TYR D 233 1.12 33.56 5.16
CA TYR D 233 0.56 34.18 3.98
C TYR D 233 0.24 33.11 2.95
N THR D 234 -0.93 33.22 2.33
CA THR D 234 -1.38 32.30 1.30
C THR D 234 -1.60 33.06 0.00
N GLN D 235 -1.02 32.56 -1.09
CA GLN D 235 -1.10 33.24 -2.37
C GLN D 235 -1.05 32.20 -3.48
N ALA D 236 -1.62 32.56 -4.63
CA ALA D 236 -1.59 31.69 -5.79
C ALA D 236 -0.20 31.66 -6.40
N VAL D 237 0.06 30.59 -7.17
CA VAL D 237 1.36 30.45 -7.81
C VAL D 237 1.57 31.58 -8.80
N SER D 238 2.83 31.99 -8.95
CA SER D 238 3.16 33.07 -9.87
C SER D 238 2.78 32.68 -11.30
N GLY D 239 2.17 33.63 -12.03
CA GLY D 239 1.75 33.36 -13.39
C GLY D 239 2.86 33.32 -14.40
N TYR D 240 4.01 33.94 -14.10
CA TYR D 240 5.12 33.93 -15.05
C TYR D 240 5.64 32.53 -15.28
N GLU D 241 5.97 31.82 -14.19
CA GLU D 241 6.39 30.43 -14.33
C GLU D 241 5.28 29.58 -14.93
N MET D 242 4.02 29.93 -14.65
CA MET D 242 2.91 29.19 -15.24
C MET D 242 2.92 29.27 -16.75
N TRP D 243 2.99 30.50 -17.28
CA TRP D 243 3.06 30.66 -18.73
C TRP D 243 4.34 30.04 -19.29
N LYS D 244 5.41 30.05 -18.50
CA LYS D 244 6.67 29.44 -18.96
C LYS D 244 6.52 27.94 -19.14
N ASN D 245 5.83 27.27 -18.21
CA ASN D 245 5.75 25.81 -18.26
C ASN D 245 5.05 25.33 -19.52
N ASN D 246 3.95 25.96 -19.89
CA ASN D 246 3.14 25.55 -21.05
C ASN D 246 2.92 26.73 -21.99
N SER D 247 4.00 27.44 -22.29
CA SER D 247 3.94 28.57 -23.21
C SER D 247 3.65 28.15 -24.64
N GLY D 248 3.81 26.86 -24.96
CA GLY D 248 3.72 26.41 -26.33
C GLY D 248 5.04 26.58 -27.07
N ARG D 249 5.04 26.14 -28.32
CA ARG D 249 6.25 26.23 -29.13
C ARG D 249 6.47 27.68 -29.55
N PRO D 250 7.71 28.04 -29.86
CA PRO D 250 8.00 29.42 -30.28
C PRO D 250 7.57 29.67 -31.72
N LEU D 251 7.45 30.96 -32.03
CA LEU D 251 7.04 31.35 -33.38
C LEU D 251 8.04 30.89 -34.43
N GLN D 252 9.32 30.71 -34.03
CA GLN D 252 10.34 30.29 -34.99
C GLN D 252 9.97 28.97 -35.64
N GLU D 253 9.17 28.15 -34.98
CA GLU D 253 8.74 26.86 -35.50
C GLU D 253 7.32 26.91 -36.06
N THR D 254 6.75 28.10 -36.25
CA THR D 254 5.41 28.25 -36.77
C THR D 254 5.26 29.28 -37.87
N ALA D 255 6.29 30.09 -38.14
CA ALA D 255 6.17 31.15 -39.12
C ALA D 255 6.01 30.56 -40.51
N PRO D 256 4.98 30.95 -41.28
CA PRO D 256 4.89 30.48 -42.66
C PRO D 256 6.02 31.05 -43.51
N PHE D 257 6.42 30.29 -44.52
CA PHE D 257 7.47 30.66 -45.46
C PHE D 257 8.84 30.72 -44.80
N GLY D 258 8.98 30.19 -43.58
CA GLY D 258 10.28 30.16 -42.93
C GLY D 258 10.86 31.53 -42.66
N CYS D 259 10.03 32.47 -42.19
CA CYS D 259 10.54 33.79 -41.85
C CYS D 259 11.62 33.66 -40.78
N LYS D 260 12.74 34.35 -40.97
CA LYS D 260 13.83 34.38 -40.01
C LYS D 260 13.64 35.62 -39.15
N ILE D 261 13.21 35.43 -37.90
CA ILE D 261 12.77 36.52 -37.05
C ILE D 261 13.92 36.92 -36.13
N GLU D 262 14.19 38.22 -36.05
CA GLU D 262 15.19 38.79 -35.16
C GLU D 262 14.52 39.72 -34.18
N VAL D 263 15.08 39.78 -32.97
CA VAL D 263 14.38 40.37 -31.83
C VAL D 263 14.69 41.85 -31.66
N GLU D 264 15.96 42.25 -31.77
CA GLU D 264 16.28 43.64 -31.48
C GLU D 264 15.53 44.63 -32.36
N PRO D 265 15.14 44.32 -33.61
CA PRO D 265 14.18 45.18 -34.30
C PRO D 265 12.76 44.64 -34.21
N LEU D 266 12.63 43.42 -33.68
CA LEU D 266 11.37 42.69 -33.68
C LEU D 266 10.81 42.60 -35.10
N ARG D 267 11.65 42.09 -36.01
CA ARG D 267 11.34 42.12 -37.42
C ARG D 267 11.74 40.80 -38.08
N ALA D 268 11.07 40.49 -39.18
CA ALA D 268 11.36 39.28 -39.95
C ALA D 268 12.29 39.62 -41.11
N THR D 269 13.01 38.59 -41.58
CA THR D 269 13.93 38.74 -42.70
C THR D 269 14.05 37.41 -43.41
N ASN D 270 14.52 37.47 -44.66
CA ASN D 270 14.75 36.28 -45.47
C ASN D 270 13.49 35.43 -45.58
N CYS D 271 12.33 36.07 -45.69
CA CYS D 271 11.05 35.39 -45.79
C CYS D 271 10.44 35.70 -47.15
N ALA D 272 10.03 34.64 -47.87
CA ALA D 272 9.67 34.75 -49.28
C ALA D 272 8.18 34.47 -49.46
N TYR D 273 7.47 35.42 -50.05
CA TYR D 273 6.09 35.20 -50.49
C TYR D 273 5.63 36.41 -51.28
N GLY D 274 4.86 36.17 -52.34
CA GLY D 274 4.25 37.24 -53.12
C GLY D 274 5.06 37.65 -54.32
N HIS D 275 4.49 38.60 -55.07
CA HIS D 275 5.11 39.20 -56.24
C HIS D 275 5.35 40.68 -55.98
N ILE D 276 6.29 41.26 -56.73
CA ILE D 276 6.65 42.67 -56.60
C ILE D 276 6.80 43.27 -57.99
N PRO D 277 6.02 44.29 -58.35
CA PRO D 277 6.32 45.04 -59.58
C PRO D 277 7.31 46.17 -59.31
N ILE D 278 8.22 46.36 -60.26
CA ILE D 278 9.31 47.31 -60.10
C ILE D 278 9.55 48.03 -61.42
N SER D 279 10.04 49.26 -61.31
CA SER D 279 10.47 50.05 -62.45
C SER D 279 11.93 50.44 -62.26
N ILE D 280 12.76 50.15 -63.26
CA ILE D 280 14.19 50.38 -63.21
C ILE D 280 14.54 51.43 -64.25
N ASP D 281 15.23 52.47 -63.84
CA ASP D 281 15.71 53.52 -64.74
C ASP D 281 17.21 53.31 -64.97
N ILE D 282 17.60 53.32 -66.25
CA ILE D 282 18.97 53.05 -66.65
C ILE D 282 19.47 54.25 -67.45
N PRO D 283 20.67 54.76 -67.21
CA PRO D 283 21.16 55.90 -68.00
C PRO D 283 21.30 55.52 -69.47
N ASP D 284 21.06 56.50 -70.33
CA ASP D 284 21.18 56.26 -71.77
C ASP D 284 22.61 55.92 -72.15
N ALA D 285 23.59 56.55 -71.50
CA ALA D 285 25.00 56.28 -71.81
C ALA D 285 25.33 54.80 -71.63
N ALA D 286 24.65 54.11 -70.71
CA ALA D 286 24.92 52.69 -70.52
C ALA D 286 24.59 51.89 -71.76
N PHE D 287 23.62 52.34 -72.55
CA PHE D 287 23.24 51.64 -73.76
C PHE D 287 24.33 51.77 -74.82
N VAL D 288 24.35 50.82 -75.75
CA VAL D 288 25.33 50.76 -76.82
C VAL D 288 24.59 50.68 -78.15
N ARG D 289 25.00 51.50 -79.11
CA ARG D 289 24.35 51.50 -80.41
C ARG D 289 24.59 50.17 -81.12
N SER D 290 23.62 49.77 -81.93
CA SER D 290 23.74 48.53 -82.69
C SER D 290 24.84 48.62 -83.75
N SER D 291 25.28 49.82 -84.11
CA SER D 291 26.30 49.97 -85.13
C SER D 291 27.59 49.28 -84.72
N GLU D 292 28.02 49.47 -83.48
CA GLU D 292 29.22 48.85 -82.97
C GLU D 292 28.99 47.44 -82.45
N SER D 293 27.74 47.03 -82.27
CA SER D 293 27.45 45.70 -81.78
C SER D 293 27.86 44.65 -82.81
N PRO D 294 28.31 43.47 -82.38
CA PRO D 294 28.64 42.42 -83.34
C PRO D 294 27.43 42.01 -84.16
N THR D 295 27.67 41.68 -85.41
CA THR D 295 26.62 41.25 -86.34
C THR D 295 26.69 39.75 -86.51
N ILE D 296 25.54 39.09 -86.37
CA ILE D 296 25.45 37.64 -86.47
C ILE D 296 24.59 37.27 -87.66
N LEU D 297 24.76 36.03 -88.14
CA LEU D 297 24.11 35.59 -89.37
C LEU D 297 23.90 34.08 -89.31
N GLU D 298 22.72 33.65 -89.78
CA GLU D 298 22.39 32.24 -89.97
C GLU D 298 22.71 31.42 -88.72
N VAL D 299 21.99 31.73 -87.64
CA VAL D 299 22.15 31.03 -86.37
C VAL D 299 21.12 29.91 -86.28
N SER D 300 21.47 28.87 -85.53
CA SER D 300 20.58 27.72 -85.35
C SER D 300 20.81 27.12 -83.98
N CYS D 301 19.79 26.43 -83.49
CA CYS D 301 19.79 25.82 -82.16
C CYS D 301 19.88 24.30 -82.26
N THR D 302 20.21 23.68 -81.12
CA THR D 302 20.24 22.23 -81.04
C THR D 302 20.20 21.84 -79.57
N VAL D 303 19.20 21.05 -79.19
CA VAL D 303 19.08 20.55 -77.83
C VAL D 303 19.83 19.22 -77.78
N ALA D 304 21.07 19.26 -77.30
CA ALA D 304 21.86 18.03 -77.20
C ALA D 304 21.18 17.03 -76.28
N ASP D 305 20.71 17.49 -75.13
CA ASP D 305 19.95 16.65 -74.20
C ASP D 305 19.41 17.54 -73.10
N CYS D 306 18.18 17.23 -72.66
CA CYS D 306 17.55 17.96 -71.57
C CYS D 306 16.92 16.99 -70.59
N ILE D 307 16.81 17.43 -69.35
CA ILE D 307 16.20 16.66 -68.27
C ILE D 307 15.21 17.55 -67.54
N TYR D 308 14.02 17.01 -67.27
CA TYR D 308 13.01 17.77 -66.54
C TYR D 308 13.39 17.83 -65.06
N SER D 309 14.51 18.50 -64.77
CA SER D 309 15.05 18.54 -63.42
C SER D 309 14.57 19.78 -62.68
N ALA D 310 14.35 19.63 -61.38
CA ALA D 310 14.01 20.78 -60.55
C ALA D 310 15.14 21.80 -60.53
N ASP D 311 16.37 21.32 -60.45
CA ASP D 311 17.54 22.19 -60.45
C ASP D 311 17.92 22.54 -61.88
N PHE D 312 18.92 23.41 -62.04
CA PHE D 312 19.39 23.83 -63.34
C PHE D 312 20.24 22.72 -63.95
N GLY D 313 19.63 21.93 -64.83
CA GLY D 313 20.33 20.81 -65.43
C GLY D 313 20.12 20.70 -66.94
N GLY D 314 19.43 21.68 -67.52
CA GLY D 314 19.20 21.66 -68.95
C GLY D 314 20.37 22.21 -69.73
N SER D 315 20.63 21.63 -70.90
CA SER D 315 21.74 22.03 -71.74
C SER D 315 21.24 22.32 -73.15
N LEU D 316 21.96 23.20 -73.84
CA LEU D 316 21.57 23.63 -75.18
C LEU D 316 22.84 23.99 -75.93
N THR D 317 22.73 24.09 -77.26
CA THR D 317 23.85 24.53 -78.08
C THR D 317 23.33 25.39 -79.22
N LEU D 318 24.16 26.32 -79.67
CA LEU D 318 23.84 27.19 -80.79
C LEU D 318 25.05 27.30 -81.71
N GLN D 319 24.78 27.38 -83.00
CA GLN D 319 25.81 27.57 -84.03
C GLN D 319 25.47 28.81 -84.83
N TYR D 320 26.45 29.69 -85.01
CA TYR D 320 26.21 31.00 -85.60
C TYR D 320 27.26 31.33 -86.64
N LYS D 321 26.87 32.20 -87.58
CA LYS D 321 27.78 32.80 -88.54
C LYS D 321 27.78 34.31 -88.32
N ALA D 322 28.97 34.91 -88.33
CA ALA D 322 29.10 36.32 -88.02
C ALA D 322 30.26 36.92 -88.81
N ASN D 323 30.40 38.24 -88.70
CA ASN D 323 31.46 38.97 -89.39
C ASN D 323 32.32 39.82 -88.46
N ARG D 324 31.90 40.05 -87.22
CA ARG D 324 32.61 40.94 -86.30
C ARG D 324 32.87 40.20 -85.00
N GLU D 325 34.02 40.50 -84.40
CA GLU D 325 34.41 39.92 -83.11
C GLU D 325 33.94 40.81 -81.97
N GLY D 326 33.62 40.19 -80.86
CA GLY D 326 33.16 40.91 -79.68
C GLY D 326 32.28 40.03 -78.82
N HIS D 327 31.37 40.68 -78.11
CA HIS D 327 30.44 40.01 -77.21
C HIS D 327 29.01 40.37 -77.56
N CYS D 328 28.11 39.39 -77.46
CA CYS D 328 26.68 39.64 -77.53
C CYS D 328 25.94 38.97 -76.38
N PRO D 329 24.79 39.51 -76.01
CA PRO D 329 23.96 38.87 -74.99
C PRO D 329 23.15 37.72 -75.57
N VAL D 330 22.60 36.91 -74.67
CA VAL D 330 21.71 35.81 -75.02
C VAL D 330 20.53 35.84 -74.07
N HIS D 331 19.32 35.58 -74.59
CA HIS D 331 18.12 35.67 -73.78
C HIS D 331 17.11 34.63 -74.25
N SER D 332 16.08 34.44 -73.42
CA SER D 332 14.96 33.57 -73.75
C SER D 332 13.67 34.30 -73.36
N HIS D 333 12.89 34.71 -74.35
CA HIS D 333 11.64 35.41 -74.08
C HIS D 333 10.53 34.50 -73.57
N SER D 334 10.74 33.19 -73.57
CA SER D 334 9.77 32.26 -73.01
C SER D 334 10.00 32.15 -71.51
N THR D 335 8.96 32.47 -70.74
CA THR D 335 9.09 32.47 -69.28
C THR D 335 9.32 31.07 -68.73
N THR D 336 8.83 30.03 -69.42
CA THR D 336 8.95 28.67 -68.90
C THR D 336 10.40 28.24 -68.75
N ALA D 337 11.33 28.89 -69.44
CA ALA D 337 12.74 28.51 -69.38
C ALA D 337 13.58 29.74 -69.03
N VAL D 338 14.66 29.49 -68.30
CA VAL D 338 15.57 30.54 -67.84
C VAL D 338 17.00 30.11 -68.12
N LEU D 339 17.80 31.02 -68.68
CA LEU D 339 19.19 30.74 -69.00
C LEU D 339 20.05 30.91 -67.75
N LYS D 340 21.37 30.77 -67.92
CA LYS D 340 22.33 30.90 -66.83
C LYS D 340 23.32 32.03 -67.03
N GLU D 341 23.85 32.20 -68.24
CA GLU D 341 24.77 33.28 -68.57
C GLU D 341 24.14 34.17 -69.63
N ALA D 342 24.34 35.48 -69.48
CA ALA D 342 23.61 36.46 -70.29
C ALA D 342 24.32 36.84 -71.57
N THR D 343 25.65 36.77 -71.60
CA THR D 343 26.41 37.21 -72.78
C THR D 343 27.62 36.31 -72.97
N THR D 344 28.14 36.33 -74.19
CA THR D 344 29.29 35.50 -74.55
C THR D 344 29.97 36.10 -75.77
N HIS D 345 31.21 35.63 -76.00
CA HIS D 345 31.97 36.03 -77.16
C HIS D 345 31.27 35.60 -78.44
N VAL D 346 31.69 36.20 -79.56
CA VAL D 346 31.16 35.88 -80.87
C VAL D 346 32.32 35.80 -81.85
N THR D 347 32.34 34.75 -82.66
CA THR D 347 33.34 34.55 -83.71
C THR D 347 32.65 34.47 -85.06
N ALA D 348 33.46 34.39 -86.11
CA ALA D 348 32.92 34.41 -87.46
C ALA D 348 31.96 33.25 -87.71
N THR D 349 32.34 32.04 -87.29
CA THR D 349 31.52 30.85 -87.49
C THR D 349 31.53 29.95 -86.26
N GLY D 350 31.63 30.53 -85.07
CA GLY D 350 31.72 29.72 -83.87
C GLY D 350 30.38 29.16 -83.44
N SER D 351 30.45 28.18 -82.53
CA SER D 351 29.28 27.59 -81.92
C SER D 351 29.56 27.39 -80.44
N ILE D 352 28.57 27.70 -79.61
CA ILE D 352 28.74 27.70 -78.16
C ILE D 352 27.55 27.02 -77.49
N THR D 353 27.82 26.44 -76.32
CA THR D 353 26.79 25.77 -75.54
C THR D 353 26.22 26.73 -74.48
N LEU D 354 25.16 26.27 -73.82
CA LEU D 354 24.45 27.07 -72.84
C LEU D 354 23.82 26.16 -71.80
N HIS D 355 23.75 26.66 -70.57
CA HIS D 355 23.09 25.97 -69.47
C HIS D 355 21.82 26.73 -69.10
N PHE D 356 20.75 26.00 -68.80
CA PHE D 356 19.45 26.60 -68.59
C PHE D 356 18.61 25.65 -67.74
N SER D 357 17.38 26.10 -67.44
CA SER D 357 16.42 25.30 -66.68
C SER D 357 15.03 25.60 -67.21
N THR D 358 14.11 24.69 -66.94
CA THR D 358 12.73 24.83 -67.41
C THR D 358 11.78 24.24 -66.37
N SER D 359 10.53 24.68 -66.44
CA SER D 359 9.48 24.22 -65.55
C SER D 359 8.48 23.30 -66.24
N SER D 360 8.73 22.91 -67.49
CA SER D 360 7.86 22.04 -68.25
C SER D 360 8.70 21.01 -68.99
N PRO D 361 8.16 19.81 -69.23
CA PRO D 361 8.91 18.81 -70.00
C PRO D 361 8.94 19.08 -71.49
N GLN D 362 7.98 19.84 -72.02
CA GLN D 362 7.95 20.21 -73.43
C GLN D 362 8.88 21.39 -73.63
N ALA D 363 10.15 21.10 -73.91
CA ALA D 363 11.18 22.13 -74.06
C ALA D 363 11.12 22.71 -75.48
N ASN D 364 10.03 23.42 -75.74
CA ASN D 364 9.86 24.18 -76.97
C ASN D 364 9.74 25.66 -76.64
N PHE D 365 10.55 26.48 -77.31
CA PHE D 365 10.55 27.91 -77.02
C PHE D 365 11.37 28.69 -78.03
N ILE D 366 11.50 30.00 -77.80
CA ILE D 366 12.26 30.90 -78.66
C ILE D 366 13.35 31.55 -77.82
N VAL D 367 14.58 31.51 -78.34
CA VAL D 367 15.72 32.11 -77.66
C VAL D 367 16.42 33.03 -78.67
N SER D 368 16.97 34.13 -78.15
CA SER D 368 17.64 35.13 -78.96
C SER D 368 19.13 35.10 -78.67
N LEU D 369 19.92 34.96 -79.73
CA LEU D 369 21.36 35.15 -79.67
C LEU D 369 21.67 36.55 -80.18
N CYS D 370 22.40 37.32 -79.39
CA CYS D 370 22.71 38.71 -79.70
C CYS D 370 21.35 39.39 -79.95
N GLY D 371 21.13 39.98 -81.12
CA GLY D 371 19.83 40.58 -81.40
C GLY D 371 18.84 39.61 -82.02
N LYS D 372 19.33 38.61 -82.74
CA LYS D 372 18.46 37.76 -83.54
C LYS D 372 17.75 36.72 -82.68
N LYS D 373 16.60 36.25 -83.16
CA LYS D 373 15.80 35.23 -82.49
C LYS D 373 15.94 33.90 -83.21
N THR D 374 15.45 32.84 -82.56
CA THR D 374 15.45 31.52 -83.18
C THR D 374 14.59 30.59 -82.33
N THR D 375 13.79 29.77 -83.01
CA THR D 375 12.99 28.75 -82.36
C THR D 375 13.85 27.52 -82.07
N CYS D 376 13.47 26.78 -81.02
CA CYS D 376 14.22 25.60 -80.64
C CYS D 376 13.33 24.72 -79.77
N ASN D 377 13.29 23.42 -80.08
CA ASN D 377 12.35 22.50 -79.44
C ASN D 377 13.05 21.20 -79.04
N ALA D 378 12.48 20.55 -78.03
CA ALA D 378 12.97 19.25 -77.55
C ALA D 378 12.04 18.80 -76.43
N GLU D 379 12.28 17.58 -75.95
CA GLU D 379 11.51 16.98 -74.86
C GLU D 379 12.47 16.60 -73.74
N CYS D 380 12.00 16.71 -72.50
CA CYS D 380 12.82 16.46 -71.33
C CYS D 380 12.19 15.36 -70.48
N LYS D 381 13.04 14.68 -69.70
CA LYS D 381 12.62 13.54 -68.90
C LYS D 381 12.72 13.85 -67.40
N PRO D 382 11.87 13.23 -66.58
CA PRO D 382 11.99 13.43 -65.14
C PRO D 382 13.30 12.85 -64.62
N PRO D 383 13.82 13.39 -63.52
CA PRO D 383 15.11 12.90 -63.00
C PRO D 383 14.95 11.74 -62.03
N ALA D 384 16.07 11.04 -61.82
CA ALA D 384 16.09 9.95 -60.85
C ALA D 384 15.94 10.48 -59.43
N ASP D 385 16.71 11.50 -59.08
CA ASP D 385 16.57 12.14 -57.78
C ASP D 385 15.39 13.11 -57.80
N HIS D 386 14.58 13.06 -56.75
CA HIS D 386 13.32 13.81 -56.73
C HIS D 386 13.10 14.53 -55.40
N ILE D 387 14.17 14.79 -54.65
CA ILE D 387 14.12 15.62 -53.46
C ILE D 387 15.38 16.47 -53.43
N ILE D 388 15.22 17.79 -53.56
CA ILE D 388 16.33 18.73 -53.47
C ILE D 388 15.79 20.06 -52.95
N GLY D 389 16.60 20.74 -52.14
CA GLY D 389 16.25 22.03 -51.59
C GLY D 389 16.80 23.23 -52.32
N GLU D 390 17.62 23.02 -53.35
CA GLU D 390 18.19 24.13 -54.10
C GLU D 390 17.10 24.81 -54.93
N PRO D 391 17.36 26.07 -55.37
CA PRO D 391 16.34 26.82 -56.13
C PRO D 391 15.59 25.98 -57.14
N HIS D 392 14.26 26.03 -57.08
CA HIS D 392 13.40 25.23 -57.92
C HIS D 392 12.22 26.08 -58.38
N LYS D 393 11.71 25.78 -59.57
CA LYS D 393 10.60 26.51 -60.17
C LYS D 393 10.92 28.00 -60.25
N VAL D 394 12.03 28.30 -60.95
CA VAL D 394 12.34 29.69 -61.26
C VAL D 394 11.16 30.34 -61.95
N ASP D 395 10.39 29.55 -62.70
CA ASP D 395 9.09 29.94 -63.23
C ASP D 395 8.07 28.91 -62.80
N GLN D 396 6.96 29.36 -62.24
CA GLN D 396 5.93 28.44 -61.77
C GLN D 396 5.24 27.78 -62.95
N GLU D 397 4.71 26.57 -62.71
CA GLU D 397 4.05 25.82 -63.77
C GLU D 397 2.85 26.60 -64.30
N PHE D 398 2.63 26.50 -65.60
CA PHE D 398 1.54 27.19 -66.29
C PHE D 398 0.70 26.18 -67.07
N GLN D 399 0.33 25.10 -66.38
CA GLN D 399 -0.45 24.00 -66.98
C GLN D 399 0.13 23.58 -68.33
N ALA D 400 1.44 23.73 -68.49
CA ALA D 400 2.13 23.33 -69.71
C ALA D 400 2.79 21.95 -69.59
N ALA D 401 2.62 21.26 -68.47
CA ALA D 401 3.14 19.90 -68.36
C ALA D 401 2.54 18.98 -69.41
N VAL D 402 1.38 19.32 -69.96
CA VAL D 402 0.78 18.52 -71.01
C VAL D 402 1.72 18.43 -72.20
N SER D 403 1.87 17.21 -72.74
CA SER D 403 2.85 16.95 -73.80
C SER D 403 2.25 17.19 -75.18
N LYS D 404 3.13 17.29 -76.18
CA LYS D 404 2.69 17.37 -77.56
C LYS D 404 1.98 16.10 -77.98
N THR D 405 2.51 14.94 -77.58
CA THR D 405 1.83 13.68 -77.85
C THR D 405 0.45 13.66 -77.19
N SER D 406 0.34 14.23 -75.98
CA SER D 406 -0.95 14.27 -75.32
C SER D 406 -1.93 15.13 -76.11
N TRP D 407 -1.46 16.27 -76.64
CA TRP D 407 -2.29 17.09 -77.52
C TRP D 407 -2.71 16.35 -78.77
N ASN D 408 -1.79 15.60 -79.39
CA ASN D 408 -2.16 14.84 -80.58
C ASN D 408 -3.21 13.78 -80.24
N TRP D 409 -3.05 13.09 -79.11
CA TRP D 409 -4.01 12.06 -78.73
C TRP D 409 -5.36 12.67 -78.39
N LEU D 410 -5.38 13.79 -77.67
CA LEU D 410 -6.63 14.46 -77.34
C LEU D 410 -7.33 14.95 -78.59
N LEU D 411 -6.58 15.51 -79.54
CA LEU D 411 -7.20 15.95 -80.80
C LEU D 411 -7.78 14.76 -81.54
N ALA D 412 -7.06 13.64 -81.59
CA ALA D 412 -7.58 12.45 -82.26
C ALA D 412 -8.73 11.82 -81.50
N LEU D 413 -8.91 12.16 -80.22
CA LEU D 413 -9.99 11.59 -79.43
C LEU D 413 -11.31 12.28 -79.72
N PHE D 414 -11.34 13.61 -79.57
CA PHE D 414 -12.57 14.35 -79.82
C PHE D 414 -13.02 14.16 -81.26
N GLY D 415 -14.30 13.87 -81.45
CA GLY D 415 -14.84 13.60 -82.76
C GLY D 415 -15.76 14.72 -83.23
N GLY D 416 -15.92 14.79 -84.55
CA GLY D 416 -16.75 15.80 -85.16
C GLY D 416 -18.19 15.34 -85.36
N ALA D 417 -18.88 15.03 -84.26
CA ALA D 417 -20.26 14.60 -84.34
C ALA D 417 -21.18 15.74 -84.78
N SER D 418 -20.77 16.99 -84.57
CA SER D 418 -21.58 18.11 -85.01
C SER D 418 -21.77 18.10 -86.53
N SER D 419 -20.68 17.84 -87.27
CA SER D 419 -20.80 17.73 -88.72
C SER D 419 -21.70 16.58 -89.11
N LEU D 420 -21.61 15.45 -88.39
CA LEU D 420 -22.46 14.32 -88.70
C LEU D 420 -23.93 14.66 -88.53
N ILE D 421 -24.29 15.32 -87.43
CA ILE D 421 -25.68 15.68 -87.21
C ILE D 421 -26.15 16.71 -88.23
N VAL D 422 -25.28 17.66 -88.58
CA VAL D 422 -25.65 18.67 -89.58
C VAL D 422 -25.93 18.00 -90.92
N VAL D 423 -25.06 17.08 -91.34
CA VAL D 423 -25.27 16.39 -92.61
C VAL D 423 -26.53 15.54 -92.55
N GLY D 424 -26.76 14.88 -91.41
CA GLY D 424 -27.97 14.09 -91.26
C GLY D 424 -29.22 14.93 -91.39
N LEU D 425 -29.23 16.11 -90.77
CA LEU D 425 -30.38 17.00 -90.87
C LEU D 425 -30.57 17.49 -92.31
N ILE D 426 -29.47 17.81 -92.99
CA ILE D 426 -29.57 18.29 -94.37
C ILE D 426 -30.17 17.22 -95.27
N VAL D 427 -29.65 15.99 -95.18
CA VAL D 427 -30.19 14.91 -95.99
C VAL D 427 -31.62 14.60 -95.59
N LEU D 428 -31.94 14.76 -94.30
CA LEU D 428 -33.30 14.52 -93.84
C LEU D 428 -34.28 15.50 -94.48
N VAL D 429 -33.93 16.78 -94.51
CA VAL D 429 -34.83 17.78 -95.11
C VAL D 429 -34.93 17.54 -96.62
N CYS D 430 -33.82 17.17 -97.25
CA CYS D 430 -33.86 16.87 -98.69
C CYS D 430 -34.81 15.71 -98.97
N SER D 431 -34.71 14.64 -98.18
CA SER D 431 -35.60 13.49 -98.36
C SER D 431 -37.05 13.87 -98.07
N SER D 432 -37.26 14.71 -97.04
CA SER D 432 -38.62 15.14 -96.74
C SER D 432 -39.24 15.88 -97.90
N MET D 433 -38.46 16.76 -98.55
CA MET D 433 -38.97 17.43 -99.75
C MET D 433 -39.23 16.42 -100.87
N LEU D 434 -38.27 15.51 -101.10
CA LEU D 434 -38.43 14.51 -102.16
C LEU D 434 -39.71 13.71 -101.97
N ILE D 435 -40.11 13.46 -100.72
CA ILE D 435 -41.30 12.67 -100.47
C ILE D 435 -42.55 13.55 -100.45
N ASN D 436 -42.41 14.83 -100.10
CA ASN D 436 -43.50 15.76 -100.32
C ASN D 436 -43.83 15.87 -101.81
N THR D 437 -42.87 15.54 -102.67
CA THR D 437 -43.18 15.40 -104.10
C THR D 437 -44.27 14.35 -104.31
N ARG D 438 -44.08 13.17 -103.74
CA ARG D 438 -45.05 12.07 -103.86
C ARG D 438 -45.26 11.67 -105.31
N ILE E 1 23.35 56.17 0.52
CA ILE E 1 23.54 54.74 0.28
C ILE E 1 25.02 54.40 0.39
N THR E 2 25.32 53.15 0.77
CA THR E 2 26.69 52.71 0.96
C THR E 2 26.75 51.20 0.78
N ASP E 3 27.96 50.65 0.90
CA ASP E 3 28.19 49.22 0.79
C ASP E 3 28.89 48.65 2.01
N ASP E 4 29.06 49.44 3.07
CA ASP E 4 29.71 48.95 4.27
C ASP E 4 28.87 47.87 4.93
N PHE E 5 29.56 46.94 5.61
CA PHE E 5 28.91 45.82 6.28
C PHE E 5 29.06 45.82 7.79
N THR E 6 30.00 46.58 8.35
CA THR E 6 30.21 46.59 9.79
C THR E 6 29.08 47.28 10.54
N LEU E 7 28.16 47.94 9.85
CA LEU E 7 27.09 48.71 10.49
C LEU E 7 25.89 47.85 10.86
N THR E 8 25.92 46.56 10.57
CA THR E 8 24.82 45.65 10.88
C THR E 8 25.35 44.42 11.58
N SER E 9 24.47 43.75 12.33
CA SER E 9 24.81 42.58 13.12
C SER E 9 23.86 41.44 12.80
N PRO E 10 24.31 40.19 12.93
CA PRO E 10 23.41 39.06 12.65
C PRO E 10 22.26 39.00 13.64
N TYR E 11 21.13 38.46 13.18
CA TYR E 11 19.92 38.35 13.97
C TYR E 11 19.43 36.92 13.98
N LEU E 12 18.65 36.59 15.01
CA LEU E 12 18.10 35.25 15.14
C LEU E 12 16.99 35.03 14.10
N GLY E 13 16.62 33.76 13.94
CA GLY E 13 15.51 33.39 13.08
C GLY E 13 14.91 32.09 13.56
N PHE E 14 13.79 31.72 12.94
CA PHE E 14 13.05 30.51 13.31
C PHE E 14 13.05 29.57 12.11
N CYS E 15 13.90 28.55 12.16
CA CYS E 15 13.96 27.58 11.08
C CYS E 15 12.90 26.50 11.31
N PRO E 16 12.08 26.17 10.29
CA PRO E 16 11.16 25.04 10.46
C PRO E 16 11.87 23.72 10.71
N TYR E 17 13.15 23.62 10.37
CA TYR E 17 13.94 22.41 10.56
C TYR E 17 15.06 22.68 11.57
N CYS E 18 15.41 21.65 12.31
CA CYS E 18 16.54 21.71 13.24
C CYS E 18 17.17 20.33 13.30
N ARG E 19 18.22 20.20 14.11
CA ARG E 19 18.88 18.90 14.25
C ARG E 19 17.94 17.87 14.86
N HIS E 20 16.86 18.29 15.50
CA HIS E 20 15.87 17.40 16.07
C HIS E 20 14.69 17.15 15.13
N SER E 21 14.78 17.60 13.88
CA SER E 21 13.73 17.43 12.88
C SER E 21 12.44 18.14 13.27
N ALA E 22 12.54 19.16 14.12
CA ALA E 22 11.40 19.93 14.56
C ALA E 22 11.71 21.42 14.43
N PRO E 23 10.69 22.25 14.22
CA PRO E 23 10.95 23.69 14.10
C PRO E 23 11.53 24.26 15.39
N CYS E 24 12.46 25.20 15.24
CA CYS E 24 13.09 25.83 16.39
C CYS E 24 13.90 27.03 15.92
N PHE E 25 14.39 27.79 16.87
CA PHE E 25 15.15 29.00 16.58
C PHE E 25 16.63 28.67 16.34
N SER E 26 17.28 29.53 15.59
CA SER E 26 18.68 29.37 15.22
C SER E 26 19.14 30.63 14.51
N PRO E 27 20.45 30.91 14.51
CA PRO E 27 20.98 32.02 13.70
C PRO E 27 21.17 31.69 12.24
N ILE E 28 20.87 30.45 11.83
CA ILE E 28 21.10 30.03 10.46
C ILE E 28 19.80 30.05 9.64
N LYS E 29 18.83 30.85 10.08
CA LYS E 29 17.54 30.92 9.38
C LYS E 29 17.76 31.32 7.93
N ILE E 30 17.04 30.63 7.03
CA ILE E 30 17.10 30.90 5.60
C ILE E 30 15.67 31.12 5.10
N GLU E 31 15.49 32.11 4.23
CA GLU E 31 14.15 32.48 3.79
C GLU E 31 14.01 32.48 2.28
N ASN E 32 15.09 32.74 1.54
CA ASN E 32 15.02 32.91 0.10
C ASN E 32 16.10 32.07 -0.57
N VAL E 33 15.79 31.60 -1.78
CA VAL E 33 16.72 30.83 -2.60
C VAL E 33 16.37 31.07 -4.06
N TRP E 34 17.39 31.12 -4.92
CA TRP E 34 17.23 31.39 -6.33
C TRP E 34 18.03 30.38 -7.15
N ASP E 35 17.44 29.94 -8.27
CA ASP E 35 18.05 28.92 -9.10
C ASP E 35 17.87 29.21 -10.60
N GLU E 36 17.84 30.49 -10.99
CA GLU E 36 17.61 30.85 -12.37
C GLU E 36 18.84 30.71 -13.24
N SER E 37 20.02 30.50 -12.65
CA SER E 37 21.24 30.40 -13.45
C SER E 37 21.19 29.17 -14.36
N ASP E 38 21.67 29.34 -15.58
CA ASP E 38 21.72 28.21 -16.52
C ASP E 38 22.64 27.11 -16.01
N ASP E 39 23.80 27.49 -15.46
CA ASP E 39 24.72 26.50 -14.91
C ASP E 39 24.11 25.81 -13.69
N GLY E 40 23.13 26.42 -13.05
CA GLY E 40 22.52 25.87 -11.86
C GLY E 40 23.02 26.43 -10.55
N SER E 41 23.81 27.50 -10.59
CA SER E 41 24.30 28.11 -9.35
C SER E 41 23.12 28.55 -8.49
N ILE E 42 23.23 28.30 -7.19
CA ILE E 42 22.16 28.54 -6.23
C ILE E 42 22.60 29.63 -5.26
N ARG E 43 21.72 30.63 -5.09
CA ARG E 43 21.94 31.73 -4.15
C ARG E 43 21.14 31.44 -2.88
N ILE E 44 21.83 31.41 -1.75
CA ILE E 44 21.24 31.12 -0.45
C ILE E 44 21.40 32.33 0.45
N GLN E 45 20.30 32.75 1.06
CA GLN E 45 20.28 33.87 2.01
C GLN E 45 20.07 33.33 3.42
N VAL E 46 20.91 33.79 4.35
CA VAL E 46 20.84 33.35 5.73
C VAL E 46 20.83 34.57 6.64
N SER E 47 20.22 34.41 7.82
CA SER E 47 20.16 35.50 8.78
C SER E 47 21.56 35.88 9.27
N ALA E 48 22.39 34.87 9.55
CA ALA E 48 23.73 35.12 10.09
C ALA E 48 24.60 35.82 9.03
N GLN E 49 25.83 36.12 9.42
CA GLN E 49 26.77 36.84 8.58
C GLN E 49 28.09 36.10 8.51
N PHE E 50 28.67 36.06 7.32
CA PHE E 50 30.00 35.49 7.10
C PHE E 50 30.55 36.10 5.82
N GLY E 51 31.82 35.78 5.54
CA GLY E 51 32.57 36.46 4.51
C GLY E 51 33.19 37.76 4.95
N TYR E 52 32.81 38.26 6.13
CA TYR E 52 33.41 39.43 6.75
C TYR E 52 33.68 39.11 8.21
N ASN E 53 34.36 40.03 8.88
CA ASN E 53 34.61 39.87 10.30
C ASN E 53 33.32 40.09 11.09
N GLN E 54 33.33 39.62 12.34
CA GLN E 54 32.16 39.77 13.20
C GLN E 54 31.79 41.25 13.33
N ALA E 55 30.50 41.52 13.30
CA ALA E 55 30.02 42.89 13.41
C ALA E 55 30.52 43.53 14.70
N GLY E 56 31.03 44.74 14.59
CA GLY E 56 31.56 45.46 15.73
C GLY E 56 32.99 45.13 16.09
N THR E 57 33.64 44.21 15.37
CA THR E 57 35.02 43.86 15.65
C THR E 57 35.96 44.92 15.11
N ALA E 58 37.18 44.96 15.65
CA ALA E 58 38.17 45.93 15.22
C ALA E 58 38.37 45.87 13.71
N ASP E 59 38.62 44.68 13.19
CA ASP E 59 38.71 44.47 11.74
C ASP E 59 37.34 44.06 11.20
N VAL E 60 37.12 44.37 9.92
CA VAL E 60 35.82 44.19 9.30
C VAL E 60 35.80 43.02 8.32
N THR E 61 36.90 42.77 7.61
CA THR E 61 36.95 41.76 6.57
C THR E 61 37.81 40.59 7.03
N LYS E 62 37.22 39.39 7.04
CA LYS E 62 37.97 38.18 7.34
C LYS E 62 37.18 37.00 6.79
N PHE E 63 37.73 36.34 5.76
CA PHE E 63 37.01 35.25 5.11
C PHE E 63 36.79 34.08 6.08
N ARG E 64 37.82 33.72 6.84
CA ARG E 64 37.74 32.53 7.68
C ARG E 64 36.76 32.69 8.84
N TYR E 65 36.40 33.92 9.19
CA TYR E 65 35.53 34.14 10.33
C TYR E 65 34.09 33.73 10.01
N MET E 66 33.35 33.38 11.06
CA MET E 66 31.97 32.95 10.98
C MET E 66 31.19 33.55 12.14
N SER E 67 30.53 34.67 11.89
CA SER E 67 29.82 35.42 12.91
C SER E 67 28.41 34.86 13.10
N TYR E 68 28.03 34.67 14.35
CA TYR E 68 26.67 34.28 14.69
C TYR E 68 26.35 34.85 16.06
N ASP E 69 25.14 34.59 16.55
CA ASP E 69 24.66 35.19 17.78
C ASP E 69 23.86 34.18 18.59
N HIS E 70 24.05 34.22 19.91
CA HIS E 70 23.31 33.39 20.84
C HIS E 70 23.66 33.86 22.25
N ASP E 71 22.90 33.37 23.23
CA ASP E 71 23.12 33.71 24.63
C ASP E 71 23.33 35.22 24.79
N HIS E 72 22.42 36.01 24.24
CA HIS E 72 22.46 37.48 24.26
C HIS E 72 23.84 38.03 23.93
N ASP E 73 24.48 37.55 22.86
CA ASP E 73 25.75 38.11 22.43
C ASP E 73 26.14 37.52 21.08
N ILE E 74 26.88 38.30 20.30
CA ILE E 74 27.41 37.85 19.02
C ILE E 74 28.86 37.43 19.19
N LYS E 75 29.33 36.58 18.28
CA LYS E 75 30.70 36.08 18.35
C LYS E 75 31.10 35.51 17.00
N GLU E 76 32.41 35.26 16.85
CA GLU E 76 33.00 34.71 15.64
C GLU E 76 33.01 33.19 15.69
N ASP E 77 33.52 32.60 14.62
CA ASP E 77 33.72 31.15 14.50
C ASP E 77 34.42 30.90 13.18
N SER E 78 34.84 29.66 12.96
CA SER E 78 35.52 29.28 11.73
C SER E 78 34.49 28.88 10.66
N MET E 79 34.60 29.49 9.48
CA MET E 79 33.69 29.18 8.39
C MET E 79 33.93 27.78 7.82
N GLU E 80 35.12 27.22 8.00
CA GLU E 80 35.43 25.92 7.42
C GLU E 80 34.52 24.82 7.93
N LYS E 81 33.85 25.03 9.06
CA LYS E 81 32.95 24.05 9.65
C LYS E 81 31.54 24.14 9.09
N LEU E 82 31.34 24.84 7.97
CA LEU E 82 30.04 25.01 7.36
C LEU E 82 29.92 24.10 6.13
N ALA E 83 28.78 23.41 6.03
CA ALA E 83 28.53 22.49 4.93
C ALA E 83 27.13 22.71 4.39
N ILE E 84 26.95 22.37 3.12
CA ILE E 84 25.67 22.51 2.42
C ILE E 84 25.38 21.20 1.70
N SER E 85 24.10 20.81 1.70
CA SER E 85 23.70 19.56 1.07
C SER E 85 22.25 19.62 0.62
N THR E 86 21.98 19.16 -0.60
CA THR E 86 20.63 19.00 -1.10
C THR E 86 20.30 17.53 -1.33
N SER E 87 21.11 16.84 -2.14
CA SER E 87 21.04 15.39 -2.28
C SER E 87 22.38 14.75 -1.95
N GLY E 88 23.29 15.49 -1.32
CA GLY E 88 24.63 15.04 -1.05
C GLY E 88 25.52 16.22 -0.77
N PRO E 89 26.84 15.99 -0.73
CA PRO E 89 27.76 17.11 -0.51
C PRO E 89 27.62 18.17 -1.58
N CYS E 90 27.72 19.43 -1.17
CA CYS E 90 27.67 20.57 -2.06
C CYS E 90 28.96 21.38 -1.95
N ARG E 91 29.40 21.94 -3.07
CA ARG E 91 30.62 22.73 -3.12
C ARG E 91 30.29 24.21 -2.94
N ARG E 92 31.17 24.91 -2.24
CA ARG E 92 31.00 26.34 -2.01
C ARG E 92 31.60 27.11 -3.17
N LEU E 93 30.78 27.97 -3.79
CA LEU E 93 31.27 28.87 -4.83
C LEU E 93 31.72 30.20 -4.27
N GLY E 94 31.02 30.71 -3.26
CA GLY E 94 31.44 31.95 -2.62
C GLY E 94 30.45 32.37 -1.56
N HIS E 95 30.88 33.36 -0.77
CA HIS E 95 30.05 33.91 0.29
C HIS E 95 30.35 35.39 0.43
N LYS E 96 29.33 36.16 0.78
CA LYS E 96 29.47 37.61 0.94
C LYS E 96 28.30 38.12 1.75
N GLY E 97 28.59 38.81 2.85
CA GLY E 97 27.52 39.39 3.65
C GLY E 97 26.52 38.34 4.07
N TYR E 98 25.24 38.62 3.81
CA TYR E 98 24.18 37.70 4.19
C TYR E 98 24.07 36.50 3.25
N PHE E 99 24.60 36.60 2.04
CA PHE E 99 24.29 35.67 0.96
C PHE E 99 25.49 34.79 0.64
N LEU E 100 25.21 33.70 -0.08
CA LEU E 100 26.24 32.81 -0.57
C LEU E 100 25.79 32.21 -1.90
N LEU E 101 26.75 31.74 -2.68
CA LEU E 101 26.50 31.01 -3.91
C LEU E 101 27.17 29.65 -3.83
N ALA E 102 26.44 28.62 -4.28
CA ALA E 102 26.93 27.25 -4.29
C ALA E 102 26.50 26.59 -5.59
N GLN E 103 26.94 25.35 -5.78
CA GLN E 103 26.59 24.58 -6.97
C GLN E 103 26.74 23.10 -6.62
N CYS E 104 25.63 22.36 -6.74
CA CYS E 104 25.64 20.94 -6.40
C CYS E 104 24.38 20.30 -6.98
N PRO E 105 24.28 18.97 -7.03
CA PRO E 105 23.23 18.34 -7.84
C PRO E 105 21.85 18.63 -7.27
N PRO E 106 20.79 18.39 -8.04
CA PRO E 106 19.44 18.76 -7.60
C PRO E 106 18.92 17.89 -6.47
N GLY E 107 17.67 18.12 -6.07
CA GLY E 107 17.03 17.36 -5.03
C GLY E 107 15.64 17.87 -4.72
N ASP E 108 15.29 17.92 -3.44
CA ASP E 108 13.99 18.46 -3.01
C ASP E 108 14.09 19.48 -1.89
N SER E 109 15.23 19.57 -1.20
CA SER E 109 15.41 20.55 -0.14
C SER E 109 16.89 20.89 -0.05
N VAL E 110 17.18 22.03 0.55
CA VAL E 110 18.55 22.52 0.71
C VAL E 110 18.81 22.73 2.20
N THR E 111 19.92 22.18 2.68
CA THR E 111 20.28 22.21 4.09
C THR E 111 21.66 22.83 4.25
N VAL E 112 21.81 23.65 5.27
CA VAL E 112 23.10 24.22 5.66
C VAL E 112 23.33 23.90 7.13
N SER E 113 24.50 23.35 7.43
CA SER E 113 24.84 22.92 8.78
C SER E 113 26.20 23.45 9.19
N ILE E 114 26.36 23.66 10.50
CA ILE E 114 27.64 24.10 11.07
C ILE E 114 27.86 23.34 12.35
N THR E 115 29.08 22.83 12.53
CA THR E 115 29.47 22.12 13.74
C THR E 115 30.28 23.04 14.62
N SER E 116 29.86 23.20 15.87
CA SER E 116 30.53 24.08 16.83
C SER E 116 31.63 23.37 17.60
N GLY E 117 32.16 22.29 17.07
CA GLY E 117 33.17 21.50 17.76
C GLY E 117 32.58 20.45 18.67
N ALA E 118 31.59 20.84 19.48
CA ALA E 118 30.88 19.93 20.36
C ALA E 118 29.40 19.81 20.04
N SER E 119 28.82 20.75 19.30
CA SER E 119 27.41 20.71 18.93
C SER E 119 27.28 21.07 17.46
N GLU E 120 26.20 20.58 16.84
CA GLU E 120 25.91 20.82 15.44
C GLU E 120 24.53 21.46 15.29
N ASN E 121 24.44 22.46 14.43
CA ASN E 121 23.19 23.15 14.15
C ASN E 121 22.96 23.14 12.65
N SER E 122 21.81 22.64 12.23
CA SER E 122 21.46 22.51 10.83
C SER E 122 20.08 23.11 10.57
N CYS E 123 19.96 23.83 9.46
CA CYS E 123 18.69 24.43 9.05
C CYS E 123 18.51 24.21 7.55
N THR E 124 17.31 23.85 7.14
CA THR E 124 17.04 23.55 5.74
C THR E 124 15.67 24.07 5.35
N VAL E 125 15.48 24.21 4.04
CA VAL E 125 14.23 24.67 3.47
C VAL E 125 13.93 23.84 2.22
N GLU E 126 12.66 23.49 2.05
CA GLU E 126 12.23 22.76 0.87
C GLU E 126 12.32 23.65 -0.36
N LYS E 127 12.65 23.04 -1.50
CA LYS E 127 12.71 23.76 -2.76
C LYS E 127 12.81 22.76 -3.90
N LYS E 128 12.06 23.02 -4.97
CA LYS E 128 12.10 22.17 -6.16
C LYS E 128 13.33 22.53 -6.97
N ILE E 129 14.36 21.70 -6.89
CA ILE E 129 15.60 21.88 -7.64
C ILE E 129 15.69 20.73 -8.65
N ARG E 130 15.74 21.08 -9.93
CA ARG E 130 15.87 20.10 -11.00
C ARG E 130 16.91 20.59 -12.00
N ARG E 131 17.80 19.67 -12.39
CA ARG E 131 18.86 20.02 -13.34
C ARG E 131 18.25 20.36 -14.69
N LYS E 132 18.75 21.42 -15.30
CA LYS E 132 18.28 21.88 -16.60
C LYS E 132 19.47 22.31 -17.45
N PHE E 133 19.29 22.24 -18.76
CA PHE E 133 20.34 22.61 -19.70
C PHE E 133 19.73 23.40 -20.86
N VAL E 134 20.58 24.18 -21.51
CA VAL E 134 20.16 24.96 -22.67
C VAL E 134 20.39 24.14 -23.93
N GLY E 135 19.64 24.48 -24.97
CA GLY E 135 19.74 23.81 -26.25
C GLY E 135 18.52 22.96 -26.54
N ARG E 136 18.58 22.26 -27.66
CA ARG E 136 17.49 21.41 -28.11
C ARG E 136 17.58 19.99 -27.56
N GLU E 137 18.64 19.67 -26.82
CA GLU E 137 18.79 18.36 -26.22
C GLU E 137 19.14 18.53 -24.74
N GLU E 138 18.41 17.83 -23.87
CA GLU E 138 18.68 17.84 -22.44
C GLU E 138 19.67 16.73 -22.15
N TYR E 139 20.95 17.09 -22.08
CA TYR E 139 22.03 16.12 -21.91
C TYR E 139 22.30 15.92 -20.42
N LEU E 140 23.38 15.20 -20.10
CA LEU E 140 23.77 14.96 -18.72
C LEU E 140 24.77 16.01 -18.24
N PHE E 141 25.84 16.22 -19.00
CA PHE E 141 26.88 17.18 -18.68
C PHE E 141 27.34 17.85 -19.97
N PRO E 142 27.80 19.09 -19.91
CA PRO E 142 28.33 19.74 -21.10
C PRO E 142 29.48 18.95 -21.70
N PRO E 143 29.56 18.85 -23.03
CA PRO E 143 30.62 18.05 -23.64
C PRO E 143 31.88 18.87 -23.88
N VAL E 144 32.93 18.16 -24.29
CA VAL E 144 34.19 18.82 -24.63
C VAL E 144 34.05 19.62 -25.92
N HIS E 145 33.32 19.07 -26.89
CA HIS E 145 33.18 19.68 -28.21
C HIS E 145 31.71 19.93 -28.53
N GLY E 146 31.45 21.02 -29.24
CA GLY E 146 30.10 21.36 -29.63
C GLY E 146 30.00 22.84 -29.97
N LYS E 147 28.77 23.27 -30.23
CA LYS E 147 28.54 24.67 -30.55
C LYS E 147 28.62 25.52 -29.29
N LEU E 148 28.79 26.82 -29.50
CA LEU E 148 28.83 27.80 -28.42
C LEU E 148 27.64 28.73 -28.55
N VAL E 149 26.94 28.95 -27.45
CA VAL E 149 25.71 29.74 -27.42
C VAL E 149 25.79 30.70 -26.24
N LYS E 150 24.84 31.62 -26.16
CA LYS E 150 24.72 32.51 -25.02
C LYS E 150 23.99 31.81 -23.88
N CYS E 151 24.35 32.18 -22.65
CA CYS E 151 23.70 31.66 -21.46
C CYS E 151 23.80 32.72 -20.37
N HIS E 152 23.16 32.45 -19.24
CA HIS E 152 23.17 33.36 -18.10
C HIS E 152 23.63 32.60 -16.87
N VAL E 153 24.58 33.19 -16.13
CA VAL E 153 25.16 32.55 -14.95
C VAL E 153 25.49 33.61 -13.92
N TYR E 154 25.54 33.19 -12.66
CA TYR E 154 25.94 34.07 -11.57
C TYR E 154 27.46 34.07 -11.47
N ASP E 155 28.06 35.25 -11.58
CA ASP E 155 29.51 35.36 -11.56
C ASP E 155 30.07 34.95 -10.20
N HIS E 156 31.27 34.35 -10.23
CA HIS E 156 31.96 33.94 -9.02
C HIS E 156 32.85 35.05 -8.45
N LEU E 157 32.62 36.29 -8.86
CA LEU E 157 33.40 37.44 -8.40
C LEU E 157 32.59 38.23 -7.39
N LYS E 158 33.22 38.58 -6.27
CA LYS E 158 32.52 39.30 -5.21
C LYS E 158 31.82 40.55 -5.74
N GLU E 159 32.48 41.26 -6.66
CA GLU E 159 31.90 42.48 -7.21
C GLU E 159 30.55 42.17 -7.85
N THR E 160 29.54 42.97 -7.51
CA THR E 160 28.19 42.77 -8.01
C THR E 160 27.58 44.11 -8.39
N SER E 161 26.74 44.08 -9.42
CA SER E 161 26.10 45.28 -9.96
C SER E 161 24.61 45.08 -10.16
N ALA E 162 23.99 44.19 -9.39
CA ALA E 162 22.56 43.91 -9.50
C ALA E 162 21.96 43.82 -8.12
N GLY E 163 20.66 44.07 -8.04
CA GLY E 163 19.92 43.93 -6.81
C GLY E 163 20.00 45.15 -5.91
N TYR E 164 19.15 45.14 -4.89
CA TYR E 164 19.10 46.22 -3.91
C TYR E 164 18.34 45.70 -2.70
N ILE E 165 18.97 45.71 -1.54
CA ILE E 165 18.37 45.17 -0.32
C ILE E 165 18.35 46.26 0.74
N THR E 166 17.21 46.40 1.42
CA THR E 166 17.05 47.43 2.43
C THR E 166 17.86 47.09 3.68
N MET E 167 17.99 48.07 4.57
CA MET E 167 18.74 47.89 5.79
C MET E 167 18.28 48.94 6.78
N HIS E 168 17.85 48.51 7.98
CA HIS E 168 17.31 49.44 8.96
C HIS E 168 17.65 48.97 10.36
N ARG E 169 17.49 49.88 11.32
CA ARG E 169 17.82 49.58 12.72
C ARG E 169 16.79 48.61 13.30
N PRO E 170 17.17 47.88 14.35
CA PRO E 170 16.29 46.84 14.90
C PRO E 170 15.26 47.40 15.86
N GLY E 171 14.32 46.52 16.23
CA GLY E 171 13.31 46.84 17.21
C GLY E 171 13.70 46.36 18.59
N PRO E 172 12.74 46.31 19.51
CA PRO E 172 13.03 45.86 20.88
C PRO E 172 13.25 44.36 20.97
N HIS E 173 13.63 43.87 22.15
CA HIS E 173 13.88 42.45 22.35
C HIS E 173 13.50 42.09 23.78
N ALA E 174 13.25 40.80 24.02
CA ALA E 174 12.72 40.34 25.30
C ALA E 174 13.59 39.23 25.89
N TYR E 175 13.53 39.11 27.22
CA TYR E 175 14.25 38.08 27.94
C TYR E 175 13.56 37.87 29.28
N LYS E 176 13.81 36.70 29.88
CA LYS E 176 13.31 36.44 31.23
C LYS E 176 14.40 36.61 32.28
N SER E 177 15.63 36.21 31.96
CA SER E 177 16.71 36.21 32.95
C SER E 177 16.91 37.59 33.56
N TYR E 178 16.51 38.63 32.84
CA TYR E 178 16.57 39.98 33.41
C TYR E 178 15.67 40.11 34.62
N LEU E 179 14.56 39.37 34.64
CA LEU E 179 13.58 39.44 35.72
C LEU E 179 13.60 38.15 36.52
N GLU E 180 13.69 38.28 37.84
CA GLU E 180 13.65 37.15 38.77
C GLU E 180 12.48 37.35 39.72
N GLU E 181 11.72 36.28 39.96
CA GLU E 181 10.50 36.37 40.77
C GLU E 181 10.42 35.20 41.73
N ALA E 182 11.54 34.85 42.38
CA ALA E 182 11.52 33.80 43.37
C ALA E 182 10.67 34.20 44.57
N SER E 183 10.76 35.44 45.00
CA SER E 183 9.99 35.95 46.12
C SER E 183 8.70 36.59 45.63
N GLY E 184 7.82 36.91 46.59
CA GLY E 184 6.57 37.58 46.23
C GLY E 184 6.81 38.92 45.57
N GLU E 185 7.74 39.71 46.10
CA GLU E 185 8.06 41.00 45.53
C GLU E 185 8.94 40.83 44.29
N VAL E 186 8.78 41.76 43.35
CA VAL E 186 9.46 41.67 42.06
C VAL E 186 10.96 41.82 42.27
N TYR E 187 11.73 41.26 41.34
CA TYR E 187 13.17 41.46 41.32
C TYR E 187 13.65 41.45 39.87
N ILE E 188 14.45 42.45 39.51
CA ILE E 188 15.04 42.56 38.18
C ILE E 188 16.56 42.59 38.35
N LYS E 189 17.26 41.73 37.62
CA LYS E 189 18.71 41.59 37.71
C LYS E 189 19.30 41.69 36.30
N PRO E 190 19.43 42.90 35.77
CA PRO E 190 20.00 43.05 34.43
C PRO E 190 21.45 42.59 34.40
N PRO E 191 21.94 42.15 33.24
CA PRO E 191 23.34 41.74 33.16
C PRO E 191 24.26 42.89 33.54
N SER E 192 25.35 42.54 34.24
CA SER E 192 26.28 43.56 34.71
C SER E 192 26.91 44.30 33.54
N GLY E 193 27.12 45.60 33.73
CA GLY E 193 27.74 46.42 32.71
C GLY E 193 26.93 46.56 31.44
N LYS E 194 25.62 46.78 31.55
CA LYS E 194 24.77 46.95 30.38
C LYS E 194 23.55 47.77 30.77
N ASN E 195 23.34 48.88 30.08
CA ASN E 195 22.12 49.65 30.26
C ASN E 195 20.91 48.81 29.86
N VAL E 196 19.82 48.95 30.61
CA VAL E 196 18.61 48.18 30.36
C VAL E 196 17.40 49.05 30.68
N THR E 197 16.31 48.81 29.95
CA THR E 197 15.03 49.44 30.22
C THR E 197 14.04 48.38 30.68
N TYR E 198 13.01 48.79 31.41
CA TYR E 198 11.97 47.85 31.81
C TYR E 198 10.64 48.58 31.87
N GLU E 199 9.56 47.83 31.64
CA GLU E 199 8.21 48.37 31.57
C GLU E 199 7.24 47.45 32.32
N CYS E 200 6.23 48.08 32.93
CA CYS E 200 5.15 47.40 33.63
C CYS E 200 3.90 48.28 33.51
N LYS E 201 2.72 47.65 33.46
CA LYS E 201 1.48 48.39 33.21
C LYS E 201 0.53 48.52 34.39
N CYS E 202 0.70 47.75 35.46
CA CYS E 202 -0.20 47.90 36.61
C CYS E 202 -0.35 49.36 37.01
N GLY E 203 -1.59 49.84 37.02
CA GLY E 203 -1.87 51.22 37.36
C GLY E 203 -1.57 52.19 36.24
N ASP E 204 -0.36 52.11 35.68
CA ASP E 204 0.05 52.99 34.61
C ASP E 204 1.21 52.34 33.86
N TYR E 205 1.48 52.86 32.66
CA TYR E 205 2.59 52.40 31.84
C TYR E 205 3.89 52.98 32.40
N SER E 206 4.35 52.37 33.49
CA SER E 206 5.53 52.84 34.20
C SER E 206 6.77 52.10 33.71
N THR E 207 7.79 52.86 33.34
CA THR E 207 9.05 52.29 32.85
C THR E 207 10.21 52.88 33.63
N GLY E 208 11.28 52.10 33.74
CA GLY E 208 12.47 52.54 34.44
C GLY E 208 13.72 52.07 33.73
N ILE E 209 14.76 52.89 33.84
CA ILE E 209 16.05 52.64 33.21
C ILE E 209 17.07 52.33 34.29
N VAL E 210 17.85 51.27 34.08
CA VAL E 210 18.86 50.83 35.03
C VAL E 210 20.20 50.74 34.31
N SER E 211 21.20 51.44 34.83
CA SER E 211 22.57 51.34 34.33
C SER E 211 23.34 50.43 35.29
N THR E 212 23.19 49.13 35.07
CA THR E 212 23.75 48.12 35.98
C THR E 212 23.11 48.21 37.35
N ARG E 213 21.78 48.35 37.37
CA ARG E 213 21.03 48.57 38.60
C ARG E 213 19.81 47.65 38.61
N THR E 214 19.34 47.35 39.82
CA THR E 214 18.13 46.55 40.04
C THR E 214 17.08 47.47 40.64
N LYS E 215 16.16 47.94 39.79
CA LYS E 215 15.10 48.86 40.21
C LYS E 215 13.81 48.07 40.36
N MET E 216 13.16 48.22 41.50
CA MET E 216 11.96 47.46 41.80
C MET E 216 10.73 48.14 41.18
N ASN E 217 9.64 47.38 41.11
CA ASN E 217 8.36 47.92 40.66
C ASN E 217 7.26 47.44 41.59
N GLY E 218 6.21 48.25 41.70
CA GLY E 218 5.18 47.99 42.70
C GLY E 218 4.43 46.70 42.46
N CYS E 219 4.01 46.46 41.22
CA CYS E 219 3.14 45.32 40.94
C CYS E 219 3.95 44.03 40.96
N THR E 220 3.32 42.95 41.42
CA THR E 220 4.08 41.78 41.88
C THR E 220 4.20 40.69 40.81
N LYS E 221 3.15 40.45 40.02
CA LYS E 221 3.12 39.27 39.16
C LYS E 221 4.29 39.25 38.19
N ALA E 222 4.82 38.05 37.96
CA ALA E 222 6.01 37.89 37.12
C ALA E 222 5.74 38.35 35.69
N LYS E 223 4.57 38.02 35.16
CA LYS E 223 4.23 38.42 33.80
C LYS E 223 4.21 39.94 33.66
N GLN E 224 4.12 40.66 34.77
CA GLN E 224 3.75 42.08 34.75
C GLN E 224 4.88 43.01 34.35
N CYS E 225 6.04 42.50 33.95
CA CYS E 225 7.15 43.38 33.58
C CYS E 225 8.00 42.73 32.51
N ILE E 226 8.55 43.57 31.63
CA ILE E 226 9.47 43.12 30.59
C ILE E 226 10.67 44.06 30.58
N ALA E 227 11.77 43.58 30.02
CA ALA E 227 13.01 44.35 29.95
C ALA E 227 13.57 44.32 28.54
N TYR E 228 14.27 45.40 28.19
CA TYR E 228 14.90 45.58 26.90
C TYR E 228 16.39 45.87 27.11
N LYS E 229 17.23 45.15 26.38
CA LYS E 229 18.66 45.46 26.31
C LYS E 229 18.96 46.39 25.13
N ARG E 230 18.19 47.48 25.05
CA ARG E 230 18.23 48.32 23.86
C ARG E 230 19.64 48.83 23.61
N ASP E 231 20.09 48.67 22.36
CA ASP E 231 21.40 49.17 21.96
C ASP E 231 21.25 50.03 20.71
N GLN E 232 20.33 49.66 19.83
CA GLN E 232 20.04 50.38 18.58
C GLN E 232 21.33 50.90 17.95
N THR E 233 22.28 49.99 17.76
CA THR E 233 23.58 50.29 17.16
C THR E 233 23.76 49.64 15.80
N LYS E 234 23.57 48.33 15.71
CA LYS E 234 23.78 47.59 14.48
C LYS E 234 22.45 47.39 13.77
N TRP E 235 22.41 47.73 12.49
CA TRP E 235 21.19 47.63 11.71
C TRP E 235 20.85 46.18 11.41
N VAL E 236 19.56 45.94 11.12
CA VAL E 236 19.07 44.60 10.83
C VAL E 236 18.20 44.65 9.58
N PHE E 237 17.94 43.48 9.01
CA PHE E 237 17.11 43.34 7.83
C PHE E 237 15.66 43.06 8.21
N ASN E 238 14.75 43.42 7.31
CA ASN E 238 13.32 43.21 7.50
C ASN E 238 13.00 41.75 7.27
N SER E 239 12.84 40.99 8.35
CA SER E 239 12.53 39.58 8.29
C SER E 239 11.33 39.27 9.16
N PRO E 240 10.55 38.25 8.82
CA PRO E 240 9.36 37.94 9.64
C PRO E 240 9.69 37.60 11.08
N ASP E 241 10.83 36.95 11.33
CA ASP E 241 11.18 36.57 12.69
C ASP E 241 11.52 37.78 13.57
N LEU E 242 11.85 38.91 12.97
CA LEU E 242 12.21 40.10 13.72
C LEU E 242 10.98 40.95 14.00
N ILE E 243 11.17 42.00 14.80
CA ILE E 243 10.08 42.86 15.27
C ILE E 243 10.40 44.29 14.87
N ARG E 244 9.45 44.95 14.22
CA ARG E 244 9.64 46.32 13.76
C ARG E 244 9.74 47.28 14.94
N HIS E 245 10.62 48.26 14.82
CA HIS E 245 10.69 49.35 15.78
C HIS E 245 9.60 50.37 15.48
N THR E 246 9.33 51.23 16.47
CA THR E 246 8.27 52.21 16.31
C THR E 246 8.58 53.19 15.18
N ASP E 247 9.86 53.51 14.95
CA ASP E 247 10.20 54.47 13.91
C ASP E 247 9.85 53.95 12.53
N HIS E 248 10.14 52.67 12.26
CA HIS E 248 9.88 52.06 10.96
C HIS E 248 10.43 52.94 9.83
N SER E 249 11.69 53.32 9.97
CA SER E 249 12.37 54.19 9.02
C SER E 249 13.54 53.47 8.39
N VAL E 250 13.69 53.61 7.08
CA VAL E 250 14.82 53.02 6.38
C VAL E 250 16.08 53.81 6.70
N GLN E 251 17.21 53.11 6.78
CA GLN E 251 18.47 53.72 7.14
C GLN E 251 19.60 53.48 6.14
N GLY E 252 19.50 52.48 5.26
CA GLY E 252 20.56 52.24 4.31
C GLY E 252 20.22 51.08 3.40
N LYS E 253 21.18 50.74 2.55
CA LYS E 253 21.00 49.69 1.56
C LYS E 253 22.26 48.82 1.50
N LEU E 254 22.12 47.70 0.81
CA LEU E 254 23.25 46.81 0.53
C LEU E 254 23.01 46.12 -0.81
N HIS E 255 24.10 45.63 -1.38
CA HIS E 255 24.08 44.94 -2.67
C HIS E 255 24.02 43.44 -2.47
N ILE E 256 23.21 42.76 -3.28
CA ILE E 256 23.20 41.30 -3.27
C ILE E 256 24.40 40.80 -4.08
N PRO E 257 25.24 39.92 -3.54
CA PRO E 257 26.46 39.55 -4.25
C PRO E 257 26.19 38.63 -5.42
N PHE E 258 27.19 38.54 -6.30
CA PHE E 258 27.22 37.53 -7.36
C PHE E 258 26.01 37.69 -8.29
N ARG E 259 25.97 38.83 -8.97
CA ARG E 259 24.86 39.14 -9.86
C ARG E 259 24.88 38.23 -11.09
N LEU E 260 23.72 38.12 -11.73
CA LEU E 260 23.61 37.38 -12.98
C LEU E 260 24.27 38.16 -14.11
N THR E 261 24.87 37.41 -15.05
CA THR E 261 25.53 38.00 -16.19
C THR E 261 25.42 37.04 -17.35
N PRO E 262 25.26 37.54 -18.58
CA PRO E 262 25.36 36.66 -19.76
C PRO E 262 26.81 36.28 -20.03
N THR E 263 26.97 35.12 -20.68
CA THR E 263 28.30 34.60 -20.95
C THR E 263 28.18 33.44 -21.94
N VAL E 264 29.28 33.16 -22.63
CA VAL E 264 29.31 32.04 -23.55
C VAL E 264 29.18 30.72 -22.79
N CYS E 265 28.54 29.75 -23.43
CA CYS E 265 28.32 28.43 -22.84
C CYS E 265 28.42 27.40 -23.95
N PRO E 266 28.78 26.15 -23.61
CA PRO E 266 28.84 25.10 -24.64
C PRO E 266 27.57 24.28 -24.72
N VAL E 267 27.34 23.73 -25.91
CA VAL E 267 26.22 22.82 -26.14
C VAL E 267 26.65 21.73 -27.09
N PRO E 268 26.06 20.54 -26.95
CA PRO E 268 26.48 19.40 -27.76
C PRO E 268 26.02 19.52 -29.21
N LEU E 269 26.70 18.78 -30.07
CA LEU E 269 26.30 18.60 -31.47
C LEU E 269 25.90 17.15 -31.65
N ALA E 270 24.61 16.92 -31.87
CA ALA E 270 24.08 15.57 -31.94
C ALA E 270 24.53 14.87 -33.22
N HIS E 271 24.50 13.54 -33.18
CA HIS E 271 24.79 12.71 -34.34
C HIS E 271 23.86 13.08 -35.48
N THR E 272 24.40 13.64 -36.55
CA THR E 272 23.56 14.11 -37.64
C THR E 272 22.83 12.92 -38.28
N PRO E 273 21.54 13.05 -38.60
CA PRO E 273 20.78 11.90 -39.11
C PRO E 273 21.21 11.50 -40.51
N THR E 274 20.60 10.44 -41.03
CA THR E 274 20.85 9.96 -42.39
C THR E 274 19.60 10.22 -43.22
N VAL E 275 19.77 10.94 -44.32
CA VAL E 275 18.66 11.28 -45.21
C VAL E 275 18.45 10.13 -46.18
N THR E 276 17.21 9.66 -46.27
CA THR E 276 16.83 8.54 -47.12
C THR E 276 16.01 9.03 -48.30
N LYS E 277 15.49 8.09 -49.09
CA LYS E 277 14.78 8.37 -50.33
C LYS E 277 13.35 7.90 -50.20
N TRP E 278 12.41 8.75 -50.64
CA TRP E 278 10.99 8.39 -50.61
C TRP E 278 10.26 9.34 -51.56
N PHE E 279 9.51 8.78 -52.50
CA PHE E 279 8.81 9.60 -53.48
C PHE E 279 7.80 10.51 -52.80
N LYS E 280 7.95 11.81 -53.04
CA LYS E 280 7.08 12.82 -52.42
C LYS E 280 7.16 12.77 -50.90
N GLY E 281 8.31 12.35 -50.36
CA GLY E 281 8.47 12.26 -48.93
C GLY E 281 9.92 12.02 -48.58
N ILE E 282 10.16 11.84 -47.28
CA ILE E 282 11.50 11.55 -46.78
C ILE E 282 11.37 10.70 -45.52
N THR E 283 12.22 9.68 -45.42
CA THR E 283 12.31 8.84 -44.23
C THR E 283 13.67 9.09 -43.57
N LEU E 284 13.64 9.43 -42.29
CA LEU E 284 14.85 9.77 -41.55
C LEU E 284 15.10 8.72 -40.47
N HIS E 285 16.30 8.15 -40.48
CA HIS E 285 16.72 7.19 -39.46
C HIS E 285 17.44 7.98 -38.37
N LEU E 286 16.65 8.52 -37.44
CA LEU E 286 17.18 9.39 -36.39
C LEU E 286 17.90 8.55 -35.34
N THR E 287 19.10 8.97 -34.96
CA THR E 287 19.91 8.30 -33.96
C THR E 287 20.32 9.29 -32.88
N ALA E 288 20.11 8.90 -31.63
CA ALA E 288 20.45 9.74 -30.49
C ALA E 288 20.59 8.86 -29.26
N THR E 289 21.25 9.42 -28.23
CA THR E 289 21.47 8.71 -26.98
C THR E 289 20.73 9.31 -25.80
N ARG E 290 20.35 10.58 -25.87
CA ARG E 290 19.67 11.30 -24.81
C ARG E 290 18.48 12.05 -25.39
N PRO E 291 17.54 12.48 -24.56
CA PRO E 291 16.36 13.18 -25.09
C PRO E 291 16.78 14.40 -25.90
N THR E 292 16.09 14.59 -27.02
CA THR E 292 16.37 15.69 -27.93
C THR E 292 15.07 16.20 -28.53
N LEU E 293 15.08 17.46 -28.93
CA LEU E 293 13.91 18.13 -29.50
C LEU E 293 14.08 18.25 -31.01
N LEU E 294 13.14 17.68 -31.76
CA LEU E 294 13.10 17.79 -33.21
C LEU E 294 11.85 18.57 -33.61
N THR E 295 11.99 19.35 -34.68
CA THR E 295 10.83 20.08 -35.21
C THR E 295 11.07 20.38 -36.68
N THR E 296 9.98 20.70 -37.36
CA THR E 296 10.04 21.10 -38.77
C THR E 296 8.69 21.68 -39.14
N ARG E 297 8.65 22.36 -40.30
CA ARG E 297 7.45 23.03 -40.76
C ARG E 297 7.54 23.23 -42.26
N LYS E 298 6.38 23.16 -42.92
CA LYS E 298 6.33 23.41 -44.35
C LYS E 298 6.60 24.88 -44.64
N LEU E 299 7.26 25.11 -45.78
CA LEU E 299 7.62 26.46 -46.20
C LEU E 299 6.52 27.16 -46.99
N GLY E 300 5.37 26.52 -47.16
CA GLY E 300 4.27 27.09 -47.92
C GLY E 300 3.33 27.91 -47.07
N LEU E 301 2.13 28.13 -47.59
CA LEU E 301 1.12 28.87 -46.84
C LEU E 301 0.78 28.17 -45.54
N ARG E 302 0.62 26.85 -45.57
CA ARG E 302 0.31 26.10 -44.37
C ARG E 302 1.57 25.93 -43.53
N ALA E 303 1.52 26.40 -42.28
CA ALA E 303 2.68 26.28 -41.42
C ALA E 303 3.06 24.82 -41.19
N ASP E 304 2.07 23.98 -40.91
CA ASP E 304 2.31 22.56 -40.68
C ASP E 304 3.38 22.35 -39.61
N ALA E 305 3.29 23.14 -38.55
CA ALA E 305 4.27 23.04 -37.47
C ALA E 305 4.24 21.66 -36.85
N THR E 306 5.42 21.05 -36.70
CA THR E 306 5.56 19.74 -36.08
C THR E 306 6.73 19.78 -35.12
N ALA E 307 6.51 19.28 -33.90
CA ALA E 307 7.54 19.19 -32.88
C ALA E 307 7.39 17.86 -32.14
N GLU E 308 8.52 17.35 -31.66
CA GLU E 308 8.52 16.05 -30.99
C GLU E 308 9.80 15.91 -30.15
N TRP E 309 9.73 15.03 -29.17
CA TRP E 309 10.86 14.66 -28.33
C TRP E 309 11.26 13.23 -28.64
N ILE E 310 12.56 13.01 -28.85
CA ILE E 310 13.10 11.70 -29.18
C ILE E 310 14.09 11.29 -28.11
N THR E 311 13.88 10.12 -27.51
CA THR E 311 14.74 9.64 -26.43
C THR E 311 15.93 8.86 -26.98
N GLY E 312 15.66 7.79 -27.73
CA GLY E 312 16.71 6.98 -28.30
C GLY E 312 16.87 7.20 -29.80
N THR E 313 16.50 6.20 -30.59
CA THR E 313 16.61 6.29 -32.04
C THR E 313 15.45 5.52 -32.66
N THR E 314 15.10 5.91 -33.89
CA THR E 314 13.98 5.28 -34.60
C THR E 314 14.02 5.75 -36.05
N SER E 315 12.97 5.43 -36.80
CA SER E 315 12.79 5.88 -38.16
C SER E 315 11.46 6.61 -38.27
N ARG E 316 11.47 7.74 -38.97
CA ARG E 316 10.29 8.59 -39.06
C ARG E 316 10.03 8.98 -40.51
N ASN E 317 8.77 8.88 -40.92
CA ASN E 317 8.34 9.33 -42.24
C ASN E 317 7.89 10.78 -42.19
N PHE E 318 8.02 11.47 -43.32
CA PHE E 318 7.58 12.85 -43.42
C PHE E 318 7.16 13.13 -44.85
N SER E 319 5.91 13.53 -45.04
CA SER E 319 5.39 13.88 -46.36
C SER E 319 5.83 15.30 -46.69
N VAL E 320 6.92 15.43 -47.43
CA VAL E 320 7.45 16.75 -47.75
C VAL E 320 6.45 17.53 -48.57
N GLY E 321 6.29 18.81 -48.25
CA GLY E 321 5.47 19.67 -49.06
C GLY E 321 6.06 19.86 -50.45
N ARG E 322 5.18 20.10 -51.41
CA ARG E 322 5.62 20.27 -52.79
C ARG E 322 6.61 21.42 -52.90
N GLU E 323 6.25 22.58 -52.36
CA GLU E 323 7.11 23.76 -52.47
C GLU E 323 8.41 23.59 -51.69
N GLY E 324 8.31 23.08 -50.46
CA GLY E 324 9.50 22.95 -49.63
C GLY E 324 9.14 22.55 -48.22
N LEU E 325 10.19 22.24 -47.44
CA LEU E 325 10.05 21.82 -46.06
C LEU E 325 11.27 22.25 -45.27
N GLU E 326 11.08 22.47 -43.97
CA GLU E 326 12.16 22.80 -43.06
C GLU E 326 12.70 21.55 -42.39
N TYR E 327 13.90 21.67 -41.81
CA TYR E 327 14.55 20.55 -41.14
C TYR E 327 15.32 21.10 -39.95
N VAL E 328 14.71 21.06 -38.77
CA VAL E 328 15.32 21.54 -37.54
C VAL E 328 15.63 20.33 -36.67
N TRP E 329 16.92 20.09 -36.43
CA TRP E 329 17.34 19.03 -35.54
C TRP E 329 18.71 19.39 -34.99
N GLY E 330 18.94 19.09 -33.72
CA GLY E 330 20.19 19.42 -33.08
C GLY E 330 20.40 20.91 -32.98
N ASN E 331 21.37 21.34 -32.17
CA ASN E 331 21.64 22.75 -32.00
C ASN E 331 22.26 23.39 -33.23
N HIS E 332 22.70 22.59 -34.20
CA HIS E 332 23.28 23.15 -35.42
C HIS E 332 22.19 23.77 -36.29
N GLU E 333 22.63 24.53 -37.28
CA GLU E 333 21.69 25.25 -38.14
C GLU E 333 20.85 24.26 -38.93
N PRO E 334 19.61 24.62 -39.25
CA PRO E 334 18.73 23.71 -39.98
C PRO E 334 19.03 23.73 -41.48
N VAL E 335 18.36 22.85 -42.21
CA VAL E 335 18.47 22.77 -43.66
C VAL E 335 17.07 22.72 -44.25
N ARG E 336 16.96 23.20 -45.49
CA ARG E 336 15.70 23.23 -46.22
C ARG E 336 15.80 22.32 -47.43
N VAL E 337 14.77 21.49 -47.62
CA VAL E 337 14.74 20.50 -48.68
C VAL E 337 13.37 20.53 -49.34
N TRP E 338 13.36 20.56 -50.67
CA TRP E 338 12.14 20.66 -51.47
C TRP E 338 11.94 19.38 -52.27
N ALA E 339 10.82 19.32 -52.99
CA ALA E 339 10.41 18.11 -53.69
C ALA E 339 10.07 18.42 -55.14
N GLN E 340 10.18 17.40 -55.99
CA GLN E 340 9.85 17.50 -57.41
C GLN E 340 9.17 16.19 -57.83
N GLU E 341 9.06 15.99 -59.14
CA GLU E 341 8.36 14.85 -59.71
C GLU E 341 9.32 13.90 -60.40
N SER E 342 9.00 12.61 -60.35
CA SER E 342 9.82 11.60 -61.00
C SER E 342 9.00 10.50 -61.69
N ALA E 343 7.68 10.66 -61.80
CA ALA E 343 6.87 9.62 -62.41
C ALA E 343 7.09 9.59 -63.92
N PRO E 344 6.82 8.45 -64.57
CA PRO E 344 7.06 8.31 -66.03
C PRO E 344 5.99 8.99 -66.88
N GLY E 345 6.17 10.29 -67.10
CA GLY E 345 5.20 11.09 -67.82
C GLY E 345 5.25 10.94 -69.32
N ASP E 346 6.38 11.30 -69.94
CA ASP E 346 6.44 11.34 -71.39
C ASP E 346 6.34 9.93 -71.97
N PRO E 347 5.67 9.75 -73.11
CA PRO E 347 5.63 8.43 -73.76
C PRO E 347 6.94 8.11 -74.47
N HIS E 348 6.98 6.99 -75.20
CA HIS E 348 8.17 6.56 -75.91
C HIS E 348 7.83 6.20 -77.36
N GLY E 349 6.82 6.85 -77.93
CA GLY E 349 6.41 6.59 -79.29
C GLY E 349 5.43 5.44 -79.45
N TRP E 350 5.13 4.72 -78.38
CA TRP E 350 4.19 3.61 -78.40
C TRP E 350 3.05 3.90 -77.42
N PRO E 351 1.96 3.13 -77.45
CA PRO E 351 0.92 3.32 -76.45
C PRO E 351 1.48 3.14 -75.04
N HIS E 352 1.00 3.98 -74.12
CA HIS E 352 1.52 3.97 -72.76
C HIS E 352 0.41 4.38 -71.80
N GLU E 353 0.59 4.00 -70.53
CA GLU E 353 -0.33 4.39 -69.46
C GLU E 353 0.16 5.70 -68.84
N ILE E 354 0.02 6.77 -69.62
CA ILE E 354 0.56 8.07 -69.21
C ILE E 354 -0.19 8.60 -67.98
N ILE E 355 -1.50 8.34 -67.91
CA ILE E 355 -2.32 8.92 -66.86
C ILE E 355 -1.72 8.67 -65.48
N ILE E 356 -1.09 7.51 -65.29
CA ILE E 356 -0.56 7.16 -63.97
C ILE E 356 0.38 8.26 -63.48
N HIS E 357 1.24 8.77 -64.37
CA HIS E 357 2.11 9.87 -63.99
C HIS E 357 1.29 11.05 -63.47
N TYR E 358 0.32 11.49 -64.26
CA TYR E 358 -0.56 12.57 -63.83
C TYR E 358 -1.44 12.17 -62.66
N TYR E 359 -1.56 10.87 -62.37
CA TYR E 359 -2.25 10.44 -61.16
C TYR E 359 -1.36 10.61 -59.94
N HIS E 360 -0.04 10.49 -60.09
CA HIS E 360 0.85 10.62 -58.95
C HIS E 360 0.99 12.07 -58.51
N ARG E 361 0.89 13.01 -59.44
CA ARG E 361 0.95 14.43 -59.15
C ARG E 361 -0.41 15.05 -59.44
N HIS E 362 -0.87 15.91 -58.53
CA HIS E 362 -2.18 16.54 -58.66
C HIS E 362 -3.25 15.48 -58.85
N PRO E 363 -3.60 14.72 -57.80
CA PRO E 363 -4.70 13.76 -57.94
C PRO E 363 -6.01 14.41 -58.34
N VAL E 364 -6.17 15.70 -58.06
CA VAL E 364 -7.27 16.48 -58.62
C VAL E 364 -6.82 17.03 -59.98
N TYR E 365 -7.79 17.30 -60.85
CA TYR E 365 -7.59 17.78 -62.20
C TYR E 365 -7.13 16.68 -63.16
N THR E 366 -6.87 15.47 -62.67
CA THR E 366 -6.39 14.38 -63.51
C THR E 366 -7.43 13.31 -63.79
N VAL E 367 -8.46 13.21 -62.96
CA VAL E 367 -9.53 12.23 -63.17
C VAL E 367 -10.71 12.95 -63.81
N ILE E 368 -10.83 14.26 -63.57
CA ILE E 368 -11.92 15.02 -64.17
C ILE E 368 -11.82 15.02 -65.68
N VAL E 369 -10.60 15.00 -66.21
CA VAL E 369 -10.42 14.97 -67.67
C VAL E 369 -11.02 13.68 -68.24
N LEU E 370 -10.79 12.55 -67.57
CA LEU E 370 -11.34 11.29 -68.05
C LEU E 370 -12.87 11.31 -68.03
N CYS E 371 -13.45 11.83 -66.94
CA CYS E 371 -14.91 11.91 -66.86
C CYS E 371 -15.47 12.82 -67.94
N GLY E 372 -14.83 13.96 -68.16
CA GLY E 372 -15.29 14.87 -69.21
C GLY E 372 -15.21 14.24 -70.59
N VAL E 373 -14.11 13.54 -70.87
CA VAL E 373 -13.95 12.88 -72.16
C VAL E 373 -15.02 11.81 -72.34
N ALA E 374 -15.25 11.01 -71.29
CA ALA E 374 -16.28 9.97 -71.37
C ALA E 374 -17.65 10.58 -71.61
N LEU E 375 -17.98 11.65 -70.89
CA LEU E 375 -19.27 12.29 -71.09
C LEU E 375 -19.41 12.85 -72.51
N ALA E 376 -18.35 13.49 -73.01
CA ALA E 376 -18.41 14.06 -74.35
C ALA E 376 -18.60 12.98 -75.41
N ILE E 377 -17.83 11.89 -75.30
CA ILE E 377 -17.93 10.83 -76.31
C ILE E 377 -19.28 10.14 -76.21
N LEU E 378 -19.78 9.91 -75.00
CA LEU E 378 -21.09 9.28 -74.84
C LEU E 378 -22.18 10.16 -75.42
N VAL E 379 -22.13 11.47 -75.16
CA VAL E 379 -23.14 12.38 -75.70
C VAL E 379 -23.07 12.39 -77.22
N GLY E 380 -21.86 12.46 -77.77
CA GLY E 380 -21.73 12.45 -79.21
C GLY E 380 -22.27 11.18 -79.84
N THR E 381 -21.93 10.03 -79.25
CA THR E 381 -22.41 8.76 -79.79
C THR E 381 -23.93 8.65 -79.69
N ALA E 382 -24.50 9.06 -78.56
CA ALA E 382 -25.94 9.01 -78.40
C ALA E 382 -26.65 9.93 -79.40
N SER E 383 -26.12 11.15 -79.56
CA SER E 383 -26.72 12.07 -80.53
C SER E 383 -26.62 11.52 -81.94
N SER E 384 -25.47 10.95 -82.30
CA SER E 384 -25.32 10.37 -83.62
C SER E 384 -26.27 9.21 -83.84
N ALA E 385 -26.41 8.34 -82.84
CA ALA E 385 -27.32 7.20 -82.97
C ALA E 385 -28.76 7.66 -83.12
N ALA E 386 -29.19 8.61 -82.29
CA ALA E 386 -30.55 9.11 -82.39
C ALA E 386 -30.79 9.78 -83.74
N CYS E 387 -29.85 10.60 -84.18
CA CYS E 387 -30.02 11.31 -85.45
C CYS E 387 -30.06 10.35 -86.62
N ILE E 388 -29.18 9.33 -86.62
CA ILE E 388 -29.18 8.40 -87.74
C ILE E 388 -30.44 7.54 -87.72
N ALA E 389 -30.91 7.15 -86.53
CA ALA E 389 -32.16 6.39 -86.46
C ALA E 389 -33.33 7.21 -86.98
N LYS E 390 -33.42 8.48 -86.56
CA LYS E 390 -34.52 9.32 -87.01
C LYS E 390 -34.41 9.60 -88.51
N ALA E 391 -33.19 9.79 -89.02
CA ALA E 391 -33.01 10.05 -90.45
C ALA E 391 -33.27 8.81 -91.27
N ARG E 392 -33.08 7.63 -90.69
CA ARG E 392 -33.41 6.39 -91.38
C ARG E 392 -34.92 6.19 -91.41
N ARG E 393 -35.60 6.48 -90.30
CA ARG E 393 -37.06 6.38 -90.28
C ARG E 393 -37.68 7.40 -91.22
N ASP E 394 -37.12 8.61 -91.28
CA ASP E 394 -37.62 9.63 -92.21
C ASP E 394 -37.20 9.34 -93.65
N CYS E 395 -36.10 8.62 -93.83
CA CYS E 395 -35.77 8.06 -95.14
C CYS E 395 -36.62 6.83 -95.42
N LEU E 396 -37.35 6.36 -94.41
CA LEU E 396 -38.46 5.44 -94.63
C LEU E 396 -39.80 6.19 -94.71
N THR E 397 -39.76 7.53 -94.70
CA THR E 397 -40.93 8.29 -95.11
C THR E 397 -41.48 7.78 -96.45
N PRO E 398 -40.68 7.21 -97.35
CA PRO E 398 -41.26 6.52 -98.51
C PRO E 398 -42.03 5.28 -98.08
N TYR E 399 -43.04 5.47 -97.24
CA TYR E 399 -43.87 4.36 -96.80
C TYR E 399 -44.41 3.63 -98.02
N ALA E 400 -44.99 4.38 -98.95
CA ALA E 400 -44.94 4.10 -100.38
C ALA E 400 -45.00 2.61 -100.69
N LEU E 401 -46.00 1.91 -100.16
CA LEU E 401 -46.14 0.48 -100.40
C LEU E 401 -46.45 0.13 -101.86
N ALA E 402 -47.11 1.05 -102.57
CA ALA E 402 -47.51 0.79 -103.94
C ALA E 402 -46.28 0.76 -104.83
N PRO E 403 -45.54 1.86 -104.95
CA PRO E 403 -44.33 1.85 -105.80
C PRO E 403 -43.21 0.98 -105.27
N ASN E 404 -42.35 0.47 -106.14
CA ASN E 404 -41.17 -0.26 -105.68
C ASN E 404 -40.23 0.68 -104.95
N ALA E 405 -39.10 0.14 -104.46
CA ALA E 405 -38.11 0.96 -103.78
C ALA E 405 -37.80 2.20 -104.61
N THR E 406 -38.05 3.38 -104.02
CA THR E 406 -37.86 4.64 -104.75
C THR E 406 -36.48 4.65 -105.38
N VAL E 407 -35.44 4.37 -104.61
CA VAL E 407 -34.11 4.11 -105.14
C VAL E 407 -33.45 3.04 -104.26
N PRO E 408 -33.04 1.90 -104.81
CA PRO E 408 -32.35 0.91 -103.96
C PRO E 408 -31.04 1.44 -103.40
N THR E 409 -30.49 2.50 -103.98
CA THR E 409 -29.31 3.12 -103.41
C THR E 409 -29.59 3.64 -102.01
N ALA E 410 -30.74 4.29 -101.82
CA ALA E 410 -31.13 4.71 -100.47
C ALA E 410 -31.40 3.52 -99.58
N LEU E 411 -32.01 2.46 -100.14
CA LEU E 411 -32.21 1.24 -99.38
C LEU E 411 -30.89 0.72 -98.83
N ALA E 412 -29.81 0.85 -99.60
CA ALA E 412 -28.49 0.50 -99.09
C ALA E 412 -28.10 1.41 -97.92
N VAL E 413 -28.42 2.71 -98.04
CA VAL E 413 -28.15 3.62 -96.93
C VAL E 413 -28.94 3.21 -95.70
N LEU E 414 -30.22 2.88 -95.88
CA LEU E 414 -31.04 2.42 -94.77
C LEU E 414 -30.52 1.08 -94.23
N CYS E 415 -30.14 0.18 -95.13
CA CYS E 415 -29.65 -1.14 -94.72
C CYS E 415 -28.87 -1.80 -95.86
N ASN F 1 55.99 35.81 -14.68
CA ASN F 1 57.14 36.63 -14.39
C ASN F 1 57.03 37.99 -15.08
N SER F 2 57.18 39.06 -14.31
CA SER F 2 57.07 40.41 -14.85
C SER F 2 58.30 40.74 -15.69
N VAL F 3 58.20 41.84 -16.44
CA VAL F 3 59.27 42.35 -17.29
C VAL F 3 59.59 43.76 -16.84
N VAL F 4 60.88 44.07 -16.74
CA VAL F 4 61.32 45.38 -16.27
C VAL F 4 60.92 46.42 -17.30
N VAL F 5 59.94 47.25 -16.96
CA VAL F 5 59.51 48.31 -17.87
C VAL F 5 60.66 49.31 -18.08
N SER F 6 61.32 49.70 -16.99
CA SER F 6 62.42 50.65 -17.06
C SER F 6 63.11 50.70 -15.71
N VAL F 7 64.40 51.04 -15.74
CA VAL F 7 65.21 51.18 -14.54
C VAL F 7 65.70 52.62 -14.47
N LEU F 8 65.43 53.28 -13.35
CA LEU F 8 65.80 54.68 -13.15
C LEU F 8 66.52 54.83 -11.82
N ASN F 9 67.55 55.67 -11.80
CA ASN F 9 68.28 55.97 -10.58
C ASN F 9 67.66 57.18 -9.91
N ILE F 10 67.25 57.01 -8.64
CA ILE F 10 66.57 58.05 -7.88
C ILE F 10 67.54 58.59 -6.85
N SER F 11 67.86 59.88 -6.93
CA SER F 11 68.74 60.53 -5.97
C SER F 11 67.92 61.18 -4.86
N ALA F 12 67.21 60.33 -4.12
CA ALA F 12 66.36 60.81 -3.04
C ALA F 12 67.18 61.57 -2.01
N THR F 13 66.68 62.73 -1.61
CA THR F 13 67.37 63.60 -0.65
C THR F 13 66.79 63.39 0.73
N LEU F 14 67.67 63.24 1.72
CA LEU F 14 67.22 63.02 3.10
C LEU F 14 66.37 64.20 3.56
N GLY F 15 65.25 63.89 4.20
CA GLY F 15 64.33 64.89 4.72
C GLY F 15 63.30 65.37 3.72
N SER F 16 63.68 65.50 2.45
CA SER F 16 62.79 65.99 1.41
C SER F 16 61.85 64.86 0.98
N GLN F 17 61.07 65.09 -0.07
CA GLN F 17 60.12 64.13 -0.59
C GLN F 17 60.56 63.66 -1.96
N ALA F 18 60.49 62.35 -2.19
CA ALA F 18 60.82 61.75 -3.47
C ALA F 18 59.59 61.09 -4.06
N VAL F 19 59.54 61.01 -5.39
CA VAL F 19 58.39 60.48 -6.11
C VAL F 19 58.88 59.41 -7.08
N LEU F 20 58.26 58.23 -7.01
CA LEU F 20 58.47 57.17 -7.98
C LEU F 20 57.24 57.09 -8.88
N PRO F 21 57.33 57.44 -10.17
CA PRO F 21 56.11 57.65 -10.96
C PRO F 21 55.47 56.38 -11.50
N CYS F 22 55.80 55.21 -10.94
CA CYS F 22 55.21 53.96 -11.42
C CYS F 22 53.69 54.09 -11.52
N LYS F 23 53.17 54.04 -12.74
CA LYS F 23 51.73 54.18 -13.00
C LYS F 23 51.50 53.96 -14.48
N SER F 24 50.23 53.75 -14.84
CA SER F 24 49.84 53.59 -16.23
C SER F 24 48.34 53.77 -16.34
N TYR F 25 47.90 54.73 -17.15
CA TYR F 25 46.47 54.91 -17.39
C TYR F 25 45.87 53.71 -18.11
N ARG F 26 46.69 52.92 -18.80
CA ARG F 26 46.21 51.66 -19.34
C ARG F 26 45.79 50.72 -18.21
N MET F 27 46.53 50.72 -17.11
CA MET F 27 46.21 49.90 -15.95
C MET F 27 44.97 50.40 -15.21
N VAL F 28 44.43 51.56 -15.59
CA VAL F 28 43.27 52.11 -14.90
C VAL F 28 42.19 51.04 -14.76
N TRP F 29 41.54 51.01 -13.61
CA TRP F 29 40.49 50.07 -13.30
C TRP F 29 39.12 50.72 -13.49
N THR F 30 38.20 49.98 -14.10
CA THR F 30 36.88 50.52 -14.40
C THR F 30 36.18 50.92 -13.11
N GLN F 31 35.56 52.11 -13.13
CA GLN F 31 34.92 52.64 -11.93
C GLN F 31 33.52 52.10 -11.72
N ASP F 32 32.75 51.94 -12.80
CA ASP F 32 31.37 51.51 -12.67
C ASP F 32 31.30 50.11 -12.08
N ARG F 33 30.20 49.84 -11.37
CA ARG F 33 30.05 48.54 -10.72
C ARG F 33 30.06 47.41 -11.74
N LEU F 34 29.72 47.69 -12.98
CA LEU F 34 29.71 46.69 -14.05
C LEU F 34 30.99 46.88 -14.87
N ASN F 35 32.07 46.26 -14.43
CA ASN F 35 33.29 46.26 -15.23
C ASN F 35 33.04 45.53 -16.53
N ASP F 36 33.52 46.11 -17.63
CA ASP F 36 33.26 45.54 -18.95
C ASP F 36 33.80 44.12 -19.02
N ARG F 37 32.94 43.19 -19.50
CA ARG F 37 33.31 41.79 -19.64
C ARG F 37 33.19 41.32 -21.09
N GLN F 38 33.18 42.24 -22.05
CA GLN F 38 32.99 41.92 -23.45
C GLN F 38 34.09 42.55 -24.30
N ARG F 39 34.32 41.93 -25.45
CA ARG F 39 35.32 42.38 -26.40
C ARG F 39 34.70 42.34 -27.80
N VAL F 40 35.23 43.18 -28.69
CA VAL F 40 34.65 43.33 -30.02
C VAL F 40 35.74 43.21 -31.08
N VAL F 41 35.34 42.68 -32.23
CA VAL F 41 36.17 42.68 -33.43
C VAL F 41 35.31 43.14 -34.60
N HIS F 42 35.94 43.70 -35.62
CA HIS F 42 35.18 44.13 -36.77
C HIS F 42 36.07 44.22 -38.00
N TRP F 43 35.42 44.26 -39.16
CA TRP F 43 36.07 44.44 -40.45
C TRP F 43 35.57 45.73 -41.08
N ASP F 44 36.49 46.50 -41.67
CA ASP F 44 36.12 47.76 -42.29
C ASP F 44 36.92 47.96 -43.57
N VAL F 45 36.25 48.36 -44.64
CA VAL F 45 36.89 48.55 -45.94
C VAL F 45 36.98 50.04 -46.23
N TYR F 46 38.15 50.47 -46.71
CA TYR F 46 38.41 51.82 -47.19
C TYR F 46 38.73 51.72 -48.67
N SER F 47 37.68 51.71 -49.49
CA SER F 47 37.83 51.61 -50.94
C SER F 47 37.81 53.02 -51.53
N THR F 48 38.95 53.45 -52.06
CA THR F 48 39.03 54.76 -52.71
C THR F 48 38.20 54.82 -53.99
N TYR F 49 37.75 53.67 -54.50
CA TYR F 49 36.84 53.68 -55.65
C TYR F 49 35.64 54.58 -55.40
N TYR F 50 35.09 54.53 -54.18
CA TYR F 50 34.00 55.43 -53.82
C TYR F 50 34.47 56.87 -53.93
N GLY F 51 33.63 57.70 -54.57
CA GLY F 51 33.89 59.13 -54.56
C GLY F 51 33.90 59.70 -53.16
N ASP F 52 33.07 59.14 -52.27
CA ASP F 52 33.05 59.58 -50.89
C ASP F 52 34.34 59.22 -50.16
N ASN F 53 35.05 58.20 -50.65
CA ASN F 53 36.31 57.70 -50.10
C ASN F 53 36.32 57.78 -48.57
N LYS F 54 35.34 57.14 -47.97
CA LYS F 54 35.27 56.91 -46.53
C LYS F 54 35.49 55.44 -46.22
N MET F 55 35.65 55.15 -44.93
CA MET F 55 35.81 53.79 -44.45
C MET F 55 34.48 53.30 -43.90
N GLU F 56 34.01 52.15 -44.38
CA GLU F 56 32.71 51.60 -44.01
C GLU F 56 32.90 50.23 -43.39
N ARG F 57 32.19 50.00 -42.28
CA ARG F 57 32.35 48.78 -41.48
C ARG F 57 31.46 47.68 -42.04
N LEU F 58 32.08 46.61 -42.54
CA LEU F 58 31.31 45.51 -43.11
C LEU F 58 30.48 44.80 -42.05
N CYS F 59 31.12 44.42 -40.94
CA CYS F 59 30.45 43.65 -39.91
C CYS F 59 31.34 43.64 -38.66
N ASP F 60 30.76 43.17 -37.56
CA ASP F 60 31.46 43.14 -36.28
C ASP F 60 30.91 42.01 -35.42
N MET F 61 31.81 41.31 -34.75
CA MET F 61 31.47 40.25 -33.82
C MET F 61 31.65 40.75 -32.38
N TYR F 62 30.66 40.51 -31.54
CA TYR F 62 30.69 40.84 -30.13
C TYR F 62 30.85 39.56 -29.33
N SER F 63 31.74 39.59 -28.34
CA SER F 63 31.93 38.42 -27.49
C SER F 63 30.63 38.05 -26.81
N ALA F 64 30.27 36.76 -26.87
CA ALA F 64 29.03 36.24 -26.33
C ALA F 64 27.80 36.92 -26.96
N GLY F 65 27.98 37.51 -28.15
CA GLY F 65 26.92 38.20 -28.83
C GLY F 65 26.44 37.45 -30.06
N ASP F 66 25.66 38.16 -30.88
CA ASP F 66 25.09 37.62 -32.10
C ASP F 66 25.66 38.36 -33.31
N GLN F 67 25.94 37.60 -34.37
CA GLN F 67 26.43 38.20 -35.59
C GLN F 67 25.41 39.20 -36.14
N ARG F 68 25.89 40.39 -36.49
CA ARG F 68 25.03 41.46 -36.97
C ARG F 68 25.73 42.16 -38.14
N VAL F 69 25.03 42.26 -39.27
CA VAL F 69 25.57 42.89 -40.47
C VAL F 69 25.08 44.33 -40.52
N TYR F 70 26.01 45.26 -40.74
CA TYR F 70 25.65 46.68 -40.77
C TYR F 70 24.64 46.98 -41.87
N SER F 71 24.85 46.42 -43.06
CA SER F 71 23.99 46.68 -44.20
C SER F 71 23.05 45.49 -44.43
N SER F 72 22.25 45.60 -45.50
CA SER F 72 21.28 44.57 -45.84
C SER F 72 21.80 43.59 -46.88
N TYR F 73 22.99 43.82 -47.45
CA TYR F 73 23.51 42.99 -48.53
C TYR F 73 24.63 42.06 -48.06
N ASN F 74 25.49 42.51 -47.14
CA ASN F 74 26.65 41.71 -46.75
C ASN F 74 26.24 40.38 -46.15
N GLN F 75 25.01 40.25 -45.65
CA GLN F 75 24.51 38.95 -45.23
C GLN F 75 24.55 38.00 -46.41
N GLY F 76 25.10 36.82 -46.19
CA GLY F 76 25.35 35.88 -47.28
C GLY F 76 26.68 36.12 -47.95
N ARG F 77 26.94 37.37 -48.34
CA ARG F 77 28.25 37.71 -48.90
C ARG F 77 29.34 37.58 -47.85
N ILE F 78 29.11 38.15 -46.66
CA ILE F 78 30.09 38.12 -45.58
C ILE F 78 29.80 36.92 -44.69
N PHE F 79 30.81 36.07 -44.50
CA PHE F 79 30.70 34.90 -43.63
C PHE F 79 31.77 34.99 -42.56
N MET F 80 31.34 35.04 -41.30
CA MET F 80 32.23 35.10 -40.14
C MET F 80 31.92 33.89 -39.27
N PRO F 81 32.65 32.77 -39.45
CA PRO F 81 32.34 31.56 -38.67
C PRO F 81 32.24 31.83 -37.18
N GLN F 82 31.10 31.48 -36.58
CA GLN F 82 30.90 31.73 -35.16
C GLN F 82 31.91 30.95 -34.33
N ASN F 83 32.10 29.67 -34.65
CA ASN F 83 33.07 28.86 -33.93
C ASN F 83 34.46 29.49 -34.00
N ALA F 84 34.78 30.19 -35.08
CA ALA F 84 36.09 30.80 -35.21
C ALA F 84 36.36 31.80 -34.10
N PHE F 85 35.31 32.31 -33.44
CA PHE F 85 35.53 33.21 -32.31
C PHE F 85 36.39 32.55 -31.25
N THR F 86 36.20 31.24 -31.03
CA THR F 86 37.09 30.51 -30.15
C THR F 86 38.44 30.26 -30.80
N ASP F 87 38.44 29.94 -32.10
CA ASP F 87 39.68 29.68 -32.81
C ASP F 87 40.51 30.95 -32.98
N GLY F 88 39.86 32.11 -33.00
CA GLY F 88 40.55 33.36 -33.24
C GLY F 88 40.79 33.68 -34.69
N ASN F 89 40.41 32.79 -35.60
CA ASN F 89 40.54 33.03 -37.05
C ASN F 89 39.41 33.95 -37.48
N PHE F 90 39.62 35.25 -37.29
CA PHE F 90 38.60 36.24 -37.62
C PHE F 90 38.65 36.63 -39.10
N SER F 91 38.65 35.60 -39.96
CA SER F 91 38.78 35.81 -41.38
C SER F 91 37.44 36.25 -41.99
N LEU F 92 37.52 36.76 -43.23
CA LEU F 92 36.36 37.25 -43.95
C LEU F 92 36.27 36.54 -45.30
N VAL F 93 35.03 36.30 -45.73
CA VAL F 93 34.76 35.62 -47.00
C VAL F 93 33.83 36.50 -47.83
N ILE F 94 34.18 36.71 -49.10
CA ILE F 94 33.31 37.39 -50.06
C ILE F 94 32.88 36.35 -51.10
N LYS F 95 31.58 36.30 -51.36
CA LYS F 95 31.07 35.38 -52.37
C LYS F 95 31.38 35.88 -53.78
N ASP F 96 30.94 37.10 -54.08
CA ASP F 96 31.20 37.74 -55.38
C ASP F 96 31.85 39.09 -55.15
N VAL F 97 32.82 39.42 -55.99
CA VAL F 97 33.59 40.65 -55.88
C VAL F 97 33.35 41.48 -57.14
N ALA F 98 33.02 42.75 -56.94
CA ALA F 98 32.74 43.68 -58.02
C ALA F 98 33.88 44.70 -58.13
N GLU F 99 33.89 45.41 -59.26
CA GLU F 99 34.91 46.44 -59.46
C GLU F 99 34.84 47.51 -58.39
N SER F 100 33.65 47.77 -57.84
CA SER F 100 33.49 48.75 -56.77
C SER F 100 33.81 48.16 -55.40
N ASP F 101 34.02 46.86 -55.29
CA ASP F 101 34.31 46.23 -54.00
C ASP F 101 35.79 46.22 -53.66
N GLY F 102 36.66 46.17 -54.66
CA GLY F 102 38.08 46.16 -54.39
C GLY F 102 38.54 47.44 -53.71
N GLY F 103 39.55 47.29 -52.85
CA GLY F 103 40.08 48.44 -52.13
C GLY F 103 41.00 48.05 -50.99
N ILE F 104 40.78 48.66 -49.83
CA ILE F 104 41.62 48.45 -48.66
C ILE F 104 40.74 47.91 -47.53
N TYR F 105 41.14 46.78 -46.96
CA TYR F 105 40.44 46.15 -45.85
C TYR F 105 41.26 46.27 -44.58
N SER F 106 40.58 46.27 -43.44
CA SER F 106 41.23 46.38 -42.15
C SER F 106 40.44 45.57 -41.13
N CYS F 107 41.15 44.69 -40.42
CA CYS F 107 40.56 43.90 -39.35
C CYS F 107 41.02 44.48 -38.02
N ASN F 108 40.06 44.84 -37.17
CA ASN F 108 40.35 45.59 -35.95
C ASN F 108 39.76 44.88 -34.74
N LEU F 109 40.51 44.91 -33.64
CA LEU F 109 40.11 44.33 -32.37
C LEU F 109 40.12 45.42 -31.31
N HIS F 110 39.05 45.47 -30.51
CA HIS F 110 38.92 46.45 -29.43
C HIS F 110 38.42 45.75 -28.17
N HIS F 111 39.00 46.14 -27.03
CA HIS F 111 38.60 45.60 -25.74
C HIS F 111 38.60 46.74 -24.73
N HIS F 112 37.42 47.06 -24.19
CA HIS F 112 37.31 48.20 -23.28
C HIS F 112 37.98 47.91 -21.95
N TYR F 113 37.73 46.74 -21.37
CA TYR F 113 38.23 46.46 -20.02
C TYR F 113 39.76 46.46 -20.00
N CYS F 114 40.38 45.70 -20.89
CA CYS F 114 41.84 45.66 -20.97
C CYS F 114 42.42 46.89 -21.66
N HIS F 115 41.58 47.65 -22.37
CA HIS F 115 42.04 48.85 -23.08
C HIS F 115 43.14 48.52 -24.08
N LEU F 116 43.03 47.35 -24.72
CA LEU F 116 43.98 46.90 -25.73
C LEU F 116 43.24 46.73 -27.05
N TYR F 117 43.81 47.30 -28.12
CA TYR F 117 43.23 47.21 -29.45
C TYR F 117 44.32 47.00 -30.47
N GLU F 118 43.97 46.39 -31.60
CA GLU F 118 44.93 46.09 -32.65
C GLU F 118 44.26 46.25 -34.00
N THR F 119 45.07 46.48 -35.03
CA THR F 119 44.58 46.63 -36.39
C THR F 119 45.55 45.97 -37.36
N VAL F 120 45.01 45.30 -38.37
CA VAL F 120 45.81 44.70 -39.42
C VAL F 120 45.22 45.10 -40.77
N LYS F 121 46.10 45.39 -41.72
CA LYS F 121 45.73 46.01 -42.99
C LYS F 121 45.94 45.03 -44.14
N ILE F 122 45.03 45.04 -45.11
CA ILE F 122 45.09 44.17 -46.27
C ILE F 122 44.60 44.95 -47.49
N GLN F 123 45.00 44.50 -48.67
CA GLN F 123 44.60 45.10 -49.93
C GLN F 123 43.88 44.07 -50.79
N LEU F 124 42.79 44.49 -51.43
CA LEU F 124 42.01 43.63 -52.32
C LEU F 124 41.90 44.31 -53.68
N ASP F 125 42.07 43.52 -54.74
CA ASP F 125 41.95 44.00 -56.11
C ASP F 125 41.18 42.98 -56.92
N VAL F 126 40.56 43.45 -58.00
CA VAL F 126 39.77 42.59 -58.89
C VAL F 126 40.15 42.91 -60.33
N THR F 127 40.28 41.87 -61.14
CA THR F 127 40.65 42.02 -62.55
C THR F 127 39.75 41.12 -63.40
N LYS F 128 39.58 41.52 -64.66
CA LYS F 128 38.73 40.75 -65.56
C LYS F 128 39.41 39.46 -66.00
N LYS F 129 40.73 39.42 -66.01
CA LYS F 129 41.49 38.25 -66.45
C LYS F 129 42.16 37.60 -65.24
N ALA F 130 41.96 36.29 -65.11
CA ALA F 130 42.55 35.54 -63.99
C ALA F 130 44.06 35.38 -64.11
N LYS F 131 44.64 35.76 -65.25
CA LYS F 131 46.09 35.60 -65.43
C LYS F 131 46.86 36.41 -64.39
N ALA F 132 46.42 37.63 -64.11
CA ALA F 132 47.05 38.48 -63.12
C ALA F 132 46.51 38.23 -61.72
N ALA F 133 45.57 37.33 -61.55
CA ALA F 133 44.95 37.05 -60.25
C ALA F 133 45.93 36.22 -59.42
N LYS F 134 46.73 36.91 -58.60
CA LYS F 134 47.68 36.24 -57.73
C LYS F 134 47.94 37.12 -56.52
N GLU F 135 47.87 36.51 -55.33
CA GLU F 135 48.17 37.22 -54.09
C GLU F 135 49.65 37.53 -53.98
N TYR F 136 49.97 38.58 -53.24
CA TYR F 136 51.36 38.80 -52.85
C TYR F 136 51.43 39.51 -51.51
N TRP F 137 52.58 39.40 -50.87
CA TRP F 137 52.81 39.89 -49.51
C TRP F 137 53.82 41.03 -49.57
N ASP F 138 53.43 42.19 -49.06
CA ASP F 138 54.27 43.39 -49.10
C ASP F 138 54.93 43.67 -47.75
N GLY F 139 54.85 42.75 -46.80
CA GLY F 139 55.45 42.98 -45.49
C GLY F 139 54.57 43.82 -44.60
N GLU F 140 54.25 45.03 -45.03
CA GLU F 140 53.34 45.91 -44.30
C GLU F 140 51.87 45.66 -44.65
N LYS F 141 51.60 44.91 -45.71
CA LYS F 141 50.23 44.61 -46.11
C LYS F 141 50.26 43.47 -47.11
N ALA F 142 49.07 42.92 -47.39
CA ALA F 142 48.90 41.85 -48.36
C ALA F 142 47.94 42.31 -49.44
N VAL F 143 48.25 41.98 -50.69
CA VAL F 143 47.44 42.37 -51.84
C VAL F 143 46.81 41.12 -52.43
N ILE F 144 45.49 41.17 -52.63
CA ILE F 144 44.72 40.07 -53.19
C ILE F 144 44.22 40.50 -54.56
N VAL F 145 44.38 39.64 -55.56
CA VAL F 145 43.85 39.86 -56.89
C VAL F 145 43.05 38.62 -57.28
N ALA F 146 41.80 38.82 -57.69
CA ALA F 146 40.92 37.71 -58.04
C ALA F 146 39.94 38.15 -59.11
N LEU F 147 39.38 37.15 -59.80
CA LEU F 147 38.41 37.42 -60.86
C LEU F 147 37.13 38.00 -60.28
N GLU F 148 36.48 38.84 -61.08
CA GLU F 148 35.21 39.45 -60.66
C GLU F 148 34.18 38.36 -60.38
N GLY F 149 33.52 38.47 -59.23
CA GLY F 149 32.49 37.53 -58.84
C GLY F 149 33.02 36.24 -58.24
N SER F 150 34.33 36.07 -58.12
CA SER F 150 34.92 34.87 -57.57
C SER F 150 34.99 34.97 -56.04
N THR F 151 34.75 33.84 -55.37
CA THR F 151 34.83 33.82 -53.92
C THR F 151 36.27 34.06 -53.47
N VAL F 152 36.43 34.93 -52.47
CA VAL F 152 37.75 35.30 -51.98
C VAL F 152 37.75 35.29 -50.46
N MET F 153 38.94 35.09 -49.89
CA MET F 153 39.13 34.99 -48.45
C MET F 153 40.20 35.96 -48.01
N LEU F 154 39.97 36.62 -46.88
CA LEU F 154 40.92 37.55 -46.28
C LEU F 154 41.22 37.09 -44.86
N PRO F 155 42.45 36.71 -44.53
CA PRO F 155 42.73 36.17 -43.20
C PRO F 155 43.04 37.23 -42.16
N CYS F 156 42.45 37.04 -40.97
CA CYS F 156 42.72 37.89 -39.80
C CYS F 156 42.72 36.98 -38.58
N VAL F 157 43.90 36.49 -38.21
CA VAL F 157 44.08 35.64 -37.05
C VAL F 157 45.23 36.20 -36.23
N ASN F 158 45.00 36.35 -34.92
CA ASN F 158 46.02 36.89 -34.02
C ASN F 158 46.73 35.82 -33.21
N ARG F 159 46.07 34.70 -32.92
CA ARG F 159 46.66 33.61 -32.15
C ARG F 159 47.20 34.13 -30.82
N ASN F 160 46.32 34.76 -30.05
CA ASN F 160 46.67 35.35 -28.77
C ASN F 160 45.78 34.76 -27.68
N GLN F 161 46.36 34.53 -26.51
CA GLN F 161 45.61 33.94 -25.40
C GLN F 161 44.55 34.89 -24.86
N ILE F 162 44.82 36.20 -24.88
CA ILE F 162 43.85 37.16 -24.36
C ILE F 162 42.62 37.21 -25.26
N TRP F 163 42.80 37.16 -26.57
CA TRP F 163 41.69 37.31 -27.50
C TRP F 163 40.90 36.02 -27.71
N THR F 164 41.36 34.90 -27.16
CA THR F 164 40.60 33.65 -27.18
C THR F 164 39.89 33.46 -25.85
N GLU F 165 38.75 32.78 -25.90
CA GLU F 165 37.87 32.69 -24.74
C GLU F 165 38.59 32.05 -23.56
N ARG F 166 38.49 32.69 -22.40
CA ARG F 166 39.02 32.14 -21.15
C ARG F 166 38.19 32.74 -20.02
N HIS F 167 37.21 31.98 -19.54
CA HIS F 167 36.31 32.44 -18.48
C HIS F 167 36.96 32.26 -17.11
N SER F 168 38.14 32.86 -16.97
CA SER F 168 38.87 32.81 -15.71
C SER F 168 38.28 33.79 -14.71
N GLU F 169 38.19 33.34 -13.45
CA GLU F 169 37.71 34.22 -12.39
C GLU F 169 38.62 35.44 -12.29
N GLU F 170 37.99 36.61 -12.13
CA GLU F 170 38.71 37.89 -12.22
C GLU F 170 39.55 38.08 -10.96
N GLU F 171 40.78 37.58 -11.03
CA GLU F 171 41.73 37.80 -9.95
C GLU F 171 42.03 39.28 -9.81
N GLN F 172 42.03 39.77 -8.58
CA GLN F 172 42.36 41.17 -8.33
C GLN F 172 43.75 41.47 -8.88
N GLN F 173 43.87 42.59 -9.60
CA GLN F 173 45.15 42.99 -10.17
C GLN F 173 46.12 43.32 -9.06
N VAL F 174 47.09 42.44 -8.82
CA VAL F 174 48.01 42.63 -7.70
C VAL F 174 48.94 43.78 -8.01
N VAL F 175 49.12 44.68 -7.04
CA VAL F 175 50.14 45.71 -7.10
C VAL F 175 50.96 45.64 -5.82
N HIS F 176 52.28 45.62 -5.96
CA HIS F 176 53.18 45.47 -4.82
C HIS F 176 54.24 46.56 -4.86
N TRP F 177 54.31 47.36 -3.80
CA TRP F 177 55.41 48.29 -3.59
C TRP F 177 56.32 47.68 -2.53
N ASP F 178 57.49 47.20 -2.94
CA ASP F 178 58.42 46.52 -2.04
C ASP F 178 59.78 47.20 -2.11
N ARG F 179 60.33 47.50 -0.94
CA ARG F 179 61.58 48.24 -0.81
C ARG F 179 62.69 47.30 -0.35
N GLN F 180 63.80 47.30 -1.09
CA GLN F 180 64.98 46.57 -0.64
C GLN F 180 65.57 47.27 0.60
N PRO F 181 65.80 46.56 1.69
CA PRO F 181 66.39 47.20 2.88
C PRO F 181 67.73 47.83 2.54
N PRO F 182 68.27 48.67 3.42
CA PRO F 182 69.54 49.33 3.11
C PRO F 182 70.66 48.31 2.87
N GLY F 183 71.50 48.62 1.89
CA GLY F 183 72.61 47.73 1.56
C GLY F 183 72.18 46.33 1.19
N VAL F 184 71.16 46.21 0.35
CA VAL F 184 70.64 44.91 -0.06
C VAL F 184 70.50 44.90 -1.58
N PRO F 185 70.87 43.82 -2.26
CA PRO F 185 70.71 43.77 -3.72
C PRO F 185 69.24 43.64 -4.11
N HIS F 186 68.97 43.94 -5.38
CA HIS F 186 67.61 43.90 -5.89
C HIS F 186 67.04 42.48 -5.76
N ASP F 187 65.72 42.39 -5.93
CA ASP F 187 64.96 41.14 -5.85
C ASP F 187 64.93 40.55 -4.45
N ARG F 188 65.31 41.32 -3.43
CA ARG F 188 65.29 40.86 -2.04
C ARG F 188 64.47 41.79 -1.15
N ALA F 189 63.50 42.49 -1.76
CA ALA F 189 62.70 43.46 -1.02
C ALA F 189 61.58 42.77 -0.23
N ASP F 190 61.15 43.45 0.82
CA ASP F 190 59.98 43.04 1.60
C ASP F 190 58.84 44.01 1.30
N ARG F 191 57.67 43.46 1.00
CA ARG F 191 56.54 44.27 0.56
C ARG F 191 56.25 45.40 1.55
N LEU F 192 56.45 46.64 1.11
CA LEU F 192 56.07 47.78 1.94
C LEU F 192 54.56 47.95 1.96
N ILE F 193 53.91 47.79 0.81
CA ILE F 193 52.45 47.91 0.73
C ILE F 193 51.94 47.09 -0.44
N ASP F 194 50.73 46.58 -0.31
CA ASP F 194 50.06 45.80 -1.34
C ASP F 194 48.71 46.42 -1.65
N LEU F 195 48.36 46.47 -2.93
CA LEU F 195 47.13 47.06 -3.41
C LEU F 195 46.38 46.08 -4.28
N TYR F 196 45.07 45.99 -4.04
CA TYR F 196 44.18 45.10 -4.77
C TYR F 196 43.24 45.92 -5.64
N ALA F 197 42.73 45.27 -6.70
CA ALA F 197 41.78 45.94 -7.57
C ALA F 197 40.50 46.31 -6.84
N SER F 198 40.13 45.54 -5.82
CA SER F 198 38.92 45.82 -5.06
C SER F 198 39.02 47.11 -4.24
N GLY F 199 40.21 47.67 -4.10
CA GLY F 199 40.43 48.89 -3.34
C GLY F 199 41.04 48.67 -1.97
N GLU F 200 41.00 47.45 -1.46
CA GLU F 200 41.63 47.16 -0.17
C GLU F 200 43.14 47.27 -0.29
N ARG F 201 43.75 47.86 0.74
CA ARG F 201 45.19 48.07 0.79
C ARG F 201 45.75 47.40 2.04
N ARG F 202 46.80 46.61 1.87
CA ARG F 202 47.48 45.94 2.97
C ARG F 202 48.77 46.69 3.27
N SER F 203 48.89 47.21 4.49
CA SER F 203 50.04 47.99 4.91
C SER F 203 51.02 47.11 5.66
N TYR F 204 52.31 47.36 5.44
CA TYR F 204 53.38 46.62 6.10
C TYR F 204 54.39 47.60 6.68
N GLY F 205 54.96 47.22 7.82
CA GLY F 205 55.90 48.07 8.51
C GLY F 205 55.20 49.10 9.37
N PRO F 206 55.93 50.14 9.78
CA PRO F 206 55.33 51.18 10.62
C PRO F 206 54.18 51.88 9.90
N LEU F 207 53.21 52.34 10.69
CA LEU F 207 52.08 53.08 10.13
C LEU F 207 52.46 54.51 9.76
N PHE F 208 53.38 55.13 10.52
CA PHE F 208 53.74 56.51 10.24
C PHE F 208 54.42 56.64 8.87
N ILE F 209 55.28 55.69 8.52
CA ILE F 209 55.93 55.74 7.22
C ILE F 209 54.92 55.52 6.11
N ARG F 210 53.96 54.62 6.33
CA ARG F 210 52.89 54.42 5.35
C ARG F 210 52.10 55.70 5.14
N GLN F 211 51.77 56.40 6.23
CA GLN F 211 51.06 57.67 6.10
C GLN F 211 51.89 58.69 5.34
N LYS F 212 53.19 58.77 5.65
CA LYS F 212 54.07 59.69 4.92
C LYS F 212 54.39 59.16 3.53
N MET F 213 54.33 57.84 3.33
CA MET F 213 54.48 57.25 2.00
C MET F 213 53.16 57.47 1.25
N ASN F 214 52.90 58.74 0.94
CA ASN F 214 51.61 59.13 0.40
C ASN F 214 51.33 58.43 -0.91
N ILE F 215 50.16 57.80 -1.00
CA ILE F 215 49.66 57.22 -2.24
C ILE F 215 48.21 57.65 -2.39
N THR F 216 47.86 58.12 -3.59
CA THR F 216 46.50 58.59 -3.83
C THR F 216 45.50 57.50 -3.52
N ASP F 217 44.45 57.86 -2.78
CA ASP F 217 43.45 56.88 -2.36
C ASP F 217 42.78 56.21 -3.55
N THR F 218 42.77 56.86 -4.72
CA THR F 218 42.17 56.31 -5.92
C THR F 218 43.21 55.64 -6.83
N ALA F 219 44.35 55.22 -6.27
CA ALA F 219 45.38 54.62 -7.10
C ALA F 219 44.90 53.33 -7.76
N PHE F 220 44.19 52.49 -7.00
CA PHE F 220 43.63 51.27 -7.58
C PHE F 220 42.69 51.59 -8.74
N ALA F 221 41.97 52.70 -8.65
CA ALA F 221 41.07 53.11 -9.71
C ALA F 221 41.81 53.82 -10.83
N LEU F 222 42.44 54.95 -10.51
CA LEU F 222 43.16 55.72 -11.52
C LEU F 222 44.39 54.99 -12.03
N GLY F 223 44.91 54.03 -11.27
CA GLY F 223 46.16 53.37 -11.62
C GLY F 223 47.39 54.14 -11.24
N ASP F 224 47.25 55.27 -10.55
CA ASP F 224 48.40 56.09 -10.15
C ASP F 224 49.05 55.48 -8.91
N PHE F 225 49.76 54.38 -9.14
CA PHE F 225 50.47 53.69 -8.09
C PHE F 225 51.81 54.35 -7.75
N SER F 226 52.07 55.55 -8.25
CA SER F 226 53.30 56.25 -7.94
C SER F 226 53.45 56.42 -6.44
N LEU F 227 54.65 56.17 -5.93
CA LEU F 227 54.93 56.19 -4.50
C LEU F 227 55.59 57.51 -4.14
N ARG F 228 54.96 58.28 -3.25
CA ARG F 228 55.50 59.54 -2.77
C ARG F 228 55.98 59.34 -1.34
N ILE F 229 57.30 59.31 -1.16
CA ILE F 229 57.91 59.09 0.14
C ILE F 229 58.31 60.45 0.70
N SER F 230 57.84 60.75 1.92
CA SER F 230 58.11 62.01 2.58
C SER F 230 58.97 61.78 3.82
N GLU F 231 59.54 62.86 4.32
CA GLU F 231 60.45 62.84 5.47
C GLU F 231 61.41 61.65 5.36
N LEU F 232 62.19 61.67 4.29
CA LEU F 232 63.09 60.55 4.00
C LEU F 232 64.02 60.28 5.17
N GLU F 233 64.20 59.00 5.49
CA GLU F 233 65.10 58.55 6.53
C GLU F 233 66.13 57.58 5.95
N SER F 234 67.21 57.37 6.70
CA SER F 234 68.23 56.42 6.27
C SER F 234 67.67 55.01 6.15
N ALA F 235 66.65 54.69 6.95
CA ALA F 235 66.03 53.37 6.86
C ALA F 235 65.39 53.16 5.50
N ASP F 236 64.76 54.20 4.95
CA ASP F 236 64.14 54.10 3.63
C ASP F 236 65.15 53.89 2.51
N GLU F 237 66.43 54.08 2.78
CA GLU F 237 67.45 53.87 1.76
C GLU F 237 67.39 52.45 1.22
N GLY F 238 67.49 52.33 -0.09
CA GLY F 238 67.46 51.05 -0.76
C GLY F 238 66.60 51.11 -2.02
N THR F 239 66.77 50.09 -2.87
CA THR F 239 66.03 50.04 -4.12
C THR F 239 64.55 49.80 -3.86
N TYR F 240 63.71 50.40 -4.68
CA TYR F 240 62.26 50.22 -4.64
C TYR F 240 61.80 49.50 -5.90
N SER F 241 60.76 48.69 -5.76
CA SER F 241 60.19 47.97 -6.88
C SER F 241 58.67 48.06 -6.83
N CYS F 242 58.09 48.36 -8.00
CA CYS F 242 56.66 48.50 -8.18
C CYS F 242 56.23 47.41 -9.17
N HIS F 243 55.60 46.36 -8.66
CA HIS F 243 55.17 45.22 -9.45
C HIS F 243 53.67 45.30 -9.69
N LEU F 244 53.25 45.03 -10.92
CA LEU F 244 51.83 44.98 -11.25
C LEU F 244 51.55 43.72 -12.07
N HIS F 245 50.46 43.05 -11.76
CA HIS F 245 50.02 41.90 -12.54
C HIS F 245 48.50 41.90 -12.64
N HIS F 246 47.99 41.67 -13.85
CA HIS F 246 46.57 41.56 -14.13
C HIS F 246 46.34 40.19 -14.77
N HIS F 247 45.73 39.29 -14.01
CA HIS F 247 45.52 37.93 -14.50
C HIS F 247 44.55 37.90 -15.67
N TYR F 248 43.44 38.63 -15.58
CA TYR F 248 42.44 38.60 -16.63
C TYR F 248 43.03 39.09 -17.95
N CYS F 249 43.67 40.25 -17.94
CA CYS F 249 44.38 40.73 -19.11
C CYS F 249 45.75 40.10 -19.28
N GLY F 250 46.25 39.40 -18.26
CA GLY F 250 47.51 38.69 -18.37
C GLY F 250 48.75 39.57 -18.31
N LEU F 251 48.60 40.85 -17.99
CA LEU F 251 49.75 41.74 -17.96
C LEU F 251 50.61 41.46 -16.73
N HIS F 252 51.92 41.69 -16.89
CA HIS F 252 52.88 41.49 -15.81
C HIS F 252 54.06 42.41 -16.05
N GLU F 253 54.25 43.40 -15.18
CA GLU F 253 55.30 44.39 -15.35
C GLU F 253 55.89 44.77 -14.01
N ARG F 254 57.11 45.29 -14.05
CA ARG F 254 57.80 45.74 -12.84
C ARG F 254 58.64 46.96 -13.17
N ARG F 255 58.66 47.92 -12.25
CA ARG F 255 59.48 49.12 -12.37
C ARG F 255 60.44 49.18 -11.18
N ILE F 256 61.73 49.33 -11.47
CA ILE F 256 62.78 49.34 -10.45
C ILE F 256 63.36 50.73 -10.37
N TYR F 257 63.47 51.26 -9.15
CA TYR F 257 64.02 52.60 -8.91
C TYR F 257 65.14 52.47 -7.89
N GLN F 258 66.33 52.94 -8.26
CA GLN F 258 67.48 52.90 -7.36
C GLN F 258 67.40 54.11 -6.42
N VAL F 259 66.68 53.93 -5.31
CA VAL F 259 66.44 55.00 -4.35
C VAL F 259 67.52 54.93 -3.29
N PHE F 260 68.42 55.92 -3.29
CA PHE F 260 69.46 56.05 -2.28
C PHE F 260 69.29 57.38 -1.58
N VAL F 261 69.35 57.36 -0.24
CA VAL F 261 69.18 58.56 0.55
C VAL F 261 70.46 59.39 0.45
N THR F 262 70.31 60.66 0.06
CA THR F 262 71.42 61.58 -0.06
C THR F 262 71.21 62.75 0.88
N GLU F 263 72.24 63.11 1.62
CA GLU F 263 72.13 64.21 2.57
C GLU F 263 71.98 65.53 1.81
N PRO F 264 71.29 66.51 2.39
CA PRO F 264 71.13 67.80 1.71
C PRO F 264 72.48 68.44 1.44
N VAL F 265 72.58 69.11 0.29
CA VAL F 265 73.81 69.80 -0.10
C VAL F 265 73.47 71.19 -0.60
N PHE G 1 -52.68 21.65 26.59
CA PHE G 1 -53.34 21.23 25.36
C PHE G 1 -52.35 20.49 24.46
N GLU G 2 -52.87 19.63 23.59
CA GLU G 2 -52.07 18.79 22.71
C GLU G 2 -52.31 19.18 21.27
N HIS G 3 -51.23 19.33 20.51
CA HIS G 3 -51.30 19.68 19.09
C HIS G 3 -50.37 18.77 18.29
N ALA G 4 -50.82 18.41 17.09
CA ALA G 4 -50.07 17.51 16.22
C ALA G 4 -49.55 18.27 15.01
N THR G 5 -48.33 17.95 14.59
CA THR G 5 -47.73 18.62 13.44
C THR G 5 -46.63 17.74 12.86
N THR G 6 -46.43 17.87 11.55
CA THR G 6 -45.37 17.16 10.85
C THR G 6 -44.24 18.12 10.51
N VAL G 7 -43.00 17.67 10.69
CA VAL G 7 -41.83 18.51 10.46
C VAL G 7 -40.84 17.77 9.56
N PRO G 8 -40.13 18.46 8.67
CA PRO G 8 -39.08 17.79 7.89
C PRO G 8 -37.90 17.42 8.77
N ASN G 9 -37.20 16.36 8.36
CA ASN G 9 -35.97 15.95 9.03
C ASN G 9 -34.83 16.79 8.45
N VAL G 10 -34.42 17.82 9.20
CA VAL G 10 -33.39 18.73 8.72
C VAL G 10 -32.97 19.63 9.88
N PRO G 11 -31.69 19.99 10.01
CA PRO G 11 -31.28 20.90 11.07
C PRO G 11 -31.33 22.35 10.64
N GLY G 12 -31.46 23.22 11.63
CA GLY G 12 -31.48 24.65 11.38
C GLY G 12 -32.66 25.09 10.52
N ILE G 13 -33.81 24.44 10.68
CA ILE G 13 -35.01 24.78 9.93
C ILE G 13 -36.17 24.97 10.90
N PRO G 14 -36.25 26.10 11.59
CA PRO G 14 -37.37 26.31 12.51
C PRO G 14 -38.70 26.23 11.78
N TYR G 15 -39.69 25.61 12.44
CA TYR G 15 -41.04 25.49 11.92
C TYR G 15 -41.99 26.15 12.90
N LYS G 16 -42.91 26.97 12.38
CA LYS G 16 -43.80 27.76 13.20
C LYS G 16 -45.23 27.27 13.04
N ALA G 17 -45.98 27.26 14.14
CA ALA G 17 -47.35 26.78 14.13
C ALA G 17 -48.15 27.55 15.17
N LEU G 18 -49.47 27.35 15.12
CA LEU G 18 -50.41 28.00 16.03
C LEU G 18 -51.38 26.96 16.57
N VAL G 19 -51.93 27.26 17.75
CA VAL G 19 -52.93 26.43 18.41
C VAL G 19 -54.18 27.27 18.59
N GLU G 20 -55.32 26.75 18.13
CA GLU G 20 -56.59 27.47 18.16
C GLU G 20 -57.43 26.94 19.32
N ARG G 21 -57.74 27.83 20.27
CA ARG G 21 -58.62 27.50 21.38
C ARG G 21 -59.54 28.67 21.63
N ALA G 22 -60.84 28.39 21.79
CA ALA G 22 -61.82 29.45 21.96
C ALA G 22 -61.51 30.25 23.22
N GLY G 23 -61.49 31.58 23.07
CA GLY G 23 -61.22 32.46 24.18
C GLY G 23 -59.76 32.59 24.55
N TYR G 24 -58.86 31.92 23.83
CA TYR G 24 -57.43 32.01 24.05
C TYR G 24 -56.78 32.55 22.80
N ALA G 25 -55.88 33.52 22.97
CA ALA G 25 -55.16 34.07 21.83
C ALA G 25 -54.31 32.97 21.21
N PRO G 26 -54.24 32.89 19.87
CA PRO G 26 -53.42 31.85 19.24
C PRO G 26 -51.97 31.97 19.68
N LEU G 27 -51.40 30.85 20.14
CA LEU G 27 -50.08 30.83 20.75
C LEU G 27 -49.07 30.39 19.71
N ASN G 28 -48.07 31.25 19.46
CA ASN G 28 -46.98 30.89 18.55
C ASN G 28 -46.20 29.71 19.13
N LEU G 29 -45.87 28.75 18.28
CA LEU G 29 -45.07 27.60 18.67
C LEU G 29 -43.96 27.40 17.65
N GLU G 30 -42.72 27.52 18.10
CA GLU G 30 -41.56 27.33 17.25
C GLU G 30 -40.89 26.01 17.60
N ILE G 31 -40.61 25.19 16.60
CA ILE G 31 -40.00 23.89 16.80
C ILE G 31 -38.73 23.82 15.96
N THR G 32 -37.62 23.42 16.59
CA THR G 32 -36.34 23.31 15.89
C THR G 32 -35.73 21.95 16.19
N VAL G 33 -35.32 21.25 15.13
CA VAL G 33 -34.60 19.99 15.24
C VAL G 33 -33.11 20.35 15.29
N VAL G 34 -32.55 20.36 16.50
CA VAL G 34 -31.18 20.84 16.65
C VAL G 34 -30.21 19.94 15.88
N SER G 35 -30.39 18.63 15.97
CA SER G 35 -29.51 17.69 15.29
C SER G 35 -30.17 16.31 15.28
N SER G 36 -29.56 15.40 14.54
CA SER G 36 -30.03 14.03 14.44
C SER G 36 -28.99 13.09 15.03
N GLU G 37 -29.45 11.92 15.48
CA GLU G 37 -28.55 10.92 16.06
C GLU G 37 -29.12 9.54 15.73
N LEU G 38 -28.60 8.95 14.65
CA LEU G 38 -28.99 7.61 14.23
C LEU G 38 -28.00 6.61 14.83
N THR G 39 -28.44 5.87 15.84
CA THR G 39 -27.60 4.90 16.52
C THR G 39 -28.14 3.49 16.29
N PRO G 40 -27.41 2.62 15.60
CA PRO G 40 -27.87 1.25 15.39
C PRO G 40 -27.33 0.29 16.44
N SER G 41 -27.82 -0.95 16.39
CA SER G 41 -27.36 -2.02 17.25
C SER G 41 -26.36 -2.87 16.47
N THR G 42 -25.19 -3.10 17.07
CA THR G 42 -24.12 -3.83 16.41
C THR G 42 -23.50 -4.81 17.39
N ASN G 43 -22.84 -5.83 16.83
CA ASN G 43 -22.20 -6.88 17.59
C ASN G 43 -20.78 -7.06 17.08
N LYS G 44 -19.84 -7.25 18.00
CA LYS G 44 -18.44 -7.46 17.63
C LYS G 44 -18.24 -8.89 17.13
N GLU G 45 -17.70 -9.02 15.93
CA GLU G 45 -17.49 -10.33 15.31
C GLU G 45 -16.06 -10.83 15.53
N TYR G 46 -15.06 -10.06 15.10
CA TYR G 46 -13.67 -10.44 15.29
C TYR G 46 -12.80 -9.24 14.90
N VAL G 47 -11.49 -9.45 15.00
CA VAL G 47 -10.49 -8.42 14.74
C VAL G 47 -9.43 -8.98 13.79
N THR G 48 -8.78 -8.07 13.06
CA THR G 48 -7.74 -8.44 12.13
C THR G 48 -6.70 -7.33 12.09
N CYS G 49 -5.50 -7.69 11.65
CA CYS G 49 -4.36 -6.78 11.65
C CYS G 49 -3.16 -7.51 11.05
N LYS G 50 -2.15 -6.73 10.68
CA LYS G 50 -0.94 -7.33 10.13
C LYS G 50 -0.32 -8.30 11.13
N PHE G 51 0.10 -9.45 10.62
CA PHE G 51 0.60 -10.53 11.46
C PHE G 51 2.13 -10.62 11.34
N HIS G 52 2.69 -11.63 11.99
CA HIS G 52 4.11 -11.94 11.89
C HIS G 52 4.28 -13.44 12.01
N THR G 53 5.04 -14.02 11.08
CA THR G 53 5.31 -15.44 11.11
C THR G 53 6.30 -15.77 12.21
N VAL G 54 6.15 -16.97 12.79
CA VAL G 54 7.04 -17.46 13.83
C VAL G 54 8.06 -18.38 13.19
N VAL G 55 9.33 -18.13 13.50
CA VAL G 55 10.43 -18.92 12.95
C VAL G 55 11.24 -19.46 14.12
N PRO G 56 10.73 -20.46 14.84
CA PRO G 56 11.43 -20.95 16.03
C PRO G 56 12.64 -21.80 15.64
N SER G 57 13.48 -22.04 16.64
CA SER G 57 14.67 -22.84 16.42
C SER G 57 14.28 -24.24 15.97
N PRO G 58 14.82 -24.74 14.86
CA PRO G 58 14.42 -26.08 14.40
C PRO G 58 14.99 -27.17 15.30
N GLN G 59 14.34 -28.33 15.25
CA GLN G 59 14.78 -29.50 15.99
C GLN G 59 15.70 -30.33 15.11
N VAL G 60 16.81 -30.79 15.67
CA VAL G 60 17.78 -31.59 14.95
C VAL G 60 17.99 -32.90 15.70
N LYS G 61 17.69 -34.01 15.06
CA LYS G 61 18.02 -35.33 15.59
C LYS G 61 19.16 -35.89 14.74
N CYS G 62 20.27 -36.19 15.40
CA CYS G 62 21.51 -36.53 14.72
C CYS G 62 21.62 -38.03 14.54
N CYS G 63 21.72 -38.44 13.29
CA CYS G 63 22.05 -39.81 12.92
C CYS G 63 20.98 -40.78 13.41
N GLY G 64 19.76 -40.29 13.55
CA GLY G 64 18.64 -41.06 14.06
C GLY G 64 17.34 -40.69 13.38
N SER G 65 16.23 -40.86 14.09
CA SER G 65 14.90 -40.64 13.54
C SER G 65 14.11 -39.69 14.43
N LEU G 66 13.01 -39.17 13.88
CA LEU G 66 12.07 -38.32 14.61
C LEU G 66 10.80 -38.20 13.79
N GLU G 67 9.72 -37.76 14.46
CA GLU G 67 8.40 -37.67 13.83
C GLU G 67 7.80 -36.29 14.10
N CYS G 68 7.00 -35.81 13.14
CA CYS G 68 6.35 -34.52 13.29
C CYS G 68 5.22 -34.58 14.31
N LYS G 69 4.98 -33.44 14.95
CA LYS G 69 3.87 -33.29 15.89
C LYS G 69 3.20 -31.95 15.64
N ALA G 70 1.87 -31.93 15.68
CA ALA G 70 1.13 -30.69 15.47
C ALA G 70 1.22 -29.80 16.71
N SER G 71 0.67 -28.60 16.58
CA SER G 71 0.66 -27.65 17.69
C SER G 71 -0.63 -26.84 17.63
N SER G 72 -1.14 -26.49 18.81
CA SER G 72 -2.41 -25.77 18.90
C SER G 72 -2.33 -24.35 18.36
N LYS G 73 -1.13 -23.85 18.08
CA LYS G 73 -1.00 -22.49 17.57
C LYS G 73 -1.73 -22.33 16.25
N ALA G 74 -2.31 -21.16 16.05
CA ALA G 74 -3.10 -20.91 14.85
C ALA G 74 -2.23 -20.96 13.60
N ASP G 75 -2.80 -21.51 12.53
CA ASP G 75 -2.12 -21.57 11.23
C ASP G 75 -0.76 -22.26 11.36
N TYR G 76 -0.72 -23.32 12.17
CA TYR G 76 0.54 -24.01 12.43
C TYR G 76 0.91 -24.91 11.26
N THR G 77 2.22 -25.13 11.11
CA THR G 77 2.75 -25.99 10.06
C THR G 77 3.97 -26.71 10.60
N CYS G 78 4.16 -27.96 10.17
CA CYS G 78 5.23 -28.81 10.66
C CYS G 78 5.64 -29.77 9.54
N ARG G 79 6.93 -30.13 9.52
CA ARG G 79 7.40 -31.05 8.51
C ARG G 79 8.82 -31.50 8.83
N VAL G 80 9.10 -32.76 8.54
CA VAL G 80 10.40 -33.36 8.78
C VAL G 80 11.21 -33.31 7.49
N PHE G 81 12.52 -33.52 7.60
CA PHE G 81 13.37 -33.64 6.43
C PHE G 81 14.61 -34.44 6.79
N GLY G 82 14.86 -35.53 6.05
CA GLY G 82 16.05 -36.32 6.25
C GLY G 82 17.18 -35.88 5.34
N GLY G 83 18.35 -36.48 5.58
CA GLY G 83 19.53 -36.11 4.80
C GLY G 83 19.88 -34.64 4.94
N VAL G 84 19.72 -34.09 6.14
CA VAL G 84 20.01 -32.67 6.35
C VAL G 84 21.51 -32.42 6.18
N TYR G 85 21.85 -31.15 5.97
CA TYR G 85 23.24 -30.71 5.76
C TYR G 85 23.53 -29.59 6.73
N PRO G 86 23.65 -29.91 8.04
CA PRO G 86 23.77 -28.85 9.05
C PRO G 86 25.18 -28.28 9.09
N PHE G 87 25.28 -26.97 9.01
CA PHE G 87 26.54 -26.25 9.17
C PHE G 87 26.25 -24.95 9.92
N MET G 88 27.30 -24.40 10.51
CA MET G 88 27.17 -23.17 11.30
C MET G 88 28.57 -22.60 11.45
N TRP G 89 28.65 -21.38 11.96
CA TRP G 89 29.96 -20.77 12.18
C TRP G 89 30.84 -21.67 13.02
N GLY G 90 30.23 -22.34 14.00
CA GLY G 90 30.93 -23.34 14.77
C GLY G 90 31.19 -24.63 14.02
N GLY G 91 30.49 -24.83 12.90
CA GLY G 91 30.75 -25.92 12.00
C GLY G 91 29.62 -26.92 11.96
N ALA G 92 29.94 -28.11 11.44
CA ALA G 92 28.97 -29.19 11.41
C ALA G 92 28.43 -29.41 12.81
N GLN G 93 27.15 -29.12 13.00
CA GLN G 93 26.59 -29.14 14.36
C GLN G 93 26.77 -30.51 14.99
N CYS G 94 26.41 -31.57 14.27
CA CYS G 94 26.67 -32.93 14.72
C CYS G 94 27.13 -33.75 13.53
N PHE G 95 27.55 -34.99 13.80
CA PHE G 95 28.30 -35.78 12.83
C PHE G 95 27.66 -37.15 12.63
N CYS G 96 27.34 -37.45 11.37
CA CYS G 96 27.01 -38.78 10.90
C CYS G 96 26.87 -38.66 9.39
N ASP G 97 27.23 -39.73 8.68
CA ASP G 97 27.40 -39.66 7.23
C ASP G 97 26.05 -39.47 6.54
N SER G 98 25.53 -38.25 6.68
CA SER G 98 24.27 -37.78 6.11
C SER G 98 23.07 -38.49 6.71
N GLU G 99 23.24 -39.20 7.82
CA GLU G 99 22.13 -39.94 8.41
C GLU G 99 21.18 -39.03 9.18
N ASN G 100 21.66 -37.86 9.60
CA ASN G 100 20.87 -37.00 10.48
C ASN G 100 19.69 -36.38 9.77
N THR G 101 18.70 -35.97 10.55
CA THR G 101 17.48 -35.37 10.04
C THR G 101 17.06 -34.21 10.95
N GLN G 102 16.20 -33.35 10.42
CA GLN G 102 15.72 -32.20 11.19
C GLN G 102 14.23 -31.99 10.97
N LEU G 103 13.55 -31.63 12.06
CA LEU G 103 12.15 -31.23 12.04
C LEU G 103 12.05 -29.72 12.11
N SER G 104 11.24 -29.15 11.21
CA SER G 104 10.99 -27.72 11.20
C SER G 104 9.50 -27.46 11.36
N GLU G 105 9.16 -26.31 11.92
CA GLU G 105 7.77 -25.93 12.12
C GLU G 105 7.68 -24.42 12.27
N ALA G 106 6.47 -23.90 12.10
CA ALA G 106 6.25 -22.47 12.19
C ALA G 106 4.77 -22.20 12.44
N TYR G 107 4.49 -21.00 12.92
CA TYR G 107 3.13 -20.52 13.11
C TYR G 107 3.15 -19.00 13.05
N VAL G 108 2.00 -18.38 13.34
CA VAL G 108 1.82 -16.95 13.14
C VAL G 108 1.26 -16.33 14.42
N GLU G 109 1.50 -15.03 14.59
CA GLU G 109 0.95 -14.30 15.73
C GLU G 109 0.87 -12.82 15.38
N PHE G 110 -0.09 -12.14 15.97
CA PHE G 110 -0.27 -10.72 15.69
C PHE G 110 0.92 -9.93 16.24
N ALA G 111 1.41 -9.00 15.43
CA ALA G 111 2.56 -8.20 15.81
C ALA G 111 2.17 -7.18 16.89
N PRO G 112 3.15 -6.70 17.66
CA PRO G 112 2.82 -5.72 18.72
C PRO G 112 2.12 -4.48 18.19
N ASP G 113 2.53 -3.99 17.01
CA ASP G 113 1.88 -2.81 16.43
C ASP G 113 0.38 -3.04 16.30
N CYS G 114 -0.04 -4.28 16.12
CA CYS G 114 -1.46 -4.59 15.97
C CYS G 114 -2.26 -4.00 17.12
N THR G 115 -1.67 -3.96 18.31
CA THR G 115 -2.33 -3.42 19.50
C THR G 115 -3.07 -2.13 19.18
N ILE G 116 -2.51 -1.30 18.29
CA ILE G 116 -3.13 -0.04 17.90
C ILE G 116 -3.54 -0.01 16.43
N ASP G 117 -3.10 -0.97 15.63
CA ASP G 117 -3.48 -1.04 14.23
C ASP G 117 -4.65 -2.01 14.00
N HIS G 118 -5.33 -2.41 15.08
CA HIS G 118 -6.40 -3.39 14.97
C HIS G 118 -7.56 -2.84 14.16
N ALA G 119 -8.19 -3.71 13.37
CA ALA G 119 -9.41 -3.39 12.63
C ALA G 119 -10.48 -4.41 12.99
N VAL G 120 -11.65 -3.92 13.38
CA VAL G 120 -12.72 -4.76 13.94
C VAL G 120 -13.83 -4.89 12.91
N ALA G 121 -14.29 -6.12 12.69
CA ALA G 121 -15.40 -6.38 11.79
C ALA G 121 -16.69 -6.40 12.60
N LEU G 122 -17.66 -5.59 12.19
CA LEU G 122 -18.90 -5.37 12.93
C LEU G 122 -20.10 -5.80 12.10
N LYS G 123 -21.05 -6.44 12.78
CA LYS G 123 -22.36 -6.78 12.24
C LYS G 123 -23.39 -5.89 12.90
N VAL G 124 -24.20 -5.20 12.09
CA VAL G 124 -25.10 -4.16 12.58
C VAL G 124 -26.51 -4.44 12.10
N HIS G 125 -27.48 -3.88 12.83
CA HIS G 125 -28.89 -4.09 12.53
C HIS G 125 -29.71 -3.05 13.31
N THR G 126 -30.99 -2.97 12.96
CA THR G 126 -31.99 -2.21 13.72
C THR G 126 -31.49 -0.80 14.04
N ALA G 127 -31.32 -0.02 12.98
CA ALA G 127 -30.95 1.38 13.15
C ALA G 127 -32.02 2.12 13.95
N ALA G 128 -31.58 2.89 14.95
CA ALA G 128 -32.46 3.66 15.81
C ALA G 128 -32.04 5.13 15.77
N LEU G 129 -33.03 6.01 15.71
CA LEU G 129 -32.80 7.43 15.50
C LEU G 129 -33.20 8.22 16.75
N LYS G 130 -32.34 9.16 17.14
CA LYS G 130 -32.54 10.02 18.30
C LYS G 130 -32.59 11.47 17.83
N VAL G 131 -33.62 12.20 18.25
CA VAL G 131 -33.87 13.56 17.77
C VAL G 131 -33.90 14.50 18.97
N GLY G 132 -33.18 15.62 18.85
CA GLY G 132 -33.23 16.67 19.84
C GLY G 132 -34.06 17.83 19.34
N LEU G 133 -35.09 18.17 20.11
CA LEU G 133 -36.04 19.21 19.75
C LEU G 133 -35.97 20.36 20.74
N ARG G 134 -36.02 21.58 20.24
CA ARG G 134 -36.15 22.78 21.06
C ARG G 134 -37.44 23.49 20.66
N ILE G 135 -38.29 23.77 21.65
CA ILE G 135 -39.62 24.31 21.42
C ILE G 135 -39.76 25.63 22.18
N VAL G 136 -40.17 26.67 21.47
CA VAL G 136 -40.40 27.98 22.04
C VAL G 136 -41.90 28.26 22.00
N TYR G 137 -42.46 28.60 23.17
CA TYR G 137 -43.86 28.94 23.31
C TYR G 137 -43.99 30.04 24.34
N GLY G 138 -44.72 31.10 24.00
CA GLY G 138 -44.92 32.21 24.91
C GLY G 138 -43.61 32.82 25.37
N ASN G 139 -42.71 33.05 24.42
CA ASN G 139 -41.33 33.48 24.68
C ASN G 139 -40.76 32.74 25.88
N THR G 140 -40.96 31.42 25.88
CA THR G 140 -40.33 30.51 26.84
C THR G 140 -39.77 29.32 26.08
N THR G 141 -38.51 29.00 26.32
CA THR G 141 -37.80 27.97 25.57
C THR G 141 -37.67 26.72 26.44
N ALA G 142 -38.10 25.58 25.91
CA ALA G 142 -37.94 24.29 26.54
C ALA G 142 -37.28 23.33 25.56
N ARG G 143 -36.73 22.25 26.08
CA ARG G 143 -35.93 21.31 25.30
C ARG G 143 -36.35 19.88 25.60
N LEU G 144 -36.06 18.99 24.65
CA LEU G 144 -36.18 17.57 24.91
C LEU G 144 -35.31 16.81 23.92
N ASP G 145 -35.00 15.57 24.28
CA ASP G 145 -34.26 14.66 23.39
C ASP G 145 -34.94 13.30 23.49
N THR G 146 -35.48 12.82 22.37
CA THR G 146 -36.32 11.62 22.38
C THR G 146 -35.91 10.67 21.26
N PHE G 147 -36.07 9.38 21.53
CA PHE G 147 -35.97 8.38 20.48
C PHE G 147 -37.06 8.63 19.46
N VAL G 148 -36.74 8.35 18.19
CA VAL G 148 -37.67 8.65 17.10
C VAL G 148 -38.97 7.87 17.25
N ASN G 149 -38.97 6.80 18.04
CA ASN G 149 -40.18 6.02 18.21
C ASN G 149 -41.33 6.89 18.73
N GLY G 150 -42.54 6.47 18.44
CA GLY G 150 -43.73 7.20 18.82
C GLY G 150 -44.39 6.67 20.08
N VAL G 151 -43.64 5.95 20.91
CA VAL G 151 -44.18 5.28 22.09
C VAL G 151 -43.43 5.62 23.36
N THR G 152 -42.33 6.39 23.28
CA THR G 152 -41.52 6.72 24.45
C THR G 152 -41.33 8.22 24.53
N PRO G 153 -42.31 8.95 25.06
CA PRO G 153 -42.11 10.38 25.30
C PRO G 153 -40.95 10.62 26.27
N GLY G 154 -40.22 11.70 26.03
CA GLY G 154 -39.09 12.04 26.87
C GLY G 154 -39.49 12.83 28.11
N SER G 155 -38.49 13.17 28.90
CA SER G 155 -38.68 13.90 30.16
C SER G 155 -37.98 15.25 30.06
N SER G 156 -38.75 16.32 30.23
CA SER G 156 -38.20 17.67 30.29
C SER G 156 -39.24 18.53 30.99
N ARG G 157 -38.93 18.99 32.20
CA ARG G 157 -39.89 19.61 33.10
C ARG G 157 -40.97 18.62 33.52
N ASP G 158 -40.72 17.32 33.36
CA ASP G 158 -41.74 16.28 33.52
C ASP G 158 -42.83 16.43 32.47
N LEU G 159 -42.43 16.82 31.26
CA LEU G 159 -43.33 16.99 30.13
C LEU G 159 -43.14 15.83 29.16
N LYS G 160 -44.25 15.22 28.75
CA LYS G 160 -44.21 14.07 27.83
C LYS G 160 -44.44 14.58 26.41
N VAL G 161 -43.42 14.43 25.57
CA VAL G 161 -43.48 14.83 24.17
C VAL G 161 -43.03 13.65 23.32
N ILE G 162 -43.81 13.32 22.29
CA ILE G 162 -43.57 12.16 21.44
C ILE G 162 -43.32 12.62 20.03
N ALA G 163 -42.56 11.82 19.28
CA ALA G 163 -42.24 12.12 17.89
C ALA G 163 -42.14 10.82 17.10
N GLY G 164 -42.28 10.94 15.78
CA GLY G 164 -42.18 9.81 14.90
C GLY G 164 -43.41 8.93 14.95
N PRO G 165 -43.33 7.74 14.33
CA PRO G 165 -42.17 7.17 13.63
C PRO G 165 -41.89 7.86 12.31
N ILE G 166 -40.76 7.55 11.66
CA ILE G 166 -40.38 8.24 10.44
C ILE G 166 -41.29 7.81 9.30
N SER G 167 -41.48 8.71 8.33
CA SER G 167 -42.23 8.37 7.13
C SER G 167 -41.54 7.25 6.37
N ALA G 168 -40.22 7.31 6.26
CA ALA G 168 -39.44 6.27 5.60
C ALA G 168 -38.20 5.99 6.44
N ALA G 169 -37.66 4.78 6.27
CA ALA G 169 -36.49 4.34 7.01
C ALA G 169 -35.24 4.51 6.14
N PHE G 170 -34.24 5.20 6.68
CA PHE G 170 -32.98 5.44 5.98
C PHE G 170 -31.83 5.07 6.90
N SER G 171 -30.83 4.36 6.36
CA SER G 171 -29.66 3.99 7.12
C SER G 171 -28.47 3.78 6.19
N PRO G 172 -27.45 4.64 6.23
CA PRO G 172 -26.28 4.41 5.37
C PRO G 172 -25.55 3.11 5.68
N PHE G 173 -25.64 2.64 6.92
CA PHE G 173 -24.92 1.44 7.33
C PHE G 173 -25.49 0.21 6.63
N ASP G 174 -24.61 -0.74 6.35
CA ASP G 174 -24.97 -2.03 5.78
C ASP G 174 -24.76 -3.12 6.82
N HIS G 175 -25.30 -4.31 6.52
CA HIS G 175 -25.23 -5.42 7.47
C HIS G 175 -23.81 -5.64 7.96
N LYS G 176 -22.85 -5.63 7.05
CA LYS G 176 -21.45 -5.87 7.37
C LYS G 176 -20.67 -4.56 7.26
N VAL G 177 -19.79 -4.31 8.23
CA VAL G 177 -18.96 -3.10 8.22
C VAL G 177 -17.64 -3.42 8.90
N VAL G 178 -16.66 -2.53 8.72
CA VAL G 178 -15.39 -2.64 9.42
C VAL G 178 -14.99 -1.28 9.95
N ILE G 179 -14.26 -1.27 11.06
CA ILE G 179 -13.76 -0.04 11.67
C ILE G 179 -12.26 -0.18 11.85
N ARG G 180 -11.51 0.85 11.45
CA ARG G 180 -10.05 0.81 11.50
C ARG G 180 -9.53 2.23 11.64
N LYS G 181 -8.84 2.49 12.76
CA LYS G 181 -8.19 3.78 13.00
C LYS G 181 -9.17 4.94 12.83
N GLY G 182 -10.39 4.76 13.34
CA GLY G 182 -11.40 5.79 13.29
C GLY G 182 -12.05 5.97 11.94
N LEU G 183 -11.81 5.07 11.00
CA LEU G 183 -12.44 5.11 9.68
C LEU G 183 -13.34 3.90 9.52
N VAL G 184 -14.56 4.13 9.06
CA VAL G 184 -15.55 3.07 8.86
C VAL G 184 -15.63 2.75 7.37
N TYR G 185 -15.59 1.46 7.05
CA TYR G 185 -15.60 1.00 5.66
C TYR G 185 -16.71 -0.02 5.48
N ASN G 186 -17.51 0.16 4.43
CA ASN G 186 -18.60 -0.75 4.10
C ASN G 186 -18.05 -1.89 3.26
N TYR G 187 -18.08 -3.10 3.81
CA TYR G 187 -17.54 -4.27 3.12
C TYR G 187 -18.13 -5.52 3.74
N ASP G 188 -18.29 -6.55 2.92
CA ASP G 188 -18.83 -7.84 3.35
C ASP G 188 -17.65 -8.69 3.83
N PHE G 189 -17.30 -8.52 5.10
CA PHE G 189 -16.16 -9.25 5.64
C PHE G 189 -16.47 -10.75 5.69
N PRO G 190 -15.46 -11.60 5.46
CA PRO G 190 -15.70 -13.04 5.59
C PRO G 190 -16.13 -13.41 7.00
N GLU G 191 -17.01 -14.40 7.09
CA GLU G 191 -17.53 -14.83 8.37
C GLU G 191 -16.43 -15.44 9.23
N TYR G 192 -16.61 -15.36 10.55
CA TYR G 192 -15.63 -15.91 11.47
C TYR G 192 -15.45 -17.40 11.22
N GLY G 193 -14.20 -17.85 11.33
CA GLY G 193 -13.85 -19.22 11.05
C GLY G 193 -13.61 -19.53 9.59
N ALA G 194 -13.69 -18.54 8.71
CA ALA G 194 -13.45 -18.70 7.29
C ALA G 194 -12.12 -18.02 6.95
N MET G 195 -11.12 -18.83 6.61
CA MET G 195 -9.78 -18.35 6.29
C MET G 195 -9.55 -18.47 4.79
N ASN G 196 -9.23 -17.36 4.15
CA ASN G 196 -8.95 -17.33 2.71
C ASN G 196 -7.68 -16.54 2.48
N PRO G 197 -6.56 -17.18 2.13
CA PRO G 197 -5.31 -16.43 1.98
C PRO G 197 -5.44 -15.34 0.92
N GLY G 198 -4.72 -14.24 1.15
CA GLY G 198 -4.77 -13.10 0.25
C GLY G 198 -6.12 -12.41 0.22
N ALA G 199 -6.72 -12.18 1.39
CA ALA G 199 -8.04 -11.56 1.47
C ALA G 199 -8.13 -10.81 2.79
N PHE G 200 -9.14 -9.95 2.88
CA PHE G 200 -9.38 -9.21 4.11
C PHE G 200 -9.75 -10.17 5.24
N GLY G 201 -9.31 -9.84 6.45
CA GLY G 201 -9.61 -10.65 7.61
C GLY G 201 -9.01 -12.03 7.55
N ASP G 202 -7.79 -12.15 7.01
CA ASP G 202 -7.12 -13.44 6.97
C ASP G 202 -6.86 -13.97 8.38
N ILE G 203 -6.44 -13.09 9.29
CA ILE G 203 -6.22 -13.44 10.68
C ILE G 203 -7.41 -12.95 11.49
N GLN G 204 -8.02 -13.85 12.25
CA GLN G 204 -9.23 -13.56 13.00
C GLN G 204 -9.06 -13.97 14.44
N ALA G 205 -9.64 -13.19 15.35
CA ALA G 205 -9.56 -13.46 16.78
C ALA G 205 -10.78 -12.89 17.47
N SER G 206 -11.24 -13.59 18.51
CA SER G 206 -12.38 -13.10 19.27
C SER G 206 -12.07 -11.77 19.94
N SER G 207 -10.86 -11.64 20.49
CA SER G 207 -10.42 -10.40 21.13
C SER G 207 -8.98 -10.11 20.71
N LEU G 208 -8.55 -8.87 20.97
CA LEU G 208 -7.21 -8.46 20.57
C LEU G 208 -6.15 -9.30 21.27
N ASP G 209 -6.34 -9.58 22.55
CA ASP G 209 -5.36 -10.30 23.36
C ASP G 209 -5.87 -11.70 23.69
N ALA G 210 -6.48 -12.36 22.73
CA ALA G 210 -6.96 -13.72 22.92
C ALA G 210 -5.84 -14.71 22.65
N THR G 211 -5.58 -15.60 23.62
CA THR G 211 -4.57 -16.63 23.42
C THR G 211 -4.98 -17.59 22.32
N ASP G 212 -6.27 -17.92 22.24
CA ASP G 212 -6.77 -18.82 21.20
C ASP G 212 -7.02 -18.05 19.91
N ILE G 213 -6.41 -18.53 18.83
CA ILE G 213 -6.54 -17.90 17.52
C ILE G 213 -6.77 -18.99 16.47
N VAL G 214 -7.36 -18.57 15.34
CA VAL G 214 -7.55 -19.45 14.20
C VAL G 214 -7.20 -18.67 12.94
N ALA G 215 -6.43 -19.30 12.06
CA ALA G 215 -6.01 -18.64 10.82
C ALA G 215 -5.44 -19.67 9.86
N ARG G 216 -5.49 -19.34 8.58
CA ARG G 216 -4.87 -20.14 7.53
C ARG G 216 -4.42 -19.21 6.43
N THR G 217 -3.12 -19.24 6.12
CA THR G 217 -2.57 -18.36 5.09
C THR G 217 -1.58 -19.09 4.18
N ASP G 218 -1.74 -20.41 4.05
CA ASP G 218 -1.02 -21.20 3.05
C ASP G 218 0.50 -21.08 3.22
N ILE G 219 0.97 -21.59 4.36
CA ILE G 219 2.40 -21.69 4.64
C ILE G 219 2.88 -23.07 4.23
N ARG G 220 3.95 -23.11 3.44
CA ARG G 220 4.57 -24.35 3.00
C ARG G 220 6.05 -24.31 3.34
N LEU G 221 6.55 -25.37 3.95
CA LEU G 221 7.95 -25.45 4.32
C LEU G 221 8.79 -25.85 3.11
N LEU G 222 10.02 -25.35 3.06
CA LEU G 222 10.97 -25.71 2.03
C LEU G 222 12.11 -26.53 2.63
N LYS G 223 12.57 -27.50 1.85
CA LYS G 223 13.64 -28.38 2.30
C LYS G 223 14.93 -27.60 2.48
N PRO G 224 15.77 -27.99 3.45
CA PRO G 224 17.08 -27.34 3.56
C PRO G 224 17.86 -27.48 2.26
N SER G 225 18.50 -26.38 1.85
CA SER G 225 19.12 -26.32 0.54
C SER G 225 20.47 -25.63 0.52
N VAL G 226 21.09 -25.39 1.68
CA VAL G 226 22.34 -24.65 1.77
C VAL G 226 23.25 -25.31 2.80
N LYS G 227 24.46 -24.75 2.92
CA LYS G 227 25.43 -25.27 3.88
C LYS G 227 24.91 -25.20 5.30
N ASN G 228 24.47 -24.01 5.72
CA ASN G 228 24.16 -23.79 7.12
C ASN G 228 22.76 -24.27 7.45
N ILE G 229 22.43 -24.23 8.74
CA ILE G 229 21.08 -24.54 9.21
C ILE G 229 20.19 -23.35 8.90
N HIS G 230 19.10 -23.60 8.17
CA HIS G 230 18.19 -22.54 7.77
C HIS G 230 16.83 -23.15 7.47
N VAL G 231 15.79 -22.37 7.70
CA VAL G 231 14.41 -22.79 7.50
C VAL G 231 13.77 -21.85 6.49
N PRO G 232 13.78 -22.21 5.21
CA PRO G 232 13.12 -21.36 4.20
C PRO G 232 11.60 -21.56 4.25
N TYR G 233 10.88 -20.46 4.44
CA TYR G 233 9.42 -20.48 4.54
C TYR G 233 8.84 -19.64 3.42
N THR G 234 7.79 -20.16 2.78
CA THR G 234 7.09 -19.46 1.71
C THR G 234 5.64 -19.26 2.13
N GLN G 235 5.16 -18.03 2.00
CA GLN G 235 3.80 -17.69 2.41
C GLN G 235 3.28 -16.55 1.55
N ALA G 236 1.96 -16.48 1.43
CA ALA G 236 1.32 -15.41 0.67
C ALA G 236 1.41 -14.09 1.44
N VAL G 237 1.28 -13.00 0.68
CA VAL G 237 1.34 -11.68 1.30
C VAL G 237 0.18 -11.51 2.28
N SER G 238 0.44 -10.75 3.35
CA SER G 238 -0.59 -10.51 4.35
C SER G 238 -1.80 -9.81 3.73
N GLY G 239 -3.00 -10.27 4.09
CA GLY G 239 -4.21 -9.69 3.54
C GLY G 239 -4.57 -8.33 4.11
N TYR G 240 -4.08 -8.00 5.31
CA TYR G 240 -4.40 -6.71 5.90
C TYR G 240 -3.86 -5.57 5.06
N GLU G 241 -2.56 -5.60 4.75
CA GLU G 241 -1.99 -4.59 3.88
C GLU G 241 -2.64 -4.63 2.50
N MET G 242 -3.06 -5.81 2.05
CA MET G 242 -3.73 -5.91 0.77
C MET G 242 -5.02 -5.10 0.75
N TRP G 243 -5.88 -5.33 1.74
CA TRP G 243 -7.12 -4.57 1.83
C TRP G 243 -6.82 -3.09 2.06
N LYS G 244 -5.72 -2.78 2.74
CA LYS G 244 -5.35 -1.38 2.97
C LYS G 244 -5.01 -0.68 1.66
N ASN G 245 -4.28 -1.36 0.77
CA ASN G 245 -3.81 -0.71 -0.44
C ASN G 245 -4.98 -0.26 -1.33
N ASN G 246 -5.99 -1.12 -1.50
CA ASN G 246 -7.12 -0.86 -2.37
C ASN G 246 -8.43 -1.03 -1.61
N SER G 247 -8.50 -0.45 -0.41
CA SER G 247 -9.71 -0.51 0.40
C SER G 247 -10.86 0.28 -0.20
N GLY G 248 -10.58 1.17 -1.16
CA GLY G 248 -11.60 2.07 -1.66
C GLY G 248 -11.72 3.31 -0.78
N ARG G 249 -12.59 4.21 -1.21
CA ARG G 249 -12.79 5.44 -0.47
C ARG G 249 -13.59 5.17 0.80
N PRO G 250 -13.46 6.02 1.82
CA PRO G 250 -14.19 5.81 3.07
C PRO G 250 -15.66 6.18 2.93
N LEU G 251 -16.46 5.68 3.88
CA LEU G 251 -17.88 5.96 3.88
C LEU G 251 -18.16 7.45 4.02
N GLN G 252 -17.24 8.18 4.67
CA GLN G 252 -17.46 9.61 4.86
C GLN G 252 -17.67 10.34 3.55
N GLU G 253 -17.15 9.80 2.45
CA GLU G 253 -17.29 10.40 1.13
C GLU G 253 -18.37 9.70 0.30
N THR G 254 -19.20 8.86 0.91
CA THR G 254 -20.24 8.14 0.20
C THR G 254 -21.60 8.17 0.89
N ALA G 255 -21.68 8.65 2.13
CA ALA G 255 -22.95 8.62 2.85
C ALA G 255 -23.96 9.55 2.20
N PRO G 256 -25.16 9.09 1.86
CA PRO G 256 -26.18 10.01 1.36
C PRO G 256 -26.62 10.99 2.43
N PHE G 257 -27.02 12.18 1.99
CA PHE G 257 -27.49 13.25 2.85
C PHE G 257 -26.39 13.81 3.75
N GLY G 258 -25.13 13.47 3.48
CA GLY G 258 -24.04 14.03 4.26
C GLY G 258 -24.08 13.64 5.72
N CYS G 259 -24.37 12.38 6.01
CA CYS G 259 -24.35 11.92 7.39
C CYS G 259 -22.97 12.13 8.00
N LYS G 260 -22.93 12.69 9.19
CA LYS G 260 -21.68 12.90 9.92
C LYS G 260 -21.50 11.71 10.87
N ILE G 261 -20.57 10.82 10.53
CA ILE G 261 -20.44 9.54 11.20
C ILE G 261 -19.35 9.63 12.25
N GLU G 262 -19.65 9.17 13.46
CA GLU G 262 -18.70 9.11 14.56
C GLU G 262 -18.51 7.66 14.97
N VAL G 263 -17.29 7.35 15.43
CA VAL G 263 -16.85 5.97 15.55
C VAL G 263 -17.12 5.39 16.93
N GLU G 264 -16.83 6.14 18.01
CA GLU G 264 -16.97 5.55 19.33
C GLU G 264 -18.38 5.05 19.63
N PRO G 265 -19.46 5.63 19.07
CA PRO G 265 -20.76 4.95 19.16
C PRO G 265 -21.07 4.18 17.89
N LEU G 266 -20.24 4.36 16.87
CA LEU G 266 -20.50 3.82 15.53
C LEU G 266 -21.88 4.27 15.05
N ARG G 267 -22.09 5.58 15.07
CA ARG G 267 -23.41 6.14 14.82
C ARG G 267 -23.31 7.39 13.97
N ALA G 268 -24.39 7.69 13.26
CA ALA G 268 -24.47 8.87 12.42
C ALA G 268 -25.16 10.01 13.16
N THR G 269 -24.88 11.24 12.74
CA THR G 269 -25.48 12.42 13.33
C THR G 269 -25.53 13.51 12.28
N ASN G 270 -26.40 14.50 12.54
CA ASN G 270 -26.54 15.67 11.67
C ASN G 270 -26.84 15.26 10.23
N CYS G 271 -27.64 14.21 10.06
CA CYS G 271 -28.02 13.71 8.75
C CYS G 271 -29.51 13.90 8.56
N ALA G 272 -29.89 14.50 7.43
CA ALA G 272 -31.26 14.97 7.22
C ALA G 272 -31.92 14.18 6.09
N TYR G 273 -33.06 13.56 6.41
CA TYR G 273 -33.92 12.95 5.39
C TYR G 273 -35.22 12.51 6.05
N GLY G 274 -36.33 12.68 5.34
CA GLY G 274 -37.61 12.19 5.79
C GLY G 274 -38.44 13.23 6.53
N HIS G 275 -39.64 12.80 6.90
CA HIS G 275 -40.58 13.59 7.70
C HIS G 275 -40.81 12.93 9.04
N ILE G 276 -41.25 13.72 10.02
CA ILE G 276 -41.51 13.24 11.37
C ILE G 276 -42.82 13.83 11.86
N PRO G 277 -43.83 13.02 12.20
CA PRO G 277 -45.00 13.55 12.90
C PRO G 277 -44.77 13.55 14.41
N ILE G 278 -45.26 14.62 15.05
CA ILE G 278 -45.02 14.85 16.47
C ILE G 278 -46.28 15.40 17.12
N SER G 279 -46.43 15.12 18.39
CA SER G 279 -47.49 15.68 19.22
C SER G 279 -46.87 16.40 20.41
N ILE G 280 -47.24 17.65 20.59
CA ILE G 280 -46.69 18.51 21.64
C ILE G 280 -47.80 18.84 22.62
N ASP G 281 -47.54 18.60 23.90
CA ASP G 281 -48.48 18.94 24.97
C ASP G 281 -47.98 20.19 25.67
N ILE G 282 -48.87 21.17 25.84
CA ILE G 282 -48.54 22.47 26.41
C ILE G 282 -49.44 22.69 27.61
N PRO G 283 -48.93 23.15 28.75
CA PRO G 283 -49.80 23.40 29.90
C PRO G 283 -50.82 24.49 29.60
N ASP G 284 -52.01 24.33 30.19
CA ASP G 284 -53.05 25.33 29.99
C ASP G 284 -52.64 26.69 30.54
N ALA G 285 -51.92 26.70 31.66
CA ALA G 285 -51.49 27.97 32.25
C ALA G 285 -50.67 28.79 31.27
N ALA G 286 -49.94 28.14 30.38
CA ALA G 286 -49.14 28.88 29.41
C ALA G 286 -50.01 29.71 28.48
N PHE G 287 -51.25 29.27 28.23
CA PHE G 287 -52.15 30.00 27.37
C PHE G 287 -52.62 31.27 28.06
N VAL G 288 -53.03 32.25 27.25
CA VAL G 288 -53.50 33.55 27.72
C VAL G 288 -54.88 33.80 27.13
N ARG G 289 -55.81 34.24 27.97
CA ARG G 289 -57.17 34.50 27.52
C ARG G 289 -57.17 35.69 26.55
N SER G 290 -58.11 35.65 25.60
CA SER G 290 -58.22 36.73 24.64
C SER G 290 -58.69 38.04 25.29
N SER G 291 -59.24 37.97 26.50
CA SER G 291 -59.72 39.18 27.16
C SER G 291 -58.59 40.16 27.39
N GLU G 292 -57.45 39.68 27.87
CA GLU G 292 -56.28 40.52 28.12
C GLU G 292 -55.43 40.73 26.87
N SER G 293 -55.66 39.96 25.81
CA SER G 293 -54.87 40.11 24.60
C SER G 293 -55.18 41.45 23.93
N PRO G 294 -54.20 42.08 23.28
CA PRO G 294 -54.47 43.33 22.58
C PRO G 294 -55.50 43.13 21.48
N THR G 295 -56.33 44.15 21.28
CA THR G 295 -57.38 44.13 20.27
C THR G 295 -56.95 44.98 19.08
N ILE G 296 -57.06 44.41 17.88
CA ILE G 296 -56.65 45.08 16.65
C ILE G 296 -57.87 45.32 15.78
N LEU G 297 -57.74 46.27 14.86
CA LEU G 297 -58.86 46.71 14.05
C LEU G 297 -58.36 47.23 12.71
N GLU G 298 -59.08 46.88 11.64
CA GLU G 298 -58.85 47.42 10.31
C GLU G 298 -57.37 47.33 9.91
N VAL G 299 -56.89 46.10 9.79
CA VAL G 299 -55.51 45.83 9.40
C VAL G 299 -55.46 45.59 7.90
N SER G 300 -54.31 45.90 7.30
CA SER G 300 -54.11 45.73 5.87
C SER G 300 -52.65 45.40 5.60
N CYS G 301 -52.41 44.75 4.46
CA CYS G 301 -51.08 44.30 4.06
C CYS G 301 -50.58 45.13 2.88
N THR G 302 -49.27 45.02 2.65
CA THR G 302 -48.64 45.67 1.49
C THR G 302 -47.29 45.01 1.25
N VAL G 303 -47.11 44.47 0.04
CA VAL G 303 -45.84 43.88 -0.35
C VAL G 303 -45.01 44.99 -0.97
N ALA G 304 -44.10 45.56 -0.18
CA ALA G 304 -43.24 46.62 -0.69
C ALA G 304 -42.38 46.11 -1.85
N ASP G 305 -41.80 44.94 -1.69
CA ASP G 305 -41.03 44.30 -2.76
C ASP G 305 -40.67 42.89 -2.30
N CYS G 306 -40.70 41.94 -3.24
CA CYS G 306 -40.33 40.56 -2.96
C CYS G 306 -39.42 40.04 -4.06
N ILE G 307 -38.59 39.07 -3.69
CA ILE G 307 -37.67 38.42 -4.61
C ILE G 307 -37.80 36.91 -4.43
N TYR G 308 -37.88 36.19 -5.56
CA TYR G 308 -37.97 34.74 -5.50
C TYR G 308 -36.61 34.15 -5.13
N SER G 309 -36.13 34.46 -3.93
CA SER G 309 -34.81 34.07 -3.49
C SER G 309 -34.86 32.75 -2.73
N ALA G 310 -33.81 31.94 -2.91
CA ALA G 310 -33.69 30.71 -2.14
C ALA G 310 -33.57 31.01 -0.65
N ASP G 311 -32.81 32.04 -0.30
CA ASP G 311 -32.64 32.44 1.10
C ASP G 311 -33.81 33.33 1.51
N PHE G 312 -33.83 33.70 2.80
CA PHE G 312 -34.89 34.56 3.34
C PHE G 312 -34.62 35.99 2.90
N GLY G 313 -35.32 36.43 1.86
CA GLY G 313 -35.11 37.76 1.33
C GLY G 313 -36.41 38.50 1.04
N GLY G 314 -37.55 37.90 1.38
CA GLY G 314 -38.83 38.53 1.14
C GLY G 314 -39.19 39.52 2.25
N SER G 315 -39.83 40.62 1.85
CA SER G 315 -40.22 41.67 2.77
C SER G 315 -41.71 41.95 2.63
N LEU G 316 -42.30 42.42 3.73
CA LEU G 316 -43.73 42.70 3.76
C LEU G 316 -43.96 43.83 4.76
N THR G 317 -45.16 44.43 4.70
CA THR G 317 -45.53 45.45 5.66
C THR G 317 -47.01 45.32 5.98
N LEU G 318 -47.38 45.71 7.20
CA LEU G 318 -48.76 45.69 7.63
C LEU G 318 -49.06 46.99 8.38
N GLN G 319 -50.28 47.48 8.20
CA GLN G 319 -50.76 48.67 8.91
C GLN G 319 -52.03 48.30 9.65
N TYR G 320 -52.10 48.67 10.93
CA TYR G 320 -53.17 48.22 11.81
C TYR G 320 -53.72 49.37 12.64
N LYS G 321 -54.97 49.22 13.05
CA LYS G 321 -55.62 50.09 14.02
C LYS G 321 -55.99 49.27 15.24
N ALA G 322 -55.73 49.82 16.43
CA ALA G 322 -55.93 49.07 17.66
C ALA G 322 -56.33 50.04 18.78
N ASN G 323 -56.66 49.46 19.93
CA ASN G 323 -57.06 50.22 21.10
C ASN G 323 -56.25 49.91 22.35
N ARG G 324 -55.47 48.82 22.37
CA ARG G 324 -54.74 48.39 23.54
C ARG G 324 -53.27 48.20 23.19
N GLU G 325 -52.41 48.52 24.14
CA GLU G 325 -50.97 48.35 23.98
C GLU G 325 -50.54 46.98 24.49
N GLY G 326 -49.52 46.43 23.86
CA GLY G 326 -49.00 45.13 24.25
C GLY G 326 -48.32 44.46 23.07
N HIS G 327 -48.35 43.13 23.09
CA HIS G 327 -47.74 42.30 22.06
C HIS G 327 -48.76 41.34 21.48
N CYS G 328 -48.69 41.13 20.17
CA CYS G 328 -49.44 40.05 19.52
C CYS G 328 -48.54 39.22 18.63
N PRO G 329 -48.91 37.97 18.39
CA PRO G 329 -48.18 37.13 17.45
C PRO G 329 -48.58 37.44 16.01
N VAL G 330 -47.76 36.92 15.08
CA VAL G 330 -48.03 37.02 13.66
C VAL G 330 -47.73 35.66 13.03
N HIS G 331 -48.58 35.25 12.09
CA HIS G 331 -48.43 33.93 11.50
C HIS G 331 -48.86 33.96 10.04
N SER G 332 -48.54 32.89 9.33
CA SER G 332 -48.96 32.69 7.93
C SER G 332 -49.43 31.25 7.78
N HIS G 333 -50.73 31.07 7.60
CA HIS G 333 -51.29 29.73 7.45
C HIS G 333 -50.99 29.11 6.09
N SER G 334 -50.43 29.86 5.15
CA SER G 334 -50.02 29.32 3.87
C SER G 334 -48.65 28.70 4.00
N THR G 335 -48.54 27.41 3.69
CA THR G 335 -47.29 26.69 3.85
C THR G 335 -46.21 27.21 2.90
N THR G 336 -46.61 27.72 1.73
CA THR G 336 -45.65 28.15 0.74
C THR G 336 -44.74 29.27 1.25
N ALA G 337 -45.17 30.01 2.28
CA ALA G 337 -44.40 31.12 2.82
C ALA G 337 -44.21 30.93 4.32
N VAL G 338 -43.05 31.38 4.81
CA VAL G 338 -42.68 31.27 6.21
C VAL G 338 -42.15 32.62 6.69
N LEU G 339 -42.61 33.05 7.86
CA LEU G 339 -42.21 34.32 8.44
C LEU G 339 -40.87 34.15 9.17
N LYS G 340 -40.40 35.22 9.82
CA LYS G 340 -39.15 35.21 10.55
C LYS G 340 -39.32 35.49 12.04
N GLU G 341 -40.17 36.44 12.41
CA GLU G 341 -40.45 36.74 13.81
C GLU G 341 -41.93 36.49 14.09
N ALA G 342 -42.20 35.93 15.27
CA ALA G 342 -43.53 35.41 15.57
C ALA G 342 -44.45 36.45 16.23
N THR G 343 -43.89 37.41 16.96
CA THR G 343 -44.72 38.37 17.68
C THR G 343 -44.04 39.74 17.67
N THR G 344 -44.84 40.77 17.93
CA THR G 344 -44.36 42.13 17.91
C THR G 344 -45.31 43.02 18.72
N HIS G 345 -44.81 44.20 19.05
CA HIS G 345 -45.60 45.19 19.77
C HIS G 345 -46.81 45.61 18.92
N VAL G 346 -47.77 46.24 19.60
CA VAL G 346 -48.98 46.75 18.95
C VAL G 346 -49.27 48.13 19.51
N THR G 347 -49.56 49.08 18.63
CA THR G 347 -49.92 50.44 18.99
C THR G 347 -51.31 50.75 18.45
N ALA G 348 -51.82 51.93 18.79
CA ALA G 348 -53.18 52.29 18.41
C ALA G 348 -53.35 52.31 16.89
N THR G 349 -52.39 52.90 16.18
CA THR G 349 -52.48 53.00 14.72
C THR G 349 -51.12 52.75 14.07
N GLY G 350 -50.30 51.89 14.67
CA GLY G 350 -48.97 51.66 14.14
C GLY G 350 -48.96 50.76 12.93
N SER G 351 -47.82 50.77 12.24
CA SER G 351 -47.58 49.90 11.09
C SER G 351 -46.16 49.36 11.19
N ILE G 352 -46.00 48.08 10.91
CA ILE G 352 -44.72 47.40 11.10
C ILE G 352 -44.41 46.53 9.89
N THR G 353 -43.11 46.33 9.64
CA THR G 353 -42.64 45.50 8.55
C THR G 353 -42.35 44.08 9.04
N LEU G 354 -42.08 43.20 8.09
CA LEU G 354 -41.86 41.78 8.38
C LEU G 354 -40.92 41.20 7.33
N HIS G 355 -40.11 40.24 7.76
CA HIS G 355 -39.22 39.49 6.88
C HIS G 355 -39.72 38.07 6.77
N PHE G 356 -39.65 37.51 5.56
CA PHE G 356 -40.23 36.20 5.28
C PHE G 356 -39.53 35.59 4.08
N SER G 357 -39.96 34.38 3.74
CA SER G 357 -39.44 33.66 2.58
C SER G 357 -40.56 32.85 1.97
N THR G 358 -40.38 32.49 0.69
CA THR G 358 -41.40 31.74 -0.03
C THR G 358 -40.72 30.78 -1.00
N SER G 359 -41.46 29.76 -1.40
CA SER G 359 -40.99 28.74 -2.34
C SER G 359 -41.65 28.87 -3.71
N SER G 360 -42.43 29.91 -3.94
CA SER G 360 -43.11 30.14 -5.21
C SER G 360 -43.00 31.61 -5.59
N PRO G 361 -42.98 31.93 -6.89
CA PRO G 361 -42.93 33.34 -7.29
C PRO G 361 -44.27 34.06 -7.15
N GLN G 362 -45.38 33.33 -7.13
CA GLN G 362 -46.70 33.92 -6.94
C GLN G 362 -46.92 34.12 -5.45
N ALA G 363 -46.51 35.29 -4.95
CA ALA G 363 -46.59 35.60 -3.52
C ALA G 363 -48.00 36.07 -3.18
N ASN G 364 -48.94 35.13 -3.25
CA ASN G 364 -50.32 35.35 -2.82
C ASN G 364 -50.63 34.39 -1.68
N PHE G 365 -51.16 34.93 -0.58
CA PHE G 365 -51.44 34.10 0.58
C PHE G 365 -52.23 34.86 1.64
N ILE G 366 -52.46 34.22 2.78
CA ILE G 366 -53.19 34.79 3.90
C ILE G 366 -52.26 34.78 5.12
N VAL G 367 -52.17 35.93 5.78
CA VAL G 367 -51.36 36.07 6.99
C VAL G 367 -52.23 36.67 8.08
N SER G 368 -51.97 36.26 9.31
CA SER G 368 -52.74 36.71 10.46
C SER G 368 -51.87 37.58 11.34
N LEU G 369 -52.37 38.78 11.64
CA LEU G 369 -51.79 39.65 12.64
C LEU G 369 -52.60 39.49 13.92
N CYS G 370 -51.92 39.20 15.02
CA CYS G 370 -52.56 38.94 16.30
C CYS G 370 -53.59 37.83 16.03
N GLY G 371 -54.87 38.05 16.30
CA GLY G 371 -55.85 37.02 16.00
C GLY G 371 -56.43 37.13 14.60
N LYS G 372 -56.45 38.34 14.04
CA LYS G 372 -57.17 38.58 12.80
C LYS G 372 -56.37 38.09 11.59
N LYS G 373 -57.09 37.78 10.50
CA LYS G 373 -56.49 37.34 9.26
C LYS G 373 -56.53 38.45 8.22
N THR G 374 -55.81 38.25 7.12
CA THR G 374 -55.84 39.20 6.02
C THR G 374 -55.14 38.59 4.81
N THR G 375 -55.75 38.79 3.64
CA THR G 375 -55.17 38.35 2.39
C THR G 375 -54.11 39.35 1.93
N CYS G 376 -53.13 38.85 1.16
CA CYS G 376 -52.06 39.72 0.68
C CYS G 376 -51.38 39.03 -0.50
N ASN G 377 -51.19 39.78 -1.59
CA ASN G 377 -50.70 39.21 -2.84
C ASN G 377 -49.61 40.08 -3.45
N ALA G 378 -48.76 39.43 -4.26
CA ALA G 378 -47.69 40.10 -4.98
C ALA G 378 -46.97 39.05 -5.84
N GLU G 379 -46.03 39.52 -6.65
CA GLU G 379 -45.22 38.68 -7.51
C GLU G 379 -43.75 38.90 -7.20
N CYS G 380 -42.96 37.83 -7.30
CA CYS G 380 -41.55 37.86 -6.95
C CYS G 380 -40.70 37.47 -8.15
N LYS G 381 -39.44 37.95 -8.15
CA LYS G 381 -38.54 37.75 -9.28
C LYS G 381 -37.37 36.85 -8.88
N PRO G 382 -36.81 36.09 -9.83
CA PRO G 382 -35.63 35.28 -9.51
C PRO G 382 -34.45 36.17 -9.17
N PRO G 383 -33.50 35.67 -8.37
CA PRO G 383 -32.36 36.50 -7.97
C PRO G 383 -31.20 36.41 -8.94
N ALA G 384 -30.30 37.39 -8.83
CA ALA G 384 -29.08 37.37 -9.63
C ALA G 384 -28.17 36.23 -9.22
N ASP G 385 -27.92 36.10 -7.92
CA ASP G 385 -27.13 34.98 -7.41
C ASP G 385 -28.00 33.73 -7.33
N HIS G 386 -27.45 32.60 -7.79
CA HIS G 386 -28.23 31.38 -7.92
C HIS G 386 -27.48 30.16 -7.39
N ILE G 387 -26.51 30.36 -6.51
CA ILE G 387 -25.85 29.27 -5.80
C ILE G 387 -25.60 29.73 -4.36
N ILE G 388 -26.26 29.08 -3.41
CA ILE G 388 -26.07 29.36 -1.99
C ILE G 388 -26.35 28.08 -1.20
N GLY G 389 -25.60 27.88 -0.14
CA GLY G 389 -25.76 26.73 0.73
C GLY G 389 -26.57 26.96 1.98
N GLU G 390 -27.01 28.18 2.23
CA GLU G 390 -27.81 28.48 3.42
C GLU G 390 -29.20 27.87 3.28
N PRO G 391 -29.92 27.70 4.41
CA PRO G 391 -31.25 27.07 4.37
C PRO G 391 -32.10 27.50 3.18
N HIS G 392 -32.62 26.52 2.46
CA HIS G 392 -33.39 26.76 1.24
C HIS G 392 -34.57 25.80 1.21
N LYS G 393 -35.65 26.26 0.59
CA LYS G 393 -36.89 25.48 0.49
C LYS G 393 -37.37 25.06 1.87
N VAL G 394 -37.60 26.06 2.73
CA VAL G 394 -38.24 25.79 4.01
C VAL G 394 -39.55 25.06 3.79
N ASP G 395 -40.21 25.32 2.66
CA ASP G 395 -41.33 24.52 2.19
C ASP G 395 -41.02 24.07 0.77
N GLN G 396 -41.18 22.77 0.51
CA GLN G 396 -40.88 22.23 -0.81
C GLN G 396 -41.91 22.72 -1.83
N GLU G 397 -41.49 22.79 -3.09
CA GLU G 397 -42.36 23.26 -4.15
C GLU G 397 -43.59 22.36 -4.26
N PHE G 398 -44.73 22.97 -4.55
CA PHE G 398 -46.01 22.29 -4.68
C PHE G 398 -46.63 22.61 -6.03
N GLN G 399 -45.83 22.47 -7.08
CA GLN G 399 -46.23 22.79 -8.46
C GLN G 399 -46.97 24.12 -8.54
N ALA G 400 -46.61 25.05 -7.65
CA ALA G 400 -47.18 26.38 -7.64
C ALA G 400 -46.31 27.41 -8.36
N ALA G 401 -45.19 27.00 -8.94
CA ALA G 401 -44.39 27.93 -9.72
C ALA G 401 -45.17 28.53 -10.88
N VAL G 402 -46.24 27.87 -11.32
CA VAL G 402 -47.07 28.41 -12.39
C VAL G 402 -47.63 29.77 -11.97
N SER G 403 -47.57 30.73 -12.89
CA SER G 403 -47.94 32.11 -12.59
C SER G 403 -49.43 32.35 -12.84
N LYS G 404 -49.92 33.47 -12.29
CA LYS G 404 -51.29 33.89 -12.56
C LYS G 404 -51.47 34.23 -14.03
N THR G 405 -50.48 34.90 -14.62
CA THR G 405 -50.53 35.17 -16.06
C THR G 405 -50.55 33.87 -16.86
N SER G 406 -49.80 32.87 -16.39
CA SER G 406 -49.80 31.58 -17.08
C SER G 406 -51.19 30.94 -17.02
N TRP G 407 -51.86 31.04 -15.86
CA TRP G 407 -53.23 30.55 -15.73
C TRP G 407 -54.18 31.30 -16.66
N ASN G 408 -54.04 32.62 -16.75
CA ASN G 408 -54.90 33.38 -17.65
C ASN G 408 -54.66 32.97 -19.11
N TRP G 409 -53.40 32.79 -19.49
CA TRP G 409 -53.10 32.38 -20.88
C TRP G 409 -53.60 30.97 -21.16
N LEU G 410 -53.42 30.04 -20.23
CA LEU G 410 -53.92 28.69 -20.41
C LEU G 410 -55.44 28.66 -20.49
N LEU G 411 -56.12 29.44 -19.67
CA LEU G 411 -57.58 29.51 -19.75
C LEU G 411 -58.01 30.07 -21.10
N ALA G 412 -57.34 31.12 -21.58
CA ALA G 412 -57.67 31.69 -22.88
C ALA G 412 -57.28 30.77 -24.01
N LEU G 413 -56.42 29.78 -23.76
CA LEU G 413 -56.00 28.86 -24.82
C LEU G 413 -57.06 27.78 -25.06
N PHE G 414 -57.44 27.06 -24.01
CA PHE G 414 -58.42 26.00 -24.14
C PHE G 414 -59.74 26.58 -24.65
N GLY G 415 -60.32 25.93 -25.65
CA GLY G 415 -61.55 26.41 -26.27
C GLY G 415 -62.72 25.52 -25.94
N GLY G 416 -63.92 26.10 -26.05
CA GLY G 416 -65.14 25.39 -25.78
C GLY G 416 -65.74 24.72 -27.00
N ALA G 417 -64.99 23.79 -27.59
CA ALA G 417 -65.49 23.07 -28.76
C ALA G 417 -66.66 22.15 -28.42
N SER G 418 -66.76 21.74 -27.16
CA SER G 418 -67.89 20.89 -26.75
C SER G 418 -69.21 21.62 -26.96
N SER G 419 -69.28 22.89 -26.57
CA SER G 419 -70.50 23.66 -26.81
C SER G 419 -70.77 23.79 -28.30
N LEU G 420 -69.72 23.98 -29.11
CA LEU G 420 -69.92 24.10 -30.55
C LEU G 420 -70.52 22.83 -31.13
N ILE G 421 -70.00 21.67 -30.73
CA ILE G 421 -70.52 20.41 -31.27
C ILE G 421 -71.94 20.17 -30.76
N VAL G 422 -72.23 20.54 -29.51
CA VAL G 422 -73.58 20.35 -28.99
C VAL G 422 -74.57 21.21 -29.77
N VAL G 423 -74.22 22.47 -30.02
CA VAL G 423 -75.10 23.36 -30.77
C VAL G 423 -75.26 22.85 -32.20
N GLY G 424 -74.17 22.36 -32.79
CA GLY G 424 -74.26 21.81 -34.13
C GLY G 424 -75.20 20.63 -34.21
N LEU G 425 -75.11 19.72 -33.23
CA LEU G 425 -76.01 18.58 -33.21
C LEU G 425 -77.46 19.01 -33.00
N ILE G 426 -77.69 20.00 -32.13
CA ILE G 426 -79.06 20.47 -31.88
C ILE G 426 -79.66 21.04 -33.16
N VAL G 427 -78.91 21.93 -33.83
CA VAL G 427 -79.43 22.51 -35.06
C VAL G 427 -79.57 21.44 -36.14
N LEU G 428 -78.69 20.43 -36.12
CA LEU G 428 -78.78 19.35 -37.08
C LEU G 428 -80.09 18.57 -36.92
N VAL G 429 -80.44 18.23 -35.67
CA VAL G 429 -81.67 17.48 -35.46
C VAL G 429 -82.88 18.35 -35.79
N CYS G 430 -82.81 19.65 -35.47
CA CYS G 430 -83.91 20.55 -35.82
C CYS G 430 -84.11 20.60 -37.33
N SER G 431 -83.02 20.72 -38.09
CA SER G 431 -83.12 20.74 -39.55
C SER G 431 -83.62 19.40 -40.08
N SER G 432 -83.18 18.30 -39.46
CA SER G 432 -83.63 16.98 -39.90
C SER G 432 -85.14 16.86 -39.74
N MET G 433 -85.68 17.35 -38.62
CA MET G 433 -87.13 17.35 -38.45
C MET G 433 -87.79 18.26 -39.47
N LEU G 434 -87.26 19.47 -39.66
CA LEU G 434 -87.84 20.40 -40.62
C LEU G 434 -87.92 19.80 -42.01
N ILE G 435 -86.95 18.95 -42.37
CA ILE G 435 -86.95 18.35 -43.70
C ILE G 435 -87.77 17.08 -43.73
N ASN G 436 -87.90 16.38 -42.60
CA ASN G 436 -88.89 15.31 -42.51
C ASN G 436 -90.30 15.86 -42.70
N THR G 437 -90.50 17.16 -42.45
CA THR G 437 -91.76 17.78 -42.83
C THR G 437 -92.00 17.65 -44.33
N ARG G 438 -91.02 18.00 -45.14
CA ARG G 438 -91.11 17.92 -46.60
C ARG G 438 -92.27 18.76 -47.14
N ILE H 1 7.71 -13.41 35.27
CA ILE H 1 8.12 -12.47 34.24
C ILE H 1 8.95 -11.35 34.86
N THR H 2 9.85 -10.76 34.06
CA THR H 2 10.73 -9.71 34.54
C THR H 2 11.16 -8.85 33.36
N ASP H 3 11.96 -7.83 33.66
CA ASP H 3 12.50 -6.93 32.64
C ASP H 3 14.02 -6.85 32.67
N ASP H 4 14.68 -7.69 33.47
CA ASP H 4 16.12 -7.66 33.54
C ASP H 4 16.74 -8.09 32.22
N PHE H 5 17.94 -7.57 31.94
CA PHE H 5 18.63 -7.84 30.68
C PHE H 5 19.96 -8.56 30.87
N THR H 6 20.52 -8.59 32.07
CA THR H 6 21.80 -9.24 32.30
C THR H 6 21.71 -10.76 32.22
N LEU H 7 20.51 -11.32 32.16
CA LEU H 7 20.32 -12.77 32.17
C LEU H 7 20.46 -13.40 30.78
N THR H 8 20.72 -12.60 29.74
CA THR H 8 20.86 -13.10 28.39
C THR H 8 22.12 -12.54 27.76
N SER H 9 22.62 -13.23 26.76
CA SER H 9 23.85 -12.88 26.06
C SER H 9 23.62 -12.83 24.56
N PRO H 10 24.38 -11.99 23.84
CA PRO H 10 24.20 -11.91 22.39
C PRO H 10 24.57 -13.22 21.72
N TYR H 11 23.93 -13.49 20.58
CA TYR H 11 24.13 -14.71 19.82
C TYR H 11 24.47 -14.38 18.37
N LEU H 12 25.14 -15.31 17.71
CA LEU H 12 25.50 -15.13 16.32
C LEU H 12 24.27 -15.22 15.42
N GLY H 13 24.45 -14.79 14.17
CA GLY H 13 23.42 -14.91 13.17
C GLY H 13 24.06 -14.97 11.78
N PHE H 14 23.22 -15.23 10.79
CA PHE H 14 23.67 -15.36 9.40
C PHE H 14 23.02 -14.26 8.58
N CYS H 15 23.79 -13.21 8.27
CA CYS H 15 23.27 -12.12 7.46
C CYS H 15 23.43 -12.46 5.98
N PRO H 16 22.38 -12.31 5.17
CA PRO H 16 22.55 -12.50 3.72
C PRO H 16 23.54 -11.52 3.11
N TYR H 17 23.82 -10.41 3.78
CA TYR H 17 24.75 -9.40 3.30
C TYR H 17 25.94 -9.32 4.24
N CYS H 18 27.10 -8.99 3.67
CA CYS H 18 28.31 -8.75 4.44
C CYS H 18 29.13 -7.69 3.73
N ARG H 19 30.28 -7.35 4.30
CA ARG H 19 31.15 -6.36 3.68
C ARG H 19 31.67 -6.84 2.33
N HIS H 20 31.58 -8.15 2.06
CA HIS H 20 31.99 -8.72 0.79
C HIS H 20 30.82 -8.90 -0.17
N SER H 21 29.64 -8.36 0.16
CA SER H 21 28.45 -8.45 -0.68
C SER H 21 27.99 -9.90 -0.85
N ALA H 22 28.36 -10.78 0.08
CA ALA H 22 27.96 -12.17 0.04
C ALA H 22 27.43 -12.59 1.41
N PRO H 23 26.52 -13.56 1.44
CA PRO H 23 25.99 -14.02 2.74
C PRO H 23 27.10 -14.58 3.62
N CYS H 24 27.01 -14.31 4.91
CA CYS H 24 27.99 -14.81 5.87
C CYS H 24 27.49 -14.56 7.27
N PHE H 25 28.20 -15.11 8.25
CA PHE H 25 27.83 -14.99 9.65
C PHE H 25 28.35 -13.69 10.25
N SER H 26 27.67 -13.24 11.29
CA SER H 26 27.99 -11.99 11.97
C SER H 26 27.13 -11.88 13.22
N PRO H 27 27.56 -11.12 14.22
CA PRO H 27 26.70 -10.84 15.37
C PRO H 27 25.67 -9.74 15.14
N ILE H 28 25.66 -9.13 13.95
CA ILE H 28 24.77 -8.01 13.66
C ILE H 28 23.56 -8.48 12.85
N LYS H 29 23.22 -9.77 12.92
CA LYS H 29 22.09 -10.30 12.18
C LYS H 29 20.81 -9.55 12.53
N ILE H 30 20.04 -9.22 11.51
CA ILE H 30 18.76 -8.52 11.66
C ILE H 30 17.69 -9.33 10.95
N GLU H 31 16.52 -9.45 11.58
CA GLU H 31 15.46 -10.31 11.06
C GLU H 31 14.13 -9.57 10.87
N ASN H 32 13.87 -8.55 11.69
CA ASN H 32 12.59 -7.88 11.68
C ASN H 32 12.78 -6.37 11.62
N VAL H 33 11.81 -5.70 10.99
CA VAL H 33 11.80 -4.24 10.89
C VAL H 33 10.35 -3.80 10.77
N TRP H 34 10.04 -2.65 11.37
CA TRP H 34 8.69 -2.11 11.41
C TRP H 34 8.71 -0.64 11.03
N ASP H 35 7.70 -0.22 10.25
CA ASP H 35 7.63 1.15 9.75
C ASP H 35 6.21 1.70 9.79
N GLU H 36 5.41 1.28 10.76
CA GLU H 36 4.01 1.72 10.83
C GLU H 36 3.84 3.12 11.41
N SER H 37 4.89 3.71 11.98
CA SER H 37 4.77 5.03 12.57
C SER H 37 4.46 6.07 11.51
N ASP H 38 3.57 7.00 11.86
CA ASP H 38 3.22 8.08 10.93
C ASP H 38 4.44 8.96 10.63
N ASP H 39 5.22 9.28 11.66
CA ASP H 39 6.43 10.07 11.46
C ASP H 39 7.45 9.31 10.62
N GLY H 40 7.36 7.99 10.55
CA GLY H 40 8.30 7.19 9.82
C GLY H 40 9.39 6.54 10.65
N SER H 41 9.29 6.60 11.98
CA SER H 41 10.29 5.97 12.83
C SER H 41 10.36 4.48 12.53
N ILE H 42 11.59 3.96 12.48
CA ILE H 42 11.85 2.58 12.08
C ILE H 42 12.43 1.83 13.27
N ARG H 43 11.85 0.66 13.57
CA ARG H 43 12.32 -0.23 14.63
C ARG H 43 13.16 -1.33 14.00
N ILE H 44 14.40 -1.47 14.46
CA ILE H 44 15.34 -2.46 13.94
C ILE H 44 15.70 -3.41 15.06
N GLN H 45 15.61 -4.70 14.78
CA GLN H 45 15.97 -5.77 15.72
C GLN H 45 17.25 -6.43 15.26
N VAL H 46 18.20 -6.58 16.17
CA VAL H 46 19.50 -7.18 15.86
C VAL H 46 19.80 -8.27 16.89
N SER H 47 20.58 -9.25 16.47
CA SER H 47 20.97 -10.34 17.37
C SER H 47 21.81 -9.82 18.53
N ALA H 48 22.75 -8.93 18.25
CA ALA H 48 23.65 -8.43 19.28
C ALA H 48 22.87 -7.59 20.29
N GLN H 49 23.59 -7.10 21.29
CA GLN H 49 23.00 -6.32 22.38
C GLN H 49 23.77 -5.02 22.57
N PHE H 50 23.02 -3.95 22.81
CA PHE H 50 23.59 -2.65 23.15
C PHE H 50 22.53 -1.84 23.89
N GLY H 51 22.94 -0.67 24.37
CA GLY H 51 22.13 0.09 25.30
C GLY H 51 22.27 -0.35 26.73
N TYR H 52 22.92 -1.49 26.98
CA TYR H 52 23.24 -1.97 28.31
C TYR H 52 24.69 -2.44 28.31
N ASN H 53 25.19 -2.77 29.49
CA ASN H 53 26.54 -3.30 29.60
C ASN H 53 26.58 -4.73 29.04
N GLN H 54 27.79 -5.19 28.75
CA GLN H 54 27.97 -6.53 28.24
C GLN H 54 27.39 -7.56 29.20
N ALA H 55 26.73 -8.56 28.64
CA ALA H 55 26.12 -9.60 29.45
C ALA H 55 27.16 -10.27 30.34
N GLY H 56 26.83 -10.43 31.62
CA GLY H 56 27.72 -11.04 32.57
C GLY H 56 28.73 -10.09 33.18
N THR H 57 28.74 -8.82 32.79
CA THR H 57 29.68 -7.86 33.36
C THR H 57 29.21 -7.41 34.74
N ALA H 58 30.15 -6.89 35.53
CA ALA H 58 29.83 -6.44 36.87
C ALA H 58 28.68 -5.43 36.86
N ASP H 59 28.80 -4.40 36.02
CA ASP H 59 27.70 -3.46 35.82
C ASP H 59 26.84 -3.91 34.64
N VAL H 60 25.57 -3.50 34.67
CA VAL H 60 24.59 -3.97 33.71
C VAL H 60 24.20 -2.89 32.71
N THR H 61 24.15 -1.63 33.12
CA THR H 61 23.68 -0.54 32.29
C THR H 61 24.85 0.35 31.89
N LYS H 62 25.05 0.51 30.59
CA LYS H 62 26.07 1.43 30.08
C LYS H 62 25.72 1.75 28.63
N PHE H 63 25.33 3.01 28.37
CA PHE H 63 24.91 3.38 27.03
C PHE H 63 26.05 3.26 26.02
N ARG H 64 27.25 3.72 26.39
CA ARG H 64 28.35 3.77 25.45
C ARG H 64 28.85 2.38 25.06
N TYR H 65 28.54 1.36 25.84
CA TYR H 65 29.06 0.02 25.57
C TYR H 65 28.35 -0.60 24.37
N MET H 66 29.06 -1.51 23.71
CA MET H 66 28.57 -2.22 22.53
C MET H 66 29.01 -3.67 22.61
N SER H 67 28.11 -4.52 23.09
CA SER H 67 28.39 -5.93 23.34
C SER H 67 28.18 -6.73 22.06
N TYR H 68 29.14 -7.59 21.75
CA TYR H 68 29.01 -8.53 20.64
C TYR H 68 29.81 -9.78 21.00
N ASP H 69 29.81 -10.75 20.09
CA ASP H 69 30.43 -12.03 20.36
C ASP H 69 31.14 -12.56 19.12
N HIS H 70 32.30 -13.17 19.35
CA HIS H 70 33.08 -13.80 18.30
C HIS H 70 34.22 -14.56 18.97
N ASP H 71 34.90 -15.39 18.18
CA ASP H 71 36.04 -16.17 18.67
C ASP H 71 35.72 -16.82 20.02
N HIS H 72 34.58 -17.53 20.07
CA HIS H 72 34.08 -18.20 21.26
C HIS H 72 34.16 -17.32 22.51
N ASP H 73 33.71 -16.07 22.45
CA ASP H 73 33.65 -15.23 23.63
C ASP H 73 32.92 -13.94 23.31
N ILE H 74 32.28 -13.38 24.32
CA ILE H 74 31.59 -12.09 24.20
C ILE H 74 32.48 -10.99 24.75
N LYS H 75 32.23 -9.76 24.31
CA LYS H 75 33.03 -8.62 24.72
C LYS H 75 32.29 -7.32 24.42
N GLU H 76 32.80 -6.23 25.00
CA GLU H 76 32.23 -4.90 24.84
C GLU H 76 32.84 -4.20 23.63
N ASP H 77 32.38 -2.98 23.40
CA ASP H 77 32.89 -2.10 22.36
C ASP H 77 32.17 -0.76 22.50
N SER H 78 32.63 0.23 21.74
CA SER H 78 32.02 1.55 21.76
C SER H 78 30.85 1.61 20.78
N MET H 79 29.69 2.06 21.25
CA MET H 79 28.52 2.18 20.39
C MET H 79 28.66 3.31 19.38
N GLU H 80 29.52 4.30 19.66
CA GLU H 80 29.63 5.46 18.78
C GLU H 80 30.09 5.07 17.37
N LYS H 81 30.69 3.88 17.22
CA LYS H 81 31.17 3.41 15.93
C LYS H 81 30.09 2.69 15.12
N LEU H 82 28.82 2.85 15.50
CA LEU H 82 27.71 2.21 14.82
C LEU H 82 26.98 3.22 13.94
N ALA H 83 26.68 2.83 12.70
CA ALA H 83 26.02 3.70 11.75
C ALA H 83 24.91 2.92 11.05
N ILE H 84 23.89 3.66 10.60
CA ILE H 84 22.74 3.09 9.90
C ILE H 84 22.50 3.91 8.63
N SER H 85 22.13 3.22 7.56
CA SER H 85 21.90 3.89 6.28
C SER H 85 20.90 3.11 5.44
N THR H 86 19.95 3.81 4.84
CA THR H 86 19.04 3.23 3.86
C THR H 86 19.26 3.82 2.48
N SER H 87 19.17 5.14 2.35
CA SER H 87 19.57 5.87 1.15
C SER H 87 20.63 6.92 1.47
N GLY H 88 21.25 6.84 2.64
CA GLY H 88 22.18 7.83 3.09
C GLY H 88 22.35 7.74 4.60
N PRO H 89 23.01 8.72 5.21
CA PRO H 89 23.16 8.71 6.67
C PRO H 89 21.80 8.70 7.37
N CYS H 90 21.73 7.93 8.45
CA CYS H 90 20.54 7.87 9.28
C CYS H 90 20.87 8.31 10.69
N ARG H 91 19.91 8.95 11.34
CA ARG H 91 20.06 9.45 12.70
C ARG H 91 19.53 8.43 13.69
N ARG H 92 20.22 8.30 14.83
CA ARG H 92 19.81 7.39 15.88
C ARG H 92 18.80 8.06 16.78
N LEU H 93 17.64 7.44 16.95
CA LEU H 93 16.63 7.93 17.89
C LEU H 93 16.78 7.29 19.25
N GLY H 94 17.15 6.02 19.31
CA GLY H 94 17.40 5.38 20.58
C GLY H 94 17.72 3.91 20.39
N HIS H 95 18.18 3.30 21.49
CA HIS H 95 18.52 1.89 21.49
C HIS H 95 18.22 1.31 22.87
N LYS H 96 17.81 0.05 22.89
CA LYS H 96 17.47 -0.62 24.15
C LYS H 96 17.46 -2.12 23.90
N GLY H 97 18.25 -2.86 24.69
CA GLY H 97 18.25 -4.30 24.57
C GLY H 97 18.59 -4.72 23.15
N TYR H 98 17.75 -5.60 22.59
CA TYR H 98 17.97 -6.10 21.25
C TYR H 98 17.58 -5.09 20.17
N PHE H 99 16.75 -4.10 20.49
CA PHE H 99 16.08 -3.29 19.50
C PHE H 99 16.62 -1.86 19.49
N LEU H 100 16.31 -1.15 18.41
CA LEU H 100 16.66 0.26 18.29
C LEU H 100 15.59 0.95 17.45
N LEU H 101 15.51 2.27 17.61
CA LEU H 101 14.64 3.12 16.79
C LEU H 101 15.49 4.19 16.12
N ALA H 102 15.21 4.41 14.83
CA ALA H 102 15.90 5.41 14.04
C ALA H 102 14.89 6.14 13.17
N GLN H 103 15.37 7.14 12.43
CA GLN H 103 14.53 7.91 11.53
C GLN H 103 15.41 8.52 10.46
N CYS H 104 15.15 8.18 9.20
CA CYS H 104 15.95 8.67 8.09
C CYS H 104 15.20 8.42 6.78
N PRO H 105 15.61 9.02 5.67
CA PRO H 105 14.74 9.02 4.48
C PRO H 105 14.54 7.63 3.92
N PRO H 106 13.54 7.44 3.04
CA PRO H 106 13.22 6.09 2.56
C PRO H 106 14.28 5.53 1.62
N GLY H 107 14.01 4.34 1.09
CA GLY H 107 14.91 3.69 0.16
C GLY H 107 14.40 2.32 -0.25
N ASP H 108 15.30 1.34 -0.34
CA ASP H 108 14.94 -0.03 -0.66
C ASP H 108 15.53 -1.06 0.28
N SER H 109 16.54 -0.71 1.07
CA SER H 109 17.12 -1.63 2.03
C SER H 109 17.69 -0.82 3.20
N VAL H 110 17.88 -1.49 4.33
CA VAL H 110 18.39 -0.87 5.54
C VAL H 110 19.66 -1.60 5.95
N THR H 111 20.72 -0.84 6.22
CA THR H 111 22.03 -1.39 6.54
C THR H 111 22.50 -0.81 7.86
N VAL H 112 23.12 -1.67 8.69
CA VAL H 112 23.75 -1.26 9.93
C VAL H 112 25.19 -1.76 9.90
N SER H 113 26.13 -0.86 10.18
CA SER H 113 27.55 -1.16 10.11
C SER H 113 28.25 -0.71 11.38
N ILE H 114 29.32 -1.40 11.73
CA ILE H 114 30.15 -1.05 12.87
C ILE H 114 31.61 -1.25 12.48
N THR H 115 32.44 -0.26 12.82
CA THR H 115 33.88 -0.32 12.55
C THR H 115 34.60 -0.68 13.84
N SER H 116 35.41 -1.74 13.78
CA SER H 116 36.15 -2.22 14.94
C SER H 116 37.51 -1.54 15.08
N GLY H 117 37.68 -0.37 14.50
CA GLY H 117 38.97 0.32 14.52
C GLY H 117 39.87 -0.10 13.39
N ALA H 118 40.00 -1.41 13.16
CA ALA H 118 40.77 -1.95 12.06
C ALA H 118 39.95 -2.73 11.05
N SER H 119 38.75 -3.17 11.41
CA SER H 119 37.87 -3.91 10.52
C SER H 119 36.46 -3.37 10.63
N GLU H 120 35.69 -3.55 9.56
CA GLU H 120 34.31 -3.08 9.50
C GLU H 120 33.39 -4.25 9.16
N ASN H 121 32.26 -4.32 9.86
CA ASN H 121 31.26 -5.35 9.65
C ASN H 121 29.92 -4.69 9.41
N SER H 122 29.28 -5.01 8.28
CA SER H 122 28.01 -4.42 7.90
C SER H 122 27.02 -5.51 7.54
N CYS H 123 25.77 -5.33 7.97
CA CYS H 123 24.69 -6.26 7.65
C CYS H 123 23.45 -5.46 7.30
N THR H 124 22.75 -5.89 6.25
CA THR H 124 21.59 -5.16 5.77
C THR H 124 20.51 -6.13 5.34
N VAL H 125 19.29 -5.61 5.27
CA VAL H 125 18.12 -6.37 4.83
C VAL H 125 17.27 -5.50 3.92
N GLU H 126 16.73 -6.11 2.86
CA GLU H 126 15.85 -5.41 1.96
C GLU H 126 14.53 -5.10 2.64
N LYS H 127 13.94 -3.96 2.29
CA LYS H 127 12.65 -3.57 2.83
C LYS H 127 12.11 -2.39 2.01
N LYS H 128 10.82 -2.45 1.70
CA LYS H 128 10.15 -1.37 0.97
C LYS H 128 9.85 -0.24 1.95
N ILE H 129 10.65 0.81 1.91
CA ILE H 129 10.46 2.00 2.74
C ILE H 129 10.09 3.15 1.83
N ARG H 130 8.92 3.73 2.06
CA ARG H 130 8.42 4.87 1.29
C ARG H 130 7.85 5.91 2.24
N ARG H 131 8.23 7.17 2.02
CA ARG H 131 7.74 8.25 2.86
C ARG H 131 6.24 8.41 2.69
N LYS H 132 5.53 8.60 3.81
CA LYS H 132 4.10 8.76 3.81
C LYS H 132 3.71 9.83 4.82
N PHE H 133 2.56 10.47 4.58
CA PHE H 133 2.07 11.53 5.43
C PHE H 133 0.58 11.37 5.63
N VAL H 134 0.08 11.95 6.72
CA VAL H 134 -1.34 11.93 7.03
C VAL H 134 -1.99 13.16 6.43
N GLY H 135 -3.30 13.07 6.19
CA GLY H 135 -4.07 14.15 5.64
C GLY H 135 -4.49 13.87 4.20
N ARG H 136 -5.14 14.87 3.62
CA ARG H 136 -5.65 14.76 2.26
C ARG H 136 -4.63 15.19 1.21
N GLU H 137 -3.46 15.67 1.63
CA GLU H 137 -2.40 16.06 0.71
C GLU H 137 -1.09 15.42 1.15
N GLU H 138 -0.41 14.76 0.21
CA GLU H 138 0.89 14.15 0.47
C GLU H 138 1.95 15.21 0.19
N TYR H 139 2.40 15.88 1.25
CA TYR H 139 3.34 16.98 1.13
C TYR H 139 4.77 16.45 1.23
N LEU H 140 5.73 17.36 1.31
CA LEU H 140 7.13 16.98 1.44
C LEU H 140 7.57 16.91 2.91
N PHE H 141 7.28 17.97 3.67
CA PHE H 141 7.62 18.05 5.08
C PHE H 141 6.49 18.77 5.81
N PRO H 142 6.27 18.45 7.08
CA PRO H 142 5.24 19.17 7.85
C PRO H 142 5.52 20.65 7.86
N PRO H 143 4.49 21.49 7.75
CA PRO H 143 4.70 22.93 7.71
C PRO H 143 4.72 23.55 9.10
N VAL H 144 5.06 24.84 9.15
CA VAL H 144 5.05 25.57 10.40
C VAL H 144 3.62 25.80 10.87
N HIS H 145 2.71 26.10 9.95
CA HIS H 145 1.34 26.44 10.27
C HIS H 145 0.38 25.48 9.56
N GLY H 146 -0.72 25.17 10.24
CA GLY H 146 -1.73 24.30 9.68
C GLY H 146 -2.60 23.72 10.78
N LYS H 147 -3.48 22.81 10.37
CA LYS H 147 -4.37 22.16 11.32
C LYS H 147 -3.60 21.13 12.14
N LEU H 148 -4.18 20.73 13.26
CA LEU H 148 -3.63 19.71 14.13
C LEU H 148 -4.57 18.53 14.15
N VAL H 149 -4.02 17.33 13.97
CA VAL H 149 -4.79 16.10 13.87
C VAL H 149 -4.13 15.04 14.76
N LYS H 150 -4.81 13.91 14.93
CA LYS H 150 -4.23 12.78 15.64
C LYS H 150 -3.32 11.98 14.71
N CYS H 151 -2.28 11.38 15.30
CA CYS H 151 -1.37 10.52 14.57
C CYS H 151 -0.81 9.49 15.54
N HIS H 152 -0.03 8.56 15.01
CA HIS H 152 0.58 7.50 15.81
C HIS H 152 2.08 7.51 15.57
N VAL H 153 2.87 7.49 16.65
CA VAL H 153 4.32 7.54 16.55
C VAL H 153 4.93 6.70 17.66
N TYR H 154 6.16 6.24 17.43
CA TYR H 154 6.90 5.49 18.44
C TYR H 154 7.61 6.49 19.35
N ASP H 155 7.33 6.40 20.65
CA ASP H 155 7.90 7.34 21.61
C ASP H 155 9.41 7.17 21.70
N HIS H 156 10.10 8.29 21.94
CA HIS H 156 11.55 8.29 22.10
C HIS H 156 11.96 8.08 23.55
N LEU H 157 11.07 7.55 24.38
CA LEU H 157 11.34 7.29 25.79
C LEU H 157 11.56 5.80 25.99
N LYS H 158 12.62 5.45 26.72
CA LYS H 158 12.96 4.05 26.95
C LYS H 158 11.77 3.27 27.48
N GLU H 159 11.00 3.88 28.39
CA GLU H 159 9.85 3.21 28.99
C GLU H 159 8.87 2.78 27.90
N THR H 160 8.46 1.52 27.95
CA THR H 160 7.57 0.96 26.95
C THR H 160 6.49 0.13 27.63
N SER H 161 5.30 0.12 27.04
CA SER H 161 4.15 -0.60 27.59
C SER H 161 3.43 -1.41 26.52
N ALA H 162 4.16 -1.84 25.48
CA ALA H 162 3.59 -2.63 24.41
C ALA H 162 4.54 -3.77 24.05
N GLY H 163 3.96 -4.82 23.48
CA GLY H 163 4.74 -5.93 22.99
C GLY H 163 5.07 -6.95 24.07
N TYR H 164 5.58 -8.10 23.62
CA TYR H 164 5.97 -9.18 24.51
C TYR H 164 6.85 -10.12 23.71
N ILE H 165 8.09 -10.33 24.17
CA ILE H 165 9.06 -11.15 23.46
C ILE H 165 9.51 -12.27 24.37
N THR H 166 9.57 -13.49 23.85
CA THR H 166 9.96 -14.65 24.64
C THR H 166 11.46 -14.61 24.93
N MET H 167 11.89 -15.48 25.84
CA MET H 167 13.30 -15.55 26.23
C MET H 167 13.55 -16.92 26.85
N HIS H 168 14.52 -17.65 26.33
CA HIS H 168 14.77 -19.01 26.80
C HIS H 168 16.25 -19.33 26.71
N ARG H 169 16.65 -20.39 27.40
CA ARG H 169 18.05 -20.79 27.45
C ARG H 169 18.49 -21.36 26.09
N PRO H 170 19.78 -21.32 25.80
CA PRO H 170 20.26 -21.73 24.48
C PRO H 170 20.43 -23.25 24.37
N GLY H 171 20.68 -23.67 23.13
CA GLY H 171 20.98 -25.06 22.84
C GLY H 171 22.46 -25.32 22.78
N PRO H 172 22.85 -26.47 22.20
CA PRO H 172 24.28 -26.81 22.10
C PRO H 172 25.00 -26.00 21.05
N HIS H 173 26.33 -26.15 20.96
CA HIS H 173 27.12 -25.42 19.98
C HIS H 173 28.30 -26.30 19.56
N ALA H 174 28.86 -25.99 18.39
CA ALA H 174 29.88 -26.83 17.78
C ALA H 174 31.13 -26.04 17.45
N TYR H 175 32.26 -26.75 17.41
CA TYR H 175 33.55 -26.15 17.06
C TYR H 175 34.46 -27.26 16.56
N LYS H 176 35.50 -26.88 15.82
CA LYS H 176 36.52 -27.83 15.39
C LYS H 176 37.77 -27.75 16.24
N SER H 177 38.16 -26.53 16.64
CA SER H 177 39.43 -26.33 17.35
C SER H 177 39.50 -27.19 18.60
N TYR H 178 38.36 -27.56 19.16
CA TYR H 178 38.35 -28.45 20.30
C TYR H 178 38.95 -29.81 19.93
N LEU H 179 38.78 -30.24 18.69
CA LEU H 179 39.25 -31.54 18.22
C LEU H 179 40.41 -31.35 17.25
N GLU H 180 41.51 -32.07 17.49
CA GLU H 180 42.67 -32.08 16.61
C GLU H 180 42.92 -33.50 16.14
N GLU H 181 43.20 -33.66 14.85
CA GLU H 181 43.34 -34.97 14.24
C GLU H 181 44.54 -35.01 13.31
N ALA H 182 45.66 -34.42 13.74
CA ALA H 182 46.88 -34.49 12.95
C ALA H 182 47.38 -35.92 12.82
N SER H 183 47.32 -36.68 13.91
CA SER H 183 47.75 -38.07 13.91
C SER H 183 46.57 -38.99 13.63
N GLY H 184 46.88 -40.27 13.41
CA GLY H 184 45.84 -41.24 13.18
C GLY H 184 44.89 -41.36 14.35
N GLU H 185 45.42 -41.39 15.56
CA GLU H 185 44.59 -41.47 16.76
C GLU H 185 43.98 -40.10 17.07
N VAL H 186 42.78 -40.13 17.65
CA VAL H 186 42.02 -38.92 17.92
C VAL H 186 42.76 -38.07 18.94
N TYR H 187 42.50 -36.76 18.91
CA TYR H 187 43.00 -35.85 19.93
C TYR H 187 42.00 -34.72 20.12
N ILE H 188 41.65 -34.44 21.38
CA ILE H 188 40.74 -33.35 21.73
C ILE H 188 41.50 -32.43 22.67
N LYS H 189 41.49 -31.13 22.35
CA LYS H 189 42.21 -30.12 23.13
C LYS H 189 41.25 -28.99 23.47
N PRO H 190 40.41 -29.17 24.50
CA PRO H 190 39.46 -28.12 24.85
C PRO H 190 40.20 -26.90 25.37
N PRO H 191 39.61 -25.70 25.22
CA PRO H 191 40.27 -24.51 25.74
C PRO H 191 40.54 -24.63 27.23
N SER H 192 41.69 -24.09 27.65
CA SER H 192 42.09 -24.20 29.04
C SER H 192 41.10 -23.47 29.94
N GLY H 193 40.86 -24.04 31.12
CA GLY H 193 39.96 -23.44 32.09
C GLY H 193 38.51 -23.37 31.64
N LYS H 194 38.00 -24.43 31.03
CA LYS H 194 36.61 -24.46 30.58
C LYS H 194 36.13 -25.90 30.54
N ASN H 195 35.04 -26.20 31.25
CA ASN H 195 34.41 -27.50 31.15
C ASN H 195 33.90 -27.72 29.73
N VAL H 196 34.03 -28.95 29.24
CA VAL H 196 33.60 -29.29 27.89
C VAL H 196 33.05 -30.70 27.87
N THR H 197 32.09 -30.93 26.99
CA THR H 197 31.55 -32.26 26.73
C THR H 197 31.93 -32.68 25.32
N TYR H 198 31.96 -33.99 25.07
CA TYR H 198 32.21 -34.48 23.73
C TYR H 198 31.46 -35.78 23.51
N GLU H 199 31.10 -36.04 22.26
CA GLU H 199 30.29 -37.18 21.88
C GLU H 199 30.85 -37.83 20.61
N CYS H 200 30.71 -39.16 20.55
CA CYS H 200 31.10 -39.97 19.40
C CYS H 200 30.16 -41.17 19.34
N LYS H 201 29.87 -41.66 18.13
CA LYS H 201 28.88 -42.72 17.97
C LYS H 201 29.43 -44.09 17.57
N CYS H 202 30.69 -44.20 17.12
CA CYS H 202 31.22 -45.51 16.77
C CYS H 202 30.94 -46.52 17.87
N GLY H 203 30.26 -47.62 17.52
CA GLY H 203 29.92 -48.65 18.47
C GLY H 203 28.75 -48.28 19.36
N ASP H 204 28.82 -47.12 19.98
CA ASP H 204 27.76 -46.66 20.88
C ASP H 204 27.85 -45.14 21.00
N TYR H 205 26.76 -44.55 21.50
CA TYR H 205 26.71 -43.11 21.75
C TYR H 205 27.49 -42.80 23.02
N SER H 206 28.81 -42.79 22.88
CA SER H 206 29.71 -42.59 24.00
C SER H 206 30.09 -41.11 24.12
N THR H 207 29.93 -40.57 25.32
CA THR H 207 30.25 -39.18 25.59
C THR H 207 31.15 -39.08 26.80
N GLY H 208 31.96 -38.04 26.83
CA GLY H 208 32.87 -37.81 27.92
C GLY H 208 32.98 -36.34 28.26
N ILE H 209 33.18 -36.07 29.55
CA ILE H 209 33.27 -34.71 30.08
C ILE H 209 34.70 -34.46 30.51
N VAL H 210 35.25 -33.31 30.12
CA VAL H 210 36.62 -32.92 30.43
C VAL H 210 36.59 -31.56 31.12
N SER H 211 37.18 -31.49 32.31
CA SER H 211 37.37 -30.23 33.02
C SER H 211 38.82 -29.79 32.82
N THR H 212 39.06 -29.16 31.67
CA THR H 212 40.41 -28.79 31.25
C THR H 212 41.26 -30.04 31.02
N ARG H 213 40.69 -31.02 30.34
CA ARG H 213 41.31 -32.31 30.14
C ARG H 213 41.17 -32.73 28.68
N THR H 214 42.10 -33.58 28.23
CA THR H 214 42.09 -34.14 26.89
C THR H 214 41.81 -35.64 27.02
N LYS H 215 40.56 -36.03 26.81
CA LYS H 215 40.12 -37.41 26.93
C LYS H 215 40.01 -38.02 25.53
N MET H 216 40.64 -39.16 25.33
CA MET H 216 40.68 -39.79 24.02
C MET H 216 39.41 -40.62 23.80
N ASN H 217 39.18 -40.98 22.53
CA ASN H 217 38.08 -41.86 22.17
C ASN H 217 38.59 -42.91 21.19
N GLY H 218 37.94 -44.07 21.20
CA GLY H 218 38.46 -45.20 20.44
C GLY H 218 38.43 -44.97 18.94
N CYS H 219 37.31 -44.47 18.42
CA CYS H 219 37.14 -44.38 16.98
C CYS H 219 37.97 -43.22 16.44
N THR H 220 38.50 -43.39 15.22
CA THR H 220 39.62 -42.56 14.77
C THR H 220 39.20 -41.38 13.91
N LYS H 221 38.19 -41.55 13.05
CA LYS H 221 37.90 -40.55 12.03
C LYS H 221 37.58 -39.20 12.66
N ALA H 222 38.05 -38.14 12.00
CA ALA H 222 37.89 -36.79 12.54
C ALA H 222 36.42 -36.40 12.65
N LYS H 223 35.61 -36.76 11.65
CA LYS H 223 34.20 -36.43 11.69
C LYS H 223 33.51 -37.09 12.88
N GLN H 224 34.14 -38.11 13.47
CA GLN H 224 33.44 -39.02 14.38
C GLN H 224 33.22 -38.46 15.78
N CYS H 225 33.55 -37.20 16.04
CA CYS H 225 33.38 -36.66 17.38
C CYS H 225 33.07 -35.18 17.32
N ILE H 226 32.25 -34.71 18.25
CA ILE H 226 31.92 -33.29 18.38
C ILE H 226 32.06 -32.90 19.85
N ALA H 227 32.22 -31.61 20.09
CA ALA H 227 32.40 -31.08 21.44
C ALA H 227 31.45 -29.90 21.67
N TYR H 228 31.05 -29.76 22.93
CA TYR H 228 30.16 -28.68 23.37
C TYR H 228 30.84 -27.92 24.50
N LYS H 229 30.86 -26.60 24.40
CA LYS H 229 31.27 -25.73 25.50
C LYS H 229 30.07 -25.32 26.34
N ARG H 230 29.27 -26.31 26.73
CA ARG H 230 27.98 -26.04 27.36
C ARG H 230 28.16 -25.17 28.60
N ASP H 231 27.37 -24.10 28.67
CA ASP H 231 27.38 -23.21 29.83
C ASP H 231 25.95 -23.02 30.36
N GLN H 232 24.98 -23.01 29.45
CA GLN H 232 23.56 -22.86 29.78
C GLN H 232 23.37 -21.87 30.92
N THR H 233 23.93 -20.68 30.75
CA THR H 233 23.85 -19.61 31.73
C THR H 233 23.04 -18.43 31.24
N LYS H 234 23.37 -17.88 30.07
CA LYS H 234 22.71 -16.71 29.53
C LYS H 234 21.65 -17.14 28.53
N TRP H 235 20.44 -16.62 28.71
CA TRP H 235 19.33 -17.00 27.85
C TRP H 235 19.47 -16.37 26.46
N VAL H 236 18.80 -16.98 25.48
CA VAL H 236 18.84 -16.53 24.10
C VAL H 236 17.42 -16.47 23.54
N PHE H 237 17.29 -15.77 22.42
CA PHE H 237 16.01 -15.64 21.74
C PHE H 237 15.85 -16.72 20.67
N ASN H 238 14.58 -17.01 20.36
CA ASN H 238 14.23 -18.01 19.35
C ASN H 238 14.45 -17.39 17.97
N SER H 239 15.57 -17.74 17.35
CA SER H 239 15.91 -17.24 16.02
C SER H 239 16.27 -18.41 15.11
N PRO H 240 16.04 -18.28 13.80
CA PRO H 240 16.34 -19.40 12.90
C PRO H 240 17.81 -19.81 12.91
N ASP H 241 18.73 -18.86 13.09
CA ASP H 241 20.15 -19.18 13.08
C ASP H 241 20.57 -19.99 14.29
N LEU H 242 19.78 -19.98 15.37
CA LEU H 242 20.12 -20.70 16.58
C LEU H 242 19.53 -22.11 16.54
N ILE H 243 19.88 -22.92 17.54
CA ILE H 243 19.50 -24.33 17.59
C ILE H 243 18.78 -24.58 18.91
N ARG H 244 17.60 -25.18 18.82
CA ARG H 244 16.79 -25.44 20.01
C ARG H 244 17.45 -26.48 20.90
N HIS H 245 17.36 -26.26 22.21
CA HIS H 245 17.78 -27.27 23.17
C HIS H 245 16.70 -28.33 23.33
N THR H 246 17.10 -29.47 23.91
CA THR H 246 16.15 -30.58 24.05
C THR H 246 14.98 -30.21 24.94
N ASP H 247 15.21 -29.36 25.95
CA ASP H 247 14.12 -29.01 26.87
C ASP H 247 13.02 -28.24 26.14
N HIS H 248 13.38 -27.29 25.29
CA HIS H 248 12.43 -26.46 24.57
C HIS H 248 11.38 -25.88 25.53
N SER H 249 11.87 -25.27 26.60
CA SER H 249 11.03 -24.70 27.64
C SER H 249 11.26 -23.20 27.73
N VAL H 250 10.16 -22.44 27.85
CA VAL H 250 10.27 -21.01 28.01
C VAL H 250 10.76 -20.68 29.41
N GLN H 251 11.55 -19.61 29.53
CA GLN H 251 12.15 -19.23 30.81
C GLN H 251 11.86 -17.80 31.22
N GLY H 252 11.46 -16.92 30.32
CA GLY H 252 11.18 -15.54 30.70
C GLY H 252 10.72 -14.73 29.51
N LYS H 253 10.53 -13.44 29.76
CA LYS H 253 10.03 -12.52 28.75
C LYS H 253 10.81 -11.22 28.81
N LEU H 254 10.60 -10.39 27.78
CA LEU H 254 11.15 -9.05 27.75
C LEU H 254 10.20 -8.15 26.96
N HIS H 255 10.35 -6.85 27.19
CA HIS H 255 9.52 -5.83 26.54
C HIS H 255 10.23 -5.28 25.33
N ILE H 256 9.46 -5.06 24.26
CA ILE H 256 10.01 -4.38 23.08
C ILE H 256 10.00 -2.87 23.35
N PRO H 257 11.13 -2.18 23.18
CA PRO H 257 11.18 -0.77 23.58
C PRO H 257 10.44 0.12 22.60
N PHE H 258 10.15 1.34 23.07
CA PHE H 258 9.65 2.42 22.23
C PHE H 258 8.32 2.02 21.57
N ARG H 259 7.31 1.82 22.42
CA ARG H 259 6.00 1.41 21.95
C ARG H 259 5.32 2.53 21.16
N LEU H 260 4.36 2.13 20.33
CA LEU H 260 3.54 3.09 19.60
C LEU H 260 2.58 3.80 20.54
N THR H 261 2.32 5.07 20.25
CA THR H 261 1.42 5.88 21.05
C THR H 261 0.76 6.92 20.14
N PRO H 262 -0.51 7.23 20.37
CA PRO H 262 -1.12 8.36 19.66
C PRO H 262 -0.61 9.68 20.20
N THR H 263 -0.66 10.71 19.34
CA THR H 263 -0.15 12.02 19.70
C THR H 263 -0.59 13.02 18.64
N VAL H 264 -0.61 14.30 19.04
CA VAL H 264 -0.96 15.36 18.11
C VAL H 264 0.12 15.48 17.02
N CYS H 265 -0.31 15.84 15.82
CA CYS H 265 0.57 15.99 14.67
C CYS H 265 0.07 17.16 13.83
N PRO H 266 0.95 17.81 13.08
CA PRO H 266 0.53 18.92 12.21
C PRO H 266 0.23 18.47 10.79
N VAL H 267 -0.65 19.23 10.14
CA VAL H 267 -0.96 19.01 8.73
C VAL H 267 -1.16 20.36 8.05
N PRO H 268 -0.85 20.44 6.76
CA PRO H 268 -0.94 21.72 6.06
C PRO H 268 -2.37 22.13 5.79
N LEU H 269 -2.54 23.43 5.55
CA LEU H 269 -3.79 24.01 5.09
C LEU H 269 -3.58 24.51 3.68
N ALA H 270 -4.21 23.85 2.71
CA ALA H 270 -3.97 24.17 1.31
C ALA H 270 -4.60 25.51 0.94
N HIS H 271 -4.09 26.09 -0.14
CA HIS H 271 -4.62 27.33 -0.70
C HIS H 271 -6.09 27.14 -1.03
N THR H 272 -6.97 27.84 -0.33
CA THR H 272 -8.40 27.64 -0.52
C THR H 272 -8.79 28.05 -1.94
N PRO H 273 -9.63 27.27 -2.63
CA PRO H 273 -9.93 27.58 -4.03
C PRO H 273 -10.78 28.83 -4.19
N THR H 274 -11.08 29.19 -5.43
CA THR H 274 -11.92 30.34 -5.74
C THR H 274 -13.22 29.83 -6.34
N VAL H 275 -14.33 30.20 -5.73
CA VAL H 275 -15.65 29.77 -6.18
C VAL H 275 -16.13 30.70 -7.28
N THR H 276 -16.54 30.11 -8.41
CA THR H 276 -16.98 30.85 -9.57
C THR H 276 -18.50 30.70 -9.75
N LYS H 277 -19.01 31.23 -10.86
CA LYS H 277 -20.43 31.28 -11.13
C LYS H 277 -20.75 30.44 -12.37
N TRP H 278 -21.81 29.65 -12.28
CA TRP H 278 -22.24 28.81 -13.40
C TRP H 278 -23.68 28.38 -13.15
N PHE H 279 -24.56 28.65 -14.11
CA PHE H 279 -25.97 28.32 -13.92
C PHE H 279 -26.15 26.82 -13.76
N LYS H 280 -26.78 26.43 -12.64
CA LYS H 280 -26.99 25.02 -12.32
C LYS H 280 -25.67 24.27 -12.23
N GLY H 281 -24.60 24.96 -11.84
CA GLY H 281 -23.30 24.33 -11.73
C GLY H 281 -22.33 25.25 -11.03
N ILE H 282 -21.08 24.79 -10.96
CA ILE H 282 -20.00 25.57 -10.35
C ILE H 282 -18.69 25.19 -11.02
N THR H 283 -17.89 26.20 -11.32
CA THR H 283 -16.54 26.01 -11.86
C THR H 283 -15.54 26.46 -10.82
N LEU H 284 -14.60 25.59 -10.48
CA LEU H 284 -13.61 25.84 -9.45
C LEU H 284 -12.22 25.93 -10.07
N HIS H 285 -11.52 27.03 -9.81
CA HIS H 285 -10.15 27.21 -10.25
C HIS H 285 -9.24 26.72 -9.12
N LEU H 286 -8.99 25.41 -9.11
CA LEU H 286 -8.21 24.81 -8.04
C LEU H 286 -6.73 25.11 -8.22
N THR H 287 -6.09 25.53 -7.13
CA THR H 287 -4.68 25.86 -7.12
C THR H 287 -3.97 25.08 -6.02
N ALA H 288 -2.87 24.43 -6.39
CA ALA H 288 -2.10 23.64 -5.44
C ALA H 288 -0.68 23.48 -5.98
N THR H 289 0.24 23.10 -5.08
CA THR H 289 1.63 22.90 -5.43
C THR H 289 2.09 21.46 -5.31
N ARG H 290 1.41 20.64 -4.53
CA ARG H 290 1.75 19.24 -4.31
C ARG H 290 0.50 18.39 -4.45
N PRO H 291 0.65 17.08 -4.63
CA PRO H 291 -0.53 16.23 -4.80
C PRO H 291 -1.49 16.38 -3.63
N THR H 292 -2.78 16.42 -3.96
CA THR H 292 -3.84 16.60 -2.97
C THR H 292 -5.05 15.80 -3.38
N LEU H 293 -5.86 15.43 -2.39
CA LEU H 293 -7.06 14.62 -2.59
C LEU H 293 -8.29 15.50 -2.49
N LEU H 294 -9.09 15.53 -3.56
CA LEU H 294 -10.35 16.25 -3.57
C LEU H 294 -11.49 15.25 -3.72
N THR H 295 -12.62 15.56 -3.08
CA THR H 295 -13.79 14.72 -3.23
C THR H 295 -15.04 15.53 -2.93
N THR H 296 -16.18 15.01 -3.37
CA THR H 296 -17.47 15.63 -3.11
C THR H 296 -18.56 14.63 -3.47
N ARG H 297 -19.78 14.93 -3.02
CA ARG H 297 -20.90 14.03 -3.23
C ARG H 297 -22.20 14.82 -3.11
N LYS H 298 -23.19 14.43 -3.90
CA LYS H 298 -24.49 15.06 -3.83
C LYS H 298 -25.17 14.71 -2.51
N LEU H 299 -25.94 15.67 -2.00
CA LEU H 299 -26.64 15.51 -0.72
C LEU H 299 -28.01 14.87 -0.87
N GLY H 300 -28.39 14.46 -2.09
CA GLY H 300 -29.68 13.85 -2.33
C GLY H 300 -29.66 12.35 -2.19
N LEU H 301 -30.67 11.71 -2.77
CA LEU H 301 -30.74 10.25 -2.74
C LEU H 301 -29.52 9.63 -3.42
N ARG H 302 -29.13 10.16 -4.57
CA ARG H 302 -27.97 9.65 -5.28
C ARG H 302 -26.70 10.14 -4.62
N ALA H 303 -25.85 9.19 -4.19
CA ALA H 303 -24.61 9.57 -3.53
C ALA H 303 -23.72 10.40 -4.46
N ASP H 304 -23.58 9.96 -5.71
CA ASP H 304 -22.77 10.67 -6.69
C ASP H 304 -21.37 10.92 -6.14
N ALA H 305 -20.80 9.91 -5.50
CA ALA H 305 -19.47 10.04 -4.93
C ALA H 305 -18.45 10.33 -6.01
N THR H 306 -17.62 11.34 -5.79
CA THR H 306 -16.56 11.72 -6.71
C THR H 306 -15.28 11.98 -5.92
N ALA H 307 -14.18 11.40 -6.37
CA ALA H 307 -12.88 11.59 -5.76
C ALA H 307 -11.83 11.71 -6.86
N GLU H 308 -10.78 12.47 -6.58
CA GLU H 308 -9.74 12.72 -7.56
C GLU H 308 -8.47 13.19 -6.87
N TRP H 309 -7.35 13.02 -7.56
CA TRP H 309 -6.05 13.52 -7.11
C TRP H 309 -5.61 14.65 -8.04
N ILE H 310 -5.17 15.75 -7.45
CA ILE H 310 -4.75 16.94 -8.20
C ILE H 310 -3.28 17.22 -7.86
N THR H 311 -2.45 17.30 -8.88
CA THR H 311 -1.02 17.53 -8.69
C THR H 311 -0.70 19.02 -8.63
N GLY H 312 -1.03 19.75 -9.70
CA GLY H 312 -0.77 21.17 -9.75
C GLY H 312 -2.04 22.00 -9.57
N THR H 313 -2.48 22.66 -10.63
CA THR H 313 -3.68 23.47 -10.59
C THR H 313 -4.39 23.39 -11.93
N THR H 314 -5.69 23.64 -11.91
CA THR H 314 -6.51 23.56 -13.12
C THR H 314 -7.87 24.16 -12.81
N SER H 315 -8.81 24.00 -13.75
CA SER H 315 -10.19 24.42 -13.56
C SER H 315 -11.10 23.21 -13.80
N ARG H 316 -12.09 23.06 -12.92
CA ARG H 316 -12.98 21.90 -12.96
C ARG H 316 -14.43 22.33 -12.89
N ASN H 317 -15.25 21.74 -13.75
CA ASN H 317 -16.69 21.95 -13.74
C ASN H 317 -17.37 20.93 -12.84
N PHE H 318 -18.52 21.31 -12.29
CA PHE H 318 -19.30 20.40 -11.45
C PHE H 318 -20.76 20.77 -11.56
N SER H 319 -21.58 19.82 -12.00
CA SER H 319 -23.03 20.03 -12.12
C SER H 319 -23.64 19.84 -10.74
N VAL H 320 -23.87 20.94 -10.02
CA VAL H 320 -24.40 20.86 -8.67
C VAL H 320 -25.79 20.25 -8.70
N GLY H 321 -26.06 19.35 -7.76
CA GLY H 321 -27.39 18.82 -7.60
C GLY H 321 -28.37 19.90 -7.19
N ARG H 322 -29.63 19.71 -7.59
CA ARG H 322 -30.66 20.69 -7.27
C ARG H 322 -30.77 20.89 -5.76
N GLU H 323 -30.89 19.80 -5.02
CA GLU H 323 -31.07 19.89 -3.57
C GLU H 323 -29.83 20.42 -2.88
N GLY H 324 -28.66 19.93 -3.27
CA GLY H 324 -27.43 20.36 -2.62
C GLY H 324 -26.25 19.52 -3.06
N LEU H 325 -25.07 19.97 -2.63
CA LEU H 325 -23.81 19.31 -2.97
C LEU H 325 -22.81 19.51 -1.85
N GLU H 326 -21.89 18.56 -1.71
CA GLU H 326 -20.80 18.65 -0.73
C GLU H 326 -19.56 19.25 -1.38
N TYR H 327 -18.64 19.69 -0.52
CA TYR H 327 -17.39 20.30 -0.99
C TYR H 327 -16.29 19.92 -0.01
N VAL H 328 -15.55 18.86 -0.34
CA VAL H 328 -14.44 18.38 0.49
C VAL H 328 -13.14 18.69 -0.24
N TRP H 329 -12.34 19.56 0.35
CA TRP H 329 -11.02 19.88 -0.18
C TRP H 329 -10.13 20.34 0.96
N GLY H 330 -8.87 19.94 0.92
CA GLY H 330 -7.95 20.30 1.98
C GLY H 330 -8.33 19.67 3.30
N ASN H 331 -7.42 19.69 4.27
CA ASN H 331 -7.69 19.12 5.58
C ASN H 331 -8.70 19.92 6.38
N HIS H 332 -9.03 21.13 5.95
CA HIS H 332 -10.01 21.94 6.66
C HIS H 332 -11.41 21.37 6.46
N GLU H 333 -12.35 21.86 7.27
CA GLU H 333 -13.71 21.34 7.23
C GLU H 333 -14.35 21.67 5.88
N PRO H 334 -15.26 20.82 5.40
CA PRO H 334 -15.89 21.05 4.11
C PRO H 334 -17.02 22.07 4.22
N VAL H 335 -17.58 22.42 3.06
CA VAL H 335 -18.70 23.34 2.98
C VAL H 335 -19.77 22.72 2.07
N ARG H 336 -21.01 23.10 2.31
CA ARG H 336 -22.15 22.61 1.53
C ARG H 336 -22.78 23.78 0.79
N VAL H 337 -23.04 23.57 -0.50
CA VAL H 337 -23.57 24.61 -1.37
C VAL H 337 -24.70 24.01 -2.20
N TRP H 338 -25.83 24.72 -2.28
CA TRP H 338 -27.03 24.27 -2.98
C TRP H 338 -27.30 25.18 -4.16
N ALA H 339 -28.34 24.83 -4.93
CA ALA H 339 -28.64 25.50 -6.18
C ALA H 339 -30.11 25.93 -6.22
N GLN H 340 -30.39 26.95 -7.03
CA GLN H 340 -31.74 27.45 -7.23
C GLN H 340 -31.89 27.83 -8.70
N GLU H 341 -32.95 28.57 -9.01
CA GLU H 341 -33.29 28.94 -10.39
C GLU H 341 -33.12 30.43 -10.60
N SER H 342 -32.73 30.80 -11.83
CA SER H 342 -32.56 32.20 -12.19
C SER H 342 -33.06 32.53 -13.59
N ALA H 343 -33.75 31.62 -14.26
CA ALA H 343 -34.21 31.88 -15.61
C ALA H 343 -35.38 32.88 -15.60
N PRO H 344 -35.59 33.59 -16.71
CA PRO H 344 -36.66 34.62 -16.77
C PRO H 344 -38.07 34.03 -16.91
N GLY H 345 -38.65 33.66 -15.77
CA GLY H 345 -39.94 33.02 -15.77
C GLY H 345 -41.13 33.95 -15.95
N ASP H 346 -41.31 34.89 -15.02
CA ASP H 346 -42.51 35.71 -15.05
C ASP H 346 -42.51 36.63 -16.27
N PRO H 347 -43.67 36.87 -16.88
CA PRO H 347 -43.73 37.83 -18.00
C PRO H 347 -43.67 39.27 -17.51
N HIS H 348 -43.85 40.23 -18.44
CA HIS H 348 -43.80 41.65 -18.11
C HIS H 348 -45.00 42.38 -18.68
N GLY H 349 -46.14 41.69 -18.81
CA GLY H 349 -47.34 42.27 -19.35
C GLY H 349 -47.45 42.23 -20.86
N TRP H 350 -46.41 41.78 -21.55
CA TRP H 350 -46.41 41.67 -23.00
C TRP H 350 -46.17 40.22 -23.39
N PRO H 351 -46.35 39.85 -24.66
CA PRO H 351 -46.00 38.48 -25.07
C PRO H 351 -44.55 38.18 -24.79
N HIS H 352 -44.28 36.95 -24.35
CA HIS H 352 -42.93 36.56 -23.96
C HIS H 352 -42.73 35.08 -24.24
N GLU H 353 -41.47 34.69 -24.35
CA GLU H 353 -41.10 33.28 -24.53
C GLU H 353 -40.87 32.66 -23.15
N ILE H 354 -41.97 32.48 -22.43
CA ILE H 354 -41.89 32.01 -21.05
C ILE H 354 -41.38 30.57 -21.00
N ILE H 355 -41.74 29.76 -21.99
CA ILE H 355 -41.43 28.33 -21.94
C ILE H 355 -39.94 28.11 -21.72
N ILE H 356 -39.09 28.99 -22.24
CA ILE H 356 -37.65 28.79 -22.13
C ILE H 356 -37.26 28.65 -20.66
N HIS H 357 -37.83 29.48 -19.79
CA HIS H 357 -37.56 29.35 -18.37
C HIS H 357 -37.91 27.95 -17.88
N TYR H 358 -39.14 27.50 -18.17
CA TYR H 358 -39.54 26.15 -17.80
C TYR H 358 -38.76 25.09 -18.57
N TYR H 359 -38.10 25.47 -19.66
CA TYR H 359 -37.21 24.53 -20.33
C TYR H 359 -35.89 24.39 -19.59
N HIS H 360 -35.43 25.44 -18.92
CA HIS H 360 -34.16 25.37 -18.21
C HIS H 360 -34.28 24.53 -16.94
N ARG H 361 -35.45 24.54 -16.30
CA ARG H 361 -35.71 23.73 -15.11
C ARG H 361 -36.73 22.66 -15.45
N HIS H 362 -36.48 21.44 -14.99
CA HIS H 362 -37.36 20.32 -15.28
C HIS H 362 -37.56 20.18 -16.78
N PRO H 363 -36.56 19.73 -17.53
CA PRO H 363 -36.75 19.50 -18.96
C PRO H 363 -37.88 18.51 -19.25
N VAL H 364 -38.19 17.63 -18.30
CA VAL H 364 -39.39 16.82 -18.38
C VAL H 364 -40.54 17.61 -17.75
N TYR H 365 -41.76 17.30 -18.16
CA TYR H 365 -42.99 17.95 -17.74
C TYR H 365 -43.19 19.32 -18.40
N THR H 366 -42.22 19.80 -19.18
CA THR H 366 -42.33 21.11 -19.81
C THR H 366 -42.58 21.05 -21.31
N VAL H 367 -42.27 19.93 -21.96
CA VAL H 367 -42.53 19.78 -23.40
C VAL H 367 -43.82 18.98 -23.57
N ILE H 368 -44.15 18.15 -22.59
CA ILE H 368 -45.37 17.36 -22.66
C ILE H 368 -46.59 18.26 -22.69
N VAL H 369 -46.54 19.40 -22.01
CA VAL H 369 -47.66 20.34 -22.03
C VAL H 369 -47.90 20.85 -23.44
N LEU H 370 -46.83 21.18 -24.16
CA LEU H 370 -46.99 21.65 -25.54
C LEU H 370 -47.60 20.58 -26.42
N CYS H 371 -47.13 19.33 -26.29
CA CYS H 371 -47.68 18.26 -27.09
C CYS H 371 -49.16 18.03 -26.77
N GLY H 372 -49.51 18.05 -25.49
CA GLY H 372 -50.91 17.88 -25.12
C GLY H 372 -51.78 19.00 -25.64
N VAL H 373 -51.31 20.24 -25.56
CA VAL H 373 -52.09 21.37 -26.07
C VAL H 373 -52.26 21.24 -27.58
N ALA H 374 -51.20 20.88 -28.29
CA ALA H 374 -51.30 20.71 -29.74
C ALA H 374 -52.27 19.61 -30.09
N LEU H 375 -52.22 18.48 -29.38
CA LEU H 375 -53.15 17.40 -29.66
C LEU H 375 -54.58 17.82 -29.39
N ALA H 376 -54.82 18.52 -28.27
CA ALA H 376 -56.17 18.94 -27.94
C ALA H 376 -56.72 19.90 -28.97
N ILE H 377 -55.92 20.90 -29.37
CA ILE H 377 -56.40 21.87 -30.35
C ILE H 377 -56.61 21.22 -31.70
N LEU H 378 -55.72 20.32 -32.10
CA LEU H 378 -55.90 19.63 -33.38
C LEU H 378 -57.16 18.78 -33.37
N VAL H 379 -57.40 18.05 -32.29
CA VAL H 379 -58.60 17.22 -32.19
C VAL H 379 -59.85 18.09 -32.23
N GLY H 380 -59.84 19.21 -31.49
CA GLY H 380 -60.98 20.09 -31.51
C GLY H 380 -61.25 20.66 -32.88
N THR H 381 -60.20 21.12 -33.56
CA THR H 381 -60.37 21.69 -34.90
C THR H 381 -60.86 20.63 -35.88
N ALA H 382 -60.31 19.43 -35.83
CA ALA H 382 -60.75 18.37 -36.73
C ALA H 382 -62.21 18.00 -36.47
N SER H 383 -62.59 17.88 -35.20
CA SER H 383 -63.97 17.56 -34.87
C SER H 383 -64.91 18.67 -35.35
N SER H 384 -64.53 19.93 -35.13
CA SER H 384 -65.36 21.03 -35.58
C SER H 384 -65.50 21.04 -37.09
N ALA H 385 -64.39 20.81 -37.82
CA ALA H 385 -64.45 20.81 -39.27
C ALA H 385 -65.35 19.68 -39.77
N ALA H 386 -65.18 18.47 -39.22
CA ALA H 386 -66.00 17.35 -39.65
C ALA H 386 -67.48 17.60 -39.33
N CYS H 387 -67.76 18.11 -38.14
CA CYS H 387 -69.15 18.35 -37.75
C CYS H 387 -69.78 19.43 -38.63
N ILE H 388 -69.06 20.50 -38.91
CA ILE H 388 -69.63 21.57 -39.73
C ILE H 388 -69.82 21.10 -41.16
N ALA H 389 -68.88 20.30 -41.69
CA ALA H 389 -69.04 19.77 -43.03
C ALA H 389 -70.27 18.85 -43.11
N LYS H 390 -70.42 17.96 -42.12
CA LYS H 390 -71.57 17.06 -42.13
C LYS H 390 -72.86 17.82 -41.94
N ALA H 391 -72.86 18.86 -41.10
CA ALA H 391 -74.07 19.62 -40.87
C ALA H 391 -74.40 20.51 -42.06
N ARG H 392 -73.40 20.87 -42.85
CA ARG H 392 -73.66 21.60 -44.08
C ARG H 392 -74.23 20.68 -45.15
N ARG H 393 -73.69 19.46 -45.25
CA ARG H 393 -74.23 18.49 -46.20
C ARG H 393 -75.65 18.10 -45.82
N ASP H 394 -75.93 17.96 -44.52
CA ASP H 394 -77.27 17.63 -44.06
C ASP H 394 -78.19 18.85 -44.14
N CYS H 395 -77.62 20.05 -44.05
CA CYS H 395 -78.38 21.24 -44.39
C CYS H 395 -78.50 21.40 -45.89
N LEU H 396 -77.79 20.57 -46.66
CA LEU H 396 -78.09 20.36 -48.06
C LEU H 396 -78.98 19.13 -48.27
N THR H 397 -79.45 18.53 -47.18
CA THR H 397 -80.56 17.59 -47.30
C THR H 397 -81.71 18.17 -48.11
N PRO H 398 -81.92 19.49 -48.14
CA PRO H 398 -82.87 20.06 -49.12
C PRO H 398 -82.36 19.89 -50.55
N TYR H 399 -82.14 18.63 -50.94
CA TYR H 399 -81.70 18.34 -52.30
C TYR H 399 -82.67 19.00 -53.28
N ALA H 400 -83.96 18.75 -53.09
CA ALA H 400 -85.04 19.70 -53.37
C ALA H 400 -84.76 20.53 -54.62
N LEU H 401 -84.46 19.88 -55.74
CA LEU H 401 -84.20 20.61 -56.97
C LEU H 401 -85.42 21.35 -57.53
N ALA H 402 -86.61 20.86 -57.23
CA ALA H 402 -87.83 21.46 -57.77
C ALA H 402 -88.05 22.81 -57.11
N PRO H 403 -88.26 22.86 -55.79
CA PRO H 403 -88.47 24.16 -55.13
C PRO H 403 -87.23 25.05 -55.12
N ASN H 404 -87.43 26.37 -55.07
CA ASN H 404 -86.29 27.26 -54.92
C ASN H 404 -85.63 27.08 -53.56
N ALA H 405 -84.58 27.83 -53.28
CA ALA H 405 -83.91 27.75 -51.99
C ALA H 405 -84.94 27.83 -50.87
N THR H 406 -84.98 26.79 -50.04
CA THR H 406 -85.97 26.72 -48.97
C THR H 406 -85.94 28.01 -48.16
N VAL H 407 -84.76 28.44 -47.73
CA VAL H 407 -84.57 29.77 -47.17
C VAL H 407 -83.17 30.23 -47.57
N PRO H 408 -83.03 31.36 -48.27
CA PRO H 408 -81.68 31.85 -48.59
C PRO H 408 -80.86 32.19 -47.36
N THR H 409 -81.52 32.38 -46.22
CA THR H 409 -80.79 32.59 -44.97
C THR H 409 -79.93 31.38 -44.64
N ALA H 410 -80.48 30.17 -44.79
CA ALA H 410 -79.69 28.97 -44.61
C ALA H 410 -78.61 28.85 -45.68
N LEU H 411 -78.92 29.25 -46.92
CA LEU H 411 -77.92 29.27 -47.97
C LEU H 411 -76.72 30.12 -47.56
N ALA H 412 -76.98 31.23 -46.85
CA ALA H 412 -75.88 32.02 -46.30
C ALA H 412 -75.10 31.21 -45.28
N VAL H 413 -75.79 30.45 -44.43
CA VAL H 413 -75.10 29.59 -43.48
C VAL H 413 -74.24 28.56 -44.21
N LEU H 414 -74.80 27.94 -45.24
CA LEU H 414 -74.03 26.99 -46.03
C LEU H 414 -72.88 27.67 -46.77
N CYS H 415 -73.14 28.86 -47.32
CA CYS H 415 -72.11 29.60 -48.04
C CYS H 415 -72.49 31.06 -48.19
N ASN I 1 16.43 26.79 38.87
CA ASN I 1 16.81 27.00 40.27
C ASN I 1 15.66 26.64 41.20
N SER I 2 15.94 25.79 42.18
CA SER I 2 14.93 25.37 43.13
C SER I 2 14.59 26.49 44.10
N VAL I 3 13.50 26.29 44.83
CA VAL I 3 13.03 27.23 45.85
C VAL I 3 12.97 26.51 47.18
N VAL I 4 13.45 27.17 48.23
CA VAL I 4 13.51 26.57 49.55
C VAL I 4 12.08 26.36 50.05
N VAL I 5 11.66 25.10 50.11
CA VAL I 5 10.32 24.80 50.62
C VAL I 5 10.21 25.20 52.08
N SER I 6 11.23 24.84 52.88
CA SER I 6 11.23 25.16 54.30
C SER I 6 12.61 24.86 54.86
N VAL I 7 12.97 25.57 55.92
CA VAL I 7 14.24 25.38 56.62
C VAL I 7 13.92 24.96 58.05
N LEU I 8 14.49 23.83 58.48
CA LEU I 8 14.25 23.28 59.80
C LEU I 8 15.59 22.95 60.46
N ASN I 9 15.69 23.22 61.75
CA ASN I 9 16.88 22.89 62.53
C ASN I 9 16.71 21.50 63.13
N ILE I 10 17.65 20.61 62.83
CA ILE I 10 17.61 19.21 63.26
C ILE I 10 18.65 19.04 64.35
N SER I 11 18.20 18.66 65.55
CA SER I 11 19.10 18.40 66.67
C SER I 11 19.44 16.91 66.73
N ALA I 12 20.10 16.44 65.68
CA ALA I 12 20.46 15.03 65.59
C ALA I 12 21.35 14.64 66.77
N THR I 13 21.04 13.51 67.39
CA THR I 13 21.76 13.02 68.56
C THR I 13 22.76 11.96 68.13
N LEU I 14 23.99 12.08 68.62
CA LEU I 14 25.03 11.12 68.26
C LEU I 14 24.62 9.71 68.68
N GLY I 15 24.81 8.76 67.79
CA GLY I 15 24.48 7.36 68.02
C GLY I 15 23.06 6.99 67.70
N SER I 16 22.11 7.89 67.95
CA SER I 16 20.70 7.62 67.70
C SER I 16 20.42 7.78 66.21
N GLN I 17 19.13 7.74 65.84
CA GLN I 17 18.70 7.85 64.47
C GLN I 17 17.91 9.14 64.27
N ALA I 18 18.21 9.86 63.19
CA ALA I 18 17.52 11.09 62.86
C ALA I 18 16.80 10.92 61.52
N VAL I 19 15.70 11.65 61.35
CA VAL I 19 14.85 11.55 60.17
C VAL I 19 14.66 12.94 59.58
N LEU I 20 14.93 13.06 58.29
CA LEU I 20 14.63 14.26 57.52
C LEU I 20 13.43 13.96 56.63
N PRO I 21 12.25 14.58 56.87
CA PRO I 21 11.03 14.10 56.22
C PRO I 21 10.82 14.58 54.79
N CYS I 22 11.87 15.08 54.13
CA CYS I 22 11.72 15.55 52.76
C CYS I 22 10.98 14.53 51.91
N LYS I 23 9.78 14.89 51.45
CA LYS I 23 8.94 13.99 50.66
C LYS I 23 7.71 14.78 50.24
N SER I 24 6.98 14.22 49.27
CA SER I 24 5.73 14.82 48.82
C SER I 24 4.97 13.77 48.01
N TYR I 25 3.74 13.46 48.43
CA TYR I 25 2.91 12.54 47.66
C TYR I 25 2.53 13.13 46.30
N ARG I 26 2.60 14.45 46.15
CA ARG I 26 2.46 15.05 44.83
C ARG I 26 3.59 14.61 43.91
N MET I 27 4.80 14.48 44.45
CA MET I 27 5.95 14.01 43.69
C MET I 27 5.87 12.53 43.35
N VAL I 28 4.89 11.81 43.89
CA VAL I 28 4.78 10.38 43.65
C VAL I 28 4.88 10.10 42.15
N TRP I 29 5.59 9.03 41.81
CA TRP I 29 5.78 8.63 40.43
C TRP I 29 4.82 7.49 40.08
N THR I 30 4.24 7.58 38.88
CA THR I 30 3.26 6.58 38.47
C THR I 30 3.88 5.20 38.42
N GLN I 31 3.16 4.22 38.96
CA GLN I 31 3.69 2.86 39.06
C GLN I 31 3.50 2.07 37.77
N ASP I 32 2.37 2.23 37.10
CA ASP I 32 2.09 1.44 35.91
C ASP I 32 3.09 1.75 34.82
N ARG I 33 3.35 0.75 33.98
CA ARG I 33 4.33 0.93 32.90
C ARG I 33 3.94 2.05 31.96
N LEU I 34 2.65 2.38 31.89
CA LEU I 34 2.17 3.47 31.03
C LEU I 34 1.92 4.67 31.92
N ASN I 35 2.96 5.47 32.15
CA ASN I 35 2.79 6.73 32.85
C ASN I 35 1.90 7.65 32.03
N ASP I 36 0.95 8.29 32.71
CA ASP I 36 -0.02 9.12 32.02
C ASP I 36 0.68 10.22 31.24
N ARG I 37 0.30 10.37 29.97
CA ARG I 37 0.88 11.38 29.09
C ARG I 37 -0.18 12.34 28.54
N GLN I 38 -1.33 12.41 29.21
CA GLN I 38 -2.46 13.22 28.73
C GLN I 38 -2.95 14.12 29.85
N ARG I 39 -3.57 15.23 29.44
CA ARG I 39 -4.15 16.21 30.35
C ARG I 39 -5.54 16.57 29.85
N VAL I 40 -6.39 17.02 30.76
CA VAL I 40 -7.78 17.29 30.45
C VAL I 40 -8.18 18.67 30.95
N VAL I 41 -9.09 19.31 30.21
CA VAL I 41 -9.74 20.54 30.66
C VAL I 41 -11.23 20.38 30.40
N HIS I 42 -12.04 21.10 31.16
CA HIS I 42 -13.48 21.01 30.95
C HIS I 42 -14.17 22.25 31.48
N TRP I 43 -15.41 22.44 31.04
CA TRP I 43 -16.28 23.50 31.50
C TRP I 43 -17.51 22.88 32.15
N ASP I 44 -17.93 23.46 33.28
CA ASP I 44 -19.09 22.93 34.01
C ASP I 44 -19.90 24.09 34.57
N VAL I 45 -21.22 24.04 34.39
CA VAL I 45 -22.11 25.09 34.86
C VAL I 45 -22.89 24.59 36.06
N TYR I 46 -22.98 25.43 37.08
CA TYR I 46 -23.81 25.20 38.26
C TYR I 46 -24.88 26.30 38.29
N SER I 47 -25.98 26.05 37.58
CA SER I 47 -27.08 27.00 37.49
C SER I 47 -28.12 26.63 38.53
N THR I 48 -28.28 27.48 39.56
CA THR I 48 -29.29 27.26 40.57
C THR I 48 -30.70 27.39 40.02
N TYR I 49 -30.86 27.92 38.81
CA TYR I 49 -32.18 27.94 38.17
C TYR I 49 -32.80 26.55 38.15
N TYR I 50 -31.99 25.54 37.85
CA TYR I 50 -32.48 24.17 37.90
C TYR I 50 -32.96 23.83 39.30
N GLY I 51 -34.15 23.21 39.38
CA GLY I 51 -34.58 22.69 40.66
C GLY I 51 -33.65 21.63 41.20
N ASP I 52 -33.03 20.86 40.31
CA ASP I 52 -32.06 19.86 40.72
C ASP I 52 -30.81 20.50 41.30
N ASN I 53 -30.53 21.74 40.91
CA ASN I 53 -29.36 22.54 41.35
C ASN I 53 -28.13 21.65 41.52
N LYS I 54 -27.77 20.97 40.44
CA LYS I 54 -26.51 20.24 40.32
C LYS I 54 -25.59 20.94 39.33
N MET I 55 -24.35 20.47 39.30
CA MET I 55 -23.35 20.97 38.36
C MET I 55 -23.24 20.01 37.18
N GLU I 56 -23.39 20.53 35.97
CA GLU I 56 -23.38 19.72 34.76
C GLU I 56 -22.25 20.17 33.84
N ARG I 57 -21.53 19.19 33.29
CA ARG I 57 -20.33 19.46 32.50
C ARG I 57 -20.72 19.70 31.05
N LEU I 58 -20.46 20.92 30.57
CA LEU I 58 -20.82 21.27 29.19
C LEU I 58 -19.99 20.46 28.20
N CYS I 59 -18.66 20.46 28.36
CA CYS I 59 -17.77 19.81 27.42
C CYS I 59 -16.39 19.73 28.04
N ASP I 60 -15.52 18.95 27.40
CA ASP I 60 -14.16 18.73 27.89
C ASP I 60 -13.24 18.43 26.73
N MET I 61 -12.04 19.02 26.78
CA MET I 61 -10.99 18.77 25.80
C MET I 61 -9.93 17.87 26.41
N TYR I 62 -9.55 16.84 25.65
CA TYR I 62 -8.48 15.91 26.03
C TYR I 62 -7.26 16.21 25.18
N SER I 63 -6.10 16.24 25.81
CA SER I 63 -4.85 16.47 25.08
C SER I 63 -4.66 15.39 24.02
N ALA I 64 -4.36 15.83 22.79
CA ALA I 64 -4.21 14.93 21.65
C ALA I 64 -5.48 14.14 21.38
N GLY I 65 -6.62 14.63 21.87
CA GLY I 65 -7.89 13.97 21.70
C GLY I 65 -8.81 14.69 20.74
N ASP I 66 -10.07 14.27 20.75
CA ASP I 66 -11.11 14.83 19.89
C ASP I 66 -12.17 15.52 20.74
N GLN I 67 -12.64 16.66 20.26
CA GLN I 67 -13.70 17.39 20.96
C GLN I 67 -14.94 16.52 21.06
N ARG I 68 -15.50 16.44 22.27
CA ARG I 68 -16.68 15.62 22.52
C ARG I 68 -17.62 16.39 23.43
N VAL I 69 -18.88 16.50 23.00
CA VAL I 69 -19.91 17.22 23.75
C VAL I 69 -20.70 16.21 24.56
N TYR I 70 -20.88 16.50 25.86
CA TYR I 70 -21.60 15.59 26.73
C TYR I 70 -23.03 15.37 26.26
N SER I 71 -23.72 16.45 25.88
CA SER I 71 -25.11 16.38 25.47
C SER I 71 -25.22 16.46 23.95
N SER I 72 -26.46 16.46 23.46
CA SER I 72 -26.73 16.51 22.03
C SER I 72 -27.00 17.91 21.52
N TYR I 73 -27.09 18.91 22.40
CA TYR I 73 -27.44 20.27 22.02
C TYR I 73 -26.25 21.22 22.02
N ASN I 74 -25.32 21.05 22.96
CA ASN I 74 -24.23 22.02 23.09
C ASN I 74 -23.37 22.07 21.83
N GLN I 75 -23.39 21.02 21.00
CA GLN I 75 -22.74 21.09 19.71
C GLN I 75 -23.32 22.24 18.90
N GLY I 76 -22.46 23.06 18.34
CA GLY I 76 -22.90 24.30 17.69
C GLY I 76 -23.02 25.44 18.68
N ARG I 77 -23.72 25.22 19.78
CA ARG I 77 -23.79 26.25 20.83
C ARG I 77 -22.43 26.45 21.47
N ILE I 78 -21.77 25.37 21.85
CA ILE I 78 -20.47 25.43 22.51
C ILE I 78 -19.38 25.34 21.45
N PHE I 79 -18.48 26.32 21.44
CA PHE I 79 -17.35 26.34 20.52
C PHE I 79 -16.07 26.41 21.32
N MET I 80 -15.22 25.41 21.17
CA MET I 80 -13.92 25.33 21.85
C MET I 80 -12.85 25.23 20.76
N PRO I 81 -12.27 26.37 20.33
CA PRO I 81 -11.27 26.32 19.25
C PRO I 81 -10.18 25.29 19.49
N GLN I 82 -10.01 24.36 18.55
CA GLN I 82 -9.01 23.31 18.73
C GLN I 82 -7.61 23.91 18.80
N ASN I 83 -7.31 24.85 17.90
CA ASN I 83 -5.99 25.50 17.93
C ASN I 83 -5.74 26.16 19.27
N ALA I 84 -6.79 26.64 19.94
CA ALA I 84 -6.61 27.29 21.23
C ALA I 84 -5.97 26.36 22.25
N PHE I 85 -6.04 25.05 22.04
CA PHE I 85 -5.37 24.12 22.95
C PHE I 85 -3.89 24.44 23.04
N THR I 86 -3.28 24.83 21.91
CA THR I 86 -1.90 25.29 21.96
C THR I 86 -1.80 26.69 22.56
N ASP I 87 -2.76 27.56 22.23
CA ASP I 87 -2.74 28.92 22.76
C ASP I 87 -3.04 28.94 24.25
N GLY I 88 -3.78 27.95 24.75
CA GLY I 88 -4.18 27.93 26.13
C GLY I 88 -5.43 28.74 26.43
N ASN I 89 -5.98 29.43 25.45
CA ASN I 89 -7.21 30.20 25.62
C ASN I 89 -8.38 29.23 25.60
N PHE I 90 -8.66 28.63 26.75
CA PHE I 90 -9.73 27.64 26.88
C PHE I 90 -11.07 28.31 27.10
N SER I 91 -11.39 29.29 26.25
CA SER I 91 -12.60 30.07 26.40
C SER I 91 -13.81 29.30 25.87
N LEU I 92 -15.00 29.78 26.24
CA LEU I 92 -16.26 29.17 25.85
C LEU I 92 -17.14 30.20 25.15
N VAL I 93 -17.90 29.74 24.16
CA VAL I 93 -18.80 30.59 23.39
C VAL I 93 -20.19 29.99 23.44
N ILE I 94 -21.19 30.82 23.72
CA ILE I 94 -22.60 30.45 23.65
C ILE I 94 -23.23 31.24 22.52
N LYS I 95 -23.95 30.55 21.64
CA LYS I 95 -24.64 31.21 20.53
C LYS I 95 -25.86 31.95 21.03
N ASP I 96 -26.78 31.24 21.69
CA ASP I 96 -27.99 31.82 22.25
C ASP I 96 -28.08 31.45 23.73
N VAL I 97 -28.50 32.43 24.54
CA VAL I 97 -28.59 32.27 25.98
C VAL I 97 -30.05 32.40 26.40
N ALA I 98 -30.51 31.44 27.19
CA ALA I 98 -31.89 31.41 27.68
C ALA I 98 -31.92 31.73 29.17
N GLU I 99 -33.13 32.01 29.66
CA GLU I 99 -33.29 32.31 31.09
C GLU I 99 -32.84 31.14 31.95
N SER I 100 -32.97 29.91 31.44
CA SER I 100 -32.52 28.74 32.18
C SER I 100 -31.03 28.46 32.01
N ASP I 101 -30.35 29.19 31.13
CA ASP I 101 -28.93 28.98 30.90
C ASP I 101 -28.05 29.79 31.84
N GLY I 102 -28.50 30.95 32.27
CA GLY I 102 -27.70 31.76 33.17
C GLY I 102 -27.45 31.07 34.50
N GLY I 103 -26.28 31.33 35.08
CA GLY I 103 -25.92 30.74 36.34
C GLY I 103 -24.46 30.90 36.70
N ILE I 104 -23.82 29.81 37.10
CA ILE I 104 -22.43 29.81 37.54
C ILE I 104 -21.64 28.88 36.64
N TYR I 105 -20.56 29.38 36.06
CA TYR I 105 -19.68 28.61 35.19
C TYR I 105 -18.34 28.39 35.88
N SER I 106 -17.67 27.29 35.54
CA SER I 106 -16.38 26.97 36.11
C SER I 106 -15.53 26.26 35.06
N CYS I 107 -14.32 26.77 34.86
CA CYS I 107 -13.35 26.17 33.94
C CYS I 107 -12.31 25.46 34.78
N ASN I 108 -12.12 24.17 34.52
CA ASN I 108 -11.29 23.31 35.36
C ASN I 108 -10.25 22.59 34.52
N LEU I 109 -9.05 22.47 35.09
CA LEU I 109 -7.92 21.78 34.46
C LEU I 109 -7.47 20.65 35.38
N HIS I 110 -7.26 19.47 34.81
CA HIS I 110 -6.80 18.31 35.56
C HIS I 110 -5.68 17.61 34.79
N HIS I 111 -4.65 17.18 35.53
CA HIS I 111 -3.53 16.45 34.95
C HIS I 111 -3.14 15.34 35.90
N HIS I 112 -3.29 14.10 35.46
CA HIS I 112 -3.03 12.95 36.33
C HIS I 112 -1.55 12.80 36.62
N TYR I 113 -0.70 12.88 35.59
CA TYR I 113 0.72 12.62 35.77
C TYR I 113 1.35 13.62 36.73
N CYS I 114 1.16 14.91 36.45
CA CYS I 114 1.69 15.95 37.33
C CYS I 114 0.87 16.12 38.60
N HIS I 115 -0.34 15.59 38.64
CA HIS I 115 -1.22 15.70 39.80
C HIS I 115 -1.47 17.16 40.17
N LEU I 116 -1.60 18.00 39.14
CA LEU I 116 -1.88 19.43 39.31
C LEU I 116 -3.20 19.75 38.64
N TYR I 117 -4.08 20.44 39.36
CA TYR I 117 -5.38 20.83 38.84
C TYR I 117 -5.70 22.25 39.30
N GLU I 118 -6.54 22.93 38.52
CA GLU I 118 -6.92 24.31 38.82
C GLU I 118 -8.37 24.53 38.44
N THR I 119 -8.98 25.53 39.05
CA THR I 119 -10.37 25.88 38.77
C THR I 119 -10.52 27.40 38.80
N VAL I 120 -11.31 27.93 37.87
CA VAL I 120 -11.63 29.35 37.83
C VAL I 120 -13.14 29.50 37.70
N LYS I 121 -13.70 30.48 38.41
CA LYS I 121 -15.13 30.63 38.58
C LYS I 121 -15.61 31.89 37.87
N ILE I 122 -16.79 31.82 37.25
CA ILE I 122 -17.39 32.92 36.53
C ILE I 122 -18.90 32.89 36.75
N GLN I 123 -19.54 34.05 36.56
CA GLN I 123 -20.98 34.18 36.70
C GLN I 123 -21.57 34.68 35.39
N LEU I 124 -22.71 34.09 35.00
CA LEU I 124 -23.42 34.49 33.80
C LEU I 124 -24.87 34.84 34.17
N ASP I 125 -25.36 35.93 33.58
CA ASP I 125 -26.73 36.37 33.79
C ASP I 125 -27.31 36.81 32.46
N VAL I 126 -28.65 36.76 32.36
CA VAL I 126 -29.36 37.14 31.16
C VAL I 126 -30.53 38.04 31.54
N THR I 127 -30.75 39.09 30.76
CA THR I 127 -31.82 40.05 31.01
C THR I 127 -32.54 40.35 29.70
N LYS I 128 -33.80 40.75 29.81
CA LYS I 128 -34.59 41.06 28.63
C LYS I 128 -34.19 42.39 28.01
N LYS I 129 -33.64 43.31 28.81
CA LYS I 129 -33.24 44.62 28.34
C LYS I 129 -31.72 44.73 28.32
N ALA I 130 -31.17 45.17 27.19
CA ALA I 130 -29.73 45.30 27.05
C ALA I 130 -29.16 46.46 27.86
N LYS I 131 -30.02 47.30 28.45
CA LYS I 131 -29.51 48.45 29.21
C LYS I 131 -28.66 47.99 30.38
N ALA I 132 -29.09 46.95 31.09
CA ALA I 132 -28.34 46.39 32.21
C ALA I 132 -27.30 45.37 31.78
N ALA I 133 -27.19 45.09 30.48
CA ALA I 133 -26.24 44.09 29.97
C ALA I 133 -24.84 44.69 29.99
N LYS I 134 -24.12 44.44 31.08
CA LYS I 134 -22.75 44.92 31.20
C LYS I 134 -21.98 43.99 32.13
N GLU I 135 -20.79 43.57 31.69
CA GLU I 135 -19.92 42.75 32.51
C GLU I 135 -19.36 43.54 33.68
N TYR I 136 -19.01 42.82 34.75
CA TYR I 136 -18.23 43.43 35.82
C TYR I 136 -17.37 42.37 36.49
N TRP I 137 -16.32 42.85 37.18
CA TRP I 137 -15.31 42.01 37.79
C TRP I 137 -15.40 42.16 39.31
N ASP I 138 -15.58 41.05 40.00
CA ASP I 138 -15.74 41.05 41.45
C ASP I 138 -14.47 40.61 42.18
N GLY I 139 -13.35 40.47 41.48
CA GLY I 139 -12.13 40.04 42.10
C GLY I 139 -12.06 38.53 42.26
N GLU I 140 -13.03 37.97 42.98
CA GLU I 140 -13.12 36.53 43.14
C GLU I 140 -13.90 35.85 42.02
N LYS I 141 -14.61 36.62 41.19
CA LYS I 141 -15.36 36.07 40.08
C LYS I 141 -15.75 37.21 39.15
N ALA I 142 -16.23 36.83 37.97
CA ALA I 142 -16.69 37.78 36.95
C ALA I 142 -18.15 37.52 36.64
N VAL I 143 -18.93 38.58 36.49
CA VAL I 143 -20.36 38.49 36.22
C VAL I 143 -20.61 39.01 34.82
N ILE I 144 -21.32 38.21 34.02
CA ILE I 144 -21.66 38.53 32.64
C ILE I 144 -23.17 38.75 32.58
N VAL I 145 -23.59 39.84 31.94
CA VAL I 145 -25.00 40.11 31.69
C VAL I 145 -25.16 40.39 30.20
N ALA I 146 -26.09 39.69 29.55
CA ALA I 146 -26.28 39.84 28.12
C ALA I 146 -27.74 39.56 27.77
N LEU I 147 -28.15 40.05 26.60
CA LEU I 147 -29.51 39.86 26.15
C LEU I 147 -29.78 38.39 25.84
N GLU I 148 -31.03 37.99 26.03
CA GLU I 148 -31.43 36.61 25.74
C GLU I 148 -31.19 36.29 24.27
N GLY I 149 -30.54 35.16 24.02
CA GLY I 149 -30.26 34.72 22.67
C GLY I 149 -29.05 35.35 22.04
N SER I 150 -28.36 36.26 22.73
CA SER I 150 -27.19 36.93 22.19
C SER I 150 -25.94 36.09 22.42
N THR I 151 -25.04 36.10 21.44
CA THR I 151 -23.80 35.36 21.55
C THR I 151 -22.94 35.96 22.67
N VAL I 152 -22.38 35.09 23.52
CA VAL I 152 -21.60 35.53 24.66
C VAL I 152 -20.33 34.68 24.76
N MET I 153 -19.30 35.25 25.38
CA MET I 153 -17.99 34.63 25.50
C MET I 153 -17.58 34.64 26.97
N LEU I 154 -17.01 33.52 27.41
CA LEU I 154 -16.48 33.38 28.77
C LEU I 154 -15.00 33.01 28.68
N PRO I 155 -14.09 33.84 29.19
CA PRO I 155 -12.66 33.56 29.01
C PRO I 155 -12.09 32.67 30.11
N CYS I 156 -11.27 31.70 29.68
CA CYS I 156 -10.53 30.82 30.59
C CYS I 156 -9.16 30.58 29.96
N VAL I 157 -8.19 31.42 30.33
CA VAL I 157 -6.82 31.30 29.86
C VAL I 157 -5.90 31.35 31.06
N ASN I 158 -4.96 30.40 31.13
CA ASN I 158 -4.02 30.31 32.24
C ASN I 158 -2.64 30.87 31.90
N ARG I 159 -2.24 30.81 30.64
CA ARG I 159 -0.93 31.30 30.20
C ARG I 159 0.18 30.69 31.04
N ASN I 160 0.22 29.35 31.03
CA ASN I 160 1.19 28.58 31.78
C ASN I 160 1.97 27.67 30.84
N GLN I 161 3.27 27.52 31.11
CA GLN I 161 4.11 26.69 30.25
C GLN I 161 3.77 25.21 30.38
N ILE I 162 3.33 24.77 31.55
CA ILE I 162 3.01 23.36 31.74
C ILE I 162 1.76 23.00 30.95
N TRP I 163 0.77 23.88 30.94
CA TRP I 163 -0.51 23.58 30.30
C TRP I 163 -0.50 23.79 28.78
N THR I 164 0.58 24.33 28.23
CA THR I 164 0.73 24.45 26.80
C THR I 164 1.63 23.33 26.29
N GLU I 165 1.40 22.93 25.04
CA GLU I 165 2.05 21.74 24.50
C GLU I 165 3.57 21.88 24.52
N ARG I 166 4.24 20.85 25.05
CA ARG I 166 5.70 20.78 25.02
C ARG I 166 6.06 19.31 25.04
N HIS I 167 6.37 18.75 23.87
CA HIS I 167 6.70 17.33 23.75
C HIS I 167 8.17 17.10 24.10
N SER I 168 8.52 17.51 25.32
CA SER I 168 9.88 17.33 25.81
C SER I 168 10.09 15.90 26.27
N GLU I 169 11.27 15.36 25.95
CA GLU I 169 11.61 14.02 26.41
C GLU I 169 11.58 13.97 27.93
N GLU I 170 11.01 12.90 28.46
CA GLU I 170 10.72 12.79 29.90
C GLU I 170 12.03 12.56 30.65
N GLU I 171 12.66 13.67 31.03
CA GLU I 171 13.85 13.60 31.86
C GLU I 171 13.50 13.00 33.22
N GLN I 172 14.34 12.07 33.68
CA GLN I 172 14.13 11.48 35.00
C GLN I 172 14.12 12.57 36.06
N GLN I 173 13.14 12.51 36.96
CA GLN I 173 13.01 13.49 38.03
C GLN I 173 14.20 13.35 38.96
N VAL I 174 15.13 14.30 38.90
CA VAL I 174 16.35 14.21 39.69
C VAL I 174 16.02 14.45 41.15
N VAL I 175 16.54 13.59 42.02
CA VAL I 175 16.49 13.80 43.46
C VAL I 175 17.91 13.68 43.99
N HIS I 176 18.33 14.64 44.80
CA HIS I 176 19.70 14.68 45.31
C HIS I 176 19.66 14.89 46.82
N TRP I 177 20.27 13.96 47.55
CA TRP I 177 20.51 14.12 48.98
C TRP I 177 21.99 14.44 49.14
N ASP I 178 22.31 15.69 49.48
CA ASP I 178 23.68 16.14 49.58
C ASP I 178 23.92 16.75 50.95
N ARG I 179 24.99 16.34 51.61
CA ARG I 179 25.30 16.75 52.97
C ARG I 179 26.50 17.69 52.96
N GLN I 180 26.33 18.84 53.61
CA GLN I 180 27.46 19.74 53.80
C GLN I 180 28.44 19.12 54.79
N PRO I 181 29.73 19.01 54.45
CA PRO I 181 30.69 18.43 55.40
C PRO I 181 30.71 19.21 56.70
N PRO I 182 31.32 18.67 57.75
CA PRO I 182 31.32 19.38 59.03
C PRO I 182 31.96 20.75 58.92
N GLY I 183 31.37 21.72 59.62
CA GLY I 183 31.90 23.08 59.61
C GLY I 183 31.96 23.69 58.22
N VAL I 184 30.90 23.53 57.43
CA VAL I 184 30.85 24.04 56.07
C VAL I 184 29.55 24.80 55.87
N PRO I 185 29.55 25.96 55.22
CA PRO I 185 28.29 26.67 54.98
C PRO I 185 27.44 25.97 53.94
N HIS I 186 26.16 26.34 53.92
CA HIS I 186 25.21 25.74 53.01
C HIS I 186 25.64 25.98 51.55
N ASP I 187 25.01 25.23 50.65
CA ASP I 187 25.25 25.29 49.21
C ASP I 187 26.63 24.78 48.82
N ARG I 188 27.34 24.09 49.72
CA ARG I 188 28.66 23.54 49.45
C ARG I 188 28.69 22.03 49.72
N ALA I 189 27.55 21.37 49.62
CA ALA I 189 27.45 19.96 49.93
C ALA I 189 27.93 19.11 48.75
N ASP I 190 28.35 17.89 49.07
CA ASP I 190 28.69 16.88 48.09
C ASP I 190 27.61 15.80 48.11
N ARG I 191 27.10 15.44 46.93
CA ARG I 191 25.97 14.54 46.83
C ARG I 191 26.23 13.24 47.58
N LEU I 192 25.47 13.01 48.65
CA LEU I 192 25.55 11.74 49.36
C LEU I 192 24.89 10.63 48.56
N ILE I 193 23.74 10.92 47.95
CA ILE I 193 23.05 9.92 47.13
C ILE I 193 22.19 10.63 46.09
N ASP I 194 22.02 9.98 44.94
CA ASP I 194 21.21 10.49 43.85
C ASP I 194 20.16 9.46 43.48
N LEU I 195 18.95 9.92 43.21
CA LEU I 195 17.82 9.06 42.87
C LEU I 195 17.18 9.52 41.58
N TYR I 196 16.89 8.55 40.71
CA TYR I 196 16.28 8.79 39.41
C TYR I 196 14.86 8.24 39.42
N ALA I 197 14.03 8.81 38.53
CA ALA I 197 12.66 8.33 38.40
C ALA I 197 12.61 6.88 37.94
N SER I 198 13.61 6.44 37.17
CA SER I 198 13.65 5.07 36.69
C SER I 198 13.86 4.05 37.80
N GLY I 199 14.24 4.50 39.00
CA GLY I 199 14.47 3.63 40.14
C GLY I 199 15.94 3.39 40.43
N GLU I 200 16.82 3.67 39.48
CA GLU I 200 18.26 3.52 39.73
C GLU I 200 18.72 4.54 40.77
N ARG I 201 19.59 4.09 41.67
CA ARG I 201 20.14 4.93 42.72
C ARG I 201 21.65 4.94 42.63
N ARG I 202 22.24 6.12 42.67
CA ARG I 202 23.68 6.29 42.65
C ARG I 202 24.15 6.63 44.05
N SER I 203 25.02 5.78 44.61
CA SER I 203 25.51 5.93 45.96
C SER I 203 26.88 6.61 45.94
N TYR I 204 27.12 7.47 46.92
CA TYR I 204 28.38 8.19 47.05
C TYR I 204 28.89 8.07 48.48
N GLY I 205 30.20 8.00 48.62
CA GLY I 205 30.82 7.83 49.91
C GLY I 205 30.85 6.38 50.34
N PRO I 206 31.07 6.13 51.63
CA PRO I 206 31.12 4.75 52.11
C PRO I 206 29.79 4.04 51.90
N LEU I 207 29.88 2.72 51.71
CA LEU I 207 28.67 1.91 51.55
C LEU I 207 27.96 1.66 52.87
N PHE I 208 28.71 1.56 53.97
CA PHE I 208 28.08 1.29 55.26
C PHE I 208 27.18 2.43 55.69
N ILE I 209 27.61 3.68 55.47
CA ILE I 209 26.77 4.82 55.83
C ILE I 209 25.53 4.85 54.95
N ARG I 210 25.68 4.52 53.66
CA ARG I 210 24.51 4.46 52.78
C ARG I 210 23.52 3.41 53.27
N GLN I 211 24.02 2.25 53.68
CA GLN I 211 23.14 1.22 54.22
C GLN I 211 22.44 1.70 55.49
N LYS I 212 23.18 2.36 56.38
CA LYS I 212 22.57 2.89 57.59
C LYS I 212 21.75 4.15 57.29
N MET I 213 22.09 4.87 56.22
CA MET I 213 21.27 6.00 55.75
C MET I 213 20.03 5.42 55.05
N ASN I 214 19.18 4.80 55.86
CA ASN I 214 18.06 4.04 55.33
C ASN I 214 17.13 4.93 54.52
N ILE I 215 16.83 4.50 53.30
CA ILE I 215 15.84 5.13 52.44
C ILE I 215 14.96 4.03 51.88
N THR I 216 13.64 4.23 51.94
CA THR I 216 12.71 3.22 51.46
C THR I 216 13.00 2.92 49.99
N ASP I 217 13.05 1.61 49.66
CA ASP I 217 13.38 1.20 48.31
C ASP I 217 12.39 1.73 47.28
N THR I 218 11.16 2.07 47.71
CA THR I 218 10.13 2.60 46.83
C THR I 218 10.06 4.12 46.90
N ALA I 219 11.14 4.78 47.31
CA ALA I 219 11.12 6.24 47.43
C ALA I 219 10.88 6.90 46.08
N PHE I 220 11.54 6.42 45.03
CA PHE I 220 11.32 6.97 43.70
C PHE I 220 9.86 6.81 43.28
N ALA I 221 9.21 5.73 43.71
CA ALA I 221 7.80 5.53 43.39
C ALA I 221 6.91 6.30 44.34
N LEU I 222 6.97 5.98 45.63
CA LEU I 222 6.13 6.66 46.62
C LEU I 222 6.49 8.13 46.78
N GLY I 223 7.70 8.54 46.40
CA GLY I 223 8.16 9.88 46.64
C GLY I 223 8.67 10.12 48.04
N ASP I 224 8.75 9.09 48.88
CA ASP I 224 9.21 9.23 50.26
C ASP I 224 10.73 9.28 50.27
N PHE I 225 11.27 10.42 49.84
CA PHE I 225 12.70 10.66 49.82
C PHE I 225 13.25 11.05 51.18
N SER I 226 12.46 10.91 52.24
CA SER I 226 12.94 11.23 53.58
C SER I 226 14.19 10.40 53.90
N LEU I 227 15.19 11.06 54.50
CA LEU I 227 16.47 10.42 54.78
C LEU I 227 16.52 10.03 56.25
N ARG I 228 16.71 8.73 56.51
CA ARG I 228 16.82 8.20 57.86
C ARG I 228 18.29 7.84 58.10
N ILE I 229 18.97 8.63 58.90
CA ILE I 229 20.39 8.44 59.20
C ILE I 229 20.48 7.72 60.54
N SER I 230 21.17 6.59 60.56
CA SER I 230 21.35 5.77 61.76
C SER I 230 22.81 5.78 62.20
N GLU I 231 23.03 5.35 63.43
CA GLU I 231 24.35 5.34 64.06
C GLU I 231 25.11 6.62 63.72
N LEU I 232 24.53 7.74 64.15
CA LEU I 232 25.08 9.04 63.81
C LEU I 232 26.53 9.16 64.26
N GLU I 233 27.37 9.74 63.40
CA GLU I 233 28.77 9.98 63.69
C GLU I 233 29.07 11.46 63.52
N SER I 234 30.21 11.87 64.09
CA SER I 234 30.64 13.27 63.95
C SER I 234 30.87 13.64 62.50
N ALA I 235 31.25 12.67 61.66
CA ALA I 235 31.44 12.95 60.24
C ALA I 235 30.14 13.38 59.59
N ASP I 236 29.03 12.75 59.98
CA ASP I 236 27.72 13.12 59.42
C ASP I 236 27.29 14.52 59.82
N GLU I 237 27.95 15.14 60.78
CA GLU I 237 27.59 16.50 61.18
C GLU I 237 27.67 17.46 60.01
N GLY I 238 26.67 18.31 59.89
CA GLY I 238 26.61 19.30 58.82
C GLY I 238 25.20 19.39 58.26
N THR I 239 24.96 20.46 57.51
CA THR I 239 23.64 20.69 56.93
C THR I 239 23.36 19.67 55.83
N TYR I 240 22.10 19.26 55.72
CA TYR I 240 21.63 18.35 54.69
C TYR I 240 20.68 19.09 53.76
N SER I 241 20.71 18.72 52.48
CA SER I 241 19.82 19.32 51.49
C SER I 241 19.22 18.22 50.63
N CYS I 242 17.91 18.34 50.41
CA CYS I 242 17.12 17.40 49.61
C CYS I 242 16.55 18.20 48.44
N HIS I 243 17.14 18.01 47.26
CA HIS I 243 16.76 18.72 46.06
C HIS I 243 15.93 17.81 45.17
N LEU I 244 14.84 18.34 44.60
CA LEU I 244 14.01 17.60 43.67
C LEU I 244 13.72 18.48 42.47
N HIS I 245 13.80 17.90 41.27
CA HIS I 245 13.42 18.60 40.05
C HIS I 245 12.74 17.63 39.10
N HIS I 246 11.62 18.09 38.53
CA HIS I 246 10.86 17.34 37.53
C HIS I 246 10.77 18.21 36.28
N HIS I 247 11.51 17.81 35.24
CA HIS I 247 11.55 18.62 34.02
C HIS I 247 10.20 18.63 33.31
N TYR I 248 9.56 17.47 33.20
CA TYR I 248 8.28 17.41 32.48
C TYR I 248 7.23 18.30 33.15
N CYS I 249 7.05 18.15 34.46
CA CYS I 249 6.17 19.04 35.20
C CYS I 249 6.83 20.36 35.54
N GLY I 250 8.15 20.47 35.38
CA GLY I 250 8.84 21.72 35.61
C GLY I 250 9.05 22.10 37.05
N LEU I 251 8.76 21.19 37.99
CA LEU I 251 8.89 21.51 39.39
C LEU I 251 10.36 21.55 39.80
N HIS I 252 10.66 22.40 40.79
CA HIS I 252 12.02 22.54 41.30
C HIS I 252 11.94 23.02 42.74
N GLU I 253 12.35 22.17 43.68
CA GLU I 253 12.24 22.49 45.10
C GLU I 253 13.44 21.96 45.85
N ARG I 254 13.69 22.55 47.01
CA ARG I 254 14.79 22.11 47.87
C ARG I 254 14.39 22.27 49.33
N ARG I 255 14.78 21.30 50.15
CA ARG I 255 14.54 21.32 51.59
C ARG I 255 15.88 21.28 52.31
N ILE I 256 16.10 22.22 53.21
CA ILE I 256 17.37 22.37 53.93
C ILE I 256 17.12 22.03 55.40
N TYR I 257 17.96 21.16 55.95
CA TYR I 257 17.87 20.75 57.35
C TYR I 257 19.21 20.99 58.02
N GLN I 258 19.21 21.76 59.11
CA GLN I 258 20.42 22.06 59.86
C GLN I 258 20.69 20.89 60.80
N VAL I 259 21.40 19.89 60.29
CA VAL I 259 21.67 18.67 61.03
C VAL I 259 23.02 18.82 61.73
N PHE I 260 22.98 18.96 63.05
CA PHE I 260 24.19 19.03 63.87
C PHE I 260 24.19 17.87 64.85
N VAL I 261 25.32 17.18 64.95
CA VAL I 261 25.45 16.03 65.84
C VAL I 261 25.55 16.54 67.27
N THR I 262 24.67 16.04 68.14
CA THR I 262 24.65 16.40 69.55
C THR I 262 24.90 15.15 70.39
N GLU I 263 25.80 15.27 71.36
CA GLU I 263 26.10 14.13 72.22
C GLU I 263 24.89 13.80 73.10
N PRO I 264 24.71 12.53 73.46
CA PRO I 264 23.58 12.18 74.33
C PRO I 264 23.64 12.91 75.66
N VAL I 265 22.48 13.29 76.16
CA VAL I 265 22.38 14.00 77.44
C VAL I 265 21.28 13.37 78.28
N PHE J 1 -11.83 -37.13 -2.58
CA PHE J 1 -13.00 -36.94 -3.43
C PHE J 1 -14.10 -36.22 -2.65
N GLU J 2 -14.97 -35.53 -3.38
CA GLU J 2 -16.04 -34.73 -2.79
C GLU J 2 -17.40 -35.32 -3.15
N HIS J 3 -18.27 -35.45 -2.16
CA HIS J 3 -19.61 -35.99 -2.35
C HIS J 3 -20.63 -35.10 -1.64
N ALA J 4 -21.80 -34.94 -2.26
CA ALA J 4 -22.84 -34.08 -1.74
C ALA J 4 -24.03 -34.93 -1.28
N THR J 5 -24.63 -34.52 -0.16
CA THR J 5 -25.76 -35.27 0.39
C THR J 5 -26.58 -34.36 1.29
N THR J 6 -27.88 -34.62 1.36
CA THR J 6 -28.79 -33.90 2.23
C THR J 6 -29.17 -34.77 3.42
N VAL J 7 -29.20 -34.16 4.60
CA VAL J 7 -29.49 -34.89 5.83
C VAL J 7 -30.58 -34.17 6.62
N PRO J 8 -31.48 -34.89 7.29
CA PRO J 8 -32.46 -34.21 8.15
C PRO J 8 -31.79 -33.60 9.38
N ASN J 9 -32.40 -32.53 9.88
CA ASN J 9 -31.96 -31.90 11.12
C ASN J 9 -32.57 -32.69 12.27
N VAL J 10 -31.77 -33.55 12.90
CA VAL J 10 -32.27 -34.39 13.98
C VAL J 10 -31.09 -35.10 14.64
N PRO J 11 -31.08 -35.28 15.96
CA PRO J 11 -30.00 -36.01 16.61
C PRO J 11 -30.25 -37.50 16.67
N GLY J 12 -29.16 -38.25 16.78
CA GLY J 12 -29.24 -39.69 16.90
C GLY J 12 -29.88 -40.37 15.70
N ILE J 13 -29.64 -39.83 14.51
CA ILE J 13 -30.20 -40.39 13.28
C ILE J 13 -29.06 -40.58 12.28
N PRO J 14 -28.25 -41.62 12.41
CA PRO J 14 -27.17 -41.83 11.44
C PRO J 14 -27.73 -41.99 10.04
N TYR J 15 -27.01 -41.40 9.07
CA TYR J 15 -27.36 -41.50 7.66
C TYR J 15 -26.20 -42.12 6.91
N LYS J 16 -26.50 -43.11 6.06
CA LYS J 16 -25.48 -43.88 5.37
C LYS J 16 -25.51 -43.57 3.88
N ALA J 17 -24.33 -43.51 3.27
CA ALA J 17 -24.21 -43.18 1.86
C ALA J 17 -23.01 -43.89 1.28
N LEU J 18 -22.90 -43.84 -0.05
CA LEU J 18 -21.81 -44.48 -0.78
C LEU J 18 -21.26 -43.50 -1.81
N VAL J 19 -19.99 -43.70 -2.17
CA VAL J 19 -19.31 -42.91 -3.19
C VAL J 19 -18.88 -43.85 -4.30
N GLU J 20 -19.25 -43.51 -5.53
CA GLU J 20 -18.96 -44.35 -6.69
C GLU J 20 -17.77 -43.78 -7.45
N ARG J 21 -16.70 -44.57 -7.53
CA ARG J 21 -15.51 -44.21 -8.31
C ARG J 21 -15.02 -45.43 -9.05
N ALA J 22 -14.73 -45.27 -10.34
CA ALA J 22 -14.31 -46.40 -11.15
C ALA J 22 -13.01 -47.00 -10.61
N GLY J 23 -13.01 -48.32 -10.44
CA GLY J 23 -11.86 -49.03 -9.93
C GLY J 23 -11.68 -48.95 -8.43
N TYR J 24 -12.57 -48.27 -7.71
CA TYR J 24 -12.54 -48.18 -6.26
C TYR J 24 -13.80 -48.80 -5.69
N ALA J 25 -13.63 -49.64 -4.68
CA ALA J 25 -14.79 -50.23 -4.03
C ALA J 25 -15.64 -49.14 -3.40
N PRO J 26 -16.97 -49.24 -3.50
CA PRO J 26 -17.82 -48.19 -2.90
C PRO J 26 -17.56 -48.09 -1.40
N LEU J 27 -17.31 -46.87 -0.94
CA LEU J 27 -16.89 -46.63 0.44
C LEU J 27 -18.10 -46.22 1.28
N ASN J 28 -18.37 -46.99 2.33
CA ASN J 28 -19.44 -46.62 3.25
C ASN J 28 -19.11 -45.31 3.94
N LEU J 29 -20.10 -44.43 4.04
CA LEU J 29 -19.95 -43.16 4.73
C LEU J 29 -21.12 -42.98 5.69
N GLU J 30 -20.83 -42.89 6.97
CA GLU J 30 -21.84 -42.69 8.00
C GLU J 30 -21.73 -41.27 8.52
N ILE J 31 -22.85 -40.56 8.58
CA ILE J 31 -22.87 -39.18 9.06
C ILE J 31 -23.87 -39.08 10.20
N THR J 32 -23.45 -38.49 11.31
CA THR J 32 -24.30 -38.33 12.48
C THR J 32 -24.25 -36.88 12.94
N VAL J 33 -25.43 -36.28 13.14
CA VAL J 33 -25.55 -34.95 13.71
C VAL J 33 -25.66 -35.13 15.22
N VAL J 34 -24.54 -34.92 15.92
CA VAL J 34 -24.53 -35.23 17.35
C VAL J 34 -25.50 -34.34 18.10
N SER J 35 -25.54 -33.05 17.76
CA SER J 35 -26.43 -32.11 18.44
C SER J 35 -26.51 -30.83 17.61
N SER J 36 -27.42 -29.96 18.01
CA SER J 36 -27.61 -28.67 17.37
C SER J 36 -27.27 -27.55 18.34
N GLU J 37 -26.90 -26.39 17.80
CA GLU J 37 -26.56 -25.23 18.62
C GLU J 37 -26.97 -23.98 17.86
N LEU J 38 -28.16 -23.48 18.17
CA LEU J 38 -28.68 -22.25 17.57
C LEU J 38 -28.33 -21.08 18.49
N THR J 39 -27.37 -20.27 18.08
CA THR J 39 -26.90 -19.13 18.86
C THR J 39 -27.22 -17.83 18.13
N PRO J 40 -28.10 -16.98 18.66
CA PRO J 40 -28.40 -15.71 18.00
C PRO J 40 -27.54 -14.57 18.55
N SER J 41 -27.67 -13.42 17.90
CA SER J 41 -27.01 -12.20 18.32
C SER J 41 -27.99 -11.34 19.11
N THR J 42 -27.58 -10.92 20.30
CA THR J 42 -28.45 -10.16 21.19
C THR J 42 -27.69 -9.00 21.80
N ASN J 43 -28.44 -8.00 22.24
CA ASN J 43 -27.88 -6.80 22.84
C ASN J 43 -28.60 -6.53 24.15
N LYS J 44 -27.84 -6.12 25.17
CA LYS J 44 -28.40 -5.81 26.48
C LYS J 44 -29.08 -4.44 26.43
N GLU J 45 -30.36 -4.41 26.81
CA GLU J 45 -31.14 -3.17 26.78
C GLU J 45 -31.16 -2.49 28.15
N TYR J 46 -31.64 -3.19 29.17
CA TYR J 46 -31.66 -2.65 30.53
C TYR J 46 -32.03 -3.77 31.49
N VAL J 47 -32.14 -3.41 32.77
CA VAL J 47 -32.40 -4.35 33.85
C VAL J 47 -33.54 -3.81 34.71
N THR J 48 -34.23 -4.72 35.38
CA THR J 48 -35.34 -4.36 36.26
C THR J 48 -35.39 -5.35 37.41
N CYS J 49 -36.01 -4.92 38.50
CA CYS J 49 -36.06 -5.69 39.74
C CYS J 49 -36.90 -4.92 40.75
N LYS J 50 -37.30 -5.61 41.81
CA LYS J 50 -38.07 -4.97 42.86
C LYS J 50 -37.27 -3.82 43.46
N PHE J 51 -37.95 -2.70 43.67
CA PHE J 51 -37.32 -1.47 44.14
C PHE J 51 -37.65 -1.24 45.61
N HIS J 52 -37.19 -0.09 46.11
CA HIS J 52 -37.51 0.35 47.46
C HIS J 52 -37.59 1.87 47.46
N THR J 53 -38.67 2.40 48.04
CA THR J 53 -38.83 3.84 48.12
C THR J 53 -37.91 4.42 49.19
N VAL J 54 -37.47 5.65 48.96
CA VAL J 54 -36.61 6.36 49.88
C VAL J 54 -37.47 7.30 50.71
N VAL J 55 -37.31 7.25 52.02
CA VAL J 55 -38.09 8.07 52.95
C VAL J 55 -37.10 8.84 53.81
N PRO J 56 -36.43 9.85 53.27
CA PRO J 56 -35.41 10.57 54.04
C PRO J 56 -36.04 11.48 55.08
N SER J 57 -35.19 11.95 55.99
CA SER J 57 -35.67 12.84 57.04
C SER J 57 -36.20 14.12 56.42
N PRO J 58 -37.43 14.53 56.75
CA PRO J 58 -37.98 15.75 56.15
C PRO J 58 -37.29 17.00 56.68
N GLN J 59 -37.38 18.07 55.89
CA GLN J 59 -36.84 19.36 56.27
C GLN J 59 -37.92 20.17 56.96
N VAL J 60 -37.57 20.81 58.06
CA VAL J 60 -38.51 21.63 58.84
C VAL J 60 -37.93 23.02 58.97
N LYS J 61 -38.65 24.01 58.45
CA LYS J 61 -38.33 25.41 58.68
C LYS J 61 -39.37 25.98 59.63
N CYS J 62 -38.89 26.49 60.77
CA CYS J 62 -39.76 26.86 61.87
C CYS J 62 -40.13 28.34 61.77
N CYS J 63 -41.43 28.60 61.66
CA CYS J 63 -41.99 29.92 61.78
C CYS J 63 -41.47 30.84 60.67
N GLY J 64 -41.12 30.23 59.53
CA GLY J 64 -40.56 30.95 58.40
C GLY J 64 -41.01 30.34 57.08
N SER J 65 -40.18 30.48 56.05
CA SER J 65 -40.54 30.04 54.71
C SER J 65 -39.45 29.14 54.14
N LEU J 66 -39.78 28.43 53.06
CA LEU J 66 -38.85 27.59 52.34
C LEU J 66 -39.47 27.22 50.99
N GLU J 67 -38.64 26.75 50.07
CA GLU J 67 -39.05 26.43 48.71
C GLU J 67 -38.57 25.04 48.32
N CYS J 68 -39.34 24.37 47.48
CA CYS J 68 -38.97 23.03 47.02
C CYS J 68 -37.83 23.11 46.02
N LYS J 69 -37.03 22.04 45.99
CA LYS J 69 -35.95 21.89 45.03
C LYS J 69 -35.95 20.46 44.51
N ALA J 70 -35.74 20.30 43.21
CA ALA J 70 -35.72 18.97 42.61
C ALA J 70 -34.40 18.27 42.95
N SER J 71 -34.31 16.99 42.54
CA SER J 71 -33.13 16.20 42.78
C SER J 71 -32.92 15.26 41.60
N SER J 72 -31.65 15.00 41.27
CA SER J 72 -31.31 14.17 40.12
C SER J 72 -31.70 12.72 40.32
N LYS J 73 -32.07 12.31 41.53
CA LYS J 73 -32.43 10.92 41.78
C LYS J 73 -33.63 10.51 40.92
N ALA J 74 -33.61 9.26 40.47
CA ALA J 74 -34.66 8.78 39.58
C ALA J 74 -36.01 8.77 40.29
N ASP J 75 -37.06 9.11 39.54
CA ASP J 75 -38.43 9.09 40.04
C ASP J 75 -38.55 9.92 41.32
N TYR J 76 -37.88 11.07 41.33
CA TYR J 76 -37.87 11.94 42.50
C TYR J 76 -39.18 12.71 42.63
N THR J 77 -39.52 13.05 43.86
CA THR J 77 -40.72 13.82 44.16
C THR J 77 -40.43 14.74 45.34
N CYS J 78 -41.02 15.93 45.30
CA CYS J 78 -40.77 16.95 46.31
C CYS J 78 -42.04 17.79 46.48
N ARG J 79 -42.27 18.29 47.69
CA ARG J 79 -43.43 19.13 47.92
C ARG J 79 -43.35 19.76 49.31
N VAL J 80 -43.82 21.01 49.39
CA VAL J 80 -43.82 21.76 50.63
C VAL J 80 -45.19 21.65 51.28
N PHE J 81 -45.27 22.01 52.55
CA PHE J 81 -46.55 22.08 53.24
C PHE J 81 -46.45 23.04 54.41
N GLY J 82 -47.33 24.04 54.43
CA GLY J 82 -47.38 24.98 55.53
C GLY J 82 -48.37 24.56 56.59
N GLY J 83 -48.36 25.31 57.70
CA GLY J 83 -49.23 24.97 58.82
C GLY J 83 -48.98 23.59 59.37
N VAL J 84 -47.71 23.17 59.40
CA VAL J 84 -47.40 21.84 59.90
C VAL J 84 -47.73 21.73 61.38
N TYR J 85 -47.83 20.50 61.86
CA TYR J 85 -48.17 20.19 63.25
C TYR J 85 -47.12 19.23 63.79
N PRO J 86 -45.89 19.73 64.02
CA PRO J 86 -44.78 18.83 64.39
C PRO J 86 -44.86 18.43 65.86
N PHE J 87 -44.80 17.13 66.12
CA PHE J 87 -44.73 16.58 67.46
C PHE J 87 -43.82 15.37 67.43
N MET J 88 -43.30 15.00 68.60
CA MET J 88 -42.38 13.89 68.72
C MET J 88 -42.36 13.50 70.19
N TRP J 89 -41.72 12.36 70.48
CA TRP J 89 -41.60 11.93 71.87
C TRP J 89 -40.99 13.04 72.71
N GLY J 90 -40.02 13.75 72.16
CA GLY J 90 -39.46 14.91 72.81
C GLY J 90 -40.38 16.11 72.81
N GLY J 91 -41.42 16.08 71.97
CA GLY J 91 -42.47 17.08 71.98
C GLY J 91 -42.46 17.94 70.73
N ALA J 92 -43.15 19.07 70.85
CA ALA J 92 -43.18 20.03 69.75
C ALA J 92 -41.75 20.37 69.35
N GLN J 93 -41.36 19.97 68.14
CA GLN J 93 -39.97 20.10 67.75
C GLN J 93 -39.51 21.55 67.82
N CYS J 94 -40.29 22.46 67.26
CA CYS J 94 -40.04 23.89 67.40
C CYS J 94 -41.37 24.60 67.61
N PHE J 95 -41.28 25.89 67.91
CA PHE J 95 -42.43 26.64 68.44
C PHE J 95 -42.70 27.88 67.60
N CYS J 96 -43.93 27.99 67.10
CA CYS J 96 -44.51 29.21 66.56
C CYS J 96 -45.96 28.88 66.27
N ASP J 97 -46.83 29.89 66.39
CA ASP J 97 -48.28 29.65 66.41
C ASP J 97 -48.74 29.22 65.01
N SER J 98 -48.40 27.98 64.68
CA SER J 98 -48.76 27.31 63.43
C SER J 98 -48.08 27.96 62.22
N GLU J 99 -47.08 28.82 62.43
CA GLU J 99 -46.45 29.51 61.32
C GLU J 99 -45.47 28.59 60.58
N ASN J 100 -44.98 27.54 61.25
CA ASN J 100 -43.91 26.72 60.69
C ASN J 100 -44.39 25.89 59.51
N THR J 101 -43.44 25.47 58.68
CA THR J 101 -43.72 24.68 57.49
C THR J 101 -42.64 23.61 57.33
N GLN J 102 -42.95 22.60 56.52
CA GLN J 102 -42.01 21.51 56.30
C GLN J 102 -42.00 21.12 54.83
N LEU J 103 -40.80 20.82 54.33
CA LEU J 103 -40.59 20.28 52.99
C LEU J 103 -40.34 18.78 53.09
N SER J 104 -41.05 18.01 52.26
CA SER J 104 -40.86 16.57 52.19
C SER J 104 -40.49 16.18 50.77
N GLU J 105 -39.76 15.08 50.65
CA GLU J 105 -39.34 14.58 49.35
C GLU J 105 -39.01 13.11 49.47
N ALA J 106 -38.96 12.44 48.32
CA ALA J 106 -38.68 11.01 48.29
C ALA J 106 -38.21 10.61 46.90
N TYR J 107 -37.56 9.46 46.83
CA TYR J 107 -37.15 8.86 45.56
C TYR J 107 -37.04 7.36 45.77
N VAL J 108 -36.54 6.65 44.75
CA VAL J 108 -36.54 5.20 44.72
C VAL J 108 -35.14 4.70 44.40
N GLU J 109 -34.86 3.47 44.83
CA GLU J 109 -33.58 2.83 44.50
C GLU J 109 -33.75 1.32 44.57
N PHE J 110 -32.96 0.61 43.77
CA PHE J 110 -33.06 -0.84 43.75
C PHE J 110 -32.59 -1.43 45.08
N ALA J 111 -33.34 -2.40 45.59
CA ALA J 111 -33.02 -3.01 46.86
C ALA J 111 -31.80 -3.91 46.74
N PRO J 112 -31.11 -4.18 47.85
CA PRO J 112 -29.92 -5.05 47.77
C PRO J 112 -30.21 -6.41 47.17
N ASP J 113 -31.36 -7.00 47.50
CA ASP J 113 -31.72 -8.30 46.93
C ASP J 113 -31.67 -8.28 45.41
N CYS J 114 -31.94 -7.10 44.83
CA CYS J 114 -31.94 -6.99 43.37
C CYS J 114 -30.64 -7.51 42.78
N THR J 115 -29.53 -7.33 43.51
CA THR J 115 -28.23 -7.78 43.07
C THR J 115 -28.29 -9.18 42.46
N ILE J 116 -29.14 -10.04 43.01
CA ILE J 116 -29.30 -11.40 42.53
C ILE J 116 -30.69 -11.66 41.95
N ASP J 117 -31.65 -10.77 42.17
CA ASP J 117 -32.99 -10.91 41.62
C ASP J 117 -33.17 -10.13 40.32
N HIS J 118 -32.07 -9.67 39.73
CA HIS J 118 -32.15 -8.83 38.54
C HIS J 118 -32.72 -9.62 37.36
N ALA J 119 -33.51 -8.92 36.54
CA ALA J 119 -34.05 -9.47 35.30
C ALA J 119 -33.68 -8.53 34.16
N VAL J 120 -33.08 -9.09 33.11
CA VAL J 120 -32.49 -8.31 32.03
C VAL J 120 -33.37 -8.44 30.79
N ALA J 121 -33.67 -7.30 30.16
CA ALA J 121 -34.43 -7.27 28.92
C ALA J 121 -33.47 -7.30 27.73
N LEU J 122 -33.66 -8.26 26.84
CA LEU J 122 -32.75 -8.51 25.74
C LEU J 122 -33.45 -8.33 24.39
N LYS J 123 -32.72 -7.72 23.47
CA LYS J 123 -33.13 -7.59 22.07
C LYS J 123 -32.24 -8.51 21.23
N VAL J 124 -32.86 -9.38 20.43
CA VAL J 124 -32.14 -10.43 19.74
C VAL J 124 -32.46 -10.38 18.25
N HIS J 125 -31.55 -10.94 17.46
CA HIS J 125 -31.68 -10.93 16.00
C HIS J 125 -30.69 -11.93 15.43
N THR J 126 -30.86 -12.21 14.13
CA THR J 126 -29.90 -12.97 13.33
C THR J 126 -29.49 -14.27 14.03
N ALA J 127 -30.46 -15.15 14.18
CA ALA J 127 -30.20 -16.47 14.73
C ALA J 127 -29.17 -17.21 13.87
N ALA J 128 -28.17 -17.79 14.52
CA ALA J 128 -27.11 -18.54 13.84
C ALA J 128 -27.04 -19.94 14.42
N LEU J 129 -26.88 -20.93 13.56
CA LEU J 129 -26.95 -22.34 13.94
C LEU J 129 -25.58 -22.99 13.79
N LYS J 130 -25.21 -23.78 14.79
CA LYS J 130 -23.94 -24.50 14.84
C LYS J 130 -24.23 -25.99 14.91
N VAL J 131 -23.60 -26.77 14.04
CA VAL J 131 -23.88 -28.20 13.92
C VAL J 131 -22.59 -28.98 14.14
N GLY J 132 -22.67 -30.01 14.97
CA GLY J 132 -21.58 -30.94 15.17
C GLY J 132 -21.83 -32.23 14.43
N LEU J 133 -20.90 -32.59 13.55
CA LEU J 133 -21.02 -33.77 12.71
C LEU J 133 -19.90 -34.76 13.04
N ARG J 134 -20.27 -36.03 13.08
CA ARG J 134 -19.31 -37.12 13.20
C ARG J 134 -19.45 -38.01 11.97
N ILE J 135 -18.33 -38.27 11.29
CA ILE J 135 -18.33 -38.97 10.02
C ILE J 135 -17.41 -40.18 10.13
N VAL J 136 -17.95 -41.35 9.77
CA VAL J 136 -17.19 -42.60 9.77
C VAL J 136 -17.00 -43.04 8.33
N TYR J 137 -15.75 -43.28 7.96
CA TYR J 137 -15.39 -43.76 6.64
C TYR J 137 -14.23 -44.74 6.76
N GLY J 138 -14.36 -45.90 6.13
CA GLY J 138 -13.30 -46.89 6.18
C GLY J 138 -12.96 -47.28 7.61
N ASN J 139 -13.99 -47.55 8.42
CA ASN J 139 -13.85 -47.78 9.85
C ASN J 139 -12.83 -46.83 10.47
N THR J 140 -12.95 -45.55 10.11
CA THR J 140 -12.19 -44.47 10.72
C THR J 140 -13.15 -43.33 11.03
N THR J 141 -13.12 -42.85 12.27
CA THR J 141 -14.06 -41.84 12.75
C THR J 141 -13.37 -40.49 12.82
N ALA J 142 -13.96 -39.48 12.19
CA ALA J 142 -13.50 -38.11 12.26
C ALA J 142 -14.67 -37.22 12.68
N ARG J 143 -14.34 -36.02 13.14
CA ARG J 143 -15.32 -35.11 13.73
C ARG J 143 -15.14 -33.71 13.17
N LEU J 144 -16.21 -32.92 13.23
CA LEU J 144 -16.09 -31.50 12.98
C LEU J 144 -17.28 -30.79 13.61
N ASP J 145 -17.11 -29.48 13.81
CA ASP J 145 -18.16 -28.61 14.31
C ASP J 145 -18.14 -27.33 13.49
N THR J 146 -19.23 -27.07 12.77
CA THR J 146 -19.23 -25.97 11.80
C THR J 146 -20.50 -25.14 11.94
N PHE J 147 -20.36 -23.85 11.67
CA PHE J 147 -21.52 -22.98 11.51
C PHE J 147 -22.36 -23.47 10.34
N VAL J 148 -23.69 -23.33 10.48
CA VAL J 148 -24.59 -23.86 9.48
C VAL J 148 -24.38 -23.22 8.12
N ASN J 149 -23.71 -22.07 8.07
CA ASN J 149 -23.47 -21.40 6.80
C ASN J 149 -22.72 -22.32 5.85
N GLY J 150 -22.89 -22.08 4.55
CA GLY J 150 -22.27 -22.88 3.53
C GLY J 150 -21.01 -22.28 2.96
N VAL J 151 -20.37 -21.37 3.71
CA VAL J 151 -19.21 -20.63 3.22
C VAL J 151 -18.03 -20.71 4.15
N THR J 152 -18.16 -21.36 5.32
CA THR J 152 -17.08 -21.45 6.31
C THR J 152 -16.85 -22.90 6.69
N PRO J 153 -16.11 -23.66 5.88
CA PRO J 153 -15.75 -25.02 6.28
C PRO J 153 -14.92 -25.00 7.55
N GLY J 154 -15.12 -26.02 8.39
CA GLY J 154 -14.41 -26.12 9.64
C GLY J 154 -13.05 -26.78 9.49
N SER J 155 -12.35 -26.90 10.61
CA SER J 155 -11.02 -27.49 10.66
C SER J 155 -11.05 -28.75 11.51
N SER J 156 -10.67 -29.87 10.90
CA SER J 156 -10.52 -31.14 11.61
C SER J 156 -9.60 -32.02 10.78
N ARG J 157 -8.40 -32.28 11.29
CA ARG J 157 -7.32 -32.88 10.52
C ARG J 157 -6.88 -31.97 9.38
N ASP J 158 -7.21 -30.67 9.45
CA ASP J 158 -7.03 -29.74 8.34
C ASP J 158 -7.91 -30.14 7.15
N LEU J 159 -9.11 -30.64 7.46
CA LEU J 159 -10.09 -31.05 6.46
C LEU J 159 -11.19 -30.01 6.39
N LYS J 160 -11.53 -29.58 5.17
CA LYS J 160 -12.56 -28.57 4.95
C LYS J 160 -13.87 -29.27 4.64
N VAL J 161 -14.86 -29.12 5.52
CA VAL J 161 -16.18 -29.69 5.35
C VAL J 161 -17.22 -28.59 5.55
N ILE J 162 -18.16 -28.49 4.61
CA ILE J 162 -19.15 -27.42 4.61
C ILE J 162 -20.54 -28.03 4.75
N ALA J 163 -21.46 -27.25 5.31
CA ALA J 163 -22.83 -27.69 5.50
C ALA J 163 -23.77 -26.50 5.35
N GLY J 164 -25.03 -26.80 5.06
CA GLY J 164 -26.05 -25.78 4.92
C GLY J 164 -25.94 -25.04 3.60
N PRO J 165 -26.69 -23.95 3.47
CA PRO J 165 -27.60 -23.34 4.45
C PRO J 165 -28.87 -24.16 4.66
N ILE J 166 -29.67 -23.81 5.66
CA ILE J 166 -30.86 -24.61 5.98
C ILE J 166 -31.90 -24.44 4.89
N SER J 167 -32.73 -25.47 4.72
CA SER J 167 -33.85 -25.35 3.78
C SER J 167 -34.82 -24.27 4.23
N ALA J 168 -35.10 -24.21 5.54
CA ALA J 168 -35.97 -23.18 6.10
C ALA J 168 -35.33 -22.66 7.39
N ALA J 169 -35.71 -21.44 7.74
CA ALA J 169 -35.18 -20.78 8.94
C ALA J 169 -36.18 -20.92 10.07
N PHE J 170 -35.71 -21.42 11.21
CA PHE J 170 -36.53 -21.60 12.41
C PHE J 170 -35.81 -20.99 13.60
N SER J 171 -36.56 -20.27 14.42
CA SER J 171 -36.00 -19.67 15.63
C SER J 171 -37.10 -19.45 16.66
N PRO J 172 -37.09 -20.17 17.79
CA PRO J 172 -38.12 -19.93 18.80
C PRO J 172 -38.05 -18.53 19.40
N PHE J 173 -36.88 -17.92 19.40
CA PHE J 173 -36.71 -16.61 20.00
C PHE J 173 -37.45 -15.55 19.20
N ASP J 174 -37.96 -14.54 19.93
CA ASP J 174 -38.62 -13.38 19.34
C ASP J 174 -37.74 -12.15 19.52
N HIS J 175 -38.10 -11.09 18.81
CA HIS J 175 -37.29 -9.86 18.85
C HIS J 175 -37.03 -9.42 20.28
N LYS J 176 -38.05 -9.44 21.13
CA LYS J 176 -37.96 -9.01 22.52
C LYS J 176 -38.01 -10.23 23.43
N VAL J 177 -37.14 -10.26 24.45
CA VAL J 177 -37.12 -11.36 25.41
C VAL J 177 -36.66 -10.82 26.75
N VAL J 178 -36.86 -11.60 27.81
CA VAL J 178 -36.35 -11.26 29.14
C VAL J 178 -35.73 -12.50 29.75
N ILE J 179 -34.73 -12.29 30.60
CA ILE J 179 -34.06 -13.37 31.32
C ILE J 179 -34.09 -13.04 32.81
N ARG J 180 -34.48 -14.02 33.62
CA ARG J 180 -34.61 -13.82 35.06
C ARG J 180 -34.37 -15.15 35.77
N LYS J 181 -33.33 -15.19 36.61
CA LYS J 181 -33.05 -16.35 37.44
C LYS J 181 -32.95 -17.62 36.59
N GLY J 182 -32.30 -17.50 35.44
CA GLY J 182 -32.11 -18.65 34.56
C GLY J 182 -33.33 -19.08 33.79
N LEU J 183 -34.40 -18.28 33.79
CA LEU J 183 -35.60 -18.55 33.03
C LEU J 183 -35.79 -17.48 31.97
N VAL J 184 -36.05 -17.90 30.74
CA VAL J 184 -36.24 -16.99 29.62
C VAL J 184 -37.72 -16.87 29.32
N TYR J 185 -38.20 -15.63 29.16
CA TYR J 185 -39.61 -15.36 28.94
C TYR J 185 -39.77 -14.49 27.69
N ASN J 186 -40.67 -14.90 26.81
CA ASN J 186 -40.95 -14.17 25.57
C ASN J 186 -41.98 -13.08 25.88
N TYR J 187 -41.57 -11.82 25.77
CA TYR J 187 -42.45 -10.70 26.07
C TYR J 187 -41.91 -9.46 25.40
N ASP J 188 -42.82 -8.56 25.02
CA ASP J 188 -42.46 -7.30 24.39
C ASP J 188 -42.24 -6.27 25.49
N PHE J 189 -41.02 -6.23 26.01
CA PHE J 189 -40.71 -5.32 27.10
C PHE J 189 -40.80 -3.88 26.62
N PRO J 190 -41.25 -2.95 27.47
CA PRO J 190 -41.26 -1.54 27.08
C PRO J 190 -39.84 -1.04 26.77
N GLU J 191 -39.76 -0.15 25.79
CA GLU J 191 -38.47 0.38 25.37
C GLU J 191 -37.85 1.21 26.48
N TYR J 192 -36.51 1.27 26.47
CA TYR J 192 -35.79 2.04 27.46
C TYR J 192 -36.23 3.50 27.44
N GLY J 193 -36.33 4.10 28.62
CA GLY J 193 -36.82 5.45 28.75
C GLY J 193 -38.32 5.60 28.79
N ALA J 194 -39.06 4.50 28.72
CA ALA J 194 -40.52 4.50 28.79
C ALA J 194 -40.94 3.94 30.14
N MET J 195 -41.50 4.81 30.98
CA MET J 195 -41.93 4.43 32.32
C MET J 195 -43.46 4.39 32.36
N ASN J 196 -44.01 3.25 32.75
CA ASN J 196 -45.45 3.06 32.85
C ASN J 196 -45.77 2.39 34.18
N PRO J 197 -46.32 3.10 35.16
CA PRO J 197 -46.55 2.48 36.47
C PRO J 197 -47.45 1.26 36.36
N GLY J 198 -47.19 0.29 37.22
CA GLY J 198 -47.95 -0.96 37.21
C GLY J 198 -47.72 -1.79 35.96
N ALA J 199 -46.47 -1.92 35.54
CA ALA J 199 -46.15 -2.68 34.34
C ALA J 199 -44.75 -3.26 34.49
N PHE J 200 -44.44 -4.21 33.61
CA PHE J 200 -43.10 -4.80 33.60
C PHE J 200 -42.06 -3.76 33.26
N GLY J 201 -40.88 -3.89 33.87
CA GLY J 201 -39.79 -2.96 33.61
C GLY J 201 -40.09 -1.55 34.02
N ASP J 202 -40.79 -1.37 35.15
CA ASP J 202 -41.06 -0.02 35.64
C ASP J 202 -39.77 0.70 36.00
N ILE J 203 -38.83 0.00 36.61
CA ILE J 203 -37.52 0.54 36.96
C ILE J 203 -36.52 0.03 35.94
N GLN J 204 -35.79 0.96 35.32
CA GLN J 204 -34.86 0.63 34.25
C GLN J 204 -33.51 1.24 34.54
N ALA J 205 -32.45 0.52 34.16
CA ALA J 205 -31.08 0.98 34.39
C ALA J 205 -30.17 0.37 33.32
N SER J 206 -29.17 1.13 32.91
CA SER J 206 -28.21 0.63 31.93
C SER J 206 -27.44 -0.57 32.48
N SER J 207 -27.05 -0.49 33.75
CA SER J 207 -26.33 -1.58 34.41
C SER J 207 -26.90 -1.76 35.82
N LEU J 208 -26.56 -2.90 36.43
CA LEU J 208 -27.09 -3.20 37.75
C LEU J 208 -26.64 -2.18 38.78
N ASP J 209 -25.38 -1.76 38.71
CA ASP J 209 -24.79 -0.84 39.68
C ASP J 209 -24.56 0.54 39.04
N ALA J 210 -25.50 0.99 38.23
CA ALA J 210 -25.42 2.30 37.62
C ALA J 210 -25.93 3.37 38.57
N THR J 211 -25.10 4.39 38.82
CA THR J 211 -25.54 5.49 39.68
C THR J 211 -26.69 6.26 39.02
N ASP J 212 -26.64 6.43 37.69
CA ASP J 212 -27.69 7.13 36.98
C ASP J 212 -28.84 6.18 36.67
N ILE J 213 -30.05 6.58 37.08
CA ILE J 213 -31.25 5.77 36.88
C ILE J 213 -32.37 6.69 36.39
N VAL J 214 -33.35 6.08 35.74
CA VAL J 214 -34.56 6.77 35.31
C VAL J 214 -35.75 5.88 35.60
N ALA J 215 -36.80 6.46 36.18
CA ALA J 215 -37.99 5.71 36.53
C ALA J 215 -39.13 6.67 36.85
N ARG J 216 -40.35 6.17 36.70
CA ARG J 216 -41.56 6.90 37.08
C ARG J 216 -42.60 5.89 37.52
N THR J 217 -43.08 6.02 38.76
CA THR J 217 -44.06 5.09 39.29
C THR J 217 -45.16 5.80 40.07
N ASP J 218 -45.43 7.06 39.73
CA ASP J 218 -46.60 7.80 40.23
C ASP J 218 -46.61 7.87 41.76
N ILE J 219 -45.60 8.57 42.29
CA ILE J 219 -45.53 8.86 43.71
C ILE J 219 -46.15 10.21 43.96
N ARG J 220 -47.08 10.27 44.93
CA ARG J 220 -47.74 11.51 45.34
C ARG J 220 -47.58 11.67 46.84
N LEU J 221 -47.15 12.85 47.27
CA LEU J 221 -46.99 13.14 48.68
C LEU J 221 -48.34 13.47 49.32
N LEU J 222 -48.49 13.10 50.58
CA LEU J 222 -49.67 13.42 51.36
C LEU J 222 -49.32 14.44 52.44
N LYS J 223 -50.26 15.35 52.69
CA LYS J 223 -50.06 16.39 53.68
C LYS J 223 -49.97 15.79 55.08
N PRO J 224 -49.16 16.38 55.96
CA PRO J 224 -49.15 15.91 57.36
C PRO J 224 -50.54 15.96 57.95
N SER J 225 -50.90 14.90 58.67
CA SER J 225 -52.28 14.74 59.13
C SER J 225 -52.39 14.20 60.56
N VAL J 226 -51.30 14.19 61.33
CA VAL J 226 -51.29 13.60 62.67
C VAL J 226 -50.47 14.47 63.60
N LYS J 227 -50.45 14.08 64.87
CA LYS J 227 -49.69 14.83 65.87
C LYS J 227 -48.21 14.87 65.53
N ASN J 228 -47.61 13.72 65.31
CA ASN J 228 -46.16 13.63 65.18
C ASN J 228 -45.71 14.00 63.78
N ILE J 229 -44.39 14.08 63.61
CA ILE J 229 -43.80 14.31 62.30
C ILE J 229 -43.84 13.00 61.53
N HIS J 230 -44.46 13.03 60.35
CA HIS J 230 -44.61 11.83 59.54
C HIS J 230 -44.79 12.24 58.09
N VAL J 231 -44.33 11.38 57.19
CA VAL J 231 -44.40 11.63 55.76
C VAL J 231 -45.21 10.50 55.11
N PRO J 232 -46.52 10.69 54.93
CA PRO J 232 -47.33 9.66 54.27
C PRO J 232 -47.11 9.69 52.76
N TYR J 233 -46.70 8.55 52.20
CA TYR J 233 -46.42 8.43 50.78
C TYR J 233 -47.35 7.39 50.18
N THR J 234 -47.89 7.70 49.00
CA THR J 234 -48.77 6.81 48.27
C THR J 234 -48.14 6.49 46.92
N GLN J 235 -48.08 5.21 46.59
CA GLN J 235 -47.45 4.77 45.34
C GLN J 235 -48.11 3.49 44.87
N ALA J 236 -48.05 3.27 43.56
CA ALA J 236 -48.59 2.04 42.98
C ALA J 236 -47.70 0.85 43.32
N VAL J 237 -48.29 -0.34 43.24
CA VAL J 237 -47.55 -1.55 43.53
C VAL J 237 -46.41 -1.72 42.53
N SER J 238 -45.31 -2.30 43.00
CA SER J 238 -44.16 -2.52 42.12
C SER J 238 -44.54 -3.44 40.97
N GLY J 239 -44.08 -3.07 39.76
CA GLY J 239 -44.40 -3.84 38.58
C GLY J 239 -43.63 -5.14 38.45
N TYR J 240 -42.48 -5.26 39.13
CA TYR J 240 -41.70 -6.50 39.04
C TYR J 240 -42.48 -7.67 39.62
N GLU J 241 -42.96 -7.53 40.86
CA GLU J 241 -43.79 -8.58 41.44
C GLU J 241 -45.06 -8.78 40.64
N MET J 242 -45.57 -7.72 40.02
CA MET J 242 -46.77 -7.86 39.19
C MET J 242 -46.52 -8.80 38.03
N TRP J 243 -45.46 -8.54 37.27
CA TRP J 243 -45.12 -9.43 36.16
C TRP J 243 -44.78 -10.82 36.66
N LYS J 244 -44.20 -10.91 37.86
CA LYS J 244 -43.88 -12.22 38.42
C LYS J 244 -45.12 -13.04 38.69
N ASN J 245 -46.18 -12.41 39.22
CA ASN J 245 -47.36 -13.15 39.62
C ASN J 245 -48.03 -13.84 38.42
N ASN J 246 -48.15 -13.12 37.31
CA ASN J 246 -48.84 -13.62 36.12
C ASN J 246 -47.93 -13.50 34.90
N SER J 247 -46.69 -13.92 35.05
CA SER J 247 -45.74 -13.90 33.94
C SER J 247 -46.08 -14.88 32.84
N GLY J 248 -46.96 -15.84 33.10
CA GLY J 248 -47.22 -16.90 32.16
C GLY J 248 -46.21 -18.03 32.30
N ARG J 249 -46.42 -19.07 31.50
CA ARG J 249 -45.51 -20.21 31.54
C ARG J 249 -44.19 -19.86 30.86
N PRO J 250 -43.11 -20.57 31.22
CA PRO J 250 -41.81 -20.27 30.61
C PRO J 250 -41.71 -20.82 29.21
N LEU J 251 -40.73 -20.29 28.47
CA LEU J 251 -40.52 -20.72 27.09
C LEU J 251 -40.16 -22.20 27.03
N GLN J 252 -39.58 -22.75 28.10
CA GLN J 252 -39.18 -24.15 28.09
C GLN J 252 -40.37 -25.06 27.81
N GLU J 253 -41.58 -24.61 28.14
CA GLU J 253 -42.79 -25.38 27.91
C GLU J 253 -43.56 -24.93 26.68
N THR J 254 -42.93 -24.11 25.83
CA THR J 254 -43.58 -23.61 24.61
C THR J 254 -42.72 -23.70 23.36
N ALA J 255 -41.44 -24.02 23.49
CA ALA J 255 -40.56 -24.03 22.32
C ALA J 255 -40.97 -25.15 21.37
N PRO J 256 -41.19 -24.87 20.09
CA PRO J 256 -41.46 -25.95 19.13
C PRO J 256 -40.23 -26.83 18.94
N PHE J 257 -40.48 -28.10 18.65
CA PHE J 257 -39.45 -29.11 18.42
C PHE J 257 -38.64 -29.41 19.68
N GLY J 258 -39.12 -28.99 20.85
CA GLY J 258 -38.42 -29.31 22.08
C GLY J 258 -37.02 -28.74 22.17
N CYS J 259 -36.84 -27.49 21.76
CA CYS J 259 -35.54 -26.86 21.88
C CYS J 259 -35.11 -26.84 23.34
N LYS J 260 -33.86 -27.24 23.58
CA LYS J 260 -33.28 -27.21 24.93
C LYS J 260 -32.51 -25.90 25.07
N ILE J 261 -33.07 -24.97 25.83
CA ILE J 261 -32.57 -23.60 25.87
C ILE J 261 -31.66 -23.44 27.08
N GLU J 262 -30.48 -22.86 26.87
CA GLU J 262 -29.53 -22.56 27.92
C GLU J 262 -29.31 -21.06 27.98
N VAL J 263 -29.05 -20.57 29.19
CA VAL J 263 -29.15 -19.13 29.48
C VAL J 263 -27.81 -18.42 29.30
N GLU J 264 -26.71 -18.99 29.79
CA GLU J 264 -25.45 -18.25 29.75
C GLU J 264 -25.03 -17.88 28.33
N PRO J 265 -25.38 -18.64 27.27
CA PRO J 265 -25.20 -18.10 25.92
C PRO J 265 -26.50 -17.53 25.37
N LEU J 266 -27.59 -17.74 26.09
CA LEU J 266 -28.93 -17.43 25.62
C LEU J 266 -29.18 -18.07 24.25
N ARG J 267 -28.97 -19.39 24.20
CA ARG J 267 -28.98 -20.12 22.94
C ARG J 267 -29.70 -21.44 23.11
N ALA J 268 -30.22 -21.95 22.00
CA ALA J 268 -30.91 -23.23 21.97
C ALA J 268 -29.96 -24.33 21.51
N THR J 269 -30.28 -25.56 21.90
CA THR J 269 -29.48 -26.72 21.52
C THR J 269 -30.38 -27.94 21.49
N ASN J 270 -29.90 -28.98 20.79
CA ASN J 270 -30.61 -30.25 20.70
C ASN J 270 -32.03 -30.07 20.17
N CYS J 271 -32.22 -29.15 19.23
CA CYS J 271 -33.52 -28.85 18.65
C CYS J 271 -33.49 -29.23 17.18
N ALA J 272 -34.48 -30.00 16.74
CA ALA J 272 -34.46 -30.65 15.43
C ALA J 272 -35.57 -30.09 14.55
N TYR J 273 -35.18 -29.56 13.38
CA TYR J 273 -36.13 -29.19 12.35
C TYR J 273 -35.37 -28.81 11.10
N GLY J 274 -35.91 -29.19 9.93
CA GLY J 274 -35.35 -28.79 8.66
C GLY J 274 -34.39 -29.81 8.06
N HIS J 275 -33.92 -29.48 6.86
CA HIS J 275 -32.92 -30.26 6.14
C HIS J 275 -31.65 -29.46 5.99
N ILE J 276 -30.53 -30.16 5.76
CA ILE J 276 -29.22 -29.55 5.61
C ILE J 276 -28.50 -30.21 4.43
N PRO J 277 -28.13 -29.48 3.39
CA PRO J 277 -27.22 -30.03 2.38
C PRO J 277 -25.77 -29.83 2.78
N ILE J 278 -24.96 -30.85 2.50
CA ILE J 278 -23.56 -30.86 2.94
C ILE J 278 -22.71 -31.47 1.84
N SER J 279 -21.44 -31.04 1.80
CA SER J 279 -20.44 -31.60 0.92
C SER J 279 -19.27 -32.09 1.77
N ILE J 280 -18.90 -33.35 1.58
CA ILE J 280 -17.84 -34.01 2.35
C ILE J 280 -16.69 -34.32 1.40
N ASP J 281 -15.48 -33.89 1.78
CA ASP J 281 -14.28 -34.19 1.03
C ASP J 281 -13.50 -35.29 1.76
N ILE J 282 -13.12 -36.33 1.02
CA ILE J 282 -12.46 -37.49 1.57
C ILE J 282 -11.13 -37.66 0.86
N PRO J 283 -10.02 -37.91 1.56
CA PRO J 283 -8.74 -38.11 0.86
C PRO J 283 -8.79 -39.33 -0.05
N ASP J 284 -8.06 -39.24 -1.16
CA ASP J 284 -8.02 -40.36 -2.10
C ASP J 284 -7.37 -41.58 -1.46
N ALA J 285 -6.36 -41.37 -0.62
CA ALA J 285 -5.69 -42.50 0.03
C ALA J 285 -6.66 -43.35 0.83
N ALA J 286 -7.72 -42.74 1.38
CA ALA J 286 -8.70 -43.50 2.13
C ALA J 286 -9.40 -44.53 1.27
N PHE J 287 -9.54 -44.26 -0.02
CA PHE J 287 -10.19 -45.20 -0.93
C PHE J 287 -9.30 -46.42 -1.15
N VAL J 288 -9.94 -47.52 -1.53
CA VAL J 288 -9.27 -48.80 -1.78
C VAL J 288 -9.63 -49.27 -3.17
N ARG J 289 -8.63 -49.70 -3.93
CA ARG J 289 -8.87 -50.17 -5.29
C ARG J 289 -9.69 -51.45 -5.26
N SER J 290 -10.51 -51.64 -6.30
CA SER J 290 -11.33 -52.85 -6.39
C SER J 290 -10.48 -54.09 -6.61
N SER J 291 -9.22 -53.95 -7.02
CA SER J 291 -8.37 -55.10 -7.26
C SER J 291 -8.18 -55.92 -6.00
N GLU J 292 -7.91 -55.25 -4.88
CA GLU J 292 -7.72 -55.93 -3.60
C GLU J 292 -9.04 -56.20 -2.89
N SER J 293 -10.14 -55.60 -3.32
CA SER J 293 -11.42 -55.82 -2.68
C SER J 293 -11.88 -57.26 -2.89
N PRO J 294 -12.58 -57.85 -1.91
CA PRO J 294 -13.11 -59.20 -2.11
C PRO J 294 -14.07 -59.25 -3.28
N THR J 295 -14.04 -60.38 -3.99
CA THR J 295 -14.90 -60.60 -5.14
C THR J 295 -16.03 -61.54 -4.75
N ILE J 296 -17.26 -61.15 -5.08
CA ILE J 296 -18.45 -61.92 -4.72
C ILE J 296 -19.12 -62.40 -6.00
N LEU J 297 -19.94 -63.45 -5.86
CA LEU J 297 -20.55 -64.10 -7.00
C LEU J 297 -21.87 -64.73 -6.60
N GLU J 298 -22.87 -64.61 -7.48
CA GLU J 298 -24.15 -65.28 -7.34
C GLU J 298 -24.75 -65.08 -5.94
N VAL J 299 -25.07 -63.83 -5.64
CA VAL J 299 -25.67 -63.46 -4.37
C VAL J 299 -27.17 -63.41 -4.52
N SER J 300 -27.88 -63.66 -3.40
CA SER J 300 -29.33 -63.65 -3.40
C SER J 300 -29.83 -63.21 -2.03
N CYS J 301 -31.05 -62.68 -2.01
CA CYS J 301 -31.68 -62.14 -0.81
C CYS J 301 -32.80 -63.05 -0.34
N THR J 302 -33.22 -62.84 0.91
CA THR J 302 -34.37 -63.55 1.47
C THR J 302 -34.86 -62.79 2.68
N VAL J 303 -36.12 -62.39 2.66
CA VAL J 303 -36.75 -61.71 3.80
C VAL J 303 -37.35 -62.79 4.69
N ALA J 304 -36.62 -63.16 5.75
CA ALA J 304 -37.12 -64.17 6.67
C ALA J 304 -38.42 -63.73 7.30
N ASP J 305 -38.48 -62.48 7.76
CA ASP J 305 -39.70 -61.90 8.31
C ASP J 305 -39.46 -60.42 8.54
N CYS J 306 -40.49 -59.61 8.27
CA CYS J 306 -40.41 -58.17 8.51
C CYS J 306 -41.68 -57.70 9.20
N ILE J 307 -41.53 -56.61 9.95
CA ILE J 307 -42.62 -55.98 10.67
C ILE J 307 -42.61 -54.49 10.37
N TYR J 308 -43.78 -53.93 10.07
CA TYR J 308 -43.89 -52.50 9.82
C TYR J 308 -43.77 -51.72 11.12
N SER J 309 -42.60 -51.82 11.76
CA SER J 309 -42.39 -51.23 13.08
C SER J 309 -41.78 -49.84 12.95
N ALA J 310 -42.19 -48.95 13.86
CA ALA J 310 -41.58 -47.62 13.91
C ALA J 310 -40.10 -47.71 14.24
N ASP J 311 -39.73 -48.61 15.17
CA ASP J 311 -38.34 -48.80 15.54
C ASP J 311 -37.67 -49.76 14.56
N PHE J 312 -36.37 -49.96 14.72
CA PHE J 312 -35.60 -50.85 13.85
C PHE J 312 -35.90 -52.29 14.24
N GLY J 313 -36.80 -52.93 13.50
CA GLY J 313 -37.18 -54.29 13.79
C GLY J 313 -37.22 -55.19 12.58
N GLY J 314 -36.79 -54.68 11.42
CA GLY J 314 -36.80 -55.49 10.21
C GLY J 314 -35.56 -56.35 10.11
N SER J 315 -35.74 -57.55 9.56
CA SER J 315 -34.66 -58.51 9.43
C SER J 315 -34.57 -58.99 7.98
N LEU J 316 -33.37 -59.37 7.57
CA LEU J 316 -33.11 -59.80 6.21
C LEU J 316 -31.96 -60.80 6.23
N THR J 317 -31.81 -61.54 5.13
CA THR J 317 -30.70 -62.46 5.00
C THR J 317 -30.20 -62.46 3.56
N LEU J 318 -28.91 -62.74 3.38
CA LEU J 318 -28.30 -62.82 2.07
C LEU J 318 -27.38 -64.03 2.02
N GLN J 319 -27.33 -64.66 0.86
CA GLN J 319 -26.45 -65.81 0.62
C GLN J 319 -25.59 -65.49 -0.59
N TYR J 320 -24.27 -65.70 -0.47
CA TYR J 320 -23.32 -65.25 -1.47
C TYR J 320 -22.31 -66.34 -1.77
N LYS J 321 -21.75 -66.27 -2.98
CA LYS J 321 -20.62 -67.08 -3.39
C LYS J 321 -19.45 -66.15 -3.71
N ALA J 322 -18.26 -66.51 -3.25
CA ALA J 322 -17.10 -65.65 -3.41
C ALA J 322 -15.85 -66.50 -3.54
N ASN J 323 -14.73 -65.82 -3.80
CA ASN J 323 -13.44 -66.46 -3.96
C ASN J 323 -12.36 -65.91 -3.06
N ARG J 324 -12.56 -64.75 -2.44
CA ARG J 324 -11.54 -64.10 -1.63
C ARG J 324 -12.10 -63.79 -0.25
N GLU J 325 -11.25 -63.89 0.76
CA GLU J 325 -11.60 -63.59 2.13
C GLU J 325 -11.32 -62.12 2.44
N GLY J 326 -12.13 -61.55 3.31
CA GLY J 326 -11.96 -60.17 3.70
C GLY J 326 -13.29 -59.57 4.15
N HIS J 327 -13.41 -58.27 3.96
CA HIS J 327 -14.60 -57.51 4.34
C HIS J 327 -15.15 -56.75 3.14
N CYS J 328 -16.47 -56.70 3.03
CA CYS J 328 -17.13 -55.81 2.09
C CYS J 328 -18.23 -55.01 2.76
N PRO J 329 -18.55 -53.84 2.21
CA PRO J 329 -19.67 -53.05 2.72
C PRO J 329 -21.01 -53.58 2.19
N VAL J 330 -22.08 -53.11 2.82
CA VAL J 330 -23.45 -53.41 2.41
C VAL J 330 -24.25 -52.12 2.45
N HIS J 331 -25.11 -51.93 1.46
CA HIS J 331 -25.86 -50.68 1.37
C HIS J 331 -27.25 -50.95 0.79
N SER J 332 -28.11 -49.94 0.88
CA SER J 332 -29.44 -49.97 0.29
C SER J 332 -29.68 -48.63 -0.37
N HIS J 333 -29.73 -48.61 -1.71
CA HIS J 333 -29.95 -47.37 -2.43
C HIS J 333 -31.39 -46.90 -2.38
N SER J 334 -32.31 -47.71 -1.84
CA SER J 334 -33.69 -47.29 -1.65
C SER J 334 -33.81 -46.50 -0.35
N THR J 335 -34.27 -45.26 -0.46
CA THR J 335 -34.36 -44.40 0.72
C THR J 335 -35.39 -44.91 1.72
N THR J 336 -36.42 -45.61 1.25
CA THR J 336 -37.48 -46.06 2.15
C THR J 336 -36.97 -47.00 3.23
N ALA J 337 -35.82 -47.63 3.04
CA ALA J 337 -35.25 -48.57 3.99
C ALA J 337 -33.83 -48.17 4.33
N VAL J 338 -33.45 -48.43 5.58
CA VAL J 338 -32.12 -48.10 6.09
C VAL J 338 -31.57 -49.31 6.84
N LEU J 339 -30.30 -49.63 6.58
CA LEU J 339 -29.64 -50.78 7.20
C LEU J 339 -29.12 -50.36 8.58
N LYS J 340 -28.43 -51.28 9.25
CA LYS J 340 -27.86 -51.05 10.58
C LYS J 340 -26.34 -51.14 10.61
N GLU J 341 -25.75 -52.13 9.94
CA GLU J 341 -24.31 -52.29 9.85
C GLU J 341 -23.87 -52.16 8.41
N ALA J 342 -22.74 -51.49 8.20
CA ALA J 342 -22.32 -51.09 6.86
C ALA J 342 -21.44 -52.12 6.17
N THR J 343 -20.69 -52.92 6.92
CA THR J 343 -19.76 -53.86 6.32
C THR J 343 -19.71 -55.13 7.15
N THR J 344 -19.24 -56.21 6.52
CA THR J 344 -19.15 -57.50 7.16
C THR J 344 -18.13 -58.37 6.44
N HIS J 345 -17.73 -59.45 7.12
CA HIS J 345 -16.82 -60.43 6.53
C HIS J 345 -17.44 -61.08 5.30
N VAL J 346 -16.58 -61.71 4.51
CA VAL J 346 -17.01 -62.43 3.31
C VAL J 346 -16.26 -63.75 3.25
N THR J 347 -16.99 -64.83 3.00
CA THR J 347 -16.42 -66.17 2.84
C THR J 347 -16.75 -66.69 1.45
N ALA J 348 -16.21 -67.87 1.14
CA ALA J 348 -16.37 -68.42 -0.21
C ALA J 348 -17.84 -68.66 -0.55
N THR J 349 -18.60 -69.22 0.39
CA THR J 349 -20.01 -69.51 0.15
C THR J 349 -20.86 -69.20 1.38
N GLY J 350 -20.47 -68.19 2.15
CA GLY J 350 -21.19 -67.89 3.37
C GLY J 350 -22.49 -67.15 3.12
N SER J 351 -23.32 -67.12 4.17
CA SER J 351 -24.57 -66.38 4.16
C SER J 351 -24.73 -65.69 5.51
N ILE J 352 -25.16 -64.44 5.48
CA ILE J 352 -25.23 -63.60 6.67
C ILE J 352 -26.55 -62.86 6.73
N THR J 353 -26.99 -62.56 7.95
CA THR J 353 -28.22 -61.82 8.18
C THR J 353 -27.93 -60.33 8.35
N LEU J 354 -29.01 -59.55 8.40
CA LEU J 354 -28.91 -58.10 8.47
C LEU J 354 -30.13 -57.56 9.20
N HIS J 355 -29.92 -56.47 9.93
CA HIS J 355 -30.98 -55.75 10.62
C HIS J 355 -31.20 -54.40 9.92
N PHE J 356 -32.45 -54.00 9.79
CA PHE J 356 -32.80 -52.81 9.01
C PHE J 356 -34.14 -52.28 9.49
N SER J 357 -34.57 -51.18 8.88
CA SER J 357 -35.85 -50.56 9.17
C SER J 357 -36.41 -49.97 7.88
N THR J 358 -37.72 -49.75 7.87
CA THR J 358 -38.39 -49.22 6.69
C THR J 358 -39.54 -48.32 7.13
N SER J 359 -39.95 -47.44 6.22
CA SER J 359 -41.05 -46.52 6.46
C SER J 359 -42.30 -46.89 5.66
N SER J 360 -42.30 -48.04 4.99
CA SER J 360 -43.44 -48.49 4.21
C SER J 360 -43.66 -49.98 4.46
N PRO J 361 -44.91 -50.45 4.36
CA PRO J 361 -45.16 -51.89 4.53
C PRO J 361 -44.76 -52.72 3.33
N GLN J 362 -44.68 -52.13 2.14
CA GLN J 362 -44.25 -52.84 0.93
C GLN J 362 -42.72 -52.86 0.92
N ALA J 363 -42.16 -53.91 1.52
CA ALA J 363 -40.71 -54.04 1.65
C ALA J 363 -40.14 -54.61 0.36
N ASN J 364 -40.19 -53.80 -0.70
CA ASN J 364 -39.56 -54.11 -1.97
C ASN J 364 -38.51 -53.05 -2.27
N PHE J 365 -37.30 -53.51 -2.59
CA PHE J 365 -36.20 -52.58 -2.83
C PHE J 365 -34.97 -53.28 -3.39
N ILE J 366 -33.89 -52.52 -3.57
CA ILE J 366 -32.63 -53.02 -4.08
C ILE J 366 -31.56 -52.76 -3.04
N VAL J 367 -30.78 -53.80 -2.72
CA VAL J 367 -29.68 -53.68 -1.77
C VAL J 367 -28.43 -54.24 -2.43
N SER J 368 -27.29 -53.65 -2.08
CA SER J 368 -26.01 -54.03 -2.65
C SER J 368 -25.15 -54.68 -1.57
N LEU J 369 -24.66 -55.88 -1.88
CA LEU J 369 -23.65 -56.56 -1.08
C LEU J 369 -22.31 -56.32 -1.75
N CYS J 370 -21.35 -55.82 -0.98
CA CYS J 370 -20.03 -55.47 -1.50
C CYS J 370 -20.28 -54.52 -2.69
N GLY J 371 -19.83 -54.84 -3.89
CA GLY J 371 -20.11 -53.97 -5.02
C GLY J 371 -21.40 -54.32 -5.75
N LYS J 372 -21.81 -55.58 -5.68
CA LYS J 372 -22.92 -56.06 -6.51
C LYS J 372 -24.27 -55.65 -5.92
N LYS J 373 -25.28 -55.55 -6.79
CA LYS J 373 -26.63 -55.21 -6.40
C LYS J 373 -27.51 -56.45 -6.42
N THR J 374 -28.72 -56.32 -5.86
CA THR J 374 -29.70 -57.40 -5.90
C THR J 374 -31.04 -56.85 -5.44
N THR J 375 -32.10 -57.27 -6.15
CA THR J 375 -33.46 -56.94 -5.77
C THR J 375 -33.94 -57.88 -4.66
N CYS J 376 -34.87 -57.37 -3.85
CA CYS J 376 -35.39 -58.16 -2.74
C CYS J 376 -36.72 -57.57 -2.29
N ASN J 377 -37.73 -58.42 -2.13
CA ASN J 377 -39.09 -57.96 -1.87
C ASN J 377 -39.75 -58.77 -0.76
N ALA J 378 -40.71 -58.15 -0.10
CA ALA J 378 -41.50 -58.78 0.97
C ALA J 378 -42.55 -57.78 1.43
N GLU J 379 -43.42 -58.24 2.33
CA GLU J 379 -44.47 -57.42 2.91
C GLU J 379 -44.33 -57.45 4.43
N CYS J 380 -44.67 -56.32 5.07
CA CYS J 380 -44.49 -56.15 6.51
C CYS J 380 -45.83 -55.83 7.15
N LYS J 381 -45.94 -56.17 8.45
CA LYS J 381 -47.18 -56.01 9.18
C LYS J 381 -47.05 -54.94 10.27
N PRO J 382 -48.15 -54.25 10.62
CA PRO J 382 -48.07 -53.29 11.72
C PRO J 382 -47.80 -53.98 13.03
N PRO J 383 -47.18 -53.30 13.99
CA PRO J 383 -46.84 -53.92 15.27
C PRO J 383 -47.97 -53.83 16.29
N ALA J 384 -47.86 -54.68 17.31
CA ALA J 384 -48.82 -54.65 18.41
C ALA J 384 -48.66 -53.36 19.22
N ASP J 385 -47.43 -53.04 19.60
CA ASP J 385 -47.14 -51.79 20.29
C ASP J 385 -47.10 -50.64 19.29
N HIS J 386 -47.75 -49.52 19.65
CA HIS J 386 -47.91 -48.42 18.70
C HIS J 386 -47.63 -47.07 19.35
N ILE J 387 -46.87 -47.06 20.43
CA ILE J 387 -46.37 -45.82 21.03
C ILE J 387 -44.94 -46.05 21.50
N ILE J 388 -43.99 -45.37 20.88
CA ILE J 388 -42.58 -45.44 21.27
C ILE J 388 -41.92 -44.11 20.92
N GLY J 389 -40.98 -43.69 21.77
CA GLY J 389 -40.25 -42.46 21.57
C GLY J 389 -38.88 -42.62 20.93
N GLU J 390 -38.43 -43.84 20.69
CA GLU J 390 -37.13 -44.07 20.08
C GLU J 390 -37.15 -43.64 18.61
N PRO J 391 -35.97 -43.41 18.02
CA PRO J 391 -35.91 -42.94 16.62
C PRO J 391 -36.91 -43.61 15.70
N HIS J 392 -37.67 -42.80 14.98
CA HIS J 392 -38.74 -43.28 14.11
C HIS J 392 -38.73 -42.46 12.83
N LYS J 393 -39.14 -43.11 11.74
CA LYS J 393 -39.17 -42.48 10.41
C LYS J 393 -37.78 -41.95 10.05
N VAL J 394 -36.81 -42.85 10.04
CA VAL J 394 -35.49 -42.50 9.53
C VAL J 394 -35.62 -41.94 8.13
N ASP J 395 -36.61 -42.41 7.38
CA ASP J 395 -37.02 -41.82 6.12
C ASP J 395 -38.52 -41.51 6.21
N GLN J 396 -38.89 -40.29 5.86
CA GLN J 396 -40.29 -39.90 5.92
C GLN J 396 -41.10 -40.61 4.86
N GLU J 397 -42.39 -40.79 5.13
CA GLU J 397 -43.27 -41.49 4.21
C GLU J 397 -43.32 -40.75 2.87
N PHE J 398 -43.39 -41.52 1.78
CA PHE J 398 -43.42 -41.00 0.43
C PHE J 398 -44.64 -41.56 -0.31
N GLN J 399 -45.80 -41.47 0.36
CA GLN J 399 -47.06 -42.00 -0.17
C GLN J 399 -46.90 -43.40 -0.74
N ALA J 400 -45.97 -44.16 -0.17
CA ALA J 400 -45.73 -45.55 -0.56
C ALA J 400 -46.43 -46.55 0.34
N ALA J 401 -47.20 -46.10 1.32
CA ALA J 401 -47.97 -47.03 2.14
C ALA J 401 -48.94 -47.86 1.31
N VAL J 402 -49.30 -47.38 0.13
CA VAL J 402 -50.19 -48.13 -0.75
C VAL J 402 -49.56 -49.48 -1.09
N SER J 403 -50.36 -50.55 -1.01
CA SER J 403 -49.86 -51.90 -1.17
C SER J 403 -49.88 -52.34 -2.63
N LYS J 404 -49.14 -53.42 -2.92
CA LYS J 404 -49.19 -54.02 -4.25
C LYS J 404 -50.58 -54.57 -4.55
N THR J 405 -51.22 -55.19 -3.57
CA THR J 405 -52.60 -55.65 -3.74
C THR J 405 -53.53 -54.47 -4.01
N SER J 406 -53.28 -53.34 -3.35
CA SER J 406 -54.10 -52.16 -3.60
C SER J 406 -53.93 -51.67 -5.03
N TRP J 407 -52.69 -51.69 -5.54
CA TRP J 407 -52.43 -51.35 -6.94
C TRP J 407 -53.14 -52.31 -7.88
N ASN J 408 -53.10 -53.61 -7.60
CA ASN J 408 -53.80 -54.57 -8.45
C ASN J 408 -55.30 -54.32 -8.44
N TRP J 409 -55.87 -54.05 -7.27
CA TRP J 409 -57.31 -53.79 -7.19
C TRP J 409 -57.69 -52.49 -7.90
N LEU J 410 -56.89 -51.44 -7.72
CA LEU J 410 -57.17 -50.18 -8.40
C LEU J 410 -57.06 -50.34 -9.91
N LEU J 411 -56.06 -51.07 -10.39
CA LEU J 411 -55.95 -51.31 -11.82
C LEU J 411 -57.15 -52.09 -12.34
N ALA J 412 -57.59 -53.11 -11.60
CA ALA J 412 -58.77 -53.86 -12.01
C ALA J 412 -60.04 -53.05 -11.87
N LEU J 413 -60.02 -51.96 -11.12
CA LEU J 413 -61.22 -51.14 -10.95
C LEU J 413 -61.44 -50.23 -12.15
N PHE J 414 -60.44 -49.43 -12.49
CA PHE J 414 -60.56 -48.51 -13.61
C PHE J 414 -60.82 -49.29 -14.90
N GLY J 415 -61.81 -48.83 -15.66
CA GLY J 415 -62.19 -49.52 -16.88
C GLY J 415 -61.82 -48.73 -18.11
N GLY J 416 -61.71 -49.45 -19.23
CA GLY J 416 -61.36 -48.84 -20.49
C GLY J 416 -62.56 -48.41 -21.30
N ALA J 417 -63.35 -47.48 -20.76
CA ALA J 417 -64.52 -46.98 -21.47
C ALA J 417 -64.12 -46.16 -22.70
N SER J 418 -62.91 -45.60 -22.71
CA SER J 418 -62.46 -44.84 -23.87
C SER J 418 -62.42 -45.72 -25.11
N SER J 419 -61.88 -46.94 -24.98
CA SER J 419 -61.88 -47.87 -26.11
C SER J 419 -63.28 -48.22 -26.54
N LEU J 420 -64.20 -48.39 -25.58
CA LEU J 420 -65.57 -48.71 -25.91
C LEU J 420 -66.22 -47.59 -26.74
N ILE J 421 -66.03 -46.34 -26.32
CA ILE J 421 -66.62 -45.23 -27.05
C ILE J 421 -65.97 -45.09 -28.43
N VAL J 422 -64.65 -45.31 -28.52
CA VAL J 422 -63.98 -45.22 -29.81
C VAL J 422 -64.53 -46.27 -30.76
N VAL J 423 -64.67 -47.51 -30.29
CA VAL J 423 -65.21 -48.58 -31.14
C VAL J 423 -66.65 -48.27 -31.53
N GLY J 424 -67.43 -47.75 -30.59
CA GLY J 424 -68.80 -47.39 -30.89
C GLY J 424 -68.88 -46.34 -31.98
N LEU J 425 -68.02 -45.31 -31.89
CA LEU J 425 -68.01 -44.27 -32.92
C LEU J 425 -67.58 -44.83 -34.27
N ILE J 426 -66.59 -45.73 -34.27
CA ILE J 426 -66.11 -46.30 -35.54
C ILE J 426 -67.22 -47.10 -36.20
N VAL J 427 -67.87 -47.98 -35.44
CA VAL J 427 -68.96 -48.77 -36.00
C VAL J 427 -70.12 -47.85 -36.41
N LEU J 428 -70.34 -46.77 -35.66
CA LEU J 428 -71.40 -45.83 -36.01
C LEU J 428 -71.14 -45.19 -37.37
N VAL J 429 -69.91 -44.74 -37.61
CA VAL J 429 -69.62 -44.11 -38.90
C VAL J 429 -69.69 -45.14 -40.02
N CYS J 430 -69.24 -46.36 -39.75
CA CYS J 430 -69.34 -47.42 -40.76
C CYS J 430 -70.80 -47.68 -41.13
N SER J 431 -71.67 -47.78 -40.13
CA SER J 431 -73.09 -48.00 -40.40
C SER J 431 -73.70 -46.80 -41.12
N SER J 432 -73.29 -45.59 -40.74
CA SER J 432 -73.80 -44.40 -41.41
C SER J 432 -73.46 -44.42 -42.89
N MET J 433 -72.22 -44.81 -43.23
CA MET J 433 -71.87 -44.96 -44.63
C MET J 433 -72.70 -46.05 -45.30
N LEU J 434 -72.81 -47.21 -44.65
CA LEU J 434 -73.58 -48.32 -45.21
C LEU J 434 -75.00 -47.90 -45.52
N ILE J 435 -75.57 -47.01 -44.72
CA ILE J 435 -76.95 -46.59 -44.96
C ILE J 435 -77.02 -45.42 -45.93
N ASN J 436 -75.97 -44.61 -46.01
CA ASN J 436 -75.87 -43.66 -47.10
C ASN J 436 -75.81 -44.37 -48.44
N THR J 437 -75.40 -45.64 -48.45
CA THR J 437 -75.53 -46.45 -49.66
C THR J 437 -76.99 -46.53 -50.09
N ARG J 438 -77.88 -46.87 -49.16
CA ARG J 438 -79.31 -46.99 -49.44
C ARG J 438 -79.60 -48.01 -50.53
N ILE K 1 -14.92 5.35 53.42
CA ILE K 1 -15.88 4.34 53.82
C ILE K 1 -15.24 3.40 54.85
N THR K 2 -16.08 2.82 55.71
CA THR K 2 -15.60 1.95 56.77
C THR K 2 -16.72 1.00 57.19
N ASP K 3 -16.42 0.12 58.13
CA ASP K 3 -17.38 -0.84 58.65
C ASP K 3 -17.53 -0.75 60.17
N ASP K 4 -16.92 0.26 60.80
CA ASP K 4 -17.03 0.40 62.24
C ASP K 4 -18.46 0.73 62.65
N PHE K 5 -18.82 0.30 63.85
CA PHE K 5 -20.17 0.48 64.38
C PHE K 5 -20.24 1.37 65.60
N THR K 6 -19.13 1.61 66.29
CA THR K 6 -19.14 2.43 67.50
C THR K 6 -19.38 3.90 67.22
N LEU K 7 -19.35 4.31 65.95
CA LEU K 7 -19.48 5.72 65.60
C LEU K 7 -20.93 6.18 65.49
N THR K 8 -21.90 5.29 65.72
CA THR K 8 -23.31 5.63 65.65
C THR K 8 -24.02 5.13 66.91
N SER K 9 -25.16 5.74 67.20
CA SER K 9 -25.95 5.45 68.38
C SER K 9 -27.39 5.18 67.99
N PRO K 10 -28.10 4.35 68.76
CA PRO K 10 -29.50 4.07 68.43
C PRO K 10 -30.37 5.32 68.57
N TYR K 11 -31.43 5.36 67.77
CA TYR K 11 -32.35 6.49 67.74
C TYR K 11 -33.77 6.01 67.96
N LEU K 12 -34.63 6.93 68.42
CA LEU K 12 -36.02 6.61 68.65
C LEU K 12 -36.77 6.44 67.33
N GLY K 13 -37.97 5.88 67.42
CA GLY K 13 -38.85 5.75 66.28
C GLY K 13 -40.28 5.72 66.75
N PHE K 14 -41.19 5.75 65.78
CA PHE K 14 -42.63 5.75 66.05
C PHE K 14 -43.24 4.49 65.46
N CYS K 15 -43.52 3.51 66.30
CA CYS K 15 -44.13 2.27 65.85
C CYS K 15 -45.65 2.44 65.79
N PRO K 16 -46.31 2.07 64.69
CA PRO K 16 -47.77 2.09 64.68
C PRO K 16 -48.39 1.16 65.70
N TYR K 17 -47.64 0.18 66.20
CA TYR K 17 -48.11 -0.78 67.18
C TYR K 17 -47.32 -0.61 68.48
N CYS K 18 -47.99 -0.87 69.60
CA CYS K 18 -47.35 -0.88 70.91
C CYS K 18 -48.04 -1.92 71.77
N ARG K 19 -47.58 -2.05 73.01
CA ARG K 19 -48.20 -3.01 73.92
C ARG K 19 -49.64 -2.64 74.21
N HIS K 20 -50.05 -1.41 73.94
CA HIS K 20 -51.42 -0.95 74.13
C HIS K 20 -52.24 -1.04 72.85
N SER K 21 -51.70 -1.66 71.79
CA SER K 21 -52.38 -1.81 70.51
C SER K 21 -52.66 -0.45 69.85
N ALA K 22 -51.89 0.58 70.21
CA ALA K 22 -52.03 1.90 69.64
C ALA K 22 -50.67 2.43 69.22
N PRO K 23 -50.62 3.30 68.21
CA PRO K 23 -49.33 3.84 67.78
C PRO K 23 -48.67 4.64 68.89
N CYS K 24 -47.35 4.52 68.98
CA CYS K 24 -46.59 5.24 69.99
C CYS K 24 -45.11 5.12 69.68
N PHE K 25 -44.31 5.87 70.43
CA PHE K 25 -42.87 5.88 70.23
C PHE K 25 -42.19 4.73 70.97
N SER K 26 -41.03 4.35 70.46
CA SER K 26 -40.27 3.24 71.02
C SER K 26 -38.90 3.20 70.31
N PRO K 27 -37.89 2.61 70.95
CA PRO K 27 -36.62 2.40 70.26
C PRO K 27 -36.59 1.16 69.37
N ILE K 28 -37.69 0.41 69.30
CA ILE K 28 -37.74 -0.82 68.53
C ILE K 28 -38.45 -0.59 67.18
N LYS K 29 -38.47 0.64 66.70
CA LYS K 29 -39.13 0.94 65.43
C LYS K 29 -38.53 0.11 64.31
N ILE K 30 -39.41 -0.43 63.47
CA ILE K 30 -39.02 -1.24 62.32
C ILE K 30 -39.68 -0.65 61.07
N GLU K 31 -38.93 -0.59 59.97
CA GLU K 31 -39.41 0.08 58.77
C GLU K 31 -39.34 -0.81 57.53
N ASN K 32 -38.39 -1.75 57.50
CA ASN K 32 -38.15 -2.56 56.31
C ASN K 32 -38.08 -4.03 56.68
N VAL K 33 -38.50 -4.88 55.74
CA VAL K 33 -38.43 -6.32 55.89
C VAL K 33 -38.31 -6.94 54.51
N TRP K 34 -37.56 -8.03 54.42
CA TRP K 34 -37.29 -8.71 53.16
C TRP K 34 -37.50 -10.20 53.32
N ASP K 35 -38.09 -10.83 52.29
CA ASP K 35 -38.42 -12.25 52.34
C ASP K 35 -38.15 -12.95 51.01
N GLU K 36 -37.13 -12.50 50.27
CA GLU K 36 -36.84 -13.08 48.96
C GLU K 36 -36.09 -14.39 49.03
N SER K 37 -35.60 -14.79 50.20
CA SER K 37 -34.85 -16.03 50.31
C SER K 37 -35.73 -17.23 50.01
N ASP K 38 -35.18 -18.20 49.29
CA ASP K 38 -35.92 -19.42 48.99
C ASP K 38 -36.27 -20.18 50.25
N ASP K 39 -35.32 -20.28 51.19
CA ASP K 39 -35.59 -20.95 52.45
C ASP K 39 -36.63 -20.21 53.27
N GLY K 40 -36.83 -18.92 53.01
CA GLY K 40 -37.76 -18.12 53.76
C GLY K 40 -37.14 -17.25 54.83
N SER K 41 -35.82 -17.15 54.89
CA SER K 41 -35.18 -16.32 55.90
C SER K 41 -35.65 -14.88 55.75
N ILE K 42 -35.90 -14.23 56.90
CA ILE K 42 -36.48 -12.90 56.94
C ILE K 42 -35.48 -11.94 57.55
N ARG K 43 -35.25 -10.82 56.86
CA ARG K 43 -34.36 -9.76 57.32
C ARG K 43 -35.21 -8.66 57.95
N ILE K 44 -34.92 -8.33 59.20
CA ILE K 44 -35.66 -7.31 59.94
C ILE K 44 -34.71 -6.18 60.31
N GLN K 45 -35.13 -4.95 60.03
CA GLN K 45 -34.36 -3.76 60.35
C GLN K 45 -35.06 -3.01 61.49
N VAL K 46 -34.28 -2.64 62.51
CA VAL K 46 -34.82 -1.95 63.67
C VAL K 46 -33.97 -0.71 63.94
N SER K 47 -34.60 0.29 64.56
CA SER K 47 -33.87 1.52 64.88
C SER K 47 -32.78 1.26 65.91
N ALA K 48 -33.07 0.45 66.93
CA ALA K 48 -32.11 0.18 67.98
C ALA K 48 -30.93 -0.62 67.44
N GLN K 49 -29.97 -0.89 68.32
CA GLN K 49 -28.74 -1.58 67.95
C GLN K 49 -28.50 -2.75 68.90
N PHE K 50 -28.04 -3.86 68.32
CA PHE K 50 -27.64 -5.04 69.08
C PHE K 50 -26.69 -5.86 68.22
N GLY K 51 -26.12 -6.91 68.81
CA GLY K 51 -25.03 -7.63 68.21
C GLY K 51 -23.68 -6.99 68.47
N TYR K 52 -23.65 -5.77 68.98
CA TYR K 52 -22.43 -5.08 69.39
C TYR K 52 -22.66 -4.47 70.76
N ASN K 53 -21.59 -3.94 71.34
CA ASN K 53 -21.72 -3.24 72.60
C ASN K 53 -22.43 -1.91 72.41
N GLN K 54 -22.92 -1.36 73.52
CA GLN K 54 -23.61 -0.08 73.48
C GLN K 54 -22.70 0.99 72.88
N ALA K 55 -23.28 1.83 72.04
CA ALA K 55 -22.52 2.89 71.40
C ALA K 55 -21.86 3.78 72.44
N GLY K 56 -20.57 4.07 72.23
CA GLY K 56 -19.81 4.88 73.15
C GLY K 56 -19.22 4.15 74.33
N THR K 57 -19.47 2.85 74.45
CA THR K 57 -18.92 2.07 75.55
C THR K 57 -17.45 1.75 75.30
N ALA K 58 -16.74 1.44 76.38
CA ALA K 58 -15.32 1.12 76.27
C ALA K 58 -15.08 0.01 75.27
N ASP K 59 -15.80 -1.10 75.40
CA ASP K 59 -15.76 -2.18 74.43
C ASP K 59 -16.86 -1.98 73.40
N VAL K 60 -16.62 -2.51 72.20
CA VAL K 60 -17.50 -2.28 71.06
C VAL K 60 -18.31 -3.52 70.69
N THR K 61 -17.75 -4.71 70.86
CA THR K 61 -18.40 -5.95 70.44
C THR K 61 -18.84 -6.74 71.66
N LYS K 62 -20.13 -7.05 71.74
CA LYS K 62 -20.66 -7.91 72.80
C LYS K 62 -22.00 -8.45 72.34
N PHE K 63 -22.07 -9.76 72.08
CA PHE K 63 -23.30 -10.34 71.56
C PHE K 63 -24.44 -10.22 72.56
N ARG K 64 -24.17 -10.50 73.83
CA ARG K 64 -25.24 -10.54 74.82
C ARG K 64 -25.84 -9.17 75.10
N TYR K 65 -25.14 -8.09 74.76
CA TYR K 65 -25.63 -6.76 75.07
C TYR K 65 -26.80 -6.37 74.17
N MET K 66 -27.64 -5.48 74.67
CA MET K 66 -28.83 -4.99 73.98
C MET K 66 -28.96 -3.50 74.23
N SER K 67 -28.46 -2.70 73.29
CA SER K 67 -28.42 -1.25 73.42
C SER K 67 -29.74 -0.65 72.97
N TYR K 68 -30.26 0.27 73.77
CA TYR K 68 -31.44 1.05 73.40
C TYR K 68 -31.34 2.40 74.07
N ASP K 69 -32.35 3.25 73.86
CA ASP K 69 -32.30 4.62 74.33
C ASP K 69 -33.67 5.06 74.84
N HIS K 70 -33.66 5.82 75.93
CA HIS K 70 -34.85 6.40 76.51
C HIS K 70 -34.43 7.35 77.61
N ASP K 71 -35.38 8.15 78.10
CA ASP K 71 -35.12 9.10 79.17
C ASP K 71 -33.83 9.88 78.92
N HIS K 72 -33.73 10.45 77.72
CA HIS K 72 -32.56 11.21 77.25
C HIS K 72 -31.25 10.52 77.59
N ASP K 73 -31.11 9.23 77.30
CA ASP K 73 -29.83 8.54 77.48
C ASP K 73 -29.93 7.14 76.88
N ILE K 74 -28.77 6.64 76.44
CA ILE K 74 -28.66 5.30 75.91
C ILE K 74 -28.10 4.37 76.99
N LYS K 75 -28.38 3.08 76.84
CA LYS K 75 -27.94 2.10 77.82
C LYS K 75 -27.99 0.70 77.21
N GLU K 76 -27.37 -0.24 77.91
CA GLU K 76 -27.30 -1.64 77.51
C GLU K 76 -28.49 -2.42 78.06
N ASP K 77 -28.52 -3.71 77.73
CA ASP K 77 -29.51 -4.66 78.23
C ASP K 77 -29.14 -6.03 77.70
N SER K 78 -29.83 -7.06 78.19
CA SER K 78 -29.57 -8.42 77.75
C SER K 78 -30.40 -8.74 76.51
N MET K 79 -29.74 -9.25 75.47
CA MET K 79 -30.42 -9.61 74.24
C MET K 79 -31.31 -10.83 74.41
N GLU K 80 -31.03 -11.67 75.40
CA GLU K 80 -31.79 -12.91 75.56
C GLU K 80 -33.26 -12.65 75.82
N LYS K 81 -33.62 -11.44 76.23
CA LYS K 81 -35.01 -11.08 76.51
C LYS K 81 -35.75 -10.61 75.26
N LEU K 82 -35.21 -10.84 74.08
CA LEU K 82 -35.81 -10.43 72.82
C LEU K 82 -36.47 -11.62 72.14
N ALA K 83 -37.70 -11.41 71.66
CA ALA K 83 -38.46 -12.47 71.00
C ALA K 83 -39.09 -11.92 69.73
N ILE K 84 -39.33 -12.81 68.78
CA ILE K 84 -39.94 -12.48 67.50
C ILE K 84 -41.06 -13.46 67.22
N SER K 85 -42.16 -12.96 66.64
CA SER K 85 -43.32 -13.81 66.36
C SER K 85 -44.11 -13.25 65.19
N THR K 86 -44.50 -14.13 64.27
CA THR K 86 -45.41 -13.78 63.19
C THR K 86 -46.74 -14.52 63.33
N SER K 87 -46.70 -15.86 63.40
CA SER K 87 -47.85 -16.67 63.75
C SER K 87 -47.56 -17.55 64.96
N GLY K 88 -46.49 -17.26 65.69
CA GLY K 88 -46.05 -18.06 66.79
C GLY K 88 -44.59 -17.76 67.10
N PRO K 89 -43.97 -18.59 67.94
CA PRO K 89 -42.55 -18.37 68.25
C PRO K 89 -41.69 -18.42 66.99
N CYS K 90 -40.69 -17.54 66.94
CA CYS K 90 -39.74 -17.50 65.85
C CYS K 90 -38.34 -17.72 66.39
N ARG K 91 -37.51 -18.38 65.59
CA ARG K 91 -36.13 -18.68 65.96
C ARG K 91 -35.19 -17.60 65.41
N ARG K 92 -34.19 -17.27 66.20
CA ARG K 92 -33.19 -16.27 65.80
C ARG K 92 -32.10 -16.94 64.98
N LEU K 93 -31.87 -16.43 63.78
CA LEU K 93 -30.77 -16.89 62.96
C LEU K 93 -29.50 -16.09 63.17
N GLY K 94 -29.64 -14.78 63.38
CA GLY K 94 -28.49 -13.95 63.69
C GLY K 94 -28.87 -12.50 63.80
N HIS K 95 -27.93 -11.71 64.30
CA HIS K 95 -28.12 -10.28 64.47
C HIS K 95 -26.80 -9.58 64.24
N LYS K 96 -26.86 -8.36 63.68
CA LYS K 96 -25.67 -7.59 63.40
C LYS K 96 -26.07 -6.14 63.19
N GLY K 97 -25.48 -5.23 63.95
CA GLY K 97 -25.77 -3.82 63.77
C GLY K 97 -27.25 -3.55 63.89
N TYR K 98 -27.79 -2.85 62.89
CA TYR K 98 -29.21 -2.50 62.90
C TYR K 98 -30.10 -3.67 62.51
N PHE K 99 -29.57 -4.69 61.86
CA PHE K 99 -30.38 -5.70 61.19
C PHE K 99 -30.28 -7.05 61.90
N LEU K 100 -31.23 -7.92 61.57
CA LEU K 100 -31.24 -9.28 62.07
C LEU K 100 -31.85 -10.20 61.01
N LEU K 101 -31.54 -11.48 61.11
CA LEU K 101 -32.13 -12.52 60.28
C LEU K 101 -32.79 -13.56 61.17
N ALA K 102 -33.99 -13.97 60.77
CA ALA K 102 -34.75 -14.99 61.50
C ALA K 102 -35.40 -15.93 60.49
N GLN K 103 -36.07 -16.95 61.01
CA GLN K 103 -36.77 -17.93 60.17
C GLN K 103 -37.87 -18.56 61.01
N CYS K 104 -39.12 -18.42 60.57
CA CYS K 104 -40.25 -18.95 61.30
C CYS K 104 -41.48 -18.96 60.38
N PRO K 105 -42.56 -19.63 60.73
CA PRO K 105 -43.61 -19.89 59.74
C PRO K 105 -44.31 -18.61 59.31
N PRO K 106 -45.06 -18.65 58.20
CA PRO K 106 -45.66 -17.41 57.68
C PRO K 106 -46.77 -16.86 58.53
N GLY K 107 -47.39 -15.79 58.07
CA GLY K 107 -48.50 -15.16 58.77
C GLY K 107 -48.99 -13.92 58.05
N ASP K 108 -49.31 -12.87 58.80
CA ASP K 108 -49.73 -11.60 58.24
C ASP K 108 -48.99 -10.39 58.81
N SER K 109 -48.30 -10.53 59.92
CA SER K 109 -47.53 -9.44 60.50
C SER K 109 -46.36 -10.03 61.28
N VAL K 110 -45.34 -9.20 61.51
CA VAL K 110 -44.14 -9.60 62.23
C VAL K 110 -43.98 -8.69 63.43
N THR K 111 -43.77 -9.28 64.60
CA THR K 111 -43.68 -8.56 65.86
C THR K 111 -42.37 -8.90 66.55
N VAL K 112 -41.72 -7.90 67.14
CA VAL K 112 -40.53 -8.06 67.94
C VAL K 112 -40.80 -7.41 69.30
N SER K 113 -40.53 -8.17 70.38
CA SER K 113 -40.82 -7.72 71.72
C SER K 113 -39.60 -7.93 72.61
N ILE K 114 -39.47 -7.07 73.62
CA ILE K 114 -38.40 -7.19 74.62
C ILE K 114 -38.99 -6.89 75.98
N THR K 115 -38.66 -7.73 76.97
CA THR K 115 -39.11 -7.54 78.33
C THR K 115 -37.96 -6.94 79.15
N SER K 116 -38.24 -5.82 79.81
CA SER K 116 -37.25 -5.11 80.62
C SER K 116 -37.20 -5.60 82.05
N GLY K 117 -37.66 -6.82 82.31
CA GLY K 117 -37.73 -7.36 83.66
C GLY K 117 -39.01 -6.99 84.37
N ALA K 118 -39.39 -5.71 84.31
CA ALA K 118 -40.63 -5.24 84.89
C ALA K 118 -41.61 -4.68 83.87
N SER K 119 -41.15 -4.33 82.66
CA SER K 119 -42.02 -3.81 81.60
C SER K 119 -41.66 -4.50 80.30
N GLU K 120 -42.64 -4.54 79.39
CA GLU K 120 -42.47 -5.16 78.09
C GLU K 120 -42.82 -4.15 76.99
N ASN K 121 -42.00 -4.11 75.95
CA ASN K 121 -42.21 -3.24 74.81
C ASN K 121 -42.20 -4.07 73.54
N SER K 122 -43.27 -3.96 72.75
CA SER K 122 -43.42 -4.74 71.53
C SER K 122 -43.78 -3.82 70.38
N CYS K 123 -43.18 -4.08 69.22
CA CYS K 123 -43.46 -3.33 68.00
C CYS K 123 -43.56 -4.30 66.84
N THR K 124 -44.55 -4.08 65.98
CA THR K 124 -44.80 -4.99 64.87
C THR K 124 -45.20 -4.21 63.63
N VAL K 125 -45.07 -4.87 62.48
CA VAL K 125 -45.43 -4.29 61.19
C VAL K 125 -46.13 -5.37 60.36
N GLU K 126 -47.16 -4.95 59.65
CA GLU K 126 -47.87 -5.86 58.76
C GLU K 126 -47.00 -6.23 57.57
N LYS K 127 -47.15 -7.46 57.10
CA LYS K 127 -46.41 -7.92 55.92
C LYS K 127 -47.01 -9.24 55.45
N LYS K 128 -47.16 -9.37 54.14
CA LYS K 128 -47.68 -10.60 53.54
C LYS K 128 -46.54 -11.61 53.48
N ILE K 129 -46.57 -12.58 54.40
CA ILE K 129 -45.59 -13.66 54.46
C ILE K 129 -46.31 -14.96 54.14
N ARG K 130 -45.87 -15.63 53.07
CA ARG K 130 -46.45 -16.90 52.65
C ARG K 130 -45.32 -17.87 52.31
N ARG K 131 -45.44 -19.10 52.82
CA ARG K 131 -44.43 -20.10 52.57
C ARG K 131 -44.38 -20.45 51.08
N LYS K 132 -43.18 -20.57 50.55
CA LYS K 132 -42.98 -20.90 49.14
C LYS K 132 -41.82 -21.87 49.01
N PHE K 133 -41.85 -22.66 47.94
CA PHE K 133 -40.81 -23.65 47.68
C PHE K 133 -40.45 -23.63 46.21
N VAL K 134 -39.25 -24.11 45.91
CA VAL K 134 -38.77 -24.21 44.54
C VAL K 134 -39.14 -25.57 43.98
N GLY K 135 -39.22 -25.65 42.66
CA GLY K 135 -39.56 -26.89 41.97
C GLY K 135 -40.94 -26.83 41.36
N ARG K 136 -41.33 -27.96 40.78
CA ARG K 136 -42.61 -28.09 40.11
C ARG K 136 -43.72 -28.53 41.06
N GLU K 137 -43.40 -28.82 42.32
CA GLU K 137 -44.40 -29.20 43.31
C GLU K 137 -44.20 -28.37 44.56
N GLU K 138 -45.28 -27.77 45.05
CA GLU K 138 -45.26 -26.99 46.29
C GLU K 138 -45.54 -27.95 47.43
N TYR K 139 -44.49 -28.43 48.08
CA TYR K 139 -44.60 -29.43 49.13
C TYR K 139 -44.74 -28.73 50.47
N LEU K 140 -44.67 -29.50 51.56
CA LEU K 140 -44.76 -28.97 52.91
C LEU K 140 -43.39 -28.66 53.48
N PHE K 141 -42.48 -29.63 53.43
CA PHE K 141 -41.12 -29.50 53.92
C PHE K 141 -40.18 -30.24 52.98
N PRO K 142 -38.93 -29.79 52.86
CA PRO K 142 -37.97 -30.51 52.02
C PRO K 142 -37.82 -31.95 52.48
N PRO K 143 -37.71 -32.89 51.56
CA PRO K 143 -37.61 -34.31 51.94
C PRO K 143 -36.17 -34.73 52.19
N VAL K 144 -36.03 -35.96 52.70
CA VAL K 144 -34.70 -36.52 52.92
C VAL K 144 -34.04 -36.85 51.58
N HIS K 145 -34.80 -37.37 50.63
CA HIS K 145 -34.27 -37.81 49.34
C HIS K 145 -34.95 -37.06 48.20
N GLY K 146 -34.18 -36.79 47.16
CA GLY K 146 -34.72 -36.12 45.99
C GLY K 146 -33.59 -35.50 45.18
N LYS K 147 -33.99 -34.75 44.16
CA LYS K 147 -33.01 -34.08 43.30
C LYS K 147 -32.42 -32.88 44.03
N LEU K 148 -31.27 -32.42 43.53
CA LEU K 148 -30.61 -31.23 44.05
C LEU K 148 -30.60 -30.16 42.96
N VAL K 149 -30.99 -28.94 43.33
CA VAL K 149 -31.13 -27.83 42.41
C VAL K 149 -30.45 -26.61 43.02
N LYS K 150 -30.32 -25.55 42.23
CA LYS K 150 -29.82 -24.28 42.74
C LYS K 150 -30.94 -23.50 43.44
N CYS K 151 -30.56 -22.73 44.45
CA CYS K 151 -31.49 -21.87 45.17
C CYS K 151 -30.72 -20.67 45.69
N HIS K 152 -31.45 -19.73 46.29
CA HIS K 152 -30.86 -18.52 46.85
C HIS K 152 -31.28 -18.39 48.30
N VAL K 153 -30.31 -18.14 49.19
CA VAL K 153 -30.58 -18.05 50.62
C VAL K 153 -29.67 -17.01 51.24
N TYR K 154 -30.09 -16.45 52.37
CA TYR K 154 -29.28 -15.51 53.12
C TYR K 154 -28.35 -16.29 54.04
N ASP K 155 -27.05 -16.07 53.90
CA ASP K 155 -26.07 -16.81 54.68
C ASP K 155 -26.19 -16.47 56.16
N HIS K 156 -25.92 -17.46 57.00
CA HIS K 156 -25.93 -17.29 58.45
C HIS K 156 -24.58 -16.85 59.00
N LEU K 157 -23.71 -16.31 58.15
CA LEU K 157 -22.38 -15.85 58.54
C LEU K 157 -22.38 -14.33 58.59
N LYS K 158 -21.83 -13.78 59.68
CA LYS K 158 -21.81 -12.33 59.85
C LYS K 158 -21.22 -11.63 58.64
N GLU K 159 -20.16 -12.20 58.06
CA GLU K 159 -19.51 -11.60 56.91
C GLU K 159 -20.51 -11.41 55.78
N THR K 160 -20.54 -10.21 55.20
CA THR K 160 -21.49 -9.88 54.14
C THR K 160 -20.78 -9.09 53.06
N SER K 161 -21.21 -9.30 51.82
CA SER K 161 -20.61 -8.65 50.66
C SER K 161 -21.66 -8.06 49.73
N ALA K 162 -22.81 -7.69 50.29
CA ALA K 162 -23.90 -7.11 49.49
C ALA K 162 -24.49 -5.94 50.25
N GLY K 163 -25.11 -5.02 49.50
CA GLY K 163 -25.81 -3.90 50.06
C GLY K 163 -24.90 -2.73 50.38
N TYR K 164 -25.54 -1.60 50.69
CA TYR K 164 -24.83 -0.38 51.04
C TYR K 164 -25.83 0.55 51.71
N ILE K 165 -25.56 0.95 52.94
CA ILE K 165 -26.48 1.78 53.72
C ILE K 165 -25.75 3.05 54.13
N THR K 166 -26.42 4.19 53.98
CA THR K 166 -25.81 5.47 54.31
C THR K 166 -25.72 5.64 55.83
N MET K 167 -24.97 6.66 56.24
CA MET K 167 -24.77 6.94 57.66
C MET K 167 -24.34 8.38 57.80
N HIS K 168 -25.06 9.16 58.61
CA HIS K 168 -24.79 10.58 58.73
C HIS K 168 -25.09 11.04 60.16
N ARG K 169 -24.58 12.22 60.49
CA ARG K 169 -24.76 12.78 61.82
C ARG K 169 -26.21 13.22 62.04
N PRO K 170 -26.66 13.29 63.28
CA PRO K 170 -28.06 13.57 63.56
C PRO K 170 -28.37 15.07 63.53
N GLY K 171 -29.67 15.37 63.58
CA GLY K 171 -30.15 16.72 63.67
C GLY K 171 -30.42 17.14 65.09
N PRO K 172 -31.16 18.25 65.27
CA PRO K 172 -31.47 18.72 66.62
C PRO K 172 -32.52 17.86 67.32
N HIS K 173 -32.80 18.15 68.59
CA HIS K 173 -33.78 17.40 69.36
C HIS K 173 -34.43 18.33 70.36
N ALA K 174 -35.62 17.95 70.84
CA ALA K 174 -36.45 18.82 71.66
C ALA K 174 -36.83 18.13 72.97
N TYR K 175 -37.10 18.95 73.98
CA TYR K 175 -37.54 18.47 75.29
C TYR K 175 -38.27 19.59 76.00
N LYS K 176 -39.09 19.23 76.98
CA LYS K 176 -39.74 20.23 77.82
C LYS K 176 -39.05 20.40 79.17
N SER K 177 -38.57 19.29 79.74
CA SER K 177 -38.00 19.32 81.10
C SER K 177 -36.87 20.33 81.20
N TYR K 178 -36.23 20.64 80.08
CA TYR K 178 -35.20 21.67 80.09
C TYR K 178 -35.79 23.03 80.47
N LEU K 179 -37.05 23.28 80.12
CA LEU K 179 -37.72 24.55 80.37
C LEU K 179 -38.79 24.37 81.42
N GLU K 180 -38.78 25.23 82.44
CA GLU K 180 -39.78 25.26 83.49
C GLU K 180 -40.44 26.62 83.51
N GLU K 181 -41.77 26.64 83.61
CA GLU K 181 -42.54 27.88 83.53
C GLU K 181 -43.60 27.93 84.61
N ALA K 182 -43.25 27.53 85.84
CA ALA K 182 -44.20 27.63 86.94
C ALA K 182 -44.54 29.07 87.24
N SER K 183 -43.55 29.96 87.20
CA SER K 183 -43.76 31.37 87.45
C SER K 183 -43.99 32.13 86.15
N GLY K 184 -44.39 33.39 86.27
CA GLY K 184 -44.60 34.20 85.09
C GLY K 184 -43.33 34.37 84.26
N GLU K 185 -42.20 34.60 84.93
CA GLU K 185 -40.94 34.74 84.23
C GLU K 185 -40.40 33.37 83.83
N VAL K 186 -39.68 33.33 82.71
CA VAL K 186 -39.18 32.09 82.15
C VAL K 186 -38.17 31.47 83.09
N TYR K 187 -38.03 30.14 82.99
CA TYR K 187 -36.98 29.43 83.70
C TYR K 187 -36.55 28.23 82.88
N ILE K 188 -35.23 28.08 82.71
CA ILE K 188 -34.64 26.95 82.00
C ILE K 188 -33.70 26.24 82.96
N LYS K 189 -33.87 24.92 83.09
CA LYS K 189 -33.08 24.10 84.00
C LYS K 189 -32.49 22.92 83.23
N PRO K 190 -31.40 23.14 82.49
CA PRO K 190 -30.81 22.04 81.74
C PRO K 190 -30.26 20.98 82.67
N PRO K 191 -30.20 19.72 82.22
CA PRO K 191 -29.63 18.68 83.08
C PRO K 191 -28.21 19.01 83.50
N SER K 192 -27.88 18.67 84.75
CA SER K 192 -26.56 18.99 85.28
C SER K 192 -25.47 18.29 84.49
N GLY K 193 -24.35 18.98 84.31
CA GLY K 193 -23.21 18.41 83.61
C GLY K 193 -23.47 18.12 82.14
N LYS K 194 -24.11 19.03 81.44
CA LYS K 194 -24.39 18.85 80.01
C LYS K 194 -24.55 20.21 79.35
N ASN K 195 -23.73 20.47 78.33
CA ASN K 195 -23.90 21.67 77.52
C ASN K 195 -25.26 21.65 76.84
N VAL K 196 -25.90 22.81 76.75
CA VAL K 196 -27.23 22.93 76.15
C VAL K 196 -27.33 24.26 75.42
N THR K 197 -28.11 24.27 74.35
CA THR K 197 -28.44 25.49 73.63
C THR K 197 -29.93 25.77 73.79
N TYR K 198 -30.32 27.03 73.63
CA TYR K 198 -31.73 27.37 73.67
C TYR K 198 -31.99 28.54 72.74
N GLU K 199 -33.22 28.59 72.21
CA GLU K 199 -33.63 29.58 71.23
C GLU K 199 -35.01 30.13 71.56
N CYS K 200 -35.21 31.41 71.25
CA CYS K 200 -36.49 32.10 71.40
C CYS K 200 -36.56 33.17 70.33
N LYS K 201 -37.77 33.47 69.84
CA LYS K 201 -37.92 34.39 68.71
C LYS K 201 -38.54 35.75 69.04
N CYS K 202 -39.14 35.94 70.22
CA CYS K 202 -39.71 37.25 70.53
C CYS K 202 -38.70 38.36 70.26
N GLY K 203 -39.09 39.31 69.42
CA GLY K 203 -38.23 40.42 69.06
C GLY K 203 -37.17 40.03 68.04
N ASP K 204 -36.43 38.97 68.33
CA ASP K 204 -35.37 38.51 67.44
C ASP K 204 -35.09 37.05 67.73
N TYR K 205 -34.39 36.41 66.79
CA TYR K 205 -33.97 35.01 66.94
C TYR K 205 -32.79 34.95 67.89
N SER K 206 -33.08 35.08 69.19
CA SER K 206 -32.07 35.12 70.23
C SER K 206 -31.83 33.72 70.79
N THR K 207 -30.57 33.31 70.83
CA THR K 207 -30.19 32.01 71.34
C THR K 207 -29.09 32.18 72.39
N GLY K 208 -29.05 31.24 73.32
CA GLY K 208 -28.05 31.26 74.37
C GLY K 208 -27.57 29.86 74.69
N ILE K 209 -26.30 29.77 75.07
CA ILE K 209 -25.63 28.52 75.38
C ILE K 209 -25.36 28.48 76.88
N VAL K 210 -25.68 27.35 77.51
CA VAL K 210 -25.50 27.17 78.94
C VAL K 210 -24.67 25.91 79.16
N SER K 211 -23.56 26.06 79.89
CA SER K 211 -22.73 24.92 80.31
C SER K 211 -23.08 24.63 81.77
N THR K 212 -24.16 23.88 81.95
CA THR K 212 -24.70 23.62 83.29
C THR K 212 -25.17 24.91 83.95
N ARG K 213 -25.88 25.73 83.18
CA ARG K 213 -26.31 27.05 83.62
C ARG K 213 -27.77 27.26 83.27
N THR K 214 -28.42 28.15 84.03
CA THR K 214 -29.81 28.53 83.79
C THR K 214 -29.82 29.99 83.35
N LYS K 215 -29.92 30.21 82.04
CA LYS K 215 -29.91 31.54 81.45
C LYS K 215 -31.33 31.95 81.10
N MET K 216 -31.74 33.12 81.57
CA MET K 216 -33.10 33.57 81.38
C MET K 216 -33.26 34.22 80.01
N ASN K 217 -34.52 34.39 79.59
CA ASN K 217 -34.83 35.10 78.37
C ASN K 217 -35.99 36.05 78.62
N GLY K 218 -36.02 37.14 77.84
CA GLY K 218 -36.96 38.21 78.12
C GLY K 218 -38.41 37.79 77.96
N CYS K 219 -38.73 37.11 76.86
CA CYS K 219 -40.12 36.81 76.55
C CYS K 219 -40.63 35.69 77.46
N THR K 220 -41.91 35.76 77.82
CA THR K 220 -42.40 35.02 78.98
C THR K 220 -43.06 33.69 78.61
N LYS K 221 -43.81 33.64 77.50
CA LYS K 221 -44.65 32.49 77.22
C LYS K 221 -43.85 31.21 77.14
N ALA K 222 -44.44 30.13 77.67
CA ALA K 222 -43.73 28.85 77.74
C ALA K 222 -43.40 28.32 76.35
N LYS K 223 -44.32 28.46 75.40
CA LYS K 223 -44.07 27.99 74.05
C LYS K 223 -42.88 28.71 73.42
N GLN K 224 -42.49 29.86 73.98
CA GLN K 224 -41.62 30.79 73.27
C GLN K 224 -40.15 30.39 73.28
N CYS K 225 -39.79 29.23 73.80
CA CYS K 225 -38.39 28.84 73.83
C CYS K 225 -38.25 27.33 73.72
N ILE K 226 -37.17 26.90 73.07
CA ILE K 226 -36.83 25.48 72.95
C ILE K 226 -35.36 25.31 73.29
N ALA K 227 -34.99 24.08 73.64
CA ALA K 227 -33.64 23.75 74.02
C ALA K 227 -33.16 22.52 73.26
N TYR K 228 -31.84 22.48 73.02
CA TYR K 228 -31.18 21.38 72.34
C TYR K 228 -30.06 20.85 73.22
N LYS K 229 -30.02 19.54 73.38
CA LYS K 229 -28.88 18.86 74.02
C LYS K 229 -27.86 18.43 72.98
N ARG K 230 -27.48 19.37 72.12
CA ARG K 230 -26.68 19.04 70.95
C ARG K 230 -25.37 18.36 71.37
N ASP K 231 -25.08 17.22 70.73
CA ASP K 231 -23.84 16.49 70.98
C ASP K 231 -23.13 16.23 69.66
N GLN K 232 -23.90 15.98 68.60
CA GLN K 232 -23.38 15.72 67.26
C GLN K 232 -22.11 14.88 67.32
N THR K 233 -22.23 13.74 68.00
CA THR K 233 -21.12 12.80 68.16
C THR K 233 -21.37 11.47 67.46
N LYS K 234 -22.50 10.83 67.72
CA LYS K 234 -22.82 9.53 67.16
C LYS K 234 -23.72 9.71 65.95
N TRP K 235 -23.34 9.09 64.83
CA TRP K 235 -24.10 9.23 63.59
C TRP K 235 -25.41 8.46 63.68
N VAL K 236 -26.36 8.86 62.82
CA VAL K 236 -27.68 8.24 62.78
C VAL K 236 -28.04 7.96 61.32
N PHE K 237 -29.05 7.12 61.15
CA PHE K 237 -29.55 6.75 59.83
C PHE K 237 -30.70 7.65 59.41
N ASN K 238 -30.88 7.77 58.09
CA ASN K 238 -31.95 8.58 57.51
C ASN K 238 -33.26 7.84 57.65
N SER K 239 -34.06 8.21 58.64
CA SER K 239 -35.35 7.60 58.89
C SER K 239 -36.43 8.68 59.00
N PRO K 240 -37.67 8.35 58.65
CA PRO K 240 -38.73 9.37 58.71
C PRO K 240 -38.94 9.94 60.10
N ASP K 241 -38.77 9.12 61.14
CA ASP K 241 -39.00 9.60 62.50
C ASP K 241 -37.95 10.61 62.95
N LEU K 242 -36.79 10.64 62.30
CA LEU K 242 -35.72 11.55 62.67
C LEU K 242 -35.85 12.86 61.91
N ILE K 243 -35.00 13.82 62.27
CA ILE K 243 -35.04 15.17 61.72
C ILE K 243 -33.68 15.50 61.12
N ARG K 244 -33.69 15.96 59.87
CA ARG K 244 -32.46 16.28 59.18
C ARG K 244 -31.77 17.49 59.80
N HIS K 245 -30.45 17.43 59.88
CA HIS K 245 -29.66 18.59 60.27
C HIS K 245 -29.50 19.54 59.10
N THR K 246 -29.11 20.78 59.40
CA THR K 246 -28.97 21.78 58.36
C THR K 246 -27.90 21.40 57.35
N ASP K 247 -26.84 20.72 57.78
CA ASP K 247 -25.77 20.37 56.86
C ASP K 247 -26.25 19.40 55.79
N HIS K 248 -27.03 18.40 56.18
CA HIS K 248 -27.53 17.38 55.25
C HIS K 248 -26.40 16.82 54.40
N SER K 249 -25.33 16.41 55.08
CA SER K 249 -24.13 15.88 54.44
C SER K 249 -23.91 14.43 54.86
N VAL K 250 -23.56 13.59 53.89
CA VAL K 250 -23.25 12.20 54.19
C VAL K 250 -21.90 12.12 54.87
N GLN K 251 -21.76 11.17 55.79
CA GLN K 251 -20.54 11.01 56.57
C GLN K 251 -19.92 9.62 56.51
N GLY K 252 -20.67 8.59 56.12
CA GLY K 252 -20.10 7.26 56.07
C GLY K 252 -21.12 6.26 55.59
N LYS K 253 -20.71 5.00 55.59
CA LYS K 253 -21.53 3.90 55.09
C LYS K 253 -21.43 2.71 56.03
N LEU K 254 -22.32 1.75 55.81
CA LEU K 254 -22.28 0.47 56.53
C LEU K 254 -22.82 -0.61 55.61
N HIS K 255 -22.48 -1.85 55.94
CA HIS K 255 -22.89 -3.02 55.18
C HIS K 255 -24.12 -3.65 55.81
N ILE K 256 -25.06 -4.08 54.97
CA ILE K 256 -26.21 -4.85 55.46
C ILE K 256 -25.77 -6.29 55.68
N PRO K 257 -26.00 -6.87 56.85
CA PRO K 257 -25.45 -8.20 57.13
C PRO K 257 -26.23 -9.30 56.40
N PHE K 258 -25.59 -10.47 56.31
CA PHE K 258 -26.24 -11.69 55.86
C PHE K 258 -26.76 -11.53 54.43
N ARG K 259 -25.82 -11.34 53.51
CA ARG K 259 -26.18 -11.13 52.11
C ARG K 259 -26.74 -12.42 51.49
N LEU K 260 -27.48 -12.24 50.41
CA LEU K 260 -27.99 -13.36 49.64
C LEU K 260 -26.85 -14.05 48.88
N THR K 261 -26.97 -15.38 48.76
CA THR K 261 -25.98 -16.16 48.06
C THR K 261 -26.67 -17.37 47.43
N PRO K 262 -26.25 -17.79 46.24
CA PRO K 262 -26.75 -19.07 45.71
C PRO K 262 -26.13 -20.26 46.43
N THR K 263 -26.85 -21.37 46.42
CA THR K 263 -26.42 -22.57 47.12
C THR K 263 -27.29 -23.74 46.69
N VAL K 264 -26.76 -24.94 46.87
CA VAL K 264 -27.51 -26.14 46.57
C VAL K 264 -28.70 -26.28 47.52
N CYS K 265 -29.79 -26.83 47.01
CA CYS K 265 -31.02 -27.03 47.77
C CYS K 265 -31.65 -28.34 47.34
N PRO K 266 -32.43 -28.99 48.21
CA PRO K 266 -33.11 -30.23 47.83
C PRO K 266 -34.52 -30.01 47.33
N VAL K 267 -34.97 -30.94 46.47
CA VAL K 267 -36.34 -30.94 45.99
C VAL K 267 -36.83 -32.37 45.88
N PRO K 268 -38.13 -32.57 46.06
CA PRO K 268 -38.68 -33.93 46.06
C PRO K 268 -38.71 -34.54 44.66
N LEU K 269 -38.78 -35.87 44.63
CA LEU K 269 -39.01 -36.64 43.42
C LEU K 269 -40.38 -37.29 43.54
N ALA K 270 -41.32 -36.83 42.72
CA ALA K 270 -42.70 -37.30 42.84
C ALA K 270 -42.84 -38.73 42.35
N HIS K 271 -43.90 -39.39 42.80
CA HIS K 271 -44.24 -40.73 42.37
C HIS K 271 -44.41 -40.75 40.86
N THR K 272 -43.52 -41.46 40.16
CA THR K 272 -43.56 -41.44 38.71
C THR K 272 -44.87 -42.06 38.22
N PRO K 273 -45.53 -41.47 37.22
CA PRO K 273 -46.83 -41.99 36.79
C PRO K 273 -46.74 -43.34 36.11
N THR K 274 -47.89 -43.89 35.72
CA THR K 274 -47.97 -45.16 34.99
C THR K 274 -48.45 -44.87 33.58
N VAL K 275 -47.66 -45.28 32.60
CA VAL K 275 -47.99 -45.05 31.19
C VAL K 275 -48.92 -46.16 30.72
N THR K 276 -50.04 -45.78 30.11
CA THR K 276 -51.05 -46.70 29.64
C THR K 276 -51.05 -46.74 28.12
N LYS K 277 -52.03 -47.45 27.55
CA LYS K 277 -52.10 -47.71 26.12
C LYS K 277 -53.38 -47.06 25.57
N TRP K 278 -53.25 -46.39 24.43
CA TRP K 278 -54.39 -45.75 23.78
C TRP K 278 -54.01 -45.46 22.34
N PHE K 279 -54.82 -45.95 21.40
CA PHE K 279 -54.51 -45.76 19.98
C PHE K 279 -54.49 -44.28 19.64
N LYS K 280 -53.36 -43.82 19.10
CA LYS K 280 -53.16 -42.42 18.75
C LYS K 280 -53.33 -41.52 19.97
N GLY K 281 -52.99 -42.03 21.14
CA GLY K 281 -53.12 -41.25 22.36
C GLY K 281 -52.45 -41.95 23.52
N ILE K 282 -52.59 -41.35 24.69
CA ILE K 282 -52.04 -41.93 25.92
C ILE K 282 -52.90 -41.49 27.10
N THR K 283 -53.18 -42.44 27.98
CA THR K 283 -53.90 -42.17 29.21
C THR K 283 -52.95 -42.37 30.39
N LEU K 284 -52.83 -41.36 31.23
CA LEU K 284 -51.91 -41.38 32.36
C LEU K 284 -52.68 -41.38 33.66
N HIS K 285 -52.40 -42.36 34.52
CA HIS K 285 -52.98 -42.44 35.85
C HIS K 285 -52.04 -41.72 36.81
N LEU K 286 -52.20 -40.40 36.89
CA LEU K 286 -51.31 -39.58 37.70
C LEU K 286 -51.63 -39.73 39.18
N THR K 287 -50.59 -39.94 39.99
CA THR K 287 -50.73 -40.11 41.43
C THR K 287 -49.82 -39.11 42.14
N ALA K 288 -50.39 -38.40 43.11
CA ALA K 288 -49.64 -37.42 43.88
C ALA K 288 -50.37 -37.17 45.20
N THR K 289 -49.64 -36.58 46.15
CA THR K 289 -50.18 -36.28 47.46
C THR K 289 -50.29 -34.78 47.74
N ARG K 290 -49.52 -33.96 47.05
CA ARG K 290 -49.51 -32.51 47.24
C ARG K 290 -49.59 -31.84 45.89
N PRO K 291 -49.93 -30.55 45.85
CA PRO K 291 -50.04 -29.86 44.56
C PRO K 291 -48.75 -29.97 43.76
N THR K 292 -48.91 -30.20 42.46
CA THR K 292 -47.78 -30.36 41.56
C THR K 292 -48.12 -29.75 40.20
N LEU K 293 -47.10 -29.35 39.48
CA LEU K 293 -47.24 -28.71 38.17
C LEU K 293 -46.88 -29.71 37.09
N LEU K 294 -47.82 -29.96 36.18
CA LEU K 294 -47.60 -30.81 35.02
C LEU K 294 -47.72 -29.97 33.76
N THR K 295 -46.93 -30.32 32.76
CA THR K 295 -47.02 -29.63 31.47
C THR K 295 -46.47 -30.55 30.38
N THR K 296 -46.82 -30.21 29.15
CA THR K 296 -46.33 -30.94 27.98
C THR K 296 -46.67 -30.11 26.74
N ARG K 297 -46.04 -30.49 25.63
CA ARG K 297 -46.20 -29.75 24.38
C ARG K 297 -45.84 -30.66 23.22
N LYS K 298 -46.54 -30.48 22.10
CA LYS K 298 -46.23 -31.24 20.90
C LYS K 298 -44.89 -30.80 20.33
N LEU K 299 -44.18 -31.76 19.75
CA LEU K 299 -42.85 -31.53 19.19
C LEU K 299 -42.90 -31.06 17.74
N GLY K 300 -44.09 -30.86 17.17
CA GLY K 300 -44.24 -30.44 15.80
C GLY K 300 -44.28 -28.93 15.65
N LEU K 301 -44.80 -28.48 14.51
CA LEU K 301 -44.91 -27.05 14.27
C LEU K 301 -45.81 -26.39 15.31
N ARG K 302 -46.94 -27.02 15.63
CA ARG K 302 -47.84 -26.47 16.63
C ARG K 302 -47.29 -26.73 18.03
N ALA K 303 -47.08 -25.65 18.79
CA ALA K 303 -46.54 -25.80 20.13
C ALA K 303 -47.48 -26.64 21.00
N ASP K 304 -48.78 -26.35 20.95
CA ASP K 304 -49.76 -27.09 21.73
C ASP K 304 -49.37 -27.11 23.21
N ALA K 305 -48.92 -25.96 23.71
CA ALA K 305 -48.50 -25.87 25.10
C ALA K 305 -49.67 -26.18 26.03
N THR K 306 -49.43 -27.07 27.00
CA THR K 306 -50.43 -27.44 27.99
C THR K 306 -49.78 -27.44 29.36
N ALA K 307 -50.44 -26.80 30.32
CA ALA K 307 -49.98 -26.77 31.70
C ALA K 307 -51.18 -26.92 32.63
N GLU K 308 -50.94 -27.51 33.80
CA GLU K 308 -52.02 -27.77 34.75
C GLU K 308 -51.43 -28.01 36.13
N TRP K 309 -52.28 -27.81 37.13
CA TRP K 309 -51.95 -28.09 38.53
C TRP K 309 -52.78 -29.27 39.00
N ILE K 310 -52.13 -30.24 39.64
CA ILE K 310 -52.78 -31.45 40.12
C ILE K 310 -52.60 -31.53 41.64
N THR K 311 -53.71 -31.64 42.36
CA THR K 311 -53.67 -31.68 43.82
C THR K 311 -53.49 -33.11 44.33
N GLY K 312 -54.41 -34.01 43.98
CA GLY K 312 -54.33 -35.39 44.40
C GLY K 312 -53.90 -36.32 43.28
N THR K 313 -54.82 -37.16 42.80
CA THR K 313 -54.54 -38.09 41.72
C THR K 313 -55.79 -38.25 40.87
N THR K 314 -55.57 -38.63 39.62
CA THR K 314 -56.67 -38.81 38.67
C THR K 314 -56.13 -39.51 37.43
N SER K 315 -56.96 -39.57 36.39
CA SER K 315 -56.56 -40.12 35.09
C SER K 315 -56.80 -39.06 34.03
N ARG K 316 -55.84 -38.91 33.12
CA ARG K 316 -55.90 -37.86 32.10
C ARG K 316 -55.60 -38.44 30.73
N ASN K 317 -56.41 -38.05 29.75
CA ASN K 317 -56.20 -38.42 28.36
C ASN K 317 -55.34 -37.37 27.66
N PHE K 318 -54.61 -37.81 26.64
CA PHE K 318 -53.79 -36.89 25.85
C PHE K 318 -53.67 -37.44 24.43
N SER K 319 -54.12 -36.65 23.46
CA SER K 319 -54.02 -37.02 22.05
C SER K 319 -52.61 -36.72 21.58
N VAL K 320 -51.75 -37.75 21.57
CA VAL K 320 -50.37 -37.55 21.18
C VAL K 320 -50.29 -37.11 19.73
N GLY K 321 -49.42 -36.14 19.47
CA GLY K 321 -49.17 -35.74 18.10
C GLY K 321 -48.52 -36.86 17.31
N ARG K 322 -48.77 -36.86 16.00
CA ARG K 322 -48.22 -37.91 15.14
C ARG K 322 -46.70 -37.93 15.22
N GLU K 323 -46.07 -36.76 15.05
CA GLU K 323 -44.61 -36.70 15.04
C GLU K 323 -44.03 -37.00 16.42
N GLY K 324 -44.61 -36.43 17.47
CA GLY K 324 -44.08 -36.63 18.80
C GLY K 324 -44.75 -35.73 19.81
N LEU K 325 -44.43 -35.98 21.08
CA LEU K 325 -44.99 -35.24 22.20
C LEU K 325 -43.98 -35.19 23.33
N GLU K 326 -44.07 -34.13 24.14
CA GLU K 326 -43.24 -33.97 25.32
C GLU K 326 -43.95 -34.51 26.55
N TYR K 327 -43.18 -34.74 27.62
CA TYR K 327 -43.72 -35.26 28.87
C TYR K 327 -42.94 -34.64 30.02
N VAL K 328 -43.48 -33.56 30.59
CA VAL K 328 -42.86 -32.85 31.69
C VAL K 328 -43.70 -33.10 32.94
N TRP K 329 -43.12 -33.79 33.91
CA TRP K 329 -43.78 -34.03 35.19
C TRP K 329 -42.71 -34.26 36.25
N GLY K 330 -42.95 -33.71 37.44
CA GLY K 330 -41.98 -33.83 38.52
C GLY K 330 -40.69 -33.10 38.20
N ASN K 331 -39.85 -32.89 39.22
CA ASN K 331 -38.60 -32.18 39.01
C ASN K 331 -37.58 -32.98 38.21
N HIS K 332 -37.84 -34.27 37.99
CA HIS K 332 -36.92 -35.08 37.20
C HIS K 332 -37.01 -34.71 35.72
N GLU K 333 -36.03 -35.18 34.95
CA GLU K 333 -35.97 -34.84 33.54
C GLU K 333 -37.19 -35.39 32.80
N PRO K 334 -37.63 -34.73 31.75
CA PRO K 334 -38.80 -35.19 31.01
C PRO K 334 -38.43 -36.30 30.03
N VAL K 335 -39.47 -36.85 29.40
CA VAL K 335 -39.31 -37.89 28.38
C VAL K 335 -40.14 -37.51 27.17
N ARG K 336 -39.71 -38.00 26.02
CA ARG K 336 -40.38 -37.74 24.75
C ARG K 336 -40.91 -39.06 24.19
N VAL K 337 -42.17 -39.04 23.76
CA VAL K 337 -42.85 -40.24 23.27
C VAL K 337 -43.59 -39.88 21.98
N TRP K 338 -43.44 -40.71 20.97
CA TRP K 338 -44.04 -40.48 19.65
C TRP K 338 -45.07 -41.57 19.36
N ALA K 339 -45.73 -41.44 18.21
CA ALA K 339 -46.86 -42.30 17.85
C ALA K 339 -46.66 -42.87 16.46
N GLN K 340 -47.30 -44.02 16.22
CA GLN K 340 -47.28 -44.69 14.92
C GLN K 340 -48.66 -45.26 14.66
N GLU K 341 -48.76 -46.15 13.67
CA GLU K 341 -50.03 -46.72 13.24
C GLU K 341 -50.10 -48.21 13.57
N SER K 342 -51.31 -48.68 13.86
CA SER K 342 -51.53 -50.10 14.16
C SER K 342 -52.81 -50.65 13.56
N ALA K 343 -53.49 -49.91 12.69
CA ALA K 343 -54.74 -50.39 12.11
C ALA K 343 -54.46 -51.49 11.10
N PRO K 344 -55.46 -52.37 10.85
CA PRO K 344 -55.27 -53.51 9.92
C PRO K 344 -55.29 -53.10 8.44
N GLY K 345 -54.15 -52.65 7.95
CA GLY K 345 -54.05 -52.17 6.59
C GLY K 345 -53.97 -53.23 5.52
N ASP K 346 -52.94 -54.05 5.55
CA ASP K 346 -52.72 -55.01 4.47
C ASP K 346 -53.81 -56.07 4.45
N PRO K 347 -54.25 -56.51 3.27
CA PRO K 347 -55.22 -57.61 3.20
C PRO K 347 -54.59 -58.96 3.50
N HIS K 348 -55.37 -60.04 3.35
CA HIS K 348 -54.91 -61.39 3.61
C HIS K 348 -55.23 -62.33 2.45
N GLY K 349 -55.29 -61.78 1.23
CA GLY K 349 -55.61 -62.56 0.05
C GLY K 349 -57.08 -62.72 -0.22
N TRP K 350 -57.94 -62.25 0.67
CA TRP K 350 -59.39 -62.33 0.50
C TRP K 350 -59.97 -60.91 0.52
N PRO K 351 -61.23 -60.73 0.15
CA PRO K 351 -61.84 -59.40 0.27
C PRO K 351 -61.78 -58.91 1.70
N HIS K 352 -61.52 -57.61 1.86
CA HIS K 352 -61.35 -57.02 3.19
C HIS K 352 -61.81 -55.58 3.16
N GLU K 353 -62.13 -55.07 4.35
CA GLU K 353 -62.51 -53.66 4.51
C GLU K 353 -61.25 -52.85 4.82
N ILE K 354 -60.42 -52.70 3.79
CA ILE K 354 -59.13 -52.05 3.96
C ILE K 354 -59.31 -50.58 4.29
N ILE K 355 -60.32 -49.93 3.71
CA ILE K 355 -60.47 -48.49 3.85
C ILE K 355 -60.46 -48.07 5.33
N ILE K 356 -60.99 -48.92 6.21
CA ILE K 356 -61.08 -48.55 7.62
C ILE K 356 -59.70 -48.18 8.16
N HIS K 357 -58.67 -48.95 7.79
CA HIS K 357 -57.31 -48.62 8.19
C HIS K 357 -56.96 -47.21 7.73
N TYR K 358 -57.13 -46.94 6.44
CA TYR K 358 -56.87 -45.61 5.91
C TYR K 358 -57.84 -44.58 6.45
N TYR K 359 -58.97 -45.01 7.03
CA TYR K 359 -59.84 -44.07 7.72
C TYR K 359 -59.29 -43.69 9.09
N HIS K 360 -58.57 -44.60 9.75
CA HIS K 360 -58.03 -44.29 11.07
C HIS K 360 -56.86 -43.32 10.99
N ARG K 361 -56.09 -43.38 9.90
CA ARG K 361 -54.98 -42.46 9.68
C ARG K 361 -55.30 -41.56 8.50
N HIS K 362 -55.02 -40.27 8.64
CA HIS K 362 -55.32 -39.30 7.61
C HIS K 362 -56.79 -39.38 7.22
N PRO K 363 -57.70 -38.91 8.07
CA PRO K 363 -59.12 -38.89 7.69
C PRO K 363 -59.37 -38.08 6.44
N VAL K 364 -58.49 -37.13 6.12
CA VAL K 364 -58.51 -36.47 4.82
C VAL K 364 -57.66 -37.30 3.86
N TYR K 365 -57.96 -37.18 2.57
CA TYR K 365 -57.32 -37.91 1.48
C TYR K 365 -57.78 -39.35 1.39
N THR K 366 -58.62 -39.82 2.32
CA THR K 366 -59.08 -41.20 2.31
C THR K 366 -60.53 -41.36 1.88
N VAL K 367 -61.34 -40.30 1.97
CA VAL K 367 -62.74 -40.36 1.54
C VAL K 367 -62.84 -39.75 0.15
N ILE K 368 -61.92 -38.84 -0.17
CA ILE K 368 -61.92 -38.20 -1.48
C ILE K 368 -61.71 -39.23 -2.58
N VAL K 369 -60.91 -40.27 -2.29
CA VAL K 369 -60.68 -41.31 -3.29
C VAL K 369 -61.99 -42.02 -3.63
N LEU K 370 -62.80 -42.32 -2.61
CA LEU K 370 -64.07 -42.98 -2.86
C LEU K 370 -64.99 -42.10 -3.69
N CYS K 371 -65.06 -40.81 -3.37
CA CYS K 371 -65.91 -39.90 -4.13
C CYS K 371 -65.44 -39.81 -5.58
N GLY K 372 -64.13 -39.71 -5.79
CA GLY K 372 -63.60 -39.64 -7.14
C GLY K 372 -63.89 -40.91 -7.94
N VAL K 373 -63.71 -42.07 -7.30
CA VAL K 373 -64.00 -43.32 -7.98
C VAL K 373 -65.48 -43.41 -8.33
N ALA K 374 -66.36 -43.02 -7.40
CA ALA K 374 -67.79 -43.06 -7.68
C ALA K 374 -68.15 -42.13 -8.83
N LEU K 375 -67.58 -40.92 -8.83
CA LEU K 375 -67.85 -39.99 -9.92
C LEU K 375 -67.36 -40.54 -11.25
N ALA K 376 -66.16 -41.10 -11.27
CA ALA K 376 -65.61 -41.63 -12.52
C ALA K 376 -66.45 -42.77 -13.06
N ILE K 377 -66.83 -43.71 -12.18
CA ILE K 377 -67.62 -44.85 -12.64
C ILE K 377 -69.00 -44.41 -13.08
N LEU K 378 -69.61 -43.46 -12.36
CA LEU K 378 -70.93 -42.97 -12.77
C LEU K 378 -70.86 -42.26 -14.11
N VAL K 379 -69.83 -41.44 -14.31
CA VAL K 379 -69.69 -40.74 -15.59
C VAL K 379 -69.47 -41.74 -16.72
N GLY K 380 -68.62 -42.75 -16.48
CA GLY K 380 -68.39 -43.76 -17.51
C GLY K 380 -69.65 -44.52 -17.86
N THR K 381 -70.40 -44.94 -16.84
CA THR K 381 -71.63 -45.68 -17.08
C THR K 381 -72.66 -44.83 -17.81
N ALA K 382 -72.81 -43.57 -17.41
CA ALA K 382 -73.77 -42.69 -18.08
C ALA K 382 -73.38 -42.45 -19.52
N SER K 383 -72.09 -42.21 -19.78
CA SER K 383 -71.63 -42.01 -21.15
C SER K 383 -71.85 -43.26 -21.98
N SER K 384 -71.55 -44.43 -21.42
CA SER K 384 -71.76 -45.68 -22.15
C SER K 384 -73.23 -45.89 -22.46
N ALA K 385 -74.11 -45.63 -21.49
CA ALA K 385 -75.54 -45.82 -21.70
C ALA K 385 -76.05 -44.87 -22.77
N ALA K 386 -75.66 -43.59 -22.70
CA ALA K 386 -76.10 -42.63 -23.70
C ALA K 386 -75.59 -43.00 -25.09
N CYS K 387 -74.31 -43.38 -25.17
CA CYS K 387 -73.73 -43.73 -26.47
C CYS K 387 -74.39 -44.96 -27.05
N ILE K 388 -74.64 -45.99 -26.23
CA ILE K 388 -75.26 -47.21 -26.76
C ILE K 388 -76.69 -46.94 -27.16
N ALA K 389 -77.41 -46.13 -26.39
CA ALA K 389 -78.79 -45.78 -26.77
C ALA K 389 -78.81 -45.03 -28.10
N LYS K 390 -77.93 -44.04 -28.25
CA LYS K 390 -77.89 -43.28 -29.49
C LYS K 390 -77.45 -44.16 -30.67
N ALA K 391 -76.51 -45.06 -30.43
CA ALA K 391 -76.04 -45.93 -31.51
C ALA K 391 -77.07 -46.98 -31.86
N ARG K 392 -77.94 -47.33 -30.91
CA ARG K 392 -79.04 -48.23 -31.20
C ARG K 392 -80.13 -47.53 -32.01
N ARG K 393 -80.44 -46.28 -31.63
CA ARG K 393 -81.40 -45.50 -32.40
C ARG K 393 -80.90 -45.23 -33.81
N ASP K 394 -79.60 -44.94 -33.94
CA ASP K 394 -79.02 -44.72 -35.26
C ASP K 394 -78.84 -46.02 -36.03
N CYS K 395 -78.69 -47.14 -35.31
CA CYS K 395 -78.79 -48.45 -35.94
C CYS K 395 -80.24 -48.81 -36.21
N LEU K 396 -81.17 -48.00 -35.70
CA LEU K 396 -82.55 -48.01 -36.18
C LEU K 396 -82.79 -46.92 -37.22
N THR K 397 -81.72 -46.24 -37.64
CA THR K 397 -81.80 -45.44 -38.87
C THR K 397 -82.39 -46.26 -40.01
N PRO K 398 -82.25 -47.59 -40.07
CA PRO K 398 -83.03 -48.37 -41.03
C PRO K 398 -84.51 -48.33 -40.71
N TYR K 399 -85.08 -47.11 -40.70
CA TYR K 399 -86.51 -46.96 -40.46
C TYR K 399 -87.27 -47.84 -41.43
N ALA K 400 -86.95 -47.71 -42.72
CA ALA K 400 -86.99 -48.80 -43.70
C ALA K 400 -88.15 -49.75 -43.45
N LEU K 401 -89.38 -49.21 -43.37
CA LEU K 401 -90.54 -50.05 -43.15
C LEU K 401 -90.85 -51.00 -44.32
N ALA K 402 -90.47 -50.60 -45.53
CA ALA K 402 -90.77 -51.40 -46.71
C ALA K 402 -89.95 -52.68 -46.69
N PRO K 403 -88.61 -52.58 -46.74
CA PRO K 403 -87.79 -53.80 -46.70
C PRO K 403 -87.84 -54.54 -45.38
N ASN K 404 -87.61 -55.85 -45.40
CA ASN K 404 -87.50 -56.59 -44.16
C ASN K 404 -86.26 -56.16 -43.38
N ALA K 405 -86.04 -56.76 -42.21
CA ALA K 405 -84.86 -56.44 -41.42
C ALA K 405 -83.62 -56.49 -42.29
N THR K 406 -82.92 -55.36 -42.38
CA THR K 406 -81.74 -55.26 -43.25
C THR K 406 -80.80 -56.43 -42.97
N VAL K 407 -80.47 -56.67 -41.70
CA VAL K 407 -79.80 -57.89 -41.29
C VAL K 407 -80.31 -58.25 -39.89
N PRO K 408 -80.89 -59.43 -39.69
CA PRO K 408 -81.33 -59.79 -38.33
C PRO K 408 -80.18 -59.88 -37.35
N THR K 409 -78.95 -60.00 -37.85
CA THR K 409 -77.78 -59.97 -36.96
C THR K 409 -77.70 -58.64 -36.24
N ALA K 410 -77.93 -57.53 -36.94
CA ALA K 410 -77.98 -56.23 -36.29
C ALA K 410 -79.18 -56.13 -35.36
N LEU K 411 -80.31 -56.71 -35.76
CA LEU K 411 -81.48 -56.76 -34.88
C LEU K 411 -81.12 -57.41 -33.55
N ALA K 412 -80.27 -58.44 -33.59
CA ALA K 412 -79.77 -59.03 -32.35
C ALA K 412 -78.96 -58.02 -31.55
N VAL K 413 -78.12 -57.23 -32.24
CA VAL K 413 -77.36 -56.19 -31.57
C VAL K 413 -78.30 -55.18 -30.93
N LEU K 414 -79.32 -54.75 -31.67
CA LEU K 414 -80.32 -53.83 -31.12
C LEU K 414 -81.10 -54.48 -29.98
N CYS K 415 -81.48 -55.74 -30.15
CA CYS K 415 -82.24 -56.45 -29.12
C CYS K 415 -82.15 -57.96 -29.33
N ASN L 1 -8.97 -33.29 67.67
CA ASN L 1 -7.63 -33.28 68.25
C ASN L 1 -6.59 -32.92 67.20
N SER L 2 -5.77 -31.93 67.52
CA SER L 2 -4.73 -31.49 66.59
C SER L 2 -3.60 -32.50 66.52
N VAL L 3 -2.74 -32.33 65.51
CA VAL L 3 -1.57 -33.17 65.30
C VAL L 3 -0.34 -32.28 65.33
N VAL L 4 0.70 -32.76 66.03
CA VAL L 4 1.92 -31.99 66.19
C VAL L 4 2.59 -31.85 64.83
N VAL L 5 2.57 -30.65 64.26
CA VAL L 5 3.23 -30.41 62.98
C VAL L 5 4.73 -30.63 63.12
N SER L 6 5.33 -30.09 64.18
CA SER L 6 6.76 -30.20 64.41
C SER L 6 7.07 -29.70 65.81
N VAL L 7 8.15 -30.23 66.38
CA VAL L 7 8.62 -29.82 67.70
C VAL L 7 10.03 -29.26 67.53
N LEU L 8 10.23 -28.04 68.02
CA LEU L 8 11.51 -27.35 67.90
C LEU L 8 11.92 -26.80 69.26
N ASN L 9 13.21 -26.89 69.55
CA ASN L 9 13.76 -26.35 70.79
C ASN L 9 14.22 -24.91 70.55
N ILE L 10 13.67 -23.98 71.32
CA ILE L 10 13.96 -22.55 71.18
C ILE L 10 14.85 -22.13 72.33
N SER L 11 16.05 -21.65 72.00
CA SER L 11 16.99 -21.16 73.00
C SER L 11 16.84 -19.64 73.17
N ALA L 12 15.65 -19.25 73.63
CA ALA L 12 15.35 -17.84 73.81
C ALA L 12 16.33 -17.22 74.79
N THR L 13 16.87 -16.05 74.43
CA THR L 13 17.86 -15.35 75.24
C THR L 13 17.16 -14.26 76.05
N LEU L 14 17.48 -14.18 77.34
CA LEU L 14 16.86 -13.18 78.20
C LEU L 14 17.18 -11.78 77.69
N GLY L 15 16.15 -10.93 77.65
CA GLY L 15 16.29 -9.55 77.19
C GLY L 15 16.13 -9.36 75.70
N SER L 16 16.62 -10.32 74.91
CA SER L 16 16.55 -10.23 73.46
C SER L 16 15.14 -10.62 73.00
N GLN L 17 14.96 -10.75 71.68
CA GLN L 17 13.68 -11.09 71.08
C GLN L 17 13.76 -12.45 70.44
N ALA L 18 12.75 -13.28 70.67
CA ALA L 18 12.64 -14.60 70.09
C ALA L 18 11.42 -14.68 69.18
N VAL L 19 11.50 -15.53 68.16
CA VAL L 19 10.45 -15.67 67.17
C VAL L 19 10.05 -17.13 67.07
N LEU L 20 8.75 -17.39 67.16
CA LEU L 20 8.18 -18.71 66.91
C LEU L 20 7.45 -18.65 65.57
N PRO L 21 7.94 -19.34 64.52
CA PRO L 21 7.41 -19.06 63.17
C PRO L 21 6.10 -19.75 62.84
N CYS L 22 5.36 -20.22 63.84
CA CYS L 22 4.08 -20.88 63.57
C CYS L 22 3.24 -20.05 62.60
N LYS L 23 3.00 -20.59 61.40
CA LYS L 23 2.24 -19.89 60.37
C LYS L 23 2.10 -20.83 59.18
N SER L 24 1.18 -20.48 58.28
CA SER L 24 0.99 -21.25 57.06
C SER L 24 0.19 -20.41 56.09
N TYR L 25 0.75 -20.16 54.90
CA TYR L 25 0.01 -19.45 53.87
C TYR L 25 -1.20 -20.24 53.39
N ARG L 26 -1.21 -21.56 53.58
CA ARG L 26 -2.41 -22.34 53.33
C ARG L 26 -3.53 -21.89 54.27
N MET L 27 -3.19 -21.58 55.52
CA MET L 27 -4.16 -21.11 56.51
C MET L 27 -4.66 -19.70 56.21
N VAL L 28 -4.06 -19.02 55.23
CA VAL L 28 -4.45 -17.65 54.92
C VAL L 28 -5.97 -17.56 54.79
N TRP L 29 -6.53 -16.48 55.31
CA TRP L 29 -7.97 -16.22 55.28
C TRP L 29 -8.29 -15.25 54.15
N THR L 30 -9.37 -15.55 53.43
CA THR L 30 -9.76 -14.72 52.28
C THR L 30 -10.04 -13.30 52.74
N GLN L 31 -9.53 -12.33 51.98
CA GLN L 31 -9.66 -10.92 52.36
C GLN L 31 -10.99 -10.34 51.92
N ASP L 32 -11.46 -10.70 50.72
CA ASP L 32 -12.68 -10.09 50.21
C ASP L 32 -13.86 -10.44 51.08
N ARG L 33 -14.85 -9.53 51.12
CA ARG L 33 -16.02 -9.75 51.95
C ARG L 33 -16.77 -11.02 51.58
N LEU L 34 -16.61 -11.49 50.34
CA LEU L 34 -17.26 -12.71 49.87
C LEU L 34 -16.20 -13.82 49.88
N ASN L 35 -16.05 -14.46 51.04
CA ASN L 35 -15.19 -15.63 51.12
C ASN L 35 -15.75 -16.74 50.22
N ASP L 36 -14.87 -17.38 49.45
CA ASP L 36 -15.32 -18.38 48.50
C ASP L 36 -16.06 -19.50 49.22
N ARG L 37 -17.25 -19.84 48.70
CA ARG L 37 -18.08 -20.90 49.27
C ARG L 37 -18.34 -22.02 48.26
N GLN L 38 -17.52 -22.12 47.22
CA GLN L 38 -17.73 -23.08 46.16
C GLN L 38 -16.46 -23.88 45.91
N ARG L 39 -16.64 -25.09 45.38
CA ARG L 39 -15.55 -25.99 45.05
C ARG L 39 -15.80 -26.56 43.66
N VAL L 40 -14.73 -26.98 43.00
CA VAL L 40 -14.81 -27.42 41.61
C VAL L 40 -14.10 -28.76 41.45
N VAL L 41 -14.61 -29.58 40.54
CA VAL L 41 -13.94 -30.79 40.10
C VAL L 41 -14.00 -30.81 38.58
N HIS L 42 -13.05 -31.50 37.96
CA HIS L 42 -13.06 -31.59 36.51
C HIS L 42 -12.29 -32.82 36.04
N TRP L 43 -12.53 -33.18 34.79
CA TRP L 43 -11.82 -34.26 34.11
C TRP L 43 -11.07 -33.69 32.91
N ASP L 44 -9.84 -34.15 32.71
CA ASP L 44 -9.01 -33.65 31.62
C ASP L 44 -8.21 -34.79 31.02
N VAL L 45 -8.21 -34.90 29.70
CA VAL L 45 -7.50 -35.97 29.00
C VAL L 45 -6.26 -35.40 28.34
N TYR L 46 -5.14 -36.11 28.48
CA TYR L 46 -3.89 -35.81 27.79
C TYR L 46 -3.59 -36.99 26.88
N SER L 47 -4.14 -36.95 25.67
CA SER L 47 -3.96 -38.01 24.68
C SER L 47 -2.82 -37.62 23.75
N THR L 48 -1.71 -38.34 23.83
CA THR L 48 -0.59 -38.09 22.95
C THR L 48 -0.90 -38.43 21.50
N TYR L 49 -2.01 -39.13 21.24
CA TYR L 49 -2.44 -39.37 19.86
C TYR L 49 -2.53 -38.06 19.09
N TYR L 50 -3.06 -37.01 19.72
CA TYR L 50 -3.10 -35.70 19.10
C TYR L 50 -1.69 -35.23 18.77
N GLY L 51 -1.50 -34.74 17.55
CA GLY L 51 -0.24 -34.10 17.21
C GLY L 51 0.03 -32.89 18.09
N ASP L 52 -1.03 -32.18 18.49
CA ASP L 52 -0.87 -31.04 19.38
C ASP L 52 -0.42 -31.48 20.77
N ASN L 53 -0.69 -32.73 21.13
CA ASN L 53 -0.35 -33.33 22.43
C ASN L 53 -0.46 -32.32 23.57
N LYS L 54 -1.65 -31.75 23.70
CA LYS L 54 -2.03 -30.91 24.82
C LYS L 54 -3.05 -31.64 25.69
N MET L 55 -3.33 -31.06 26.85
CA MET L 55 -4.35 -31.58 27.77
C MET L 55 -5.63 -30.77 27.60
N GLU L 56 -6.73 -31.45 27.36
CA GLU L 56 -8.02 -30.81 27.12
C GLU L 56 -9.02 -31.26 28.16
N ARG L 57 -9.79 -30.30 28.68
CA ARG L 57 -10.71 -30.54 29.79
C ARG L 57 -12.06 -31.01 29.24
N LEU L 58 -12.43 -32.25 29.57
CA LEU L 58 -13.68 -32.80 29.08
C LEU L 58 -14.88 -32.05 29.67
N CYS L 59 -14.91 -31.91 30.99
CA CYS L 59 -16.03 -31.29 31.67
C CYS L 59 -15.64 -30.99 33.11
N ASP L 60 -16.49 -30.23 33.79
CA ASP L 60 -16.22 -29.81 35.15
C ASP L 60 -17.54 -29.56 35.88
N MET L 61 -17.59 -30.02 37.13
CA MET L 61 -18.73 -29.80 38.01
C MET L 61 -18.39 -28.72 39.03
N TYR L 62 -19.32 -27.77 39.19
CA TYR L 62 -19.21 -26.71 40.17
C TYR L 62 -20.19 -26.98 41.30
N SER L 63 -19.73 -26.82 42.54
CA SER L 63 -20.61 -27.01 43.69
C SER L 63 -21.79 -26.07 43.61
N ALA L 64 -22.99 -26.62 43.80
CA ALA L 64 -24.24 -25.86 43.69
C ALA L 64 -24.41 -25.25 42.31
N GLY L 65 -23.71 -25.78 41.30
CA GLY L 65 -23.76 -25.27 39.96
C GLY L 65 -24.50 -26.21 39.01
N ASP L 66 -24.34 -25.91 37.72
CA ASP L 66 -24.97 -26.68 36.65
C ASP L 66 -23.91 -27.36 35.80
N GLN L 67 -24.19 -28.60 35.41
CA GLN L 67 -23.26 -29.33 34.54
C GLN L 67 -23.08 -28.58 33.23
N ARG L 68 -21.82 -28.41 32.83
CA ARG L 68 -21.48 -27.67 31.62
C ARG L 68 -20.37 -28.42 30.90
N VAL L 69 -20.59 -28.71 29.61
CA VAL L 69 -19.63 -29.42 28.79
C VAL L 69 -18.82 -28.41 27.99
N TYR L 70 -17.50 -28.54 28.02
CA TYR L 70 -16.63 -27.59 27.32
C TYR L 70 -16.91 -27.58 25.82
N SER L 71 -17.07 -28.76 25.22
CA SER L 71 -17.27 -28.89 23.79
C SER L 71 -18.74 -29.17 23.50
N SER L 72 -19.05 -29.36 22.21
CA SER L 72 -20.40 -29.62 21.76
C SER L 72 -20.71 -31.10 21.58
N TYR L 73 -19.72 -31.98 21.73
CA TYR L 73 -19.89 -33.40 21.49
C TYR L 73 -19.95 -34.22 22.77
N ASN L 74 -19.18 -33.85 23.80
CA ASN L 74 -19.10 -34.67 25.00
C ASN L 74 -20.45 -34.79 25.69
N GLN L 75 -21.38 -33.87 25.43
CA GLN L 75 -22.74 -34.04 25.91
C GLN L 75 -23.32 -35.34 25.36
N GLY L 76 -23.90 -36.14 26.23
CA GLY L 76 -24.33 -37.48 25.86
C GLY L 76 -23.23 -38.50 26.01
N ARG L 77 -22.05 -38.21 25.44
CA ARG L 77 -20.91 -39.09 25.63
C ARG L 77 -20.45 -39.08 27.07
N ILE L 78 -20.29 -37.89 27.65
CA ILE L 78 -19.83 -37.74 29.02
C ILE L 78 -21.04 -37.68 29.94
N PHE L 79 -21.08 -38.56 30.94
CA PHE L 79 -22.14 -38.58 31.93
C PHE L 79 -21.52 -38.43 33.31
N MET L 80 -21.91 -37.36 34.01
CA MET L 80 -21.45 -37.07 35.37
C MET L 80 -22.68 -37.01 36.27
N PRO L 81 -23.06 -38.12 36.91
CA PRO L 81 -24.27 -38.11 37.74
C PRO L 81 -24.30 -36.96 38.73
N GLN L 82 -25.36 -36.15 38.66
CA GLN L 82 -25.47 -35.00 39.56
C GLN L 82 -25.53 -35.44 41.01
N ASN L 83 -26.35 -36.45 41.31
CA ASN L 83 -26.44 -36.95 42.66
C ASN L 83 -25.08 -37.41 43.18
N ALA L 84 -24.21 -37.90 42.29
CA ALA L 84 -22.90 -38.36 42.72
C ALA L 84 -22.10 -37.24 43.37
N PHE L 85 -22.44 -35.98 43.11
CA PHE L 85 -21.75 -34.89 43.79
C PHE L 85 -21.84 -35.04 45.29
N THR L 86 -22.99 -35.51 45.79
CA THR L 86 -23.10 -35.82 47.22
C THR L 86 -22.36 -37.10 47.55
N ASP L 87 -22.45 -38.10 46.67
CA ASP L 87 -21.78 -39.38 46.92
C ASP L 87 -20.27 -39.24 46.82
N GLY L 88 -19.78 -38.27 46.05
CA GLY L 88 -18.36 -38.12 45.82
C GLY L 88 -17.79 -39.00 44.74
N ASN L 89 -18.60 -39.87 44.14
CA ASN L 89 -18.16 -40.72 43.05
C ASN L 89 -18.13 -39.88 41.77
N PHE L 90 -17.02 -39.17 41.58
CA PHE L 90 -16.85 -38.28 40.44
C PHE L 90 -16.35 -39.05 39.21
N SER L 91 -17.03 -40.16 38.91
CA SER L 91 -16.62 -41.03 37.82
C SER L 91 -17.06 -40.45 36.47
N LEU L 92 -16.48 -41.01 35.42
CA LEU L 92 -16.74 -40.58 34.05
C LEU L 92 -17.18 -41.76 33.21
N VAL L 93 -18.09 -41.52 32.28
CA VAL L 93 -18.62 -42.55 31.39
C VAL L 93 -18.44 -42.08 29.96
N ILE L 94 -17.91 -42.98 29.11
CA ILE L 94 -17.83 -42.76 27.67
C ILE L 94 -18.76 -43.75 26.99
N LYS L 95 -19.59 -43.25 26.08
CA LYS L 95 -20.50 -44.11 25.34
C LYS L 95 -19.75 -44.90 24.27
N ASP L 96 -19.05 -44.20 23.39
CA ASP L 96 -18.26 -44.82 22.33
C ASP L 96 -16.83 -44.29 22.40
N VAL L 97 -15.86 -45.18 22.20
CA VAL L 97 -14.45 -44.85 22.29
C VAL L 97 -13.82 -45.06 20.92
N ALA L 98 -13.08 -44.06 20.46
CA ALA L 98 -12.40 -44.11 19.17
C ALA L 98 -10.90 -44.23 19.37
N GLU L 99 -10.20 -44.57 18.29
CA GLU L 99 -8.75 -44.70 18.34
C GLU L 99 -8.10 -43.38 18.76
N SER L 100 -8.72 -42.25 18.43
CA SER L 100 -8.20 -40.95 18.82
C SER L 100 -8.61 -40.55 20.24
N ASP L 101 -9.49 -41.32 20.88
CA ASP L 101 -9.95 -40.99 22.22
C ASP L 101 -9.06 -41.58 23.31
N GLY L 102 -8.43 -42.72 23.05
CA GLY L 102 -7.57 -43.33 24.06
C GLY L 102 -6.39 -42.45 24.40
N GLY L 103 -5.96 -42.52 25.65
CA GLY L 103 -4.84 -41.73 26.11
C GLY L 103 -4.69 -41.70 27.62
N ILE L 104 -4.50 -40.51 28.18
CA ILE L 104 -4.27 -40.32 29.60
C ILE L 104 -5.37 -39.43 30.15
N TYR L 105 -6.05 -39.89 31.20
CA TYR L 105 -7.12 -39.15 31.85
C TYR L 105 -6.66 -38.72 33.23
N SER L 106 -7.22 -37.61 33.72
CA SER L 106 -6.89 -37.09 35.03
C SER L 106 -8.12 -36.45 35.64
N CYS L 107 -8.44 -36.85 36.87
CA CYS L 107 -9.54 -36.29 37.63
C CYS L 107 -8.96 -35.37 38.69
N ASN L 108 -9.39 -34.11 38.68
CA ASN L 108 -8.78 -33.07 39.51
C ASN L 108 -9.84 -32.37 40.34
N LEU L 109 -9.47 -32.05 41.58
CA LEU L 109 -10.33 -31.34 42.53
C LEU L 109 -9.62 -30.07 42.97
N HIS L 110 -10.34 -28.96 42.96
CA HIS L 110 -9.81 -27.67 43.38
C HIS L 110 -10.80 -26.97 44.30
N HIS L 111 -10.28 -26.34 45.35
CA HIS L 111 -11.10 -25.59 46.29
C HIS L 111 -10.35 -24.33 46.68
N HIS L 112 -10.90 -23.17 46.32
CA HIS L 112 -10.21 -21.91 46.56
C HIS L 112 -10.16 -21.56 48.05
N TYR L 113 -11.29 -21.70 48.74
CA TYR L 113 -11.35 -21.28 50.14
C TYR L 113 -10.38 -22.08 51.00
N CYS L 114 -10.47 -23.41 50.93
CA CYS L 114 -9.58 -24.26 51.70
C CYS L 114 -8.19 -24.35 51.08
N HIS L 115 -8.03 -23.94 49.82
CA HIS L 115 -6.75 -23.99 49.12
C HIS L 115 -6.19 -25.41 49.10
N LEU L 116 -7.08 -26.39 48.94
CA LEU L 116 -6.71 -27.79 48.85
C LEU L 116 -7.15 -28.34 47.49
N TYR L 117 -6.23 -29.01 46.81
CA TYR L 117 -6.51 -29.59 45.50
C TYR L 117 -5.84 -30.96 45.41
N GLU L 118 -6.40 -31.82 44.57
CA GLU L 118 -5.90 -33.17 44.40
C GLU L 118 -6.04 -33.58 42.94
N THR L 119 -5.23 -34.56 42.54
CA THR L 119 -5.27 -35.09 41.17
C THR L 119 -5.04 -36.59 41.21
N VAL L 120 -5.78 -37.31 40.37
CA VAL L 120 -5.61 -38.75 40.21
C VAL L 120 -5.51 -39.06 38.73
N LYS L 121 -4.62 -40.00 38.38
CA LYS L 121 -4.22 -40.26 37.02
C LYS L 121 -4.70 -41.65 36.60
N ILE L 122 -5.16 -41.77 35.34
CA ILE L 122 -5.65 -43.02 34.79
C ILE L 122 -5.22 -43.11 33.33
N GLN L 123 -5.17 -44.33 32.81
CA GLN L 123 -4.81 -44.59 31.42
C GLN L 123 -5.96 -45.31 30.73
N LEU L 124 -6.24 -44.90 29.49
CA LEU L 124 -7.28 -45.52 28.67
C LEU L 124 -6.67 -45.96 27.34
N ASP L 125 -7.04 -47.15 26.90
CA ASP L 125 -6.59 -47.69 25.63
C ASP L 125 -7.76 -48.37 24.93
N VAL L 126 -7.67 -48.45 23.61
CA VAL L 126 -8.70 -49.07 22.79
C VAL L 126 -8.05 -50.01 21.79
N THR L 127 -8.66 -51.18 21.60
CA THR L 127 -8.16 -52.20 20.69
C THR L 127 -9.30 -52.73 19.84
N LYS L 128 -8.96 -53.24 18.66
CA LYS L 128 -9.98 -53.78 17.77
C LYS L 128 -10.49 -55.12 18.24
N LYS L 129 -9.68 -55.88 18.98
CA LYS L 129 -10.05 -57.20 19.47
C LYS L 129 -10.27 -57.14 20.97
N ALA L 130 -11.42 -57.67 21.42
CA ALA L 130 -11.76 -57.68 22.84
C ALA L 130 -10.91 -58.66 23.63
N LYS L 131 -10.11 -59.50 22.96
CA LYS L 131 -9.30 -60.48 23.69
C LYS L 131 -8.33 -59.79 24.63
N ALA L 132 -7.70 -58.72 24.19
CA ALA L 132 -6.77 -57.96 25.01
C ALA L 132 -7.46 -56.90 25.86
N ALA L 133 -8.79 -56.77 25.76
CA ALA L 133 -9.53 -55.77 26.51
C ALA L 133 -9.65 -56.22 27.96
N LYS L 134 -8.71 -55.75 28.79
CA LYS L 134 -8.74 -56.08 30.21
C LYS L 134 -8.05 -54.96 30.98
N GLU L 135 -8.70 -54.49 32.05
CA GLU L 135 -8.12 -53.48 32.92
C GLU L 135 -6.95 -54.05 33.71
N TYR L 136 -6.03 -53.17 34.11
CA TYR L 136 -5.03 -53.56 35.09
C TYR L 136 -4.61 -52.34 35.91
N TRP L 137 -4.04 -52.62 37.08
CA TRP L 137 -3.68 -51.62 38.07
C TRP L 137 -2.17 -51.58 38.21
N ASP L 138 -1.58 -50.40 37.97
CA ASP L 138 -0.13 -50.23 38.01
C ASP L 138 0.36 -49.58 39.30
N GLY L 139 -0.51 -49.43 40.29
CA GLY L 139 -0.13 -48.79 41.54
C GLY L 139 -0.15 -47.28 41.45
N GLU L 140 0.63 -46.72 40.53
CA GLU L 140 0.63 -45.29 40.28
C GLU L 140 -0.43 -44.85 39.29
N LYS L 141 -1.05 -45.79 38.58
CA LYS L 141 -2.10 -45.46 37.63
C LYS L 141 -2.83 -46.74 37.25
N ALA L 142 -3.96 -46.57 36.58
CA ALA L 142 -4.79 -47.68 36.10
C ALA L 142 -4.90 -47.60 34.59
N VAL L 143 -4.82 -48.75 33.93
CA VAL L 143 -4.89 -48.84 32.48
C VAL L 143 -6.17 -49.56 32.10
N ILE L 144 -6.94 -48.94 31.20
CA ILE L 144 -8.21 -49.48 30.72
C ILE L 144 -8.02 -49.85 29.25
N VAL L 145 -8.46 -51.05 28.88
CA VAL L 145 -8.48 -51.48 27.49
C VAL L 145 -9.88 -51.98 27.18
N ALA L 146 -10.46 -51.45 26.10
CA ALA L 146 -11.83 -51.80 25.73
C ALA L 146 -11.99 -51.72 24.22
N LEU L 147 -13.02 -52.40 23.72
CA LEU L 147 -13.29 -52.40 22.28
C LEU L 147 -13.73 -51.02 21.81
N GLU L 148 -13.40 -50.72 20.56
CA GLU L 148 -13.78 -49.45 19.97
C GLU L 148 -15.29 -49.29 19.98
N GLY L 149 -15.77 -48.13 20.45
CA GLY L 149 -17.18 -47.85 20.50
C GLY L 149 -17.92 -48.45 21.68
N SER L 150 -17.23 -49.18 22.55
CA SER L 150 -17.85 -49.79 23.71
C SER L 150 -17.91 -48.81 24.88
N THR L 151 -19.00 -48.86 25.63
CA THR L 151 -19.14 -47.99 26.78
C THR L 151 -18.11 -48.34 27.84
N VAL L 152 -17.46 -47.33 28.40
CA VAL L 152 -16.40 -47.53 29.38
C VAL L 152 -16.59 -46.56 30.54
N MET L 153 -16.06 -46.95 31.70
CA MET L 153 -16.20 -46.18 32.93
C MET L 153 -14.82 -45.96 33.54
N LEU L 154 -14.60 -44.74 34.03
CA LEU L 154 -13.35 -44.37 34.71
C LEU L 154 -13.70 -43.87 36.11
N PRO L 155 -13.24 -44.54 37.17
CA PRO L 155 -13.65 -44.14 38.53
C PRO L 155 -12.76 -43.06 39.12
N CYS L 156 -13.41 -42.08 39.76
CA CYS L 156 -12.73 -41.02 40.51
C CYS L 156 -13.57 -40.73 41.75
N VAL L 157 -13.25 -41.42 42.85
CA VAL L 157 -13.93 -41.22 44.12
C VAL L 157 -12.87 -41.01 45.20
N ASN L 158 -13.06 -39.98 46.02
CA ASN L 158 -12.12 -39.66 47.08
C ASN L 158 -12.58 -40.11 48.45
N ARG L 159 -13.89 -40.17 48.68
CA ARG L 159 -14.45 -40.59 49.96
C ARG L 159 -13.86 -39.76 51.10
N ASN L 160 -14.03 -38.45 50.98
CA ASN L 160 -13.52 -37.49 51.94
C ASN L 160 -14.65 -36.63 52.47
N GLN L 161 -14.60 -36.32 53.78
CA GLN L 161 -15.66 -35.53 54.39
C GLN L 161 -15.66 -34.09 53.90
N ILE L 162 -14.49 -33.54 53.58
CA ILE L 162 -14.43 -32.16 53.12
C ILE L 162 -15.05 -32.03 51.74
N TRP L 163 -14.82 -33.01 50.86
CA TRP L 163 -15.29 -32.92 49.48
C TRP L 163 -16.76 -33.32 49.33
N THR L 164 -17.40 -33.83 50.37
CA THR L 164 -18.82 -34.11 50.35
C THR L 164 -19.58 -32.98 51.03
N GLU L 165 -20.82 -32.76 50.60
CA GLU L 165 -21.58 -31.59 51.02
C GLU L 165 -21.76 -31.58 52.53
N ARG L 166 -21.46 -30.43 53.14
CA ARG L 166 -21.71 -30.22 54.57
C ARG L 166 -21.91 -28.72 54.77
N HIS L 167 -23.17 -28.30 54.84
CA HIS L 167 -23.50 -26.88 54.99
C HIS L 167 -23.39 -26.45 56.45
N SER L 168 -22.21 -26.67 57.01
CA SER L 168 -21.93 -26.30 58.39
C SER L 168 -21.67 -24.80 58.49
N GLU L 169 -22.23 -24.19 59.54
CA GLU L 169 -21.98 -22.79 59.78
C GLU L 169 -20.48 -22.54 59.95
N GLU L 170 -19.99 -21.47 59.33
CA GLU L 170 -18.56 -21.20 59.22
C GLU L 170 -18.02 -20.75 60.58
N GLU L 171 -17.63 -21.73 61.40
CA GLU L 171 -16.99 -21.44 62.66
C GLU L 171 -15.68 -20.71 62.43
N GLN L 172 -15.45 -19.65 63.21
CA GLN L 172 -14.20 -18.92 63.10
C GLN L 172 -13.03 -19.86 63.36
N GLN L 173 -12.02 -19.77 62.50
CA GLN L 173 -10.83 -20.62 62.63
C GLN L 173 -10.09 -20.24 63.92
N VAL L 174 -10.19 -21.10 64.93
CA VAL L 174 -9.60 -20.78 66.23
C VAL L 174 -8.09 -20.86 66.13
N VAL L 175 -7.41 -19.85 66.66
CA VAL L 175 -5.95 -19.87 66.83
C VAL L 175 -5.66 -19.54 68.28
N HIS L 176 -4.81 -20.35 68.91
CA HIS L 176 -4.50 -20.19 70.33
C HIS L 176 -3.00 -20.20 70.51
N TRP L 177 -2.46 -19.13 71.10
CA TRP L 177 -1.08 -19.09 71.54
C TRP L 177 -1.10 -19.22 73.07
N ASP L 178 -0.68 -20.38 73.56
CA ASP L 178 -0.73 -20.69 74.99
C ASP L 178 0.66 -21.09 75.46
N ARG L 179 1.10 -20.48 76.57
CA ARG L 179 2.44 -20.68 77.10
C ARG L 179 2.36 -21.50 78.38
N GLN L 180 3.16 -22.56 78.45
CA GLN L 180 3.28 -23.31 79.69
C GLN L 180 4.04 -22.47 80.71
N PRO L 181 3.51 -22.27 81.92
CA PRO L 181 4.23 -21.49 82.92
C PRO L 181 5.60 -22.09 83.21
N PRO L 182 6.47 -21.36 83.89
CA PRO L 182 7.83 -21.89 84.14
C PRO L 182 7.78 -23.20 84.92
N GLY L 183 8.65 -24.12 84.54
CA GLY L 183 8.72 -25.41 85.21
C GLY L 183 7.42 -26.19 85.15
N VAL L 184 6.78 -26.23 83.99
CA VAL L 184 5.51 -26.93 83.83
C VAL L 184 5.58 -27.82 82.60
N PRO L 185 5.08 -29.05 82.66
CA PRO L 185 5.11 -29.91 81.47
C PRO L 185 4.13 -29.43 80.41
N HIS L 186 4.35 -29.95 79.19
CA HIS L 186 3.51 -29.56 78.07
C HIS L 186 2.05 -29.94 78.32
N ASP L 187 1.17 -29.38 77.50
CA ASP L 187 -0.27 -29.59 77.55
C ASP L 187 -0.91 -29.01 78.80
N ARG L 188 -0.21 -28.14 79.53
CA ARG L 188 -0.74 -27.49 80.73
C ARG L 188 -0.65 -25.97 80.62
N ALA L 189 -0.66 -25.45 79.41
CA ALA L 189 -0.51 -24.02 79.19
C ALA L 189 -1.82 -23.29 79.40
N ASP L 190 -1.71 -22.00 79.72
CA ASP L 190 -2.84 -21.09 79.80
C ASP L 190 -2.78 -20.15 78.62
N ARG L 191 -3.91 -20.00 77.92
CA ARG L 191 -3.95 -19.23 76.69
C ARG L 191 -3.39 -17.82 76.89
N LEU L 192 -2.24 -17.53 76.25
CA LEU L 192 -1.72 -16.17 76.28
C LEU L 192 -2.54 -15.25 75.40
N ILE L 193 -2.93 -15.73 74.21
CA ILE L 193 -3.75 -14.92 73.31
C ILE L 193 -4.56 -15.85 72.41
N ASP L 194 -5.74 -15.37 72.02
CA ASP L 194 -6.64 -16.09 71.13
C ASP L 194 -6.97 -15.22 69.92
N LEU L 195 -7.00 -15.83 68.75
CA LEU L 195 -7.26 -15.14 67.50
C LEU L 195 -8.39 -15.83 66.75
N TYR L 196 -9.31 -15.02 66.24
CA TYR L 196 -10.47 -15.47 65.49
C TYR L 196 -10.33 -15.08 64.03
N ALA L 197 -11.02 -15.83 63.17
CA ALA L 197 -10.99 -15.52 61.74
C ALA L 197 -11.60 -14.15 61.47
N SER L 198 -12.55 -13.71 62.30
CA SER L 198 -13.19 -12.42 62.11
C SER L 198 -12.24 -11.25 62.35
N GLY L 199 -11.06 -11.50 62.93
CA GLY L 199 -10.09 -10.47 63.21
C GLY L 199 -10.04 -10.05 64.66
N GLU L 200 -11.06 -10.36 65.45
CA GLU L 200 -11.05 -10.04 66.86
C GLU L 200 -9.98 -10.86 67.58
N ARG L 201 -9.27 -10.22 68.50
CA ARG L 201 -8.22 -10.86 69.27
C ARG L 201 -8.53 -10.72 70.76
N ARG L 202 -8.45 -11.83 71.48
CA ARG L 202 -8.67 -11.86 72.92
C ARG L 202 -7.30 -11.96 73.61
N SER L 203 -6.99 -10.96 74.43
CA SER L 203 -5.72 -10.89 75.12
C SER L 203 -5.85 -11.43 76.54
N TYR L 204 -4.82 -12.13 77.01
CA TYR L 204 -4.80 -12.69 78.35
C TYR L 204 -3.48 -12.33 79.02
N GLY L 205 -3.55 -12.13 80.32
CA GLY L 205 -2.39 -11.73 81.09
C GLY L 205 -2.14 -10.23 81.00
N PRO L 206 -0.93 -9.81 81.36
CA PRO L 206 -0.62 -8.37 81.31
C PRO L 206 -0.71 -7.83 79.89
N LEU L 207 -1.06 -6.54 79.80
CA LEU L 207 -1.14 -5.88 78.50
C LEU L 207 0.24 -5.55 77.94
N PHE L 208 1.20 -5.23 78.82
CA PHE L 208 2.53 -4.85 78.34
C PHE L 208 3.21 -6.02 77.63
N ILE L 209 3.07 -7.23 78.17
CA ILE L 209 3.67 -8.39 77.53
C ILE L 209 2.99 -8.67 76.19
N ARG L 210 1.67 -8.49 76.13
CA ARG L 210 0.97 -8.66 74.86
C ARG L 210 1.47 -7.66 73.83
N GLN L 211 1.68 -6.41 74.24
CA GLN L 211 2.21 -5.41 73.31
C GLN L 211 3.62 -5.79 72.86
N LYS L 212 4.47 -6.25 73.79
CA LYS L 212 5.80 -6.69 73.40
C LYS L 212 5.77 -8.04 72.71
N MET L 213 4.75 -8.86 72.98
CA MET L 213 4.54 -10.11 72.24
C MET L 213 3.97 -9.76 70.87
N ASN L 214 4.81 -9.12 70.07
CA ASN L 214 4.37 -8.55 68.80
C ASN L 214 3.81 -9.63 67.88
N ILE L 215 2.60 -9.39 67.37
CA ILE L 215 1.98 -10.23 66.36
C ILE L 215 1.42 -9.30 65.28
N THR L 216 1.70 -9.63 64.03
CA THR L 216 1.24 -8.79 62.93
C THR L 216 -0.27 -8.64 62.98
N ASP L 217 -0.75 -7.40 62.83
CA ASP L 217 -2.17 -7.14 62.93
C ASP L 217 -2.98 -7.89 61.88
N THR L 218 -2.34 -8.28 60.77
CA THR L 218 -3.00 -9.03 59.71
C THR L 218 -2.74 -10.52 59.81
N ALA L 219 -2.42 -11.02 61.01
CA ALA L 219 -2.13 -12.44 61.17
C ALA L 219 -3.35 -13.29 60.84
N PHE L 220 -4.53 -12.89 61.30
CA PHE L 220 -5.74 -13.62 60.96
C PHE L 220 -5.95 -13.67 59.46
N ALA L 221 -5.56 -12.62 58.75
CA ALA L 221 -5.71 -12.59 57.30
C ALA L 221 -4.55 -13.32 56.63
N LEU L 222 -3.32 -12.83 56.83
CA LEU L 222 -2.16 -13.45 56.20
C LEU L 222 -1.88 -14.85 56.76
N GLY L 223 -2.38 -15.18 57.94
CA GLY L 223 -2.06 -16.42 58.58
C GLY L 223 -0.74 -16.44 59.30
N ASP L 224 -0.04 -15.30 59.37
CA ASP L 224 1.27 -15.22 60.02
C ASP L 224 1.07 -15.11 61.53
N PHE L 225 0.69 -16.24 62.13
CA PHE L 225 0.49 -16.34 63.56
C PHE L 225 1.79 -16.48 64.34
N SER L 226 2.93 -16.29 63.69
CA SER L 226 4.21 -16.39 64.38
C SER L 226 4.25 -15.40 65.54
N LEU L 227 4.77 -15.87 66.68
CA LEU L 227 4.79 -15.09 67.91
C LEU L 227 6.18 -14.50 68.11
N ARG L 228 6.26 -13.18 68.17
CA ARG L 228 7.51 -12.46 68.41
C ARG L 228 7.48 -11.93 69.84
N ILE L 229 8.28 -12.54 70.71
CA ILE L 229 8.34 -12.16 72.11
C ILE L 229 9.57 -11.28 72.31
N SER L 230 9.36 -10.09 72.86
CA SER L 230 10.41 -9.11 73.09
C SER L 230 10.62 -8.92 74.59
N GLU L 231 11.76 -8.32 74.92
CA GLU L 231 12.18 -8.09 76.31
C GLU L 231 11.88 -9.32 77.16
N LEU L 232 12.51 -10.43 76.78
CA LEU L 232 12.26 -11.70 77.43
C LEU L 232 12.50 -11.62 78.93
N GLU L 233 11.59 -12.20 79.70
CA GLU L 233 11.69 -12.27 81.15
C GLU L 233 11.67 -13.72 81.60
N SER L 234 12.09 -13.94 82.85
CA SER L 234 12.06 -15.29 83.40
C SER L 234 10.64 -15.83 83.48
N ALA L 235 9.65 -14.94 83.63
CA ALA L 235 8.26 -15.38 83.66
C ALA L 235 7.86 -16.02 82.34
N ASP L 236 8.32 -15.47 81.23
CA ASP L 236 8.02 -16.02 79.91
C ASP L 236 8.63 -17.40 79.70
N GLU L 237 9.55 -17.83 80.56
CA GLU L 237 10.15 -19.15 80.41
C GLU L 237 9.09 -20.24 80.45
N GLY L 238 9.22 -21.19 79.55
CA GLY L 238 8.29 -22.31 79.45
C GLY L 238 7.95 -22.62 78.01
N THR L 239 7.38 -23.79 77.79
CA THR L 239 7.02 -24.22 76.45
C THR L 239 5.86 -23.38 75.91
N TYR L 240 5.90 -23.13 74.61
CA TYR L 240 4.85 -22.41 73.91
C TYR L 240 4.15 -23.35 72.94
N SER L 241 2.86 -23.14 72.75
CA SER L 241 2.08 -23.95 71.81
C SER L 241 1.20 -23.04 70.98
N CYS L 242 1.19 -23.31 69.67
CA CYS L 242 0.41 -22.58 68.68
C CYS L 242 -0.57 -23.56 68.06
N HIS L 243 -1.83 -23.47 68.47
CA HIS L 243 -2.89 -24.37 68.01
C HIS L 243 -3.74 -23.67 66.96
N LEU L 244 -4.07 -24.37 65.89
CA LEU L 244 -4.96 -23.85 64.85
C LEU L 244 -6.00 -24.90 64.51
N HIS L 245 -7.25 -24.47 64.37
CA HIS L 245 -8.32 -25.36 63.91
C HIS L 245 -9.25 -24.59 62.99
N HIS L 246 -9.60 -25.22 61.87
CA HIS L 246 -10.56 -24.69 60.90
C HIS L 246 -11.67 -25.72 60.76
N HIS L 247 -12.85 -25.39 61.30
CA HIS L 247 -13.96 -26.34 61.28
C HIS L 247 -14.46 -26.58 59.86
N TYR L 248 -14.60 -25.51 59.07
CA TYR L 248 -15.13 -25.67 57.71
C TYR L 248 -14.24 -26.56 56.87
N CYS L 249 -12.94 -26.28 56.85
CA CYS L 249 -11.97 -27.14 56.18
C CYS L 249 -11.58 -28.33 57.03
N GLY L 250 -11.93 -28.34 58.33
CA GLY L 250 -11.66 -29.47 59.18
C GLY L 250 -10.22 -29.63 59.62
N LEU L 251 -9.37 -28.65 59.35
CA LEU L 251 -7.96 -28.77 59.70
C LEU L 251 -7.77 -28.61 61.20
N HIS L 252 -6.75 -29.29 61.73
CA HIS L 252 -6.43 -29.23 63.16
C HIS L 252 -4.95 -29.51 63.32
N GLU L 253 -4.18 -28.52 63.75
CA GLU L 253 -2.74 -28.67 63.87
C GLU L 253 -2.24 -27.92 65.09
N ARG L 254 -1.05 -28.33 65.56
CA ARG L 254 -0.43 -27.68 66.71
C ARG L 254 1.09 -27.68 66.52
N ARG L 255 1.72 -26.58 66.90
CA ARG L 255 3.17 -26.44 66.86
C ARG L 255 3.67 -26.17 68.27
N ILE L 256 4.64 -26.97 68.72
CA ILE L 256 5.18 -26.90 70.07
C ILE L 256 6.62 -26.39 69.99
N TYR L 257 6.94 -25.37 70.79
CA TYR L 257 8.28 -24.81 70.83
C TYR L 257 8.78 -24.82 72.27
N GLN L 258 9.93 -25.45 72.49
CA GLN L 258 10.52 -25.52 73.84
C GLN L 258 11.27 -24.22 74.08
N VAL L 259 10.56 -23.22 74.59
CA VAL L 259 11.11 -21.89 74.82
C VAL L 259 11.62 -21.83 76.26
N PHE L 260 12.94 -21.79 76.42
CA PHE L 260 13.57 -21.63 77.72
C PHE L 260 14.41 -20.36 77.71
N VAL L 261 14.27 -19.56 78.76
CA VAL L 261 14.98 -18.30 78.86
C VAL L 261 16.44 -18.60 79.22
N THR L 262 17.36 -18.08 78.41
CA THR L 262 18.79 -18.26 78.62
C THR L 262 19.44 -16.90 78.82
N GLU L 263 20.28 -16.80 79.86
CA GLU L 263 20.95 -15.53 80.13
C GLU L 263 21.95 -15.21 79.03
N PRO L 264 22.19 -13.93 78.75
CA PRO L 264 23.16 -13.58 77.71
C PRO L 264 24.54 -14.14 78.03
N VAL L 265 25.25 -14.56 76.98
CA VAL L 265 26.60 -15.10 77.14
C VAL L 265 27.52 -14.48 76.10
#